data_8TQZ
#
_entry.id   8TQZ
#
_cell.length_a   1.00
_cell.length_b   1.00
_cell.length_c   1.00
_cell.angle_alpha   90.00
_cell.angle_beta   90.00
_cell.angle_gamma   90.00
#
_symmetry.space_group_name_H-M   'P 1'
#
loop_
_entity.id
_entity.type
_entity.pdbx_description
1 polymer 'Translation initiation factor eIF-2B subunit alpha'
2 polymer 'Translation initiation factor eIF-2B subunit epsilon'
3 polymer 'Translation initiation factor eIF-2B subunit beta'
4 polymer 'Translation initiation factor eIF-2B subunit delta'
5 polymer 'Translation initiation factor eIF-2B subunit gamma'
#
loop_
_entity_poly.entity_id
_entity_poly.type
_entity_poly.pdbx_seq_one_letter_code
_entity_poly.pdbx_strand_id
1 'polypeptide(L)'
;MHHHHHHGGGSENLYFQSDDKELIEYFKSQMKEDPDMASAVAAIRTLLEFLKRDKGETIQGLRANLTSAIETLCGVDSSV
AVSSGGELFLRFISLASLEYSDYSKCKKIMIERGELFLRRISLSRNKIADLCHTFIKDGATILTHAYSRVVLRVLEAAVA
AKKRFSVYVTESQPDLSGKKMAKALCHLNVPVTVVLDAAVGYIMEKADLVIVGAEGVVENGGIINKIGTNQMAVCAKAQN
KPFYVVAESFKFVRLFPLNQQDVPDKFKYKADTLKVAQTGQDLKEEHPWVDYTAPSLITLLFTDLGVLTPSAVSDELIKL
YL
;
G,H
2 'polypeptide(L)'
;MAAPVVAPPGVVVSRANKRSGAGPGGSGGGGARGAEEEPPPPLQAVLVADSFDRRFFPISKDQPRVLLPLANVALIDYTL
EFLTATGVQETFVFCCWKAAQIKEHLLKSKWCRPTSLNVVRIITSELYRSLGDVLRDVDAKALVRSDFLLVYGDVISNIN
ITRALEEHRLRRKLEKNVSVMTMIFKESSPSHPTRCHEDNVVVAVDSTTNRVLHFQKTQGLRRFAFPLSLFQGSSDGVEV
RYDLLDCHISICSPQVAQLFTDNFDYQTRDDFVRGLLVNEEILGNQIHMHVTAKEYGARVSNLHMYSAVCADVIRRWVYP
LTPEANFTDSTTQSCTHSRHNIYRGPEVSLGHGSILEENVLLGSGTVIGSNCFITNSVIGPGCHIGDNVVLDQTYLWQGV
RVAAGAQIHQSLLCDNAEVKERVTLKPRSVLTSQVVVGPNITLPEGSVISLHPPDAEEDEDDGEFSDDSGADQEKDKVKM
KGYNPAEVGAAGKGYLWKAAGMNMEEEEELQQNLWGLKINMEEESESESEQSMDSEEPDSRGGSPQMDDIKVFQNEVLGT
LQRGKEENISCDNLVLEINSLKYAYNVSLKEVMQVLSHVVLEFPLQQMDSPLDSSRYCALLLPLLKAWSPVFRNYIKRAA
DHLEALAAIEDFFLEHEALGISMAKVLMAFYQLEILAEETILSWFSQRDTTDKGQQLRKNQQLQRFIQWLKEAEEESSED
D
;
A,B
3 'polypeptide(L)'
;MHHHHHHGGGSENLYFQSPGSAAKGSELSERIESFVETLKRGGGPRSSEEMARETLGLLRQIITDHRWSNAGELMELIRR
EGRRMTAAQPSETTVGNMVRRVLKIIREEYGRLHGRSDESDQQESLHKLLTSGGLNEDFSFHYAQLQSNIIEAINELLVE
LEGTMENIAAQALEHIHSNEVIMTIGFSRTVEAFLKEAARKRKFHVIVAECAPFCQGHEMAVNLSKAGIETTVMTDAAIF
AVMSRVNKVIIGTKTILANGALRAVTGTHTLALAAKHHSTPLIVCAPMFKLSPQFPNEEDSFHKFVAPEEVLPFTEGDIL
EKVSVHCPVFDYVPPELITLFISNIGGNAPSYIYRLMSELYHPDDHVL
;
D,C
4 'polypeptide(L)'
;MAAVAVAVREDSGSGMKAELPPGPGAVGREMTKEEKLQLRKEKKQQKKKRKEEKGAEPETGSAVSAAQCQVGPTRELPES
GIQLGTPREKVPAGRSKAELRAERRAKQEAERALKQARKGEQGGPPPKASPSTAGETPSGVKRLPEYPQVDDLLLRRLVK
KPERQQVPTRKDYGSKVSLFSHLPQYSRQNSLTQFMSIPSSVIHPAMVRLGLQYSQGLVSGSNARCIALLRALQQVIQDY
TTPPNEELSRDLVNKLKPYMSFLTQCRPLSASMHNAIKFLNKEITSVGSSKREEEAKSELRAAIDRYVQEKIVLAAQAIS
RFAYQKISNGDVILVYGCSSLVSRILQEAWTEGRRFRVVVVDSRPWLEGRHTLRSLVHAGVPASYLLIPAASYVLPEVSK
VLLGAHALLANGSVMSRVGTAQLALVARAHNVPVLVCCETYKFCERVQTDAFVSNELDDPDDLQCKRGEHVALANWQNHA
SLRLLNLVYDVTPPELVDLVITELGMIPCSSVPVVARVKSSDQ
;
E,F
5 'polypeptide(L)'
;MEFQAVVMAVGGGSRMTDLTSSIPKPLLPVGNKPLIWYPLNLLERVGFEEVIVVTTRDVQKALCAEFKMKMKPDIVCIPD
DADMGTADSLRYIYPKLKTDVLVLSCDLITDVALHEVVDLFRAYDASLAMLMRKGQDSIEPVPGQKGKKKAVEQRDFIGV
DSTGKRLLFMANEADLDEELVIKGSILQKHPRIRFHTGLVDAHLYCLKKYIVDFLMENGSITSIRSELIPYLVRKQFSSA
SSQQGQEEKEEDLKKKELKSLDIYSFIKEANTLNLAPYDACWNACRGDRWEDLSRSQVRCYVHIMKEGLCSRVSTLGLYM
EANRQVPKLLSALCPEEPPVHSSAQIVSKHLVGVDSLIGPETQIGEKSSIKRSVIGSSCLIKDRVTITNCLLMNSVTVEE
GSNIQGSVICNNAVIEKGADIKDCLIGSGQRIEAKAKRVNEVIVGNDQLMEI
;
I,J
#
# COMPACT_ATOMS: atom_id res chain seq x y z
N TYR A 26 -9.57 -44.37 -35.09
CA TYR A 26 -10.44 -45.21 -34.28
C TYR A 26 -11.90 -44.94 -34.68
N PHE A 27 -12.65 -44.35 -33.74
CA PHE A 27 -14.08 -44.14 -33.92
C PHE A 27 -14.56 -42.78 -33.40
N LYS A 28 -13.75 -42.07 -32.61
CA LYS A 28 -14.16 -40.77 -32.10
C LYS A 28 -14.46 -39.78 -33.23
N SER A 29 -13.82 -39.95 -34.39
CA SER A 29 -13.97 -38.99 -35.48
C SER A 29 -15.41 -38.95 -36.00
N GLN A 30 -16.06 -40.11 -36.10
CA GLN A 30 -17.40 -40.17 -36.69
C GLN A 30 -18.51 -39.76 -35.72
N MET A 31 -18.21 -39.58 -34.43
CA MET A 31 -19.16 -38.96 -33.52
C MET A 31 -19.02 -37.44 -33.44
N LYS A 32 -18.13 -36.84 -34.23
CA LYS A 32 -17.99 -35.39 -34.28
C LYS A 32 -19.06 -34.73 -35.13
N GLU A 33 -20.11 -35.47 -35.49
CA GLU A 33 -21.21 -34.92 -36.26
C GLU A 33 -22.03 -33.89 -35.47
N ASP A 34 -21.93 -33.91 -34.15
CA ASP A 34 -22.66 -32.95 -33.32
C ASP A 34 -21.68 -31.92 -32.78
N PRO A 35 -21.65 -30.69 -33.31
CA PRO A 35 -20.70 -29.69 -32.82
C PRO A 35 -20.97 -29.24 -31.39
N ASP A 36 -22.20 -29.44 -30.88
CA ASP A 36 -22.51 -28.97 -29.53
C ASP A 36 -21.70 -29.71 -28.48
N MET A 37 -21.57 -31.03 -28.63
CA MET A 37 -20.82 -31.83 -27.68
C MET A 37 -19.32 -31.65 -27.87
N ALA A 38 -18.57 -31.84 -26.78
CA ALA A 38 -17.14 -31.60 -26.77
C ALA A 38 -16.37 -32.88 -27.10
N SER A 39 -15.04 -32.76 -27.13
CA SER A 39 -14.20 -33.91 -27.47
C SER A 39 -14.12 -34.91 -26.33
N ALA A 40 -14.05 -34.43 -25.09
CA ALA A 40 -13.96 -35.33 -23.95
C ALA A 40 -15.22 -36.19 -23.82
N VAL A 41 -16.40 -35.56 -23.96
CA VAL A 41 -17.64 -36.33 -23.92
C VAL A 41 -17.74 -37.25 -25.13
N ALA A 42 -17.16 -36.86 -26.27
CA ALA A 42 -17.11 -37.75 -27.41
C ALA A 42 -16.31 -39.00 -27.11
N ALA A 43 -15.15 -38.84 -26.47
CA ALA A 43 -14.35 -40.00 -26.07
C ALA A 43 -15.11 -40.85 -25.05
N ILE A 44 -15.82 -40.19 -24.13
CA ILE A 44 -16.58 -40.94 -23.11
C ILE A 44 -17.64 -41.81 -23.77
N ARG A 45 -18.40 -41.23 -24.71
CA ARG A 45 -19.46 -42.00 -25.34
C ARG A 45 -18.89 -43.05 -26.30
N THR A 46 -17.73 -42.78 -26.91
CA THR A 46 -17.07 -43.80 -27.71
C THR A 46 -16.67 -45.00 -26.85
N LEU A 47 -16.10 -44.72 -25.67
CA LEU A 47 -15.75 -45.80 -24.75
C LEU A 47 -17.00 -46.56 -24.30
N LEU A 48 -18.08 -45.83 -24.02
CA LEU A 48 -19.32 -46.49 -23.61
C LEU A 48 -19.86 -47.40 -24.71
N GLU A 49 -19.84 -46.93 -25.95
CA GLU A 49 -20.34 -47.74 -27.06
C GLU A 49 -19.46 -48.96 -27.31
N PHE A 50 -18.14 -48.79 -27.24
CA PHE A 50 -17.24 -49.91 -27.46
C PHE A 50 -17.11 -50.82 -26.24
N LEU A 51 -17.70 -50.45 -25.11
CA LEU A 51 -17.68 -51.31 -23.94
C LEU A 51 -18.43 -52.61 -24.19
N LYS A 52 -19.56 -52.53 -24.89
CA LYS A 52 -20.37 -53.72 -25.14
C LYS A 52 -19.87 -54.49 -26.36
N ARG A 53 -18.57 -54.79 -26.39
CA ARG A 53 -17.97 -55.57 -27.47
C ARG A 53 -17.08 -56.68 -26.94
N ASP A 54 -17.11 -56.96 -25.63
CA ASP A 54 -16.27 -58.00 -25.05
C ASP A 54 -16.73 -59.38 -25.51
N LYS A 55 -15.76 -60.27 -25.69
CA LYS A 55 -16.04 -61.63 -26.12
C LYS A 55 -15.76 -62.63 -24.99
N GLN A 60 -9.59 -57.91 -13.01
CA GLN A 60 -9.86 -58.65 -14.24
C GLN A 60 -9.05 -58.10 -15.41
N GLY A 61 -9.11 -58.77 -16.55
CA GLY A 61 -8.39 -58.34 -17.73
C GLY A 61 -9.02 -57.20 -18.49
N LEU A 62 -10.26 -56.85 -18.16
CA LEU A 62 -10.93 -55.74 -18.85
C LEU A 62 -10.31 -54.39 -18.53
N ARG A 63 -9.62 -54.27 -17.38
CA ARG A 63 -8.98 -53.01 -17.03
C ARG A 63 -7.88 -52.66 -18.04
N ALA A 64 -7.09 -53.66 -18.46
CA ALA A 64 -6.05 -53.41 -19.45
C ALA A 64 -6.66 -53.01 -20.78
N ASN A 65 -7.75 -53.65 -21.18
CA ASN A 65 -8.42 -53.28 -22.43
C ASN A 65 -8.94 -51.86 -22.36
N LEU A 66 -9.54 -51.47 -21.24
CA LEU A 66 -10.03 -50.11 -21.08
C LEU A 66 -8.89 -49.10 -21.10
N THR A 67 -7.77 -49.43 -20.45
CA THR A 67 -6.63 -48.53 -20.46
C THR A 67 -6.07 -48.35 -21.87
N SER A 68 -5.97 -49.45 -22.64
CA SER A 68 -5.50 -49.35 -24.01
C SER A 68 -6.46 -48.53 -24.87
N ALA A 69 -7.76 -48.72 -24.67
CA ALA A 69 -8.74 -47.92 -25.40
C ALA A 69 -8.60 -46.44 -25.07
N ILE A 70 -8.41 -46.12 -23.78
CA ILE A 70 -8.21 -44.72 -23.39
C ILE A 70 -6.96 -44.16 -24.04
N GLU A 71 -5.86 -44.94 -24.05
CA GLU A 71 -4.62 -44.48 -24.65
C GLU A 71 -4.79 -44.21 -26.13
N THR A 72 -5.47 -45.12 -26.84
CA THR A 72 -5.73 -44.90 -28.26
C THR A 72 -6.62 -43.68 -28.48
N LEU A 73 -7.56 -43.44 -27.56
CA LEU A 73 -8.42 -42.27 -27.68
C LEU A 73 -7.64 -40.98 -27.54
N CYS A 74 -6.72 -40.91 -26.57
CA CYS A 74 -5.95 -39.67 -26.40
C CYS A 74 -4.81 -39.56 -27.41
N GLY A 75 -4.45 -40.65 -28.08
CA GLY A 75 -3.41 -40.56 -29.10
C GLY A 75 -3.80 -39.73 -30.30
N VAL A 76 -5.10 -39.60 -30.57
CA VAL A 76 -5.55 -38.79 -31.70
C VAL A 76 -5.65 -37.32 -31.31
N ASP A 77 -6.32 -37.03 -30.19
CA ASP A 77 -6.48 -35.67 -29.70
C ASP A 77 -5.76 -35.55 -28.36
N SER A 78 -4.84 -34.58 -28.27
CA SER A 78 -4.05 -34.37 -27.07
C SER A 78 -4.73 -33.31 -26.21
N SER A 79 -5.59 -33.77 -25.31
CA SER A 79 -6.31 -32.87 -24.41
C SER A 79 -6.31 -33.47 -23.01
N VAL A 80 -6.07 -32.62 -22.01
CA VAL A 80 -6.12 -33.06 -20.62
C VAL A 80 -7.55 -33.44 -20.23
N ALA A 81 -8.53 -32.71 -20.77
CA ALA A 81 -9.92 -33.00 -20.46
C ALA A 81 -10.31 -34.41 -20.90
N VAL A 82 -9.85 -34.82 -22.08
CA VAL A 82 -10.17 -36.15 -22.59
C VAL A 82 -9.62 -37.23 -21.66
N SER A 83 -8.37 -37.08 -21.24
CA SER A 83 -7.74 -38.06 -20.36
C SER A 83 -8.44 -38.10 -19.01
N SER A 84 -8.76 -36.94 -18.44
CA SER A 84 -9.44 -36.91 -17.15
C SER A 84 -10.83 -37.54 -17.24
N GLY A 85 -11.56 -37.24 -18.32
CA GLY A 85 -12.87 -37.86 -18.50
C GLY A 85 -12.79 -39.36 -18.68
N GLY A 86 -11.79 -39.83 -19.43
CA GLY A 86 -11.61 -41.26 -19.59
C GLY A 86 -11.29 -41.95 -18.28
N GLU A 87 -10.42 -41.33 -17.46
CA GLU A 87 -10.10 -41.90 -16.16
C GLU A 87 -11.33 -41.94 -15.26
N LEU A 88 -12.10 -40.85 -15.24
CA LEU A 88 -13.30 -40.81 -14.40
C LEU A 88 -14.33 -41.83 -14.87
N PHE A 89 -14.43 -42.04 -16.19
CA PHE A 89 -15.32 -43.06 -16.72
C PHE A 89 -14.87 -44.45 -16.30
N LEU A 90 -13.57 -44.75 -16.46
CA LEU A 90 -13.06 -46.05 -16.05
C LEU A 90 -13.13 -46.26 -14.55
N ARG A 91 -13.28 -45.18 -13.78
CA ARG A 91 -13.30 -45.29 -12.32
C ARG A 91 -14.55 -45.95 -11.76
N PHE A 92 -15.59 -46.19 -12.56
CA PHE A 92 -16.79 -46.79 -11.99
C PHE A 92 -16.61 -48.27 -11.63
N ILE A 93 -15.46 -48.86 -11.93
CA ILE A 93 -15.22 -50.26 -11.58
C ILE A 93 -15.26 -50.45 -10.07
N SER A 94 -14.82 -49.46 -9.30
CA SER A 94 -14.82 -49.56 -7.85
C SER A 94 -16.25 -49.56 -7.30
N LYS A 105 -21.30 -64.59 -16.45
CA LYS A 105 -20.81 -63.23 -16.66
C LYS A 105 -21.30 -62.30 -15.55
N CYS A 106 -20.55 -61.22 -15.32
CA CYS A 106 -20.88 -60.23 -14.30
C CYS A 106 -20.77 -58.82 -14.87
N LYS A 107 -21.14 -58.67 -16.13
CA LYS A 107 -21.07 -57.38 -16.82
C LYS A 107 -22.38 -56.61 -16.77
N LYS A 108 -23.41 -57.16 -16.12
CA LYS A 108 -24.71 -56.49 -16.09
C LYS A 108 -24.64 -55.18 -15.30
N ILE A 109 -23.93 -55.17 -14.17
CA ILE A 109 -23.84 -53.95 -13.37
C ILE A 109 -23.03 -52.90 -14.10
N MET A 110 -21.98 -53.32 -14.82
CA MET A 110 -21.01 -52.37 -15.35
C MET A 110 -21.61 -51.50 -16.45
N ILE A 111 -22.44 -52.10 -17.32
CA ILE A 111 -22.94 -51.38 -18.49
C ILE A 111 -23.92 -50.28 -18.08
N GLU A 112 -24.74 -50.53 -17.05
CA GLU A 112 -25.81 -49.60 -16.70
C GLU A 112 -25.30 -48.24 -16.27
N ARG A 113 -24.04 -48.13 -15.86
CA ARG A 113 -23.52 -46.87 -15.34
C ARG A 113 -23.23 -45.86 -16.44
N GLY A 114 -22.90 -46.31 -17.65
CA GLY A 114 -22.46 -45.38 -18.69
C GLY A 114 -23.54 -44.40 -19.13
N GLU A 115 -24.76 -44.90 -19.37
CA GLU A 115 -25.84 -44.03 -19.82
C GLU A 115 -26.20 -43.02 -18.75
N LEU A 116 -26.29 -43.46 -17.49
CA LEU A 116 -26.59 -42.54 -16.40
C LEU A 116 -25.48 -41.49 -16.25
N PHE A 117 -24.22 -41.92 -16.40
CA PHE A 117 -23.11 -40.98 -16.34
C PHE A 117 -23.22 -39.93 -17.43
N LEU A 118 -23.53 -40.36 -18.66
CA LEU A 118 -23.69 -39.42 -19.76
C LEU A 118 -24.84 -38.45 -19.48
N ARG A 119 -25.92 -38.94 -18.90
CA ARG A 119 -27.03 -38.05 -18.54
C ARG A 119 -26.60 -37.03 -17.48
N ARG A 120 -25.78 -37.44 -16.52
CA ARG A 120 -25.28 -36.49 -15.53
C ARG A 120 -24.40 -35.42 -16.16
N ILE A 121 -23.51 -35.82 -17.09
CA ILE A 121 -22.73 -34.78 -17.78
C ILE A 121 -23.64 -33.85 -18.56
N SER A 122 -24.69 -34.40 -19.19
CA SER A 122 -25.62 -33.58 -19.94
C SER A 122 -26.31 -32.55 -19.05
N LEU A 123 -26.75 -32.97 -17.86
CA LEU A 123 -27.41 -32.04 -16.95
C LEU A 123 -26.45 -31.11 -16.22
N SER A 124 -25.16 -31.45 -16.19
CA SER A 124 -24.18 -30.61 -15.50
C SER A 124 -24.08 -29.24 -16.15
N ARG A 125 -24.18 -29.16 -17.47
CA ARG A 125 -24.10 -27.88 -18.16
C ARG A 125 -25.25 -26.97 -17.74
N ASN A 126 -26.46 -27.51 -17.70
CA ASN A 126 -27.62 -26.71 -17.28
C ASN A 126 -27.50 -26.30 -15.82
N LYS A 127 -27.01 -27.21 -14.96
CA LYS A 127 -26.83 -26.85 -13.55
C LYS A 127 -25.81 -25.72 -13.39
N ILE A 128 -24.69 -25.80 -14.12
CA ILE A 128 -23.68 -24.76 -14.05
C ILE A 128 -24.23 -23.44 -14.55
N ALA A 129 -25.00 -23.47 -15.65
CA ALA A 129 -25.60 -22.25 -16.17
C ALA A 129 -26.56 -21.63 -15.16
N ASP A 130 -27.38 -22.46 -14.52
CA ASP A 130 -28.31 -21.94 -13.52
C ASP A 130 -27.58 -21.33 -12.34
N LEU A 131 -26.48 -21.96 -11.90
CA LEU A 131 -25.73 -21.43 -10.78
C LEU A 131 -24.97 -20.16 -11.14
N CYS A 132 -24.58 -20.01 -12.41
CA CYS A 132 -23.70 -18.91 -12.80
C CYS A 132 -24.43 -17.71 -13.35
N HIS A 133 -25.65 -17.87 -13.86
CA HIS A 133 -26.34 -16.75 -14.49
C HIS A 133 -26.72 -15.64 -13.51
N THR A 134 -26.65 -15.90 -12.21
CA THR A 134 -27.06 -14.91 -11.21
C THR A 134 -25.99 -13.85 -10.93
N PHE A 135 -24.78 -14.02 -11.46
CA PHE A 135 -23.69 -13.11 -11.19
C PHE A 135 -23.54 -11.99 -12.21
N ILE A 136 -24.46 -11.89 -13.17
CA ILE A 136 -24.42 -10.87 -14.21
C ILE A 136 -25.50 -9.84 -13.93
N LYS A 137 -25.12 -8.56 -13.97
CA LYS A 137 -26.03 -7.46 -13.71
C LYS A 137 -26.33 -6.70 -15.00
N ASP A 138 -27.35 -5.86 -14.94
CA ASP A 138 -27.76 -5.08 -16.11
C ASP A 138 -26.69 -4.05 -16.44
N GLY A 139 -26.37 -3.94 -17.73
CA GLY A 139 -25.39 -2.98 -18.19
C GLY A 139 -23.95 -3.37 -17.96
N ALA A 140 -23.69 -4.59 -17.47
CA ALA A 140 -22.33 -5.03 -17.21
C ALA A 140 -21.62 -5.37 -18.52
N THR A 141 -20.29 -5.31 -18.46
CA THR A 141 -19.43 -5.66 -19.59
C THR A 141 -18.70 -6.96 -19.28
N ILE A 142 -18.77 -7.92 -20.20
CA ILE A 142 -18.20 -9.25 -20.01
C ILE A 142 -17.09 -9.45 -21.03
N LEU A 143 -15.94 -9.91 -20.56
CA LEU A 143 -14.78 -10.19 -21.40
C LEU A 143 -14.56 -11.70 -21.45
N THR A 144 -14.44 -12.23 -22.67
CA THR A 144 -14.23 -13.66 -22.89
C THR A 144 -13.01 -13.86 -23.78
N HIS A 145 -12.41 -15.04 -23.67
CA HIS A 145 -11.18 -15.34 -24.40
C HIS A 145 -11.46 -15.99 -25.75
N ALA A 146 -12.12 -17.14 -25.74
CA ALA A 146 -12.34 -17.89 -26.98
C ALA A 146 -13.68 -18.59 -26.89
N TYR A 147 -13.94 -19.49 -27.85
CA TYR A 147 -15.20 -20.21 -27.88
C TYR A 147 -15.32 -21.17 -26.71
N SER A 148 -16.50 -21.20 -26.11
CA SER A 148 -16.77 -22.10 -24.98
C SER A 148 -18.28 -22.30 -24.89
N ARG A 149 -18.73 -23.54 -24.99
CA ARG A 149 -20.16 -23.82 -24.97
C ARG A 149 -20.76 -23.52 -23.60
N VAL A 150 -20.00 -23.72 -22.52
CA VAL A 150 -20.51 -23.44 -21.18
C VAL A 150 -20.74 -21.94 -21.01
N VAL A 151 -19.77 -21.13 -21.45
CA VAL A 151 -19.92 -19.67 -21.36
C VAL A 151 -21.09 -19.19 -22.21
N LEU A 152 -21.23 -19.76 -23.41
CA LEU A 152 -22.35 -19.39 -24.28
C LEU A 152 -23.68 -19.74 -23.64
N ARG A 153 -23.78 -20.93 -23.03
CA ARG A 153 -25.01 -21.32 -22.37
C ARG A 153 -25.32 -20.42 -21.17
N VAL A 154 -24.28 -20.04 -20.41
CA VAL A 154 -24.48 -19.13 -19.28
C VAL A 154 -24.98 -17.78 -19.78
N LEU A 155 -24.39 -17.28 -20.88
CA LEU A 155 -24.83 -16.00 -21.44
C LEU A 155 -26.27 -16.08 -21.94
N GLU A 156 -26.64 -17.21 -22.57
CA GLU A 156 -28.01 -17.36 -23.04
C GLU A 156 -28.99 -17.43 -21.87
N ALA A 157 -28.60 -18.08 -20.76
CA ALA A 157 -29.44 -18.09 -19.58
C ALA A 157 -29.59 -16.69 -19.00
N ALA A 158 -28.51 -15.92 -18.96
CA ALA A 158 -28.57 -14.55 -18.46
C ALA A 158 -29.48 -13.70 -19.33
N VAL A 159 -29.39 -13.87 -20.65
CA VAL A 159 -30.27 -13.12 -21.55
C VAL A 159 -31.72 -13.56 -21.38
N ALA A 160 -31.96 -14.85 -21.10
CA ALA A 160 -33.30 -15.31 -20.79
C ALA A 160 -33.80 -14.79 -19.45
N ALA A 161 -32.90 -14.37 -18.56
CA ALA A 161 -33.27 -13.75 -17.29
C ALA A 161 -33.53 -12.26 -17.44
N LYS A 162 -33.74 -11.78 -18.67
CA LYS A 162 -34.06 -10.38 -18.95
C LYS A 162 -32.97 -9.45 -18.43
N LYS A 163 -31.77 -9.60 -19.00
CA LYS A 163 -30.63 -8.78 -18.65
C LYS A 163 -29.96 -8.25 -19.91
N ARG A 164 -29.33 -7.08 -19.77
CA ARG A 164 -28.63 -6.42 -20.87
C ARG A 164 -27.15 -6.35 -20.54
N PHE A 165 -26.31 -6.79 -21.47
CA PHE A 165 -24.87 -6.79 -21.26
C PHE A 165 -24.17 -6.80 -22.61
N SER A 166 -22.87 -6.50 -22.58
CA SER A 166 -22.02 -6.51 -23.75
C SER A 166 -20.88 -7.50 -23.55
N VAL A 167 -20.46 -8.13 -24.64
CA VAL A 167 -19.47 -9.20 -24.61
C VAL A 167 -18.28 -8.79 -25.47
N TYR A 168 -17.08 -8.96 -24.93
CA TYR A 168 -15.83 -8.75 -25.66
C TYR A 168 -15.10 -10.08 -25.77
N VAL A 169 -14.75 -10.47 -26.99
CA VAL A 169 -14.14 -11.77 -27.26
C VAL A 169 -12.80 -11.55 -27.93
N THR A 170 -11.77 -12.22 -27.41
CA THR A 170 -10.46 -12.22 -28.06
C THR A 170 -10.51 -13.04 -29.34
N GLU A 171 -9.85 -12.52 -30.39
CA GLU A 171 -9.96 -13.12 -31.72
C GLU A 171 -9.37 -14.53 -31.79
N SER A 172 -8.54 -14.92 -30.83
CA SER A 172 -7.94 -16.26 -30.78
C SER A 172 -7.14 -16.54 -32.06
N GLN A 173 -6.04 -15.80 -32.19
CA GLN A 173 -5.23 -15.86 -33.41
C GLN A 173 -4.79 -17.26 -33.83
N PRO A 174 -4.33 -18.17 -32.93
CA PRO A 174 -3.91 -19.51 -33.39
C PRO A 174 -4.94 -20.20 -34.26
N ASP A 175 -6.15 -20.39 -33.73
CA ASP A 175 -7.29 -20.89 -34.50
C ASP A 175 -8.46 -19.97 -34.25
N LEU A 176 -9.06 -19.45 -35.33
CA LEU A 176 -10.07 -18.41 -35.21
C LEU A 176 -11.35 -18.97 -34.60
N SER A 177 -11.48 -18.87 -33.28
CA SER A 177 -12.66 -19.31 -32.57
C SER A 177 -13.41 -18.20 -31.86
N GLY A 178 -12.73 -17.10 -31.49
CA GLY A 178 -13.43 -15.97 -30.91
C GLY A 178 -14.41 -15.33 -31.87
N LYS A 179 -14.02 -15.22 -33.14
CA LYS A 179 -14.93 -14.69 -34.14
C LYS A 179 -16.12 -15.62 -34.38
N LYS A 180 -15.90 -16.94 -34.33
CA LYS A 180 -17.02 -17.86 -34.44
C LYS A 180 -17.94 -17.78 -33.22
N MET A 181 -17.37 -17.56 -32.03
CA MET A 181 -18.20 -17.36 -30.84
C MET A 181 -19.03 -16.09 -30.96
N ALA A 182 -18.42 -15.02 -31.48
CA ALA A 182 -19.17 -13.79 -31.72
C ALA A 182 -20.28 -14.00 -32.75
N LYS A 183 -19.99 -14.76 -33.81
CA LYS A 183 -21.01 -15.06 -34.81
C LYS A 183 -22.16 -15.85 -34.19
N ALA A 184 -21.85 -16.81 -33.33
CA ALA A 184 -22.89 -17.57 -32.65
C ALA A 184 -23.72 -16.67 -31.73
N LEU A 185 -23.07 -15.75 -31.02
CA LEU A 185 -23.79 -14.84 -30.12
C LEU A 185 -24.53 -13.76 -30.89
N CYS A 186 -24.24 -13.57 -32.17
CA CYS A 186 -24.87 -12.50 -32.93
C CYS A 186 -26.38 -12.69 -33.02
N HIS A 187 -26.84 -13.92 -33.24
CA HIS A 187 -28.27 -14.17 -33.37
C HIS A 187 -28.99 -14.28 -32.02
N LEU A 188 -28.29 -14.08 -30.91
CA LEU A 188 -28.90 -14.01 -29.59
C LEU A 188 -29.34 -12.60 -29.23
N ASN A 189 -29.22 -11.65 -30.16
CA ASN A 189 -29.55 -10.24 -29.92
C ASN A 189 -28.75 -9.68 -28.75
N VAL A 190 -27.48 -10.04 -28.69
CA VAL A 190 -26.56 -9.57 -27.66
C VAL A 190 -25.47 -8.77 -28.34
N PRO A 191 -25.22 -7.52 -27.93
CA PRO A 191 -24.13 -6.74 -28.54
C PRO A 191 -22.78 -7.37 -28.24
N VAL A 192 -22.03 -7.68 -29.31
CA VAL A 192 -20.74 -8.35 -29.19
C VAL A 192 -19.73 -7.60 -30.05
N THR A 193 -18.45 -7.80 -29.72
CA THR A 193 -17.36 -7.16 -30.44
C THR A 193 -16.10 -8.00 -30.27
N VAL A 194 -15.45 -8.32 -31.39
CA VAL A 194 -14.22 -9.12 -31.38
C VAL A 194 -13.02 -8.18 -31.35
N VAL A 195 -12.07 -8.50 -30.46
CA VAL A 195 -10.84 -7.74 -30.34
C VAL A 195 -9.66 -8.69 -30.51
N LEU A 196 -8.51 -8.12 -30.88
CA LEU A 196 -7.31 -8.92 -31.07
C LEU A 196 -6.77 -9.39 -29.72
N ASP A 197 -6.02 -10.50 -29.76
CA ASP A 197 -5.36 -10.99 -28.56
C ASP A 197 -4.30 -10.01 -28.07
N ALA A 198 -3.75 -9.19 -28.97
CA ALA A 198 -2.81 -8.16 -28.56
C ALA A 198 -3.50 -7.10 -27.70
N ALA A 199 -4.74 -6.75 -28.05
CA ALA A 199 -5.48 -5.70 -27.34
C ALA A 199 -6.32 -6.32 -26.21
N VAL A 200 -5.64 -7.02 -25.31
CA VAL A 200 -6.29 -7.60 -24.14
C VAL A 200 -6.22 -6.65 -22.95
N GLY A 201 -5.07 -6.05 -22.70
CA GLY A 201 -4.92 -5.09 -21.63
C GLY A 201 -5.36 -3.69 -21.97
N TYR A 202 -5.76 -3.44 -23.22
CA TYR A 202 -6.24 -2.11 -23.60
C TYR A 202 -7.71 -1.92 -23.25
N ILE A 203 -8.51 -2.97 -23.38
CA ILE A 203 -9.94 -2.91 -23.05
C ILE A 203 -10.23 -3.51 -21.68
N MET A 204 -9.20 -3.79 -20.88
CA MET A 204 -9.40 -4.42 -19.59
C MET A 204 -10.17 -3.49 -18.65
N GLU A 205 -9.86 -2.19 -18.68
CA GLU A 205 -10.53 -1.24 -17.79
C GLU A 205 -12.00 -1.06 -18.13
N LYS A 206 -12.40 -1.34 -19.38
CA LYS A 206 -13.79 -1.20 -19.78
C LYS A 206 -14.64 -2.42 -19.44
N ALA A 207 -14.03 -3.50 -18.97
CA ALA A 207 -14.76 -4.70 -18.62
C ALA A 207 -15.11 -4.71 -17.13
N ASP A 208 -16.23 -5.35 -16.81
CA ASP A 208 -16.70 -5.46 -15.44
C ASP A 208 -16.33 -6.79 -14.79
N LEU A 209 -16.40 -7.88 -15.54
CA LEU A 209 -16.03 -9.20 -15.02
C LEU A 209 -15.52 -10.05 -16.17
N VAL A 210 -14.75 -11.08 -15.81
CA VAL A 210 -14.15 -11.98 -16.78
C VAL A 210 -14.60 -13.40 -16.44
N ILE A 211 -15.19 -14.09 -17.41
CA ILE A 211 -15.61 -15.48 -17.26
C ILE A 211 -15.09 -16.26 -18.46
N VAL A 212 -14.36 -17.34 -18.20
CA VAL A 212 -13.83 -18.21 -19.23
C VAL A 212 -13.98 -19.66 -18.81
N GLY A 213 -13.90 -20.56 -19.79
CA GLY A 213 -13.92 -21.97 -19.53
C GLY A 213 -12.57 -22.49 -19.11
N ALA A 214 -12.51 -23.82 -18.92
CA ALA A 214 -11.27 -24.46 -18.51
C ALA A 214 -11.23 -25.87 -19.09
N GLU A 215 -10.07 -26.24 -19.63
CA GLU A 215 -9.86 -27.59 -20.15
C GLU A 215 -9.38 -28.56 -19.07
N GLY A 216 -9.11 -28.07 -17.86
CA GLY A 216 -8.66 -28.92 -16.78
C GLY A 216 -8.39 -28.14 -15.50
N VAL A 217 -8.75 -28.71 -14.35
CA VAL A 217 -8.54 -28.07 -13.06
C VAL A 217 -7.47 -28.88 -12.32
N VAL A 218 -6.38 -28.20 -11.97
CA VAL A 218 -5.26 -28.84 -11.28
C VAL A 218 -5.56 -28.92 -9.79
N GLU A 219 -4.74 -29.68 -9.05
CA GLU A 219 -5.04 -29.97 -7.65
C GLU A 219 -5.01 -28.71 -6.80
N ASN A 220 -4.03 -27.83 -7.02
CA ASN A 220 -3.88 -26.65 -6.17
C ASN A 220 -5.08 -25.71 -6.29
N GLY A 221 -5.60 -25.56 -7.51
CA GLY A 221 -6.75 -24.70 -7.71
C GLY A 221 -6.76 -23.93 -9.01
N GLY A 222 -5.66 -24.00 -9.75
CA GLY A 222 -5.56 -23.32 -11.02
C GLY A 222 -6.34 -24.02 -12.11
N ILE A 223 -6.27 -23.44 -13.31
CA ILE A 223 -6.98 -23.97 -14.47
C ILE A 223 -6.02 -24.10 -15.63
N ILE A 224 -6.41 -24.92 -16.60
CA ILE A 224 -5.67 -25.11 -17.85
C ILE A 224 -6.60 -24.73 -18.99
N ASN A 225 -6.20 -23.75 -19.78
CA ASN A 225 -7.04 -23.21 -20.84
C ASN A 225 -6.15 -22.86 -22.04
N LYS A 226 -6.70 -22.08 -22.97
CA LYS A 226 -5.97 -21.66 -24.15
C LYS A 226 -4.74 -20.83 -23.76
N ILE A 227 -3.87 -20.62 -24.73
CA ILE A 227 -2.57 -19.98 -24.47
C ILE A 227 -2.77 -18.54 -24.00
N GLY A 228 -3.76 -17.85 -24.55
CA GLY A 228 -3.98 -16.46 -24.19
C GLY A 228 -4.89 -16.27 -22.98
N THR A 229 -4.63 -17.03 -21.91
CA THR A 229 -5.42 -16.98 -20.69
C THR A 229 -4.67 -16.44 -19.49
N ASN A 230 -3.42 -16.90 -19.28
CA ASN A 230 -2.67 -16.50 -18.09
C ASN A 230 -2.42 -15.00 -18.06
N GLN A 231 -2.01 -14.42 -19.20
CA GLN A 231 -1.71 -12.99 -19.22
C GLN A 231 -2.96 -12.15 -19.04
N MET A 232 -4.08 -12.58 -19.61
CA MET A 232 -5.34 -11.87 -19.39
C MET A 232 -5.76 -11.92 -17.93
N ALA A 233 -5.58 -13.08 -17.29
CA ALA A 233 -5.86 -13.19 -15.87
C ALA A 233 -4.95 -12.28 -15.05
N VAL A 234 -3.68 -12.20 -15.43
CA VAL A 234 -2.75 -11.31 -14.75
C VAL A 234 -3.19 -9.85 -14.89
N CYS A 235 -3.60 -9.46 -16.09
CA CYS A 235 -4.09 -8.10 -16.31
C CYS A 235 -5.35 -7.82 -15.49
N ALA A 236 -6.26 -8.79 -15.42
CA ALA A 236 -7.47 -8.61 -14.63
C ALA A 236 -7.13 -8.47 -13.15
N LYS A 237 -6.18 -9.27 -12.66
CA LYS A 237 -5.76 -9.15 -11.26
C LYS A 237 -5.12 -7.79 -11.00
N ALA A 238 -4.31 -7.30 -11.94
CA ALA A 238 -3.70 -5.99 -11.79
C ALA A 238 -4.76 -4.88 -11.80
N GLN A 239 -5.84 -5.07 -12.56
CA GLN A 239 -6.95 -4.13 -12.58
C GLN A 239 -8.02 -4.45 -11.56
N ASN A 240 -7.80 -5.46 -10.73
CA ASN A 240 -8.71 -5.86 -9.65
C ASN A 240 -10.08 -6.27 -10.16
N LYS A 241 -10.17 -6.74 -11.41
CA LYS A 241 -11.44 -7.20 -11.93
C LYS A 241 -11.67 -8.65 -11.54
N PRO A 242 -12.92 -9.06 -11.29
CA PRO A 242 -13.19 -10.44 -10.92
C PRO A 242 -12.87 -11.41 -12.05
N PHE A 243 -12.43 -12.60 -11.67
CA PHE A 243 -12.09 -13.66 -12.60
C PHE A 243 -12.88 -14.91 -12.24
N TYR A 244 -13.78 -15.32 -13.12
CA TYR A 244 -14.66 -16.48 -12.89
C TYR A 244 -14.34 -17.57 -13.89
N VAL A 245 -14.41 -18.82 -13.42
CA VAL A 245 -14.12 -20.00 -14.23
C VAL A 245 -15.29 -20.96 -14.14
N VAL A 246 -15.75 -21.45 -15.28
CA VAL A 246 -16.85 -22.41 -15.35
C VAL A 246 -16.32 -23.69 -15.97
N ALA A 247 -16.49 -24.81 -15.26
CA ALA A 247 -16.04 -26.10 -15.72
C ALA A 247 -16.85 -27.19 -15.06
N GLU A 248 -16.82 -28.38 -15.66
CA GLU A 248 -17.56 -29.52 -15.15
C GLU A 248 -16.70 -30.34 -14.20
N SER A 249 -17.26 -31.44 -13.70
CA SER A 249 -16.57 -32.29 -12.72
C SER A 249 -15.72 -33.37 -13.36
N PHE A 250 -15.80 -33.58 -14.66
CA PHE A 250 -15.00 -34.59 -15.34
C PHE A 250 -13.68 -34.03 -15.86
N LYS A 251 -13.41 -32.74 -15.65
CA LYS A 251 -12.17 -32.11 -16.07
C LYS A 251 -11.17 -31.96 -14.93
N PHE A 252 -11.44 -32.58 -13.78
CA PHE A 252 -10.55 -32.49 -12.63
C PHE A 252 -9.39 -33.44 -12.82
N VAL A 253 -8.20 -32.88 -13.08
CA VAL A 253 -6.99 -33.68 -13.29
C VAL A 253 -6.11 -33.56 -12.06
N ARG A 254 -5.32 -34.59 -11.81
CA ARG A 254 -4.44 -34.63 -10.64
C ARG A 254 -3.03 -34.21 -11.03
N LEU A 255 -2.88 -32.90 -11.21
CA LEU A 255 -1.60 -32.29 -11.53
C LEU A 255 -1.32 -31.15 -10.56
N PHE A 256 -0.04 -30.96 -10.25
CA PHE A 256 0.40 -29.91 -9.33
C PHE A 256 1.57 -29.14 -9.96
N PRO A 257 1.30 -28.35 -11.00
CA PRO A 257 2.38 -27.58 -11.61
C PRO A 257 2.83 -26.43 -10.72
N LEU A 258 4.09 -26.02 -10.91
CA LEU A 258 4.65 -24.89 -10.20
C LEU A 258 4.97 -23.70 -11.09
N ASN A 259 5.06 -23.90 -12.41
CA ASN A 259 5.32 -22.83 -13.35
C ASN A 259 4.75 -23.24 -14.70
N GLN A 260 5.10 -22.48 -15.75
CA GLN A 260 4.58 -22.77 -17.08
C GLN A 260 5.23 -23.98 -17.71
N GLN A 261 6.42 -24.38 -17.25
CA GLN A 261 7.12 -25.52 -17.82
C GLN A 261 6.84 -26.83 -17.09
N ASP A 262 6.06 -26.80 -16.02
CA ASP A 262 5.77 -28.01 -15.26
C ASP A 262 4.64 -28.82 -15.85
N VAL A 263 3.87 -28.27 -16.78
CA VAL A 263 2.78 -29.00 -17.42
C VAL A 263 3.37 -30.05 -18.34
N PRO A 264 2.69 -31.19 -18.54
CA PRO A 264 3.23 -32.22 -19.43
C PRO A 264 3.37 -31.71 -20.85
N ASP A 265 4.41 -32.21 -21.54
CA ASP A 265 4.68 -31.77 -22.91
C ASP A 265 3.63 -32.31 -23.88
N LYS A 266 3.01 -33.44 -23.56
CA LYS A 266 2.00 -34.01 -24.46
C LYS A 266 0.72 -33.20 -24.50
N PHE A 267 0.44 -32.42 -23.46
CA PHE A 267 -0.76 -31.61 -23.42
C PHE A 267 -0.60 -30.26 -24.12
N LYS A 268 0.62 -29.72 -24.15
CA LYS A 268 0.85 -28.43 -24.80
C LYS A 268 0.80 -28.53 -26.32
N TYR A 269 0.97 -29.72 -26.88
CA TYR A 269 0.96 -29.89 -28.33
C TYR A 269 0.01 -31.02 -28.74
N HIS A 287 4.79 -23.63 -30.95
CA HIS A 287 3.57 -22.90 -30.64
C HIS A 287 2.69 -23.69 -29.69
N PRO A 288 2.82 -23.44 -28.39
CA PRO A 288 1.99 -24.16 -27.40
C PRO A 288 0.52 -23.79 -27.54
N TRP A 289 -0.33 -24.74 -27.19
CA TRP A 289 -1.77 -24.56 -27.25
C TRP A 289 -2.43 -24.56 -25.87
N VAL A 290 -1.64 -24.64 -24.80
CA VAL A 290 -2.19 -24.73 -23.45
C VAL A 290 -1.17 -24.14 -22.49
N ASP A 291 -1.67 -23.47 -21.45
CA ASP A 291 -0.80 -22.89 -20.42
C ASP A 291 -1.34 -23.20 -19.02
N TYR A 292 -0.74 -22.58 -18.01
CA TYR A 292 -1.13 -22.78 -16.62
C TYR A 292 -1.45 -21.43 -15.98
N THR A 293 -2.52 -21.41 -15.19
CA THR A 293 -2.96 -20.20 -14.49
C THR A 293 -2.87 -20.43 -12.99
N ALA A 294 -2.25 -19.48 -12.29
CA ALA A 294 -2.09 -19.61 -10.85
C ALA A 294 -3.45 -19.54 -10.15
N PRO A 295 -3.65 -20.34 -9.09
CA PRO A 295 -4.94 -20.28 -8.37
C PRO A 295 -5.21 -18.94 -7.70
N SER A 296 -4.18 -18.13 -7.44
CA SER A 296 -4.37 -16.85 -6.79
C SER A 296 -5.00 -15.82 -7.72
N LEU A 297 -5.09 -16.09 -9.02
CA LEU A 297 -5.67 -15.18 -9.98
C LEU A 297 -7.12 -15.51 -10.31
N ILE A 298 -7.72 -16.45 -9.58
CA ILE A 298 -9.10 -16.87 -9.81
C ILE A 298 -9.92 -16.49 -8.58
N THR A 299 -11.06 -15.84 -8.82
CA THR A 299 -11.93 -15.40 -7.73
C THR A 299 -12.89 -16.51 -7.30
N LEU A 300 -13.64 -17.08 -8.25
CA LEU A 300 -14.61 -18.12 -7.93
C LEU A 300 -14.66 -19.12 -9.07
N LEU A 301 -15.08 -20.33 -8.76
CA LEU A 301 -15.24 -21.40 -9.73
C LEU A 301 -16.65 -21.97 -9.63
N PHE A 302 -17.34 -22.03 -10.77
CA PHE A 302 -18.70 -22.55 -10.84
C PHE A 302 -18.68 -23.90 -11.52
N THR A 303 -18.97 -24.95 -10.75
CA THR A 303 -19.02 -26.31 -11.24
C THR A 303 -20.39 -26.91 -10.95
N ASP A 304 -20.57 -28.18 -11.35
CA ASP A 304 -21.81 -28.90 -11.08
C ASP A 304 -21.90 -29.40 -9.64
N LEU A 305 -20.83 -29.26 -8.86
CA LEU A 305 -20.84 -29.62 -7.45
C LEU A 305 -21.09 -28.40 -6.55
N GLY A 306 -21.46 -27.27 -7.14
CA GLY A 306 -21.66 -26.04 -6.41
C GLY A 306 -20.53 -25.06 -6.61
N VAL A 307 -20.76 -23.83 -6.13
CA VAL A 307 -19.73 -22.81 -6.22
C VAL A 307 -18.60 -23.13 -5.26
N LEU A 308 -17.38 -23.17 -5.77
CA LEU A 308 -16.21 -23.56 -4.98
C LEU A 308 -15.12 -22.51 -5.12
N THR A 309 -14.47 -22.21 -4.01
CA THR A 309 -13.30 -21.35 -4.00
C THR A 309 -12.10 -22.10 -4.55
N PRO A 310 -11.07 -21.38 -5.03
CA PRO A 310 -9.86 -22.08 -5.50
C PRO A 310 -9.21 -22.94 -4.43
N SER A 311 -9.33 -22.56 -3.16
CA SER A 311 -8.77 -23.35 -2.07
C SER A 311 -9.68 -24.50 -1.65
N ALA A 312 -10.90 -24.58 -2.20
CA ALA A 312 -11.84 -25.62 -1.83
C ALA A 312 -11.95 -26.73 -2.87
N VAL A 313 -11.38 -26.54 -4.07
CA VAL A 313 -11.46 -27.58 -5.09
C VAL A 313 -10.51 -28.74 -4.82
N SER A 314 -9.48 -28.53 -4.00
CA SER A 314 -8.56 -29.62 -3.67
C SER A 314 -9.27 -30.72 -2.90
N ASP A 315 -10.12 -30.35 -1.94
CA ASP A 315 -10.87 -31.34 -1.19
C ASP A 315 -11.81 -32.13 -2.09
N GLU A 316 -12.46 -31.44 -3.03
CA GLU A 316 -13.33 -32.13 -3.98
C GLU A 316 -12.54 -33.09 -4.86
N LEU A 317 -11.35 -32.67 -5.30
CA LEU A 317 -10.52 -33.55 -6.12
C LEU A 317 -10.10 -34.79 -5.34
N ILE A 318 -9.73 -34.62 -4.06
CA ILE A 318 -9.35 -35.77 -3.25
C ILE A 318 -10.54 -36.69 -3.02
N LYS A 319 -11.71 -36.13 -2.72
CA LYS A 319 -12.88 -36.97 -2.45
C LYS A 319 -13.37 -37.67 -3.71
N LEU A 320 -13.09 -37.10 -4.89
CA LEU A 320 -13.48 -37.72 -6.15
C LEU A 320 -12.72 -39.02 -6.43
N TYR A 321 -11.63 -39.28 -5.70
CA TYR A 321 -10.83 -40.50 -5.83
C TYR A 321 -10.20 -40.64 -7.21
N LEU A 322 -10.09 -39.54 -7.95
CA LEU A 322 -9.51 -39.58 -9.30
C LEU A 322 -7.99 -39.73 -9.22
N LYS B 21 -2.33 15.80 -52.25
CA LYS B 21 -2.06 17.22 -52.08
C LYS B 21 -0.86 17.65 -52.91
N GLU B 22 -0.22 18.73 -52.49
CA GLU B 22 0.94 19.29 -53.19
C GLU B 22 2.26 18.79 -52.64
N LEU B 23 2.25 17.91 -51.63
CA LEU B 23 3.49 17.37 -51.07
C LEU B 23 3.41 15.87 -50.85
N ILE B 24 2.25 15.24 -51.11
CA ILE B 24 2.13 13.80 -50.91
C ILE B 24 3.00 13.04 -51.91
N GLU B 25 3.21 13.60 -53.10
CA GLU B 25 4.13 12.96 -54.05
C GLU B 25 5.54 12.87 -53.48
N TYR B 26 6.04 13.97 -52.91
CA TYR B 26 7.36 13.94 -52.29
C TYR B 26 7.36 12.99 -51.09
N PHE B 27 6.29 13.01 -50.29
CA PHE B 27 6.24 12.13 -49.13
C PHE B 27 6.35 10.67 -49.55
N LYS B 28 5.56 10.26 -50.53
CA LYS B 28 5.58 8.87 -50.98
C LYS B 28 6.92 8.52 -51.64
N SER B 29 7.48 9.44 -52.42
CA SER B 29 8.77 9.18 -53.05
C SER B 29 9.86 8.99 -52.00
N GLN B 30 9.85 9.83 -50.96
CA GLN B 30 10.84 9.70 -49.89
C GLN B 30 10.66 8.39 -49.13
N MET B 31 9.41 7.99 -48.87
CA MET B 31 9.19 6.70 -48.23
C MET B 31 9.68 5.55 -49.10
N LYS B 32 9.53 5.67 -50.42
CA LYS B 32 9.92 4.58 -51.31
C LYS B 32 11.43 4.50 -51.49
N GLU B 33 12.11 5.65 -51.54
CA GLU B 33 13.53 5.66 -51.88
C GLU B 33 14.37 4.92 -50.84
N ASP B 34 14.39 5.43 -49.60
CA ASP B 34 15.29 4.86 -48.62
C ASP B 34 14.50 4.21 -47.48
N PRO B 35 14.87 3.00 -47.06
CA PRO B 35 14.09 2.31 -46.02
C PRO B 35 14.59 2.56 -44.61
N ASP B 36 15.75 3.20 -44.46
CA ASP B 36 16.34 3.34 -43.13
C ASP B 36 15.61 4.37 -42.28
N MET B 37 14.99 5.37 -42.90
CA MET B 37 14.39 6.47 -42.16
C MET B 37 13.06 6.03 -41.53
N ALA B 38 12.45 6.96 -40.81
CA ALA B 38 11.14 6.78 -40.21
C ALA B 38 10.16 7.79 -40.79
N SER B 39 8.91 7.69 -40.36
CA SER B 39 7.89 8.62 -40.84
C SER B 39 8.21 10.06 -40.42
N ALA B 40 8.66 10.24 -39.18
CA ALA B 40 9.06 11.57 -38.73
C ALA B 40 10.26 12.08 -39.52
N VAL B 41 11.23 11.20 -39.81
CA VAL B 41 12.38 11.60 -40.60
C VAL B 41 11.96 12.02 -42.00
N ALA B 42 11.05 11.26 -42.62
CA ALA B 42 10.56 11.61 -43.95
C ALA B 42 9.82 12.93 -43.93
N ALA B 43 9.02 13.18 -42.89
CA ALA B 43 8.34 14.46 -42.76
C ALA B 43 9.36 15.60 -42.63
N ILE B 44 10.41 15.39 -41.85
CA ILE B 44 11.45 16.41 -41.71
C ILE B 44 12.13 16.69 -43.03
N ARG B 45 12.43 15.63 -43.79
CA ARG B 45 13.05 15.82 -45.11
C ARG B 45 12.13 16.62 -46.03
N THR B 46 10.85 16.27 -46.07
CA THR B 46 9.91 17.02 -46.89
C THR B 46 9.85 18.48 -46.46
N LEU B 47 9.82 18.73 -45.15
CA LEU B 47 9.71 20.09 -44.65
C LEU B 47 10.92 20.93 -45.06
N LEU B 48 12.14 20.46 -44.78
CA LEU B 48 13.27 21.34 -45.08
C LEU B 48 13.62 21.34 -46.56
N GLU B 49 13.12 20.38 -47.35
CA GLU B 49 13.30 20.46 -48.78
C GLU B 49 12.30 21.40 -49.43
N PHE B 50 11.11 21.55 -48.85
CA PHE B 50 10.15 22.54 -49.31
C PHE B 50 10.37 23.91 -48.68
N LEU B 51 11.27 24.01 -47.70
CA LEU B 51 11.53 25.29 -47.05
C LEU B 51 12.16 26.29 -48.02
N LYS B 52 13.11 25.83 -48.85
CA LYS B 52 13.78 26.76 -49.76
C LYS B 52 12.81 27.37 -50.76
N ARG B 53 11.92 26.55 -51.32
CA ARG B 53 10.95 27.03 -52.30
C ARG B 53 9.62 27.38 -51.65
N LEU B 62 6.02 32.58 -43.07
CA LEU B 62 6.34 31.18 -43.36
C LEU B 62 5.76 30.26 -42.31
N ARG B 63 5.46 30.82 -41.13
CA ARG B 63 4.95 30.02 -40.02
C ARG B 63 3.61 29.37 -40.38
N ALA B 64 2.72 30.12 -41.02
CA ALA B 64 1.40 29.60 -41.34
C ALA B 64 1.47 28.43 -42.32
N ASN B 65 2.24 28.60 -43.40
CA ASN B 65 2.32 27.54 -44.40
C ASN B 65 3.08 26.33 -43.84
N LEU B 66 4.11 26.57 -43.03
CA LEU B 66 4.81 25.45 -42.40
C LEU B 66 3.88 24.67 -41.47
N THR B 67 3.07 25.39 -40.69
CA THR B 67 2.12 24.72 -39.81
C THR B 67 1.08 23.95 -40.61
N SER B 68 0.62 24.51 -41.72
CA SER B 68 -0.34 23.79 -42.57
C SER B 68 0.28 22.52 -43.15
N ALA B 69 1.54 22.61 -43.59
CA ALA B 69 2.23 21.43 -44.10
C ALA B 69 2.38 20.37 -43.02
N ILE B 70 2.73 20.79 -41.80
CA ILE B 70 2.85 19.84 -40.69
C ILE B 70 1.51 19.18 -40.41
N GLU B 71 0.43 19.98 -40.41
CA GLU B 71 -0.89 19.44 -40.13
C GLU B 71 -1.32 18.43 -41.18
N THR B 72 -1.10 18.75 -42.47
CA THR B 72 -1.51 17.80 -43.51
C THR B 72 -0.63 16.56 -43.51
N LEU B 73 0.66 16.69 -43.17
CA LEU B 73 1.51 15.52 -43.04
C LEU B 73 1.05 14.62 -41.90
N CYS B 74 0.66 15.23 -40.76
CA CYS B 74 0.14 14.45 -39.65
C CYS B 74 -1.19 13.79 -40.00
N GLY B 75 -2.03 14.49 -40.76
CA GLY B 75 -3.29 13.90 -41.19
C GLY B 75 -3.10 12.73 -42.13
N VAL B 76 -2.14 12.83 -43.06
CA VAL B 76 -1.87 11.73 -43.97
C VAL B 76 -1.22 10.57 -43.24
N ASP B 77 -0.24 10.84 -42.37
CA ASP B 77 0.47 9.82 -41.62
C ASP B 77 0.12 10.00 -40.14
N SER B 78 -0.82 9.20 -39.65
CA SER B 78 -1.32 9.32 -38.28
C SER B 78 -0.31 8.68 -37.34
N SER B 79 0.60 9.51 -36.81
CA SER B 79 1.59 9.05 -35.85
C SER B 79 2.10 10.26 -35.08
N VAL B 80 2.31 10.06 -33.77
CA VAL B 80 2.78 11.17 -32.93
C VAL B 80 4.22 11.57 -33.26
N ALA B 81 5.00 10.65 -33.84
CA ALA B 81 6.38 10.97 -34.16
C ALA B 81 6.47 12.06 -35.23
N VAL B 82 5.60 11.99 -36.24
CA VAL B 82 5.61 12.99 -37.30
C VAL B 82 5.28 14.37 -36.74
N SER B 83 4.24 14.44 -35.90
CA SER B 83 3.86 15.72 -35.31
C SER B 83 4.96 16.26 -34.39
N SER B 84 5.58 15.38 -33.61
CA SER B 84 6.66 15.82 -32.72
C SER B 84 7.84 16.35 -33.52
N GLY B 85 8.23 15.65 -34.59
CA GLY B 85 9.33 16.12 -35.41
C GLY B 85 9.02 17.43 -36.10
N GLY B 86 7.80 17.58 -36.62
CA GLY B 86 7.42 18.82 -37.26
C GLY B 86 7.42 19.99 -36.30
N GLU B 87 6.87 19.78 -35.09
CA GLU B 87 6.85 20.86 -34.11
C GLU B 87 8.26 21.23 -33.66
N LEU B 88 9.12 20.23 -33.45
CA LEU B 88 10.49 20.51 -33.05
C LEU B 88 11.25 21.24 -34.15
N PHE B 89 11.02 20.87 -35.41
CA PHE B 89 11.66 21.59 -36.51
C PHE B 89 11.16 23.03 -36.57
N LEU B 90 9.85 23.23 -36.43
CA LEU B 90 9.29 24.58 -36.48
C LEU B 90 9.85 25.45 -35.36
N ARG B 91 10.01 24.88 -34.16
CA ARG B 91 10.60 25.64 -33.06
C ARG B 91 12.08 25.92 -33.31
N PHE B 92 12.82 24.92 -33.79
CA PHE B 92 14.25 25.10 -34.02
C PHE B 92 14.52 26.09 -35.15
N ILE B 93 13.76 25.99 -36.24
CA ILE B 93 13.95 26.87 -37.39
C ILE B 93 13.35 28.24 -37.11
N ILE B 111 17.62 29.21 -43.25
CA ILE B 111 17.86 27.87 -43.76
C ILE B 111 19.13 27.27 -43.19
N GLU B 112 20.11 28.09 -42.80
CA GLU B 112 21.39 27.57 -42.32
C GLU B 112 21.26 26.80 -41.02
N ARG B 113 20.17 27.00 -40.26
CA ARG B 113 19.97 26.30 -39.01
C ARG B 113 19.23 24.97 -39.17
N GLY B 114 18.74 24.66 -40.36
CA GLY B 114 17.97 23.44 -40.56
C GLY B 114 18.81 22.18 -40.69
N GLU B 115 20.08 22.33 -41.09
CA GLU B 115 20.92 21.15 -41.28
C GLU B 115 21.29 20.49 -39.95
N LEU B 116 21.38 21.28 -38.88
CA LEU B 116 21.83 20.76 -37.59
C LEU B 116 20.89 19.67 -37.07
N PHE B 117 19.58 19.86 -37.25
CA PHE B 117 18.62 18.93 -36.68
C PHE B 117 18.81 17.52 -37.23
N LEU B 118 18.80 17.38 -38.57
CA LEU B 118 18.95 16.03 -39.11
C LEU B 118 20.38 15.53 -39.03
N ARG B 119 21.39 16.42 -39.06
CA ARG B 119 22.76 15.96 -38.84
C ARG B 119 22.91 15.37 -37.46
N ARG B 120 22.24 15.94 -36.45
CA ARG B 120 22.31 15.40 -35.11
C ARG B 120 21.51 14.10 -34.98
N ILE B 121 20.30 14.06 -35.54
CA ILE B 121 19.49 12.86 -35.39
C ILE B 121 20.04 11.70 -36.21
N SER B 122 20.91 11.96 -37.19
CA SER B 122 21.53 10.86 -37.93
C SER B 122 22.42 10.02 -37.02
N LEU B 123 23.23 10.68 -36.18
CA LEU B 123 24.13 9.99 -35.27
C LEU B 123 23.53 9.78 -33.88
N SER B 124 22.34 10.33 -33.62
CA SER B 124 21.66 10.06 -32.36
C SER B 124 21.39 8.57 -32.20
N ARG B 125 21.04 7.87 -33.28
CA ARG B 125 20.80 6.44 -33.20
C ARG B 125 22.08 5.70 -32.79
N ASN B 126 23.22 6.09 -33.37
CA ASN B 126 24.48 5.46 -32.99
C ASN B 126 24.81 5.73 -31.52
N LYS B 127 24.57 6.96 -31.06
CA LYS B 127 24.82 7.28 -29.66
C LYS B 127 23.94 6.43 -28.74
N ILE B 128 22.66 6.29 -29.08
CA ILE B 128 21.74 5.50 -28.26
C ILE B 128 22.17 4.04 -28.26
N ALA B 129 22.56 3.51 -29.41
CA ALA B 129 23.00 2.12 -29.48
C ALA B 129 24.26 1.90 -28.63
N ASP B 130 25.21 2.83 -28.69
CA ASP B 130 26.41 2.71 -27.87
C ASP B 130 26.07 2.77 -26.38
N LEU B 131 25.13 3.64 -26.00
CA LEU B 131 24.73 3.73 -24.60
C LEU B 131 24.00 2.49 -24.13
N CYS B 132 23.20 1.87 -24.99
CA CYS B 132 22.32 0.78 -24.57
C CYS B 132 22.96 -0.60 -24.68
N HIS B 133 23.96 -0.78 -25.55
CA HIS B 133 24.54 -2.11 -25.74
C HIS B 133 25.28 -2.61 -24.50
N THR B 134 25.61 -1.74 -23.56
CA THR B 134 26.36 -2.16 -22.38
C THR B 134 25.51 -3.04 -21.46
N PHE B 135 24.22 -2.75 -21.36
CA PHE B 135 23.32 -3.43 -20.42
C PHE B 135 23.00 -4.88 -20.81
N ILE B 136 23.61 -5.48 -21.83
CA ILE B 136 23.30 -6.84 -22.25
C ILE B 136 24.44 -7.75 -21.83
N LYS B 137 24.12 -8.82 -21.11
CA LYS B 137 25.10 -9.79 -20.64
C LYS B 137 25.07 -11.05 -21.50
N ASP B 138 26.15 -11.82 -21.42
CA ASP B 138 26.25 -13.06 -22.17
C ASP B 138 25.25 -14.09 -21.65
N GLY B 139 24.59 -14.78 -22.57
CA GLY B 139 23.62 -15.79 -22.19
C GLY B 139 22.26 -15.27 -21.81
N ALA B 140 22.03 -13.96 -21.89
CA ALA B 140 20.75 -13.39 -21.53
C ALA B 140 19.71 -13.66 -22.60
N THR B 141 18.45 -13.45 -22.24
CA THR B 141 17.32 -13.61 -23.15
C THR B 141 16.64 -12.26 -23.35
N ILE B 142 16.47 -11.88 -24.61
CA ILE B 142 15.88 -10.59 -24.98
C ILE B 142 14.46 -10.84 -25.48
N LEU B 143 13.52 -10.04 -25.00
CA LEU B 143 12.11 -10.16 -25.38
C LEU B 143 11.68 -8.87 -26.08
N THR B 144 11.50 -8.93 -27.38
CA THR B 144 11.03 -7.80 -28.17
C THR B 144 9.58 -8.04 -28.61
N HIS B 145 8.91 -6.95 -28.98
CA HIS B 145 7.50 -7.01 -29.36
C HIS B 145 7.31 -6.71 -30.85
N ALA B 146 7.78 -5.57 -31.32
CA ALA B 146 7.58 -5.15 -32.71
C ALA B 146 8.93 -4.99 -33.40
N TYR B 147 8.88 -4.49 -34.63
CA TYR B 147 10.07 -4.27 -35.44
C TYR B 147 10.45 -2.80 -35.36
N SER B 148 11.66 -2.52 -34.87
CA SER B 148 12.18 -1.16 -34.79
C SER B 148 13.67 -1.19 -35.08
N ARG B 149 14.15 -0.21 -35.83
CA ARG B 149 15.54 -0.19 -36.24
C ARG B 149 16.47 0.18 -35.09
N VAL B 150 15.98 0.94 -34.10
CA VAL B 150 16.83 1.36 -32.99
C VAL B 150 17.26 0.15 -32.16
N VAL B 151 16.29 -0.69 -31.78
CA VAL B 151 16.64 -1.89 -31.03
C VAL B 151 17.43 -2.88 -31.89
N LEU B 152 17.21 -2.88 -33.21
CA LEU B 152 18.04 -3.70 -34.08
C LEU B 152 19.49 -3.24 -34.04
N ARG B 153 19.72 -1.93 -34.05
CA ARG B 153 21.07 -1.39 -33.92
C ARG B 153 21.67 -1.74 -32.57
N VAL B 154 20.87 -1.67 -31.51
CA VAL B 154 21.36 -2.02 -30.18
C VAL B 154 21.80 -3.49 -30.15
N LEU B 155 20.97 -4.38 -30.70
CA LEU B 155 21.30 -5.80 -30.71
C LEU B 155 22.51 -6.09 -31.58
N GLU B 156 22.63 -5.40 -32.72
CA GLU B 156 23.79 -5.63 -33.58
C GLU B 156 25.07 -5.11 -32.95
N ALA B 157 24.99 -4.00 -32.20
CA ALA B 157 26.15 -3.54 -31.45
C ALA B 157 26.52 -4.54 -30.36
N ALA B 158 25.52 -5.10 -29.68
CA ALA B 158 25.81 -6.10 -28.66
C ALA B 158 26.47 -7.33 -29.26
N VAL B 159 25.99 -7.78 -30.43
CA VAL B 159 26.59 -8.96 -31.07
C VAL B 159 27.97 -8.62 -31.63
N ALA B 160 28.21 -7.35 -31.99
CA ALA B 160 29.55 -6.96 -32.43
C ALA B 160 30.50 -6.83 -31.26
N ALA B 161 29.97 -6.67 -30.04
CA ALA B 161 30.78 -6.64 -28.83
C ALA B 161 31.10 -8.03 -28.32
N LYS B 162 30.98 -9.06 -29.16
CA LYS B 162 31.28 -10.45 -28.82
C LYS B 162 30.44 -10.92 -27.63
N LYS B 163 29.12 -10.94 -27.85
CA LYS B 163 28.17 -11.39 -26.86
C LYS B 163 27.20 -12.38 -27.50
N ARG B 164 26.75 -13.34 -26.71
CA ARG B 164 25.82 -14.37 -27.17
C ARG B 164 24.53 -14.27 -26.36
N PHE B 165 23.40 -14.23 -27.07
CA PHE B 165 22.10 -14.07 -26.42
C PHE B 165 21.02 -14.58 -27.36
N SER B 166 19.83 -14.80 -26.79
CA SER B 166 18.66 -15.24 -27.54
C SER B 166 17.61 -14.15 -27.53
N VAL B 167 16.89 -14.03 -28.65
CA VAL B 167 15.90 -12.97 -28.85
C VAL B 167 14.53 -13.62 -29.09
N TYR B 168 13.51 -13.13 -28.40
CA TYR B 168 12.13 -13.54 -28.60
C TYR B 168 11.34 -12.35 -29.13
N VAL B 169 10.62 -12.58 -30.23
CA VAL B 169 9.87 -11.52 -30.88
C VAL B 169 8.39 -11.90 -30.94
N THR B 170 7.54 -10.88 -30.88
CA THR B 170 6.09 -11.05 -30.99
C THR B 170 5.68 -10.84 -32.44
N GLU B 171 4.82 -11.71 -32.95
CA GLU B 171 4.51 -11.75 -34.38
C GLU B 171 3.79 -10.49 -34.87
N SER B 172 3.26 -9.65 -33.98
CA SER B 172 2.60 -8.39 -34.36
C SER B 172 1.42 -8.67 -35.30
N GLN B 173 0.39 -9.29 -34.71
CA GLN B 173 -0.77 -9.76 -35.46
C GLN B 173 -1.41 -8.72 -36.38
N PRO B 174 -1.67 -7.47 -35.98
CA PRO B 174 -2.37 -6.56 -36.92
C PRO B 174 -1.62 -6.34 -38.22
N ASP B 175 -0.35 -5.96 -38.16
CA ASP B 175 0.53 -5.93 -39.33
C ASP B 175 1.77 -6.74 -39.01
N LEU B 176 2.01 -7.80 -39.77
CA LEU B 176 3.04 -8.77 -39.43
C LEU B 176 4.40 -8.11 -39.57
N SER B 177 4.98 -7.72 -38.42
CA SER B 177 6.30 -7.10 -38.38
C SER B 177 7.30 -7.87 -37.54
N GLY B 178 6.84 -8.70 -36.59
CA GLY B 178 7.77 -9.54 -35.85
C GLY B 178 8.47 -10.55 -36.75
N LYS B 179 7.75 -11.08 -37.73
CA LYS B 179 8.37 -11.97 -38.70
C LYS B 179 9.42 -11.23 -39.52
N LYS B 180 9.12 -10.00 -39.94
CA LYS B 180 10.09 -9.20 -40.67
C LYS B 180 11.34 -8.92 -39.83
N MET B 181 11.13 -8.57 -38.56
CA MET B 181 12.26 -8.32 -37.67
C MET B 181 13.10 -9.60 -37.48
N ALA B 182 12.44 -10.74 -37.31
CA ALA B 182 13.16 -11.99 -37.15
C ALA B 182 13.94 -12.34 -38.41
N LYS B 183 13.36 -12.11 -39.59
CA LYS B 183 14.07 -12.39 -40.83
C LYS B 183 15.24 -11.44 -41.05
N ALA B 184 15.10 -10.19 -40.61
CA ALA B 184 16.21 -9.23 -40.72
C ALA B 184 17.30 -9.47 -39.69
N LEU B 185 16.96 -10.10 -38.56
CA LEU B 185 17.93 -10.35 -37.51
C LEU B 185 18.57 -11.74 -37.59
N CYS B 186 17.96 -12.68 -38.31
CA CYS B 186 18.51 -14.02 -38.40
C CYS B 186 19.85 -14.04 -39.13
N HIS B 187 20.03 -13.18 -40.13
CA HIS B 187 21.29 -13.12 -40.86
C HIS B 187 22.37 -12.37 -40.11
N LEU B 188 22.15 -12.08 -38.83
CA LEU B 188 23.19 -11.58 -37.93
C LEU B 188 23.78 -12.68 -37.06
N ASN B 189 23.49 -13.94 -37.39
CA ASN B 189 23.95 -15.10 -36.62
C ASN B 189 23.46 -15.02 -35.17
N VAL B 190 22.15 -14.84 -35.02
CA VAL B 190 21.51 -14.77 -33.71
C VAL B 190 20.37 -15.78 -33.65
N PRO B 191 20.28 -16.61 -32.61
CA PRO B 191 19.17 -17.57 -32.53
C PRO B 191 17.87 -16.91 -32.13
N VAL B 192 17.15 -16.37 -33.12
CA VAL B 192 15.91 -15.63 -32.88
C VAL B 192 14.73 -16.53 -33.22
N THR B 193 13.73 -16.58 -32.34
CA THR B 193 12.51 -17.33 -32.55
C THR B 193 11.31 -16.39 -32.48
N VAL B 194 10.23 -16.79 -33.12
CA VAL B 194 9.00 -16.00 -33.21
C VAL B 194 7.92 -16.69 -32.40
N VAL B 195 7.24 -15.92 -31.54
CA VAL B 195 6.15 -16.43 -30.71
C VAL B 195 4.88 -15.67 -31.08
N LEU B 196 3.75 -16.20 -30.61
CA LEU B 196 2.45 -15.61 -30.88
C LEU B 196 2.21 -14.39 -29.99
N ASP B 197 1.19 -13.62 -30.34
CA ASP B 197 0.79 -12.50 -29.50
C ASP B 197 0.22 -12.98 -28.18
N ALA B 198 -0.43 -14.15 -28.17
CA ALA B 198 -1.04 -14.69 -26.97
C ALA B 198 -0.06 -15.47 -26.09
N ALA B 199 1.20 -15.60 -26.51
CA ALA B 199 2.19 -16.35 -25.76
C ALA B 199 3.13 -15.46 -24.95
N VAL B 200 2.79 -14.18 -24.78
CA VAL B 200 3.64 -13.26 -24.03
C VAL B 200 3.73 -13.71 -22.56
N GLY B 201 2.61 -14.10 -21.97
CA GLY B 201 2.59 -14.53 -20.59
C GLY B 201 3.14 -15.93 -20.35
N TYR B 202 3.39 -16.68 -21.42
CA TYR B 202 3.94 -18.03 -21.29
C TYR B 202 5.45 -18.05 -21.32
N ILE B 203 6.07 -17.13 -22.05
CA ILE B 203 7.53 -17.06 -22.16
C ILE B 203 8.13 -16.00 -21.24
N MET B 204 7.33 -15.42 -20.35
CA MET B 204 7.83 -14.38 -19.46
C MET B 204 8.88 -14.94 -18.50
N GLU B 205 8.68 -16.15 -18.00
CA GLU B 205 9.62 -16.75 -17.05
C GLU B 205 10.93 -17.16 -17.70
N LYS B 206 10.98 -17.23 -19.03
CA LYS B 206 12.18 -17.62 -19.75
C LYS B 206 12.95 -16.43 -20.29
N ALA B 207 12.56 -15.21 -19.92
CA ALA B 207 13.21 -14.00 -20.41
C ALA B 207 13.90 -13.28 -19.24
N ASP B 208 15.14 -12.85 -19.49
CA ASP B 208 15.91 -12.14 -18.48
C ASP B 208 15.57 -10.64 -18.45
N LEU B 209 15.38 -10.03 -19.60
CA LEU B 209 15.05 -8.61 -19.67
C LEU B 209 14.23 -8.35 -20.93
N VAL B 210 13.51 -7.24 -20.93
CA VAL B 210 12.62 -6.87 -22.02
C VAL B 210 13.11 -5.54 -22.60
N ILE B 211 13.37 -5.52 -23.91
CA ILE B 211 13.78 -4.32 -24.62
C ILE B 211 12.77 -4.07 -25.74
N VAL B 212 12.12 -2.92 -25.70
CA VAL B 212 11.14 -2.54 -26.72
C VAL B 212 11.39 -1.09 -27.12
N GLY B 213 10.87 -0.73 -28.29
CA GLY B 213 10.94 0.62 -28.79
C GLY B 213 9.80 1.48 -28.26
N ALA B 214 9.74 2.71 -28.77
CA ALA B 214 8.68 3.64 -28.38
C ALA B 214 8.48 4.65 -29.50
N GLU B 215 7.22 4.85 -29.89
CA GLU B 215 6.87 5.83 -30.91
C GLU B 215 6.65 7.22 -30.34
N GLY B 216 6.60 7.37 -29.02
CA GLY B 216 6.38 8.66 -28.41
C GLY B 216 6.45 8.60 -26.90
N VAL B 217 7.04 9.63 -26.28
CA VAL B 217 7.20 9.71 -24.84
C VAL B 217 6.34 10.86 -24.31
N VAL B 218 5.64 10.60 -23.21
CA VAL B 218 4.71 11.57 -22.66
C VAL B 218 5.32 12.21 -21.42
N GLU B 219 4.62 13.21 -20.88
CA GLU B 219 5.19 14.03 -19.80
C GLU B 219 5.49 13.20 -18.55
N ASN B 220 4.56 12.33 -18.16
CA ASN B 220 4.73 11.57 -16.93
C ASN B 220 5.81 10.50 -17.02
N GLY B 221 6.33 10.24 -18.22
CA GLY B 221 7.38 9.25 -18.40
C GLY B 221 6.94 7.98 -19.09
N GLY B 222 5.67 7.86 -19.48
CA GLY B 222 5.20 6.70 -20.19
C GLY B 222 5.56 6.76 -21.66
N ILE B 223 5.17 5.71 -22.38
CA ILE B 223 5.46 5.59 -23.80
C ILE B 223 4.19 5.22 -24.56
N ILE B 224 4.19 5.49 -25.85
CA ILE B 224 3.09 5.14 -26.75
C ILE B 224 3.67 4.18 -27.78
N ASN B 225 3.45 2.88 -27.56
CA ASN B 225 4.00 1.83 -28.40
C ASN B 225 2.86 1.02 -29.02
N LYS B 226 3.22 -0.10 -29.65
CA LYS B 226 2.23 -0.98 -30.26
C LYS B 226 1.20 -1.44 -29.24
N ILE B 227 0.04 -1.88 -29.75
CA ILE B 227 -1.11 -2.17 -28.90
C ILE B 227 -0.81 -3.28 -27.91
N GLY B 228 0.12 -4.18 -28.24
CA GLY B 228 0.41 -5.30 -27.37
C GLY B 228 1.56 -5.05 -26.40
N THR B 229 1.91 -3.79 -26.19
CA THR B 229 3.02 -3.45 -25.31
C THR B 229 2.62 -3.32 -23.85
N ASN B 230 1.40 -2.83 -23.57
CA ASN B 230 0.98 -2.63 -22.18
C ASN B 230 0.89 -3.95 -21.43
N GLN B 231 0.33 -4.97 -22.08
CA GLN B 231 0.21 -6.28 -21.43
C GLN B 231 1.58 -6.88 -21.16
N MET B 232 2.52 -6.72 -22.10
CA MET B 232 3.88 -7.21 -21.88
C MET B 232 4.53 -6.50 -20.70
N ALA B 233 4.34 -5.19 -20.59
CA ALA B 233 4.90 -4.45 -19.46
C ALA B 233 4.27 -4.91 -18.15
N VAL B 234 2.96 -5.16 -18.14
CA VAL B 234 2.30 -5.64 -16.93
C VAL B 234 2.84 -7.00 -16.52
N CYS B 235 3.00 -7.90 -17.50
CA CYS B 235 3.53 -9.22 -17.21
C CYS B 235 4.97 -9.14 -16.69
N ALA B 236 5.79 -8.27 -17.28
CA ALA B 236 7.16 -8.11 -16.81
C ALA B 236 7.20 -7.55 -15.39
N LYS B 237 6.32 -6.59 -15.08
CA LYS B 237 6.26 -6.05 -13.73
C LYS B 237 5.81 -7.11 -12.73
N ALA B 238 4.85 -7.95 -13.12
CA ALA B 238 4.34 -8.98 -12.22
C ALA B 238 5.39 -10.04 -11.90
N GLN B 239 6.44 -10.15 -12.70
CA GLN B 239 7.49 -11.14 -12.47
C GLN B 239 8.84 -10.49 -12.18
N ASN B 240 8.85 -9.20 -11.82
CA ASN B 240 10.07 -8.46 -11.48
C ASN B 240 11.09 -8.53 -12.62
N LYS B 241 10.61 -8.42 -13.86
CA LYS B 241 11.47 -8.44 -15.02
C LYS B 241 11.78 -7.02 -15.47
N PRO B 242 13.04 -6.68 -15.71
CA PRO B 242 13.37 -5.32 -16.14
C PRO B 242 12.70 -4.97 -17.46
N PHE B 243 12.27 -3.71 -17.57
CA PHE B 243 11.59 -3.20 -18.76
C PHE B 243 12.36 -1.98 -19.25
N TYR B 244 13.13 -2.15 -20.31
CA TYR B 244 13.96 -1.09 -20.88
C TYR B 244 13.30 -0.54 -22.14
N VAL B 245 13.20 0.79 -22.22
CA VAL B 245 12.60 1.48 -23.35
C VAL B 245 13.68 2.24 -24.09
N VAL B 246 13.77 2.06 -25.40
CA VAL B 246 14.77 2.70 -26.23
C VAL B 246 14.06 3.61 -27.22
N ALA B 247 14.39 4.89 -27.20
CA ALA B 247 13.75 5.86 -28.07
C ALA B 247 14.68 7.06 -28.25
N GLU B 248 14.38 7.88 -29.25
CA GLU B 248 15.17 9.05 -29.55
C GLU B 248 14.62 10.26 -28.81
N SER B 249 15.12 11.45 -29.14
CA SER B 249 14.70 12.67 -28.47
C SER B 249 13.61 13.43 -29.22
N PHE B 250 13.44 13.19 -30.51
CA PHE B 250 12.41 13.88 -31.29
C PHE B 250 11.05 13.22 -31.18
N LYS B 251 10.84 12.34 -30.21
CA LYS B 251 9.57 11.66 -30.00
C LYS B 251 8.89 12.11 -28.71
N PHE B 252 9.08 13.37 -28.32
CA PHE B 252 8.49 13.93 -27.13
C PHE B 252 7.22 14.70 -27.50
N VAL B 253 6.13 14.44 -26.78
CA VAL B 253 4.85 15.06 -27.06
C VAL B 253 4.34 15.75 -25.80
N ARG B 254 3.46 16.73 -26.00
CA ARG B 254 2.82 17.45 -24.89
C ARG B 254 1.51 16.75 -24.52
N LEU B 255 1.65 15.51 -24.05
CA LEU B 255 0.52 14.69 -23.66
C LEU B 255 0.73 14.18 -22.24
N PHE B 256 -0.34 14.19 -21.45
CA PHE B 256 -0.32 13.67 -20.09
C PHE B 256 -1.51 12.73 -19.92
N PRO B 257 -1.49 11.56 -20.54
CA PRO B 257 -2.62 10.64 -20.43
C PRO B 257 -2.70 10.02 -19.05
N LEU B 258 -3.94 9.73 -18.64
CA LEU B 258 -4.19 9.02 -17.38
C LEU B 258 -4.60 7.58 -17.58
N ASN B 259 -5.16 7.23 -18.74
CA ASN B 259 -5.54 5.86 -19.05
C ASN B 259 -5.54 5.70 -20.57
N GLN B 260 -6.10 4.60 -21.04
CA GLN B 260 -6.14 4.34 -22.48
C GLN B 260 -7.12 5.25 -23.21
N GLN B 261 -8.07 5.86 -22.49
CA GLN B 261 -9.06 6.73 -23.12
C GLN B 261 -8.56 8.14 -23.35
N ASP B 262 -7.42 8.52 -22.75
CA ASP B 262 -6.89 9.86 -22.93
C ASP B 262 -6.07 10.02 -24.19
N VAL B 263 -5.74 8.92 -24.87
CA VAL B 263 -4.99 9.01 -26.13
C VAL B 263 -5.90 9.59 -27.21
N PRO B 264 -5.46 10.59 -27.97
CA PRO B 264 -6.31 11.15 -29.02
C PRO B 264 -6.69 10.10 -30.06
N ASP B 265 -7.92 10.21 -30.57
CA ASP B 265 -8.41 9.26 -31.55
C ASP B 265 -7.67 9.36 -32.87
N LYS B 266 -7.09 10.52 -33.19
CA LYS B 266 -6.35 10.67 -34.43
C LYS B 266 -5.04 9.90 -34.44
N PHE B 267 -4.57 9.48 -33.27
CA PHE B 267 -3.32 8.72 -33.17
C PHE B 267 -3.52 7.22 -33.07
N LYS B 268 -4.62 6.78 -32.44
CA LYS B 268 -4.86 5.35 -32.32
C LYS B 268 -5.32 4.74 -33.65
N TYR B 269 -5.95 5.54 -34.50
CA TYR B 269 -6.44 5.05 -35.79
C TYR B 269 -5.76 5.79 -36.94
N HIS B 287 -10.29 -1.37 -33.68
CA HIS B 287 -8.94 -1.95 -33.66
C HIS B 287 -7.88 -0.85 -33.54
N PRO B 288 -7.53 -0.48 -32.32
CA PRO B 288 -6.51 0.55 -32.12
C PRO B 288 -5.14 0.07 -32.54
N TRP B 289 -4.30 1.02 -32.94
CA TRP B 289 -2.94 0.72 -33.36
C TRP B 289 -1.90 0.96 -32.27
N VAL B 290 -2.15 1.89 -31.36
CA VAL B 290 -1.22 2.22 -30.29
C VAL B 290 -1.98 2.18 -28.96
N ASP B 291 -1.23 2.32 -27.87
CA ASP B 291 -1.79 2.32 -26.53
C ASP B 291 -0.88 3.15 -25.62
N TYR B 292 -1.26 3.21 -24.35
CA TYR B 292 -0.53 3.99 -23.34
C TYR B 292 0.04 3.04 -22.30
N THR B 293 1.29 3.28 -21.92
CA THR B 293 1.98 2.50 -20.90
C THR B 293 2.30 3.39 -19.71
N ALA B 294 1.94 2.93 -18.52
CA ALA B 294 2.17 3.74 -17.31
C ALA B 294 3.68 3.86 -17.05
N PRO B 295 4.14 5.02 -16.58
CA PRO B 295 5.57 5.17 -16.26
C PRO B 295 6.05 4.28 -15.14
N SER B 296 5.14 3.80 -14.28
CA SER B 296 5.55 2.93 -13.18
C SER B 296 5.98 1.55 -13.66
N LEU B 297 5.63 1.18 -14.89
CA LEU B 297 6.00 -0.12 -15.44
C LEU B 297 7.28 -0.06 -16.26
N ILE B 298 7.95 1.08 -16.32
CA ILE B 298 9.18 1.27 -17.08
C ILE B 298 10.34 1.39 -16.11
N THR B 299 11.39 0.61 -16.36
CA THR B 299 12.57 0.60 -15.49
C THR B 299 13.56 1.69 -15.86
N LEU B 300 13.92 1.79 -17.14
CA LEU B 300 14.91 2.77 -17.57
C LEU B 300 14.60 3.19 -19.00
N LEU B 301 15.12 4.38 -19.37
CA LEU B 301 14.95 4.93 -20.70
C LEU B 301 16.32 5.26 -21.27
N PHE B 302 16.56 4.86 -22.52
CA PHE B 302 17.82 5.12 -23.21
C PHE B 302 17.57 6.05 -24.38
N THR B 303 18.07 7.27 -24.28
CA THR B 303 17.91 8.28 -25.32
C THR B 303 19.27 8.88 -25.66
N ASP B 304 19.29 9.71 -26.70
CA ASP B 304 20.52 10.37 -27.10
C ASP B 304 20.98 11.41 -26.10
N LEU B 305 20.10 11.84 -25.19
CA LEU B 305 20.44 12.78 -24.13
C LEU B 305 20.92 12.07 -22.87
N GLY B 306 21.44 10.84 -23.00
CA GLY B 306 21.88 10.07 -21.87
C GLY B 306 20.79 9.19 -21.30
N VAL B 307 21.20 8.31 -20.38
CA VAL B 307 20.26 7.41 -19.73
C VAL B 307 19.37 8.21 -18.79
N LEU B 308 18.06 8.02 -18.91
CA LEU B 308 17.08 8.83 -18.18
C LEU B 308 16.15 7.92 -17.39
N THR B 309 15.89 8.31 -16.15
CA THR B 309 14.89 7.64 -15.34
C THR B 309 13.49 8.09 -15.77
N PRO B 310 12.46 7.27 -15.51
CA PRO B 310 11.10 7.68 -15.88
C PRO B 310 10.66 8.97 -15.22
N SER B 311 11.14 9.26 -14.01
CA SER B 311 10.77 10.50 -13.32
C SER B 311 11.51 11.72 -13.84
N ALA B 312 12.60 11.52 -14.58
CA ALA B 312 13.41 12.62 -15.10
C ALA B 312 13.02 13.02 -16.51
N VAL B 313 12.04 12.36 -17.13
CA VAL B 313 11.65 12.70 -18.49
C VAL B 313 10.94 14.04 -18.54
N SER B 314 10.20 14.40 -17.49
CA SER B 314 9.44 15.65 -17.51
C SER B 314 10.36 16.86 -17.59
N ASP B 315 11.45 16.87 -16.82
CA ASP B 315 12.37 18.00 -16.85
C ASP B 315 13.03 18.14 -18.21
N GLU B 316 13.44 17.02 -18.82
CA GLU B 316 14.04 17.06 -20.15
C GLU B 316 13.04 17.54 -21.19
N LEU B 317 11.78 17.12 -21.08
CA LEU B 317 10.75 17.59 -21.99
C LEU B 317 10.53 19.10 -21.85
N ILE B 318 10.53 19.59 -20.60
CA ILE B 318 10.36 21.01 -20.36
C ILE B 318 11.54 21.79 -20.94
N LYS B 319 12.75 21.30 -20.73
CA LYS B 319 13.93 21.98 -21.26
C LYS B 319 13.95 21.99 -22.78
N LEU B 320 13.55 20.88 -23.40
CA LEU B 320 13.54 20.77 -24.85
C LEU B 320 12.49 21.66 -25.50
N TYR B 321 11.55 22.21 -24.72
CA TYR B 321 10.46 23.04 -25.24
C TYR B 321 9.60 22.26 -26.24
N LEU B 322 9.15 21.09 -25.79
CA LEU B 322 8.34 20.16 -26.58
C LEU B 322 8.74 20.08 -28.05
N PRO C 41 65.86 -1.13 11.75
CA PRO C 41 66.54 -1.58 10.53
C PRO C 41 65.57 -2.08 9.46
N PRO C 42 65.88 -1.80 8.20
CA PRO C 42 65.00 -2.25 7.12
C PRO C 42 64.96 -3.78 7.04
N LEU C 43 63.81 -4.29 6.62
CA LEU C 43 63.63 -5.73 6.49
C LEU C 43 64.33 -6.23 5.23
N GLN C 44 65.07 -7.33 5.37
CA GLN C 44 65.79 -7.93 4.26
C GLN C 44 65.29 -9.36 4.04
N ALA C 45 65.61 -9.89 2.87
CA ALA C 45 65.20 -11.24 2.52
C ALA C 45 66.21 -11.83 1.54
N VAL C 46 66.20 -13.16 1.45
CA VAL C 46 67.06 -13.91 0.54
C VAL C 46 66.20 -14.86 -0.26
N LEU C 47 66.37 -14.87 -1.58
CA LEU C 47 65.58 -15.70 -2.49
C LEU C 47 66.49 -16.68 -3.20
N VAL C 48 66.09 -17.95 -3.24
CA VAL C 48 66.79 -18.98 -3.98
C VAL C 48 65.82 -19.47 -5.05
N ALA C 49 65.90 -18.88 -6.24
CA ALA C 49 64.93 -19.17 -7.31
C ALA C 49 65.41 -20.31 -8.20
N ASP C 50 65.81 -21.41 -7.60
CA ASP C 50 66.10 -22.65 -8.32
C ASP C 50 65.32 -23.84 -7.79
N SER C 51 65.20 -23.95 -6.47
CA SER C 51 64.48 -25.02 -5.77
C SER C 51 65.16 -26.37 -5.96
N PHE C 52 66.20 -26.41 -6.78
CA PHE C 52 67.05 -27.59 -6.98
C PHE C 52 66.25 -28.85 -7.32
N ASP C 53 66.88 -30.01 -7.18
CA ASP C 53 66.27 -31.30 -7.49
C ASP C 53 65.83 -31.38 -8.95
N ARG C 54 65.21 -32.51 -9.33
CA ARG C 54 64.75 -32.73 -10.69
C ARG C 54 63.37 -33.35 -10.69
N ARG C 55 62.47 -32.82 -9.85
CA ARG C 55 61.12 -33.38 -9.76
C ARG C 55 60.36 -33.20 -11.07
N PHE C 56 60.47 -32.02 -11.68
CA PHE C 56 59.75 -31.72 -12.92
C PHE C 56 60.64 -32.03 -14.13
N PHE C 57 61.04 -33.29 -14.27
CA PHE C 57 62.09 -33.63 -15.23
C PHE C 57 61.66 -33.47 -16.70
N PRO C 58 60.37 -33.54 -17.08
CA PRO C 58 60.06 -33.27 -18.50
C PRO C 58 60.23 -31.80 -18.85
N ILE C 59 59.84 -30.89 -17.96
CA ILE C 59 59.76 -29.48 -18.31
C ILE C 59 61.05 -28.73 -17.94
N SER C 60 61.72 -29.15 -16.86
CA SER C 60 62.90 -28.42 -16.39
C SER C 60 64.06 -28.45 -17.39
N LYS C 61 64.01 -29.35 -18.39
CA LYS C 61 65.06 -29.39 -19.38
C LYS C 61 65.08 -28.12 -20.23
N ASP C 62 63.91 -27.59 -20.59
CA ASP C 62 63.82 -26.43 -21.44
C ASP C 62 63.39 -25.16 -20.73
N GLN C 63 62.73 -25.26 -19.57
CA GLN C 63 62.25 -24.10 -18.86
C GLN C 63 62.57 -24.21 -17.38
N PRO C 64 63.02 -23.13 -16.74
CA PRO C 64 63.28 -23.17 -15.30
C PRO C 64 62.01 -23.46 -14.51
N ARG C 65 62.18 -24.14 -13.37
CA ARG C 65 61.05 -24.52 -12.55
C ARG C 65 60.31 -23.30 -12.01
N VAL C 66 61.05 -22.28 -11.57
CA VAL C 66 60.42 -21.08 -11.02
C VAL C 66 59.78 -20.20 -12.09
N LEU C 67 60.05 -20.46 -13.37
CA LEU C 67 59.45 -19.72 -14.46
C LEU C 67 58.20 -20.40 -15.02
N LEU C 68 57.77 -21.49 -14.40
CA LEU C 68 56.60 -22.21 -14.90
C LEU C 68 55.34 -21.42 -14.57
N PRO C 69 54.49 -21.12 -15.57
CA PRO C 69 53.27 -20.36 -15.30
C PRO C 69 52.27 -21.21 -14.54
N LEU C 70 51.85 -20.71 -13.37
CA LEU C 70 50.81 -21.39 -12.61
C LEU C 70 49.43 -21.05 -13.15
N ALA C 71 49.05 -19.77 -13.11
CA ALA C 71 47.83 -19.27 -13.75
C ALA C 71 48.23 -18.05 -14.57
N ASN C 72 48.70 -18.31 -15.80
CA ASN C 72 49.09 -17.28 -16.75
C ASN C 72 50.25 -16.42 -16.26
N VAL C 73 50.82 -16.76 -15.10
CA VAL C 73 51.93 -15.99 -14.53
C VAL C 73 52.84 -16.96 -13.79
N ALA C 74 54.11 -16.58 -13.68
CA ALA C 74 55.13 -17.44 -13.09
C ALA C 74 55.05 -17.42 -11.57
N LEU C 75 55.71 -18.41 -10.96
CA LEU C 75 55.73 -18.52 -9.50
C LEU C 75 56.65 -17.48 -8.88
N ILE C 76 57.71 -17.08 -9.59
CA ILE C 76 58.63 -16.08 -9.06
C ILE C 76 57.93 -14.74 -8.89
N ASP C 77 57.01 -14.41 -9.81
CA ASP C 77 56.21 -13.21 -9.65
C ASP C 77 55.33 -13.29 -8.41
N TYR C 78 54.74 -14.45 -8.15
CA TYR C 78 53.95 -14.63 -6.93
C TYR C 78 54.81 -14.43 -5.69
N THR C 79 56.01 -15.03 -5.67
CA THR C 79 56.88 -14.89 -4.50
C THR C 79 57.31 -13.43 -4.30
N LEU C 80 57.64 -12.74 -5.40
CA LEU C 80 58.04 -11.34 -5.28
C LEU C 80 56.88 -10.47 -4.79
N GLU C 81 55.66 -10.74 -5.28
CA GLU C 81 54.50 -9.99 -4.80
C GLU C 81 54.25 -10.25 -3.32
N PHE C 82 54.40 -11.50 -2.88
CA PHE C 82 54.24 -11.82 -1.46
C PHE C 82 55.29 -11.09 -0.63
N LEU C 83 56.53 -11.07 -1.09
CA LEU C 83 57.59 -10.37 -0.36
C LEU C 83 57.33 -8.88 -0.29
N THR C 84 56.87 -8.29 -1.40
CA THR C 84 56.56 -6.86 -1.40
C THR C 84 55.40 -6.54 -0.47
N ALA C 85 54.36 -7.39 -0.45
CA ALA C 85 53.20 -7.12 0.38
C ALA C 85 53.51 -7.37 1.86
N THR C 86 54.44 -8.26 2.16
CA THR C 86 54.77 -8.56 3.55
C THR C 86 55.68 -7.53 4.20
N GLY C 87 56.27 -6.62 3.41
CA GLY C 87 57.10 -5.56 3.95
C GLY C 87 58.58 -5.66 3.65
N VAL C 88 59.00 -6.58 2.78
CA VAL C 88 60.42 -6.71 2.45
C VAL C 88 60.84 -5.53 1.59
N GLN C 89 61.95 -4.89 1.97
CA GLN C 89 62.45 -3.74 1.25
C GLN C 89 63.64 -4.06 0.34
N GLU C 90 64.30 -5.19 0.55
CA GLU C 90 65.44 -5.58 -0.28
C GLU C 90 65.61 -7.09 -0.22
N THR C 91 65.66 -7.72 -1.38
CA THR C 91 65.82 -9.17 -1.48
C THR C 91 66.89 -9.51 -2.51
N PHE C 92 67.60 -10.61 -2.25
CA PHE C 92 68.64 -11.11 -3.14
C PHE C 92 68.19 -12.45 -3.72
N VAL C 93 68.30 -12.58 -5.03
CA VAL C 93 67.87 -13.79 -5.74
C VAL C 93 69.09 -14.41 -6.42
N PHE C 94 69.28 -15.71 -6.23
CA PHE C 94 70.39 -16.44 -6.81
C PHE C 94 69.90 -17.32 -7.97
N CYS C 95 70.80 -17.52 -8.94
CA CYS C 95 70.50 -18.34 -10.11
C CYS C 95 71.68 -19.26 -10.39
N CYS C 96 71.40 -20.54 -10.56
CA CYS C 96 72.43 -21.52 -10.89
C CYS C 96 72.08 -22.36 -12.12
N TRP C 97 70.81 -22.71 -12.30
CA TRP C 97 70.36 -23.50 -13.43
C TRP C 97 69.66 -22.59 -14.42
N LYS C 98 70.00 -22.74 -15.70
CA LYS C 98 69.48 -21.88 -16.77
C LYS C 98 69.79 -20.41 -16.46
N ALA C 99 71.09 -20.10 -16.44
CA ALA C 99 71.55 -18.80 -15.99
C ALA C 99 71.09 -17.68 -16.92
N ALA C 100 70.75 -16.55 -16.32
CA ALA C 100 70.45 -15.28 -16.97
C ALA C 100 69.09 -15.27 -17.67
N GLN C 101 68.44 -16.43 -17.79
CA GLN C 101 67.09 -16.43 -18.33
C GLN C 101 66.10 -15.88 -17.30
N ILE C 102 66.22 -16.32 -16.04
CA ILE C 102 65.42 -15.76 -14.97
C ILE C 102 65.75 -14.29 -14.77
N LYS C 103 67.01 -13.90 -15.01
CA LYS C 103 67.39 -12.50 -14.90
C LYS C 103 66.74 -11.66 -16.00
N GLU C 104 66.72 -12.18 -17.23
CA GLU C 104 66.05 -11.47 -18.32
C GLU C 104 64.55 -11.35 -18.06
N HIS C 105 63.93 -12.41 -17.55
CA HIS C 105 62.52 -12.33 -17.19
C HIS C 105 62.29 -11.31 -16.07
N LEU C 106 63.18 -11.30 -15.08
CA LEU C 106 63.03 -10.38 -13.95
C LEU C 106 63.31 -8.93 -14.35
N LEU C 107 64.18 -8.72 -15.33
CA LEU C 107 64.50 -7.35 -15.75
C LEU C 107 63.28 -6.64 -16.33
N LYS C 108 62.32 -7.37 -16.89
CA LYS C 108 61.12 -6.77 -17.43
C LYS C 108 59.97 -6.72 -16.43
N SER C 109 60.15 -7.28 -15.24
CA SER C 109 59.10 -7.29 -14.23
C SER C 109 58.97 -5.93 -13.57
N LYS C 110 57.81 -5.71 -12.94
CA LYS C 110 57.55 -4.45 -12.25
C LYS C 110 58.38 -4.29 -10.98
N TRP C 111 58.88 -5.40 -10.41
CA TRP C 111 59.65 -5.31 -9.18
C TRP C 111 61.03 -4.69 -9.40
N CYS C 112 61.50 -4.63 -10.64
CA CYS C 112 62.77 -4.01 -10.96
C CYS C 112 62.62 -2.52 -11.33
N ARG C 113 61.39 -2.01 -11.35
CA ARG C 113 61.18 -0.61 -11.68
C ARG C 113 61.64 0.28 -10.54
N PRO C 114 62.14 1.48 -10.85
CA PRO C 114 62.59 2.40 -9.78
C PRO C 114 61.45 2.86 -8.88
N THR C 115 60.20 2.77 -9.32
CA THR C 115 59.07 3.26 -8.54
C THR C 115 58.64 2.30 -7.44
N SER C 116 59.22 1.10 -7.37
CA SER C 116 58.88 0.11 -6.37
C SER C 116 59.99 0.03 -5.32
N LEU C 117 59.60 0.08 -4.05
CA LEU C 117 60.58 0.00 -2.96
C LEU C 117 60.84 -1.44 -2.56
N ASN C 118 61.16 -2.27 -3.55
CA ASN C 118 61.51 -3.68 -3.35
C ASN C 118 62.72 -4.02 -4.21
N VAL C 119 63.76 -3.19 -4.13
CA VAL C 119 64.95 -3.32 -4.95
C VAL C 119 65.49 -4.74 -4.89
N VAL C 120 65.64 -5.38 -6.05
CA VAL C 120 66.07 -6.76 -6.16
C VAL C 120 67.42 -6.80 -6.85
N ARG C 121 68.39 -7.46 -6.23
CA ARG C 121 69.73 -7.61 -6.78
C ARG C 121 69.96 -9.06 -7.15
N ILE C 122 70.42 -9.30 -8.37
CA ILE C 122 70.59 -10.65 -8.91
C ILE C 122 72.07 -10.99 -8.87
N ILE C 123 72.41 -12.05 -8.14
CA ILE C 123 73.76 -12.59 -8.08
C ILE C 123 73.71 -14.01 -8.64
N THR C 124 74.46 -14.24 -9.71
CA THR C 124 74.42 -15.53 -10.40
C THR C 124 75.84 -16.06 -10.60
N SER C 125 76.00 -17.37 -10.42
CA SER C 125 77.26 -18.04 -10.67
C SER C 125 76.97 -19.51 -10.95
N GLU C 126 78.03 -20.28 -11.17
CA GLU C 126 77.92 -21.69 -11.53
C GLU C 126 78.65 -22.58 -10.52
N LEU C 127 78.60 -22.21 -9.24
CA LEU C 127 79.24 -23.00 -8.19
C LEU C 127 78.28 -23.54 -7.14
N TYR C 128 77.07 -23.00 -7.04
CA TYR C 128 76.12 -23.49 -6.04
C TYR C 128 75.62 -24.87 -6.41
N ARG C 129 75.49 -25.74 -5.40
CA ARG C 129 74.97 -27.09 -5.60
C ARG C 129 73.92 -27.49 -4.59
N SER C 130 73.76 -26.75 -3.49
CA SER C 130 72.78 -27.09 -2.47
C SER C 130 72.39 -25.80 -1.73
N LEU C 131 71.26 -25.87 -1.03
CA LEU C 131 70.80 -24.72 -0.26
C LEU C 131 71.79 -24.33 0.81
N GLY C 132 72.46 -25.31 1.43
CA GLY C 132 73.50 -25.00 2.39
C GLY C 132 74.62 -24.18 1.80
N ASP C 133 75.08 -24.55 0.60
CA ASP C 133 76.11 -23.77 -0.07
C ASP C 133 75.61 -22.39 -0.43
N VAL C 134 74.34 -22.28 -0.86
CA VAL C 134 73.78 -20.98 -1.22
C VAL C 134 73.78 -20.06 0.00
N LEU C 135 73.36 -20.57 1.17
CA LEU C 135 73.34 -19.74 2.36
C LEU C 135 74.74 -19.48 2.90
N ARG C 136 75.68 -20.41 2.68
CA ARG C 136 77.06 -20.20 3.10
C ARG C 136 77.74 -19.13 2.25
N ASP C 137 77.32 -18.99 0.99
CA ASP C 137 77.85 -17.93 0.14
C ASP C 137 77.35 -16.55 0.55
N VAL C 138 76.36 -16.48 1.44
CA VAL C 138 75.80 -15.19 1.83
C VAL C 138 76.68 -14.50 2.87
N ASP C 139 77.10 -15.24 3.91
CA ASP C 139 77.89 -14.63 4.97
C ASP C 139 79.29 -14.24 4.49
N ALA C 140 79.81 -14.93 3.48
CA ALA C 140 81.09 -14.54 2.91
C ALA C 140 81.01 -13.16 2.27
N LYS C 141 79.90 -12.87 1.59
CA LYS C 141 79.69 -11.56 0.99
C LYS C 141 79.22 -10.51 1.99
N ALA C 142 78.80 -10.93 3.19
CA ALA C 142 78.32 -10.04 4.24
C ALA C 142 77.14 -9.19 3.75
N LEU C 143 76.06 -9.88 3.42
CA LEU C 143 74.85 -9.24 2.91
C LEU C 143 73.81 -8.99 3.98
N VAL C 144 73.49 -10.00 4.77
CA VAL C 144 72.47 -9.90 5.81
C VAL C 144 73.09 -9.39 7.10
N ARG C 145 72.31 -8.61 7.85
CA ARG C 145 72.78 -8.08 9.12
C ARG C 145 71.76 -8.17 10.25
N SER C 146 70.51 -8.51 9.97
CA SER C 146 69.47 -8.59 11.00
C SER C 146 68.60 -9.80 10.71
N ASP C 147 67.46 -9.87 11.39
CA ASP C 147 66.52 -10.97 11.21
C ASP C 147 65.85 -10.86 9.85
N PHE C 148 66.32 -11.65 8.89
CA PHE C 148 65.81 -11.62 7.53
C PHE C 148 64.86 -12.79 7.30
N LEU C 149 64.33 -12.87 6.08
CA LEU C 149 63.38 -13.91 5.68
C LEU C 149 63.99 -14.75 4.58
N LEU C 150 63.94 -16.07 4.74
CA LEU C 150 64.43 -17.01 3.74
C LEU C 150 63.26 -17.77 3.15
N VAL C 151 63.09 -17.70 1.83
CA VAL C 151 62.01 -18.37 1.12
C VAL C 151 62.55 -18.92 -0.20
N TYR C 152 61.77 -19.79 -0.82
CA TYR C 152 62.13 -20.37 -2.10
C TYR C 152 61.50 -19.57 -3.24
N GLY C 153 61.90 -19.90 -4.46
CA GLY C 153 61.43 -19.20 -5.64
C GLY C 153 60.09 -19.62 -6.18
N ASP C 154 59.43 -20.58 -5.54
CA ASP C 154 58.13 -21.08 -5.98
C ASP C 154 57.18 -21.20 -4.80
N VAL C 155 57.12 -20.13 -4.00
CA VAL C 155 56.24 -20.08 -2.82
C VAL C 155 55.18 -19.02 -3.07
N ILE C 156 53.92 -19.42 -2.95
CA ILE C 156 52.78 -18.53 -3.13
C ILE C 156 52.13 -18.31 -1.76
N SER C 157 52.05 -17.06 -1.34
CA SER C 157 51.52 -16.75 -0.01
C SER C 157 51.00 -15.33 0.00
N ASN C 158 50.18 -15.04 1.01
CA ASN C 158 49.71 -13.69 1.26
C ASN C 158 49.77 -13.34 2.74
N ILE C 159 50.60 -14.04 3.52
CA ILE C 159 50.67 -13.86 4.95
C ILE C 159 51.56 -12.66 5.27
N ASN C 160 51.14 -11.86 6.25
CA ASN C 160 51.95 -10.75 6.75
C ASN C 160 52.73 -11.24 7.96
N ILE C 161 54.05 -11.13 7.91
CA ILE C 161 54.92 -11.66 8.94
C ILE C 161 55.25 -10.61 9.99
N THR C 162 54.53 -9.48 10.01
CA THR C 162 54.81 -8.44 10.99
C THR C 162 54.61 -8.94 12.42
N ARG C 163 53.52 -9.67 12.65
CA ARG C 163 53.27 -10.23 13.98
C ARG C 163 54.33 -11.27 14.35
N ALA C 164 54.65 -12.16 13.40
CA ALA C 164 55.68 -13.16 13.65
C ALA C 164 57.04 -12.51 13.86
N LEU C 165 57.36 -11.49 13.06
CA LEU C 165 58.63 -10.78 13.24
C LEU C 165 58.70 -10.10 14.59
N GLU C 166 57.60 -9.48 15.03
CA GLU C 166 57.59 -8.83 16.34
C GLU C 166 57.74 -9.86 17.47
N GLU C 167 57.11 -11.03 17.31
CA GLU C 167 57.26 -12.08 18.32
C GLU C 167 58.71 -12.58 18.36
N HIS C 168 59.33 -12.74 17.19
CA HIS C 168 60.72 -13.17 17.13
C HIS C 168 61.63 -12.14 17.81
N ARG C 169 61.41 -10.86 17.51
CA ARG C 169 62.23 -9.81 18.13
C ARG C 169 62.04 -9.78 19.64
N LEU C 170 60.79 -9.94 20.11
CA LEU C 170 60.55 -9.97 21.54
C LEU C 170 61.28 -11.14 22.20
N ARG C 171 61.07 -12.36 21.67
CA ARG C 171 61.69 -13.53 22.27
C ARG C 171 63.20 -13.54 22.16
N ARG C 172 63.76 -12.82 21.19
CA ARG C 172 65.20 -12.61 21.13
C ARG C 172 65.66 -11.45 22.01
N LYS C 173 64.72 -10.64 22.50
CA LYS C 173 65.05 -9.55 23.40
C LYS C 173 65.05 -9.98 24.86
N LEU C 174 64.07 -10.77 25.30
CA LEU C 174 64.11 -11.26 26.68
C LEU C 174 65.32 -12.17 26.91
N GLU C 175 65.59 -13.07 25.97
CA GLU C 175 66.71 -14.01 26.09
C GLU C 175 67.70 -13.75 24.96
N LYS C 176 68.98 -13.81 25.31
CA LYS C 176 70.05 -13.37 24.41
C LYS C 176 70.35 -14.43 23.38
N ASN C 177 69.89 -14.20 22.14
CA ASN C 177 70.32 -14.93 20.95
C ASN C 177 70.02 -16.43 21.00
N VAL C 178 69.24 -16.89 21.99
CA VAL C 178 68.93 -18.31 22.07
C VAL C 178 68.08 -18.76 20.88
N SER C 179 67.19 -17.91 20.40
CA SER C 179 66.34 -18.22 19.24
C SER C 179 67.01 -17.72 17.98
N VAL C 180 67.15 -18.61 16.99
CA VAL C 180 67.87 -18.28 15.77
C VAL C 180 66.95 -18.45 14.56
N MET C 181 65.93 -19.31 14.70
CA MET C 181 65.03 -19.61 13.59
C MET C 181 63.60 -19.68 14.09
N THR C 182 62.68 -19.12 13.30
CA THR C 182 61.25 -19.21 13.55
C THR C 182 60.57 -19.73 12.29
N MET C 183 59.83 -20.83 12.42
CA MET C 183 59.19 -21.47 11.30
C MET C 183 57.70 -21.15 11.27
N ILE C 184 57.17 -20.92 10.07
CA ILE C 184 55.76 -20.59 9.89
C ILE C 184 55.06 -21.83 9.34
N PHE C 185 54.04 -22.30 10.06
CA PHE C 185 53.27 -23.46 9.68
C PHE C 185 51.79 -23.10 9.62
N LYS C 186 51.12 -23.51 8.55
CA LYS C 186 49.70 -23.23 8.37
C LYS C 186 48.89 -24.44 8.82
N GLU C 187 48.01 -24.23 9.79
CA GLU C 187 47.16 -25.32 10.26
C GLU C 187 46.13 -25.69 9.20
N SER C 188 45.85 -26.98 9.10
CA SER C 188 44.92 -27.50 8.11
C SER C 188 44.44 -28.88 8.58
N SER C 189 43.80 -29.61 7.67
CA SER C 189 43.37 -30.96 8.01
C SER C 189 44.31 -31.99 7.39
N PRO C 190 44.56 -33.11 8.08
CA PRO C 190 45.46 -34.13 7.52
C PRO C 190 44.96 -34.73 6.21
N SER C 191 43.66 -34.68 5.95
CA SER C 191 43.09 -35.25 4.73
C SER C 191 42.97 -34.23 3.61
N HIS C 192 43.47 -33.01 3.80
CA HIS C 192 43.36 -32.00 2.76
C HIS C 192 44.18 -32.41 1.55
N PRO C 193 43.71 -32.12 0.33
CA PRO C 193 44.49 -32.49 -0.86
C PRO C 193 45.86 -31.86 -0.92
N THR C 194 46.03 -30.66 -0.37
CA THR C 194 47.32 -29.97 -0.43
C THR C 194 48.40 -30.65 0.40
N ARG C 195 48.04 -31.60 1.26
CA ARG C 195 49.01 -32.32 2.09
C ARG C 195 49.29 -33.67 1.45
N CYS C 196 50.47 -33.79 0.85
CA CYS C 196 50.93 -35.03 0.25
C CYS C 196 51.88 -35.77 1.19
N HIS C 197 52.19 -37.01 0.81
CA HIS C 197 53.08 -37.83 1.63
C HIS C 197 54.55 -37.47 1.47
N GLU C 198 54.90 -36.66 0.48
CA GLU C 198 56.27 -36.22 0.28
C GLU C 198 56.62 -34.97 1.08
N ASP C 199 55.64 -34.35 1.73
CA ASP C 199 55.90 -33.15 2.52
C ASP C 199 55.20 -33.19 3.88
N ASN C 200 54.54 -34.28 4.25
CA ASN C 200 53.88 -34.35 5.54
C ASN C 200 54.92 -34.44 6.66
N VAL C 201 54.73 -33.64 7.71
CA VAL C 201 55.65 -33.58 8.83
C VAL C 201 54.86 -33.63 10.13
N VAL C 202 55.38 -34.36 11.10
CA VAL C 202 54.80 -34.46 12.44
C VAL C 202 55.81 -33.92 13.44
N VAL C 203 55.38 -33.00 14.29
CA VAL C 203 56.26 -32.32 15.23
C VAL C 203 55.68 -32.43 16.63
N ALA C 204 56.55 -32.63 17.62
CA ALA C 204 56.18 -32.62 19.03
C ALA C 204 56.75 -31.35 19.64
N VAL C 205 55.87 -30.44 20.06
CA VAL C 205 56.26 -29.11 20.49
C VAL C 205 55.65 -28.83 21.86
N ASP C 206 56.09 -27.72 22.45
CA ASP C 206 55.64 -27.30 23.77
C ASP C 206 54.47 -26.32 23.65
N SER C 207 53.48 -26.49 24.53
CA SER C 207 52.29 -25.65 24.49
C SER C 207 52.54 -24.25 25.06
N THR C 208 53.40 -24.14 26.07
CA THR C 208 53.60 -22.86 26.74
C THR C 208 54.15 -21.81 25.79
N THR C 209 55.15 -22.18 24.98
CA THR C 209 55.71 -21.28 23.99
C THR C 209 55.89 -22.03 22.68
N ASN C 210 55.76 -21.31 21.58
CA ASN C 210 55.87 -21.90 20.25
C ASN C 210 57.35 -22.21 19.98
N ARG C 211 57.76 -23.44 20.31
CA ARG C 211 59.14 -23.87 20.12
C ARG C 211 59.14 -25.27 19.53
N VAL C 212 60.02 -25.51 18.56
CA VAL C 212 60.11 -26.80 17.89
C VAL C 212 61.06 -27.69 18.68
N LEU C 213 60.57 -28.82 19.15
CA LEU C 213 61.37 -29.78 19.89
C LEU C 213 61.61 -31.08 19.13
N HIS C 214 60.95 -31.27 17.99
CA HIS C 214 61.15 -32.46 17.16
C HIS C 214 60.71 -32.13 15.74
N PHE C 215 61.30 -32.84 14.78
CA PHE C 215 60.96 -32.64 13.37
C PHE C 215 61.39 -33.87 12.60
N GLN C 216 60.44 -34.53 11.92
CA GLN C 216 60.73 -35.69 11.10
C GLN C 216 59.72 -35.77 9.98
N LYS C 217 60.10 -36.48 8.91
CA LYS C 217 59.25 -36.67 7.75
C LYS C 217 58.53 -38.01 7.82
N THR C 218 57.39 -38.08 7.12
CA THR C 218 56.56 -39.28 7.10
C THR C 218 56.49 -39.88 5.70
N GLN C 219 57.52 -39.66 4.89
CA GLN C 219 57.56 -40.21 3.54
C GLN C 219 57.77 -41.71 3.61
N GLY C 220 56.69 -42.47 3.39
CA GLY C 220 56.77 -43.91 3.49
C GLY C 220 56.99 -44.42 4.90
N LEU C 221 56.56 -43.66 5.91
CA LEU C 221 56.76 -44.01 7.31
C LEU C 221 55.40 -44.29 7.93
N ARG C 222 55.29 -45.44 8.60
CA ARG C 222 54.04 -45.85 9.26
C ARG C 222 54.15 -45.90 10.77
N ARG C 223 55.22 -46.48 11.31
CA ARG C 223 55.39 -46.62 12.75
C ARG C 223 56.12 -45.40 13.29
N PHE C 224 55.36 -44.42 13.76
CA PHE C 224 55.96 -43.21 14.33
C PHE C 224 56.67 -43.54 15.64
N ALA C 225 57.86 -42.97 15.80
CA ALA C 225 58.66 -43.15 17.01
C ALA C 225 59.11 -41.79 17.51
N PHE C 226 58.91 -41.55 18.81
CA PHE C 226 59.27 -40.28 19.43
C PHE C 226 60.36 -40.51 20.47
N PRO C 227 61.40 -39.68 20.51
CA PRO C 227 62.45 -39.86 21.51
C PRO C 227 61.96 -39.54 22.91
N LEU C 228 62.63 -40.13 23.89
CA LEU C 228 62.28 -39.93 25.29
C LEU C 228 62.89 -38.67 25.89
N SER C 229 63.67 -37.92 25.11
CA SER C 229 64.21 -36.65 25.61
C SER C 229 63.11 -35.65 25.92
N LEU C 230 61.94 -35.79 25.29
CA LEU C 230 60.81 -34.92 25.63
C LEU C 230 60.42 -35.10 27.09
N PHE C 231 60.37 -36.35 27.57
CA PHE C 231 60.12 -36.59 28.97
C PHE C 231 61.32 -36.18 29.84
N GLN C 232 62.53 -36.32 29.30
CA GLN C 232 63.71 -35.86 30.01
C GLN C 232 63.69 -34.35 30.24
N GLY C 233 62.97 -33.61 29.41
CA GLY C 233 62.70 -32.20 29.63
C GLY C 233 61.54 -31.93 30.55
N SER C 234 61.09 -32.95 31.28
CA SER C 234 59.99 -32.91 32.25
C SER C 234 58.64 -32.81 31.57
N SER C 235 58.63 -32.49 30.28
CA SER C 235 57.43 -32.49 29.43
C SER C 235 56.20 -31.93 30.12
N ASP C 236 56.33 -30.77 30.77
CA ASP C 236 55.19 -30.20 31.49
C ASP C 236 54.09 -29.77 30.53
N GLY C 237 54.45 -29.14 29.42
CA GLY C 237 53.47 -28.67 28.46
C GLY C 237 53.71 -29.16 27.05
N VAL C 238 54.19 -30.39 26.91
CA VAL C 238 54.49 -30.94 25.59
C VAL C 238 53.21 -31.45 24.95
N GLU C 239 53.19 -31.47 23.62
CA GLU C 239 52.05 -31.97 22.87
C GLU C 239 52.52 -32.39 21.49
N VAL C 240 51.69 -33.21 20.83
CA VAL C 240 51.98 -33.72 19.50
C VAL C 240 51.05 -33.02 18.51
N ARG C 241 51.64 -32.40 17.49
CA ARG C 241 50.89 -31.67 16.49
C ARG C 241 51.04 -32.36 15.13
N TYR C 242 49.91 -32.67 14.51
CA TYR C 242 49.91 -33.27 13.17
C TYR C 242 49.13 -32.45 12.15
N ASP C 243 48.38 -31.45 12.58
CA ASP C 243 47.61 -30.61 11.66
C ASP C 243 48.38 -29.35 11.30
N LEU C 244 49.50 -29.56 10.61
CA LEU C 244 50.35 -28.46 10.19
C LEU C 244 50.80 -28.67 8.75
N LEU C 245 50.85 -27.59 7.99
CA LEU C 245 51.29 -27.61 6.60
C LEU C 245 52.57 -26.80 6.47
N ASP C 246 53.57 -27.38 5.81
CA ASP C 246 54.87 -26.73 5.66
C ASP C 246 54.78 -25.70 4.55
N CYS C 247 54.82 -24.41 4.92
CA CYS C 247 54.79 -23.33 3.96
C CYS C 247 56.17 -22.96 3.43
N HIS C 248 57.23 -23.58 3.96
CA HIS C 248 58.61 -23.31 3.55
C HIS C 248 58.97 -21.84 3.71
N ILE C 249 58.44 -21.22 4.76
CA ILE C 249 58.74 -19.84 5.11
C ILE C 249 59.30 -19.81 6.52
N SER C 250 60.49 -19.24 6.67
CA SER C 250 61.16 -19.18 7.96
C SER C 250 61.82 -17.82 8.13
N ILE C 251 61.97 -17.42 9.40
CA ILE C 251 62.65 -16.18 9.76
C ILE C 251 64.04 -16.56 10.28
N CYS C 252 65.08 -16.14 9.57
CA CYS C 252 66.44 -16.52 9.88
C CYS C 252 67.21 -15.31 10.43
N SER C 253 68.45 -15.57 10.80
CA SER C 253 69.34 -14.59 11.41
C SER C 253 70.75 -14.82 10.87
N PRO C 254 71.63 -13.82 10.96
CA PRO C 254 73.03 -14.07 10.58
C PRO C 254 73.68 -15.20 11.35
N GLN C 255 73.21 -15.49 12.56
CA GLN C 255 73.69 -16.65 13.29
C GLN C 255 73.38 -17.94 12.54
N VAL C 256 72.28 -17.98 11.80
CA VAL C 256 71.97 -19.16 11.00
C VAL C 256 73.04 -19.35 9.92
N ALA C 257 73.46 -18.26 9.28
CA ALA C 257 74.52 -18.35 8.27
C ALA C 257 75.85 -18.75 8.91
N GLN C 258 76.15 -18.22 10.09
CA GLN C 258 77.37 -18.60 10.80
C GLN C 258 77.37 -20.09 11.14
N LEU C 259 76.23 -20.61 11.61
CA LEU C 259 76.16 -22.03 11.93
C LEU C 259 76.23 -22.89 10.68
N PHE C 260 75.64 -22.40 9.57
CA PHE C 260 75.70 -23.14 8.31
C PHE C 260 77.13 -23.22 7.80
N THR C 261 77.89 -22.14 7.90
CA THR C 261 79.28 -22.16 7.46
C THR C 261 80.21 -22.81 8.48
N ASP C 262 79.76 -22.99 9.72
CA ASP C 262 80.58 -23.68 10.71
C ASP C 262 80.66 -25.17 10.44
N ASN C 263 79.53 -25.79 10.11
CA ASN C 263 79.45 -27.22 9.84
C ASN C 263 79.16 -27.44 8.36
N PHE C 264 80.04 -28.19 7.69
CA PHE C 264 79.88 -28.49 6.28
C PHE C 264 78.98 -29.69 6.02
N ASP C 265 78.62 -30.44 7.05
CA ASP C 265 77.77 -31.61 6.85
C ASP C 265 76.35 -31.19 6.45
N TYR C 266 75.85 -30.09 7.00
CA TYR C 266 74.51 -29.63 6.70
C TYR C 266 74.45 -29.11 5.26
N GLN C 267 73.42 -29.53 4.53
CA GLN C 267 73.30 -29.15 3.12
C GLN C 267 71.94 -28.56 2.80
N THR C 268 70.92 -28.94 3.56
CA THR C 268 69.56 -28.48 3.33
C THR C 268 68.93 -28.04 4.65
N ARG C 269 67.72 -27.49 4.55
CA ARG C 269 67.00 -27.02 5.73
C ARG C 269 66.64 -28.18 6.65
N ASP C 270 66.30 -29.33 6.08
CA ASP C 270 65.98 -30.50 6.89
C ASP C 270 67.17 -30.92 7.74
N ASP C 271 68.37 -30.92 7.16
CA ASP C 271 69.57 -31.24 7.91
C ASP C 271 69.80 -30.22 9.03
N PHE C 272 69.56 -28.94 8.75
CA PHE C 272 69.70 -27.91 9.77
C PHE C 272 68.76 -28.18 10.94
N VAL C 273 67.48 -28.45 10.64
CA VAL C 273 66.48 -28.59 11.69
C VAL C 273 66.67 -29.91 12.44
N ARG C 274 67.27 -30.91 11.80
CA ARG C 274 67.53 -32.17 12.49
C ARG C 274 68.88 -32.19 13.21
N GLY C 275 69.78 -31.26 12.89
CA GLY C 275 71.04 -31.16 13.59
C GLY C 275 71.01 -30.21 14.75
N LEU C 276 70.12 -29.21 14.70
CA LEU C 276 69.99 -28.30 15.83
C LEU C 276 69.30 -28.94 17.02
N LEU C 277 68.58 -30.04 16.81
CA LEU C 277 67.82 -30.69 17.88
C LEU C 277 68.49 -31.96 18.40
N VAL C 278 69.71 -32.26 17.97
CA VAL C 278 70.40 -33.47 18.40
C VAL C 278 71.66 -33.10 19.18
N ASN C 279 72.23 -31.93 18.89
CA ASN C 279 73.45 -31.49 19.54
C ASN C 279 73.21 -31.13 21.01
N ASN C 285 70.87 -23.08 21.24
CA ASN C 285 70.05 -22.66 20.12
C ASN C 285 68.72 -23.40 20.10
N GLN C 286 67.65 -22.68 19.78
CA GLN C 286 66.31 -23.24 19.75
C GLN C 286 65.61 -22.86 18.46
N ILE C 287 64.64 -23.68 18.06
CA ILE C 287 63.83 -23.45 16.88
C ILE C 287 62.40 -23.19 17.33
N HIS C 288 61.83 -22.09 16.87
CA HIS C 288 60.50 -21.66 17.28
C HIS C 288 59.52 -21.74 16.12
N MET C 289 58.24 -21.62 16.44
CA MET C 289 57.16 -21.76 15.48
C MET C 289 56.31 -20.50 15.44
N HIS C 290 55.42 -20.46 14.44
CA HIS C 290 54.39 -19.42 14.34
C HIS C 290 53.27 -19.97 13.49
N VAL C 291 52.11 -20.19 14.10
CA VAL C 291 50.97 -20.80 13.42
C VAL C 291 50.07 -19.70 12.87
N THR C 292 49.48 -19.97 11.71
CA THR C 292 48.53 -19.08 11.07
C THR C 292 47.25 -19.85 10.78
N ALA C 293 46.12 -19.16 10.87
CA ALA C 293 44.81 -19.79 10.70
C ALA C 293 43.97 -19.15 9.62
N LYS C 294 44.01 -17.83 9.48
CA LYS C 294 43.17 -17.12 8.52
C LYS C 294 43.92 -16.72 7.25
N GLU C 295 45.14 -17.22 7.05
CA GLU C 295 45.93 -16.90 5.88
C GLU C 295 46.42 -18.17 5.21
N TYR C 296 46.60 -18.09 3.89
CA TYR C 296 46.97 -19.24 3.08
C TYR C 296 48.45 -19.20 2.74
N GLY C 297 49.08 -20.38 2.69
CA GLY C 297 50.47 -20.48 2.30
C GLY C 297 50.89 -21.90 1.97
N ALA C 298 51.55 -22.07 0.82
CA ALA C 298 52.00 -23.39 0.39
C ALA C 298 53.10 -23.21 -0.64
N ARG C 299 53.88 -24.28 -0.83
CA ARG C 299 54.95 -24.32 -1.80
C ARG C 299 54.77 -25.52 -2.73
N VAL C 300 54.90 -25.29 -4.03
CA VAL C 300 54.73 -26.36 -5.01
C VAL C 300 55.97 -27.24 -5.00
N SER C 301 55.77 -28.54 -4.91
CA SER C 301 56.87 -29.50 -4.90
C SER C 301 56.74 -30.56 -5.99
N ASN C 302 55.52 -31.02 -6.27
CA ASN C 302 55.28 -32.02 -7.30
C ASN C 302 54.14 -31.54 -8.21
N LEU C 303 53.85 -32.33 -9.23
CA LEU C 303 52.79 -31.97 -10.17
C LEU C 303 51.42 -31.91 -9.47
N HIS C 304 51.18 -32.86 -8.56
CA HIS C 304 49.93 -32.83 -7.80
C HIS C 304 49.84 -31.58 -6.93
N MET C 305 50.96 -31.20 -6.29
CA MET C 305 50.99 -29.97 -5.52
C MET C 305 50.76 -28.76 -6.40
N TYR C 306 51.34 -28.75 -7.61
CA TYR C 306 51.11 -27.66 -8.54
C TYR C 306 49.65 -27.55 -8.92
N SER C 307 49.00 -28.68 -9.20
CA SER C 307 47.58 -28.67 -9.55
C SER C 307 46.73 -28.17 -8.39
N ALA C 308 47.03 -28.63 -7.16
CA ALA C 308 46.28 -28.19 -6.00
C ALA C 308 46.44 -26.69 -5.76
N VAL C 309 47.67 -26.19 -5.90
CA VAL C 309 47.91 -24.76 -5.70
C VAL C 309 47.20 -23.94 -6.77
N CYS C 310 47.22 -24.41 -8.02
CA CYS C 310 46.52 -23.70 -9.08
C CYS C 310 45.01 -23.68 -8.83
N ALA C 311 44.46 -24.81 -8.38
CA ALA C 311 43.03 -24.86 -8.07
C ALA C 311 42.68 -23.92 -6.93
N ASP C 312 43.53 -23.86 -5.91
CA ASP C 312 43.29 -22.94 -4.80
C ASP C 312 43.36 -21.49 -5.26
N VAL C 313 44.32 -21.17 -6.12
CA VAL C 313 44.47 -19.80 -6.61
C VAL C 313 43.25 -19.40 -7.44
N ILE C 314 42.80 -20.30 -8.31
CA ILE C 314 41.64 -19.99 -9.16
C ILE C 314 40.40 -19.76 -8.31
N ARG C 315 40.25 -20.52 -7.22
CA ARG C 315 39.08 -20.43 -6.36
C ARG C 315 39.17 -19.30 -5.34
N ARG C 316 40.06 -18.32 -5.57
CA ARG C 316 40.18 -17.13 -4.73
C ARG C 316 40.52 -17.48 -3.28
N TRP C 317 41.36 -18.48 -3.07
CA TRP C 317 41.84 -18.83 -1.75
C TRP C 317 43.11 -18.08 -1.38
N VAL C 318 43.66 -17.27 -2.29
CA VAL C 318 44.90 -16.55 -2.06
C VAL C 318 44.59 -15.06 -2.21
N TYR C 319 43.38 -14.68 -1.81
CA TYR C 319 42.97 -13.28 -1.90
C TYR C 319 43.93 -12.41 -1.08
N PRO C 320 44.30 -11.23 -1.57
CA PRO C 320 43.85 -10.57 -2.82
C PRO C 320 44.65 -10.96 -4.05
N LEU C 321 45.57 -11.92 -3.96
CA LEU C 321 46.35 -12.34 -5.12
C LEU C 321 45.46 -13.23 -5.99
N THR C 322 44.74 -12.59 -6.91
CA THR C 322 43.80 -13.26 -7.79
C THR C 322 44.08 -12.89 -9.23
N PRO C 323 43.70 -13.74 -10.19
CA PRO C 323 43.95 -13.42 -11.60
C PRO C 323 43.30 -12.12 -12.05
N GLU C 324 42.12 -11.79 -11.52
CA GLU C 324 41.45 -10.56 -11.90
C GLU C 324 42.10 -9.33 -11.28
N ALA C 325 42.88 -9.51 -10.20
CA ALA C 325 43.53 -8.37 -9.56
C ALA C 325 44.64 -7.80 -10.43
N ASN C 326 45.34 -8.64 -11.19
CA ASN C 326 46.44 -8.22 -12.06
C ASN C 326 47.52 -7.50 -11.26
N PHE C 327 48.10 -8.23 -10.30
CA PHE C 327 49.16 -7.66 -9.46
C PHE C 327 50.43 -7.42 -10.25
N THR C 328 50.67 -8.21 -11.30
CA THR C 328 51.90 -8.08 -12.08
C THR C 328 51.94 -6.80 -12.91
N ASP C 329 50.82 -6.11 -13.05
CA ASP C 329 50.73 -4.85 -13.80
C ASP C 329 51.19 -5.05 -15.25
N SER C 330 50.45 -5.91 -15.96
CA SER C 330 50.72 -6.20 -17.36
C SER C 330 49.45 -6.01 -18.17
N THR C 331 49.63 -5.53 -19.41
CA THR C 331 48.50 -5.27 -20.29
C THR C 331 47.95 -6.52 -20.97
N THR C 332 48.69 -7.62 -20.93
CA THR C 332 48.26 -8.88 -21.54
C THR C 332 47.68 -9.87 -20.54
N GLN C 333 47.50 -9.45 -19.28
CA GLN C 333 46.98 -10.32 -18.24
C GLN C 333 45.68 -9.78 -17.63
N SER C 334 44.97 -8.93 -18.36
CA SER C 334 43.71 -8.39 -17.86
C SER C 334 42.60 -9.43 -17.98
N CYS C 335 41.80 -9.54 -16.92
CA CYS C 335 40.70 -10.49 -16.88
C CYS C 335 39.52 -9.86 -16.16
N THR C 336 38.33 -10.36 -16.47
CA THR C 336 37.09 -9.89 -15.86
C THR C 336 36.46 -11.03 -15.08
N HIS C 337 36.11 -10.77 -13.82
CA HIS C 337 35.52 -11.79 -12.97
C HIS C 337 34.03 -11.90 -13.23
N SER C 338 33.54 -13.14 -13.34
CA SER C 338 32.13 -13.39 -13.59
C SER C 338 31.57 -14.38 -12.59
N ARG C 339 30.34 -14.85 -12.81
CA ARG C 339 29.72 -15.81 -11.92
C ARG C 339 30.45 -17.15 -11.97
N HIS C 340 30.43 -17.87 -10.85
CA HIS C 340 31.10 -19.17 -10.71
C HIS C 340 32.60 -19.04 -10.94
N ASN C 341 33.17 -17.88 -10.62
CA ASN C 341 34.60 -17.62 -10.77
C ASN C 341 35.07 -17.88 -12.20
N ILE C 342 34.50 -17.13 -13.13
CA ILE C 342 34.82 -17.23 -14.55
C ILE C 342 35.61 -15.99 -14.94
N TYR C 343 36.82 -16.19 -15.44
CA TYR C 343 37.70 -15.13 -15.89
C TYR C 343 37.88 -15.22 -17.39
N ARG C 344 37.60 -14.13 -18.11
CA ARG C 344 37.70 -14.08 -19.56
C ARG C 344 38.63 -12.93 -19.94
N GLY C 345 39.59 -13.23 -20.82
CA GLY C 345 40.52 -12.22 -21.28
C GLY C 345 39.95 -11.41 -22.43
N PRO C 346 40.76 -10.48 -22.93
CA PRO C 346 40.32 -9.66 -24.06
C PRO C 346 40.12 -10.50 -25.32
N GLU C 347 39.14 -10.07 -26.12
CA GLU C 347 38.77 -10.69 -27.40
C GLU C 347 38.87 -12.22 -27.35
N VAL C 348 38.13 -12.80 -26.40
CA VAL C 348 38.08 -14.26 -26.30
C VAL C 348 37.30 -14.84 -27.47
N SER C 349 36.15 -14.25 -27.80
CA SER C 349 35.30 -14.70 -28.90
C SER C 349 34.88 -16.16 -28.70
N LEU C 350 34.16 -16.40 -27.61
CA LEU C 350 33.67 -17.73 -27.30
C LEU C 350 32.63 -18.18 -28.32
N GLY C 351 32.70 -19.44 -28.72
CA GLY C 351 31.83 -19.97 -29.75
C GLY C 351 30.44 -20.32 -29.22
N HIS C 352 29.58 -20.74 -30.15
CA HIS C 352 28.21 -21.10 -29.82
C HIS C 352 28.15 -22.52 -29.30
N GLY C 353 27.42 -22.73 -28.21
CA GLY C 353 27.21 -24.03 -27.64
C GLY C 353 28.16 -24.40 -26.52
N SER C 354 29.27 -23.69 -26.38
CA SER C 354 30.22 -23.99 -25.32
C SER C 354 29.62 -23.63 -23.96
N ILE C 355 29.81 -24.53 -22.99
CA ILE C 355 29.28 -24.36 -21.64
C ILE C 355 30.46 -24.37 -20.66
N LEU C 356 30.53 -23.35 -19.82
CA LEU C 356 31.53 -23.25 -18.76
C LEU C 356 30.85 -23.59 -17.44
N GLU C 357 30.95 -24.86 -17.04
CA GLU C 357 30.21 -25.33 -15.87
C GLU C 357 30.75 -24.76 -14.57
N GLU C 358 32.05 -24.55 -14.47
CA GLU C 358 32.67 -24.14 -13.22
C GLU C 358 33.86 -23.24 -13.53
N ASN C 359 34.75 -23.08 -12.55
CA ASN C 359 35.87 -22.14 -12.64
C ASN C 359 36.75 -22.42 -13.85
N VAL C 360 36.76 -21.49 -14.81
CA VAL C 360 37.55 -21.63 -16.02
C VAL C 360 38.30 -20.33 -16.25
N LEU C 361 39.61 -20.43 -16.51
CA LEU C 361 40.45 -19.28 -16.80
C LEU C 361 40.84 -19.31 -18.27
N LEU C 362 40.56 -18.22 -18.98
CA LEU C 362 40.85 -18.11 -20.41
C LEU C 362 41.83 -16.96 -20.64
N GLY C 363 42.86 -17.22 -21.44
CA GLY C 363 43.84 -16.20 -21.77
C GLY C 363 43.38 -15.28 -22.87
N SER C 364 44.28 -14.37 -23.24
CA SER C 364 44.00 -13.40 -24.29
C SER C 364 44.32 -14.00 -25.66
N GLY C 365 43.37 -13.91 -26.58
CA GLY C 365 43.54 -14.47 -27.91
C GLY C 365 43.13 -15.91 -28.06
N THR C 366 42.71 -16.57 -26.98
CA THR C 366 42.28 -17.96 -27.07
C THR C 366 40.99 -18.08 -27.86
N VAL C 367 40.95 -19.02 -28.80
CA VAL C 367 39.80 -19.24 -29.67
C VAL C 367 39.16 -20.57 -29.28
N ILE C 368 37.86 -20.54 -29.02
CA ILE C 368 37.10 -21.71 -28.62
C ILE C 368 36.12 -22.07 -29.74
N GLY C 369 35.99 -23.36 -30.01
CA GLY C 369 35.11 -23.82 -31.06
C GLY C 369 33.65 -23.83 -30.67
N SER C 370 32.92 -24.87 -31.09
CA SER C 370 31.48 -24.97 -30.84
C SER C 370 31.17 -26.25 -30.09
N ASN C 371 30.13 -26.18 -29.27
CA ASN C 371 29.67 -27.33 -28.47
C ASN C 371 30.79 -27.90 -27.59
N CYS C 372 31.57 -27.01 -27.01
CA CYS C 372 32.67 -27.40 -26.13
C CYS C 372 32.16 -27.56 -24.70
N PHE C 373 33.02 -28.13 -23.84
CA PHE C 373 32.70 -28.32 -22.44
C PHE C 373 33.99 -28.18 -21.64
N ILE C 374 34.17 -27.02 -21.02
CA ILE C 374 35.37 -26.71 -20.24
C ILE C 374 34.95 -26.43 -18.81
N THR C 375 35.57 -27.13 -17.86
CA THR C 375 35.27 -26.94 -16.45
C THR C 375 36.50 -27.29 -15.62
N ASN C 376 36.75 -26.50 -14.58
CA ASN C 376 37.89 -26.70 -13.68
C ASN C 376 39.20 -26.75 -14.46
N SER C 377 39.31 -25.93 -15.49
CA SER C 377 40.45 -25.93 -16.39
C SER C 377 41.00 -24.52 -16.56
N VAL C 378 42.28 -24.45 -16.89
CA VAL C 378 42.98 -23.19 -17.14
C VAL C 378 43.51 -23.22 -18.56
N ILE C 379 43.19 -22.20 -19.35
CA ILE C 379 43.61 -22.10 -20.74
C ILE C 379 44.50 -20.89 -20.89
N GLY C 380 45.67 -21.08 -21.49
CA GLY C 380 46.61 -20.01 -21.70
C GLY C 380 46.24 -19.13 -22.87
N PRO C 381 46.98 -18.03 -23.01
CA PRO C 381 46.71 -17.12 -24.13
C PRO C 381 47.15 -17.72 -25.47
N GLY C 382 46.44 -17.32 -26.52
CA GLY C 382 46.78 -17.74 -27.87
C GLY C 382 46.43 -19.16 -28.23
N CYS C 383 45.61 -19.84 -27.42
CA CYS C 383 45.24 -21.21 -27.72
C CYS C 383 44.20 -21.26 -28.82
N HIS C 384 44.06 -22.45 -29.42
CA HIS C 384 43.08 -22.70 -30.47
C HIS C 384 42.41 -24.03 -30.19
N ILE C 385 41.13 -24.00 -29.83
CA ILE C 385 40.36 -25.19 -29.48
C ILE C 385 39.32 -25.43 -30.55
N GLY C 386 39.17 -26.70 -30.94
CA GLY C 386 38.21 -27.08 -31.96
C GLY C 386 36.82 -27.26 -31.39
N ASP C 387 36.00 -28.00 -32.12
CA ASP C 387 34.61 -28.24 -31.74
C ASP C 387 34.47 -29.58 -31.05
N ASN C 388 33.47 -29.67 -30.17
CA ASN C 388 33.17 -30.89 -29.42
C ASN C 388 34.38 -31.36 -28.61
N VAL C 389 35.10 -30.41 -28.03
CA VAL C 389 36.27 -30.71 -27.20
C VAL C 389 35.88 -30.59 -25.74
N VAL C 390 36.13 -31.65 -24.98
CA VAL C 390 35.80 -31.70 -23.56
C VAL C 390 37.08 -31.59 -22.76
N LEU C 391 37.18 -30.55 -21.94
CA LEU C 391 38.34 -30.31 -21.09
C LEU C 391 37.89 -30.30 -19.64
N ASP C 392 38.47 -31.19 -18.83
CA ASP C 392 38.11 -31.31 -17.43
C ASP C 392 39.37 -31.48 -16.60
N GLN C 393 39.59 -30.56 -15.66
CA GLN C 393 40.71 -30.62 -14.72
C GLN C 393 42.07 -30.65 -15.45
N THR C 394 42.13 -30.01 -16.61
CA THR C 394 43.35 -29.98 -17.42
C THR C 394 43.87 -28.55 -17.51
N TYR C 395 45.20 -28.43 -17.58
CA TYR C 395 45.87 -27.15 -17.67
C TYR C 395 46.53 -27.02 -19.04
N LEU C 396 46.23 -25.93 -19.74
CA LEU C 396 46.75 -25.67 -21.07
C LEU C 396 47.58 -24.39 -21.04
N TRP C 397 48.80 -24.47 -21.57
CA TRP C 397 49.68 -23.31 -21.62
C TRP C 397 49.51 -22.60 -22.95
N GLN C 398 50.34 -21.60 -23.21
CA GLN C 398 50.19 -20.80 -24.42
C GLN C 398 50.59 -21.60 -25.66
N GLY C 399 49.92 -21.31 -26.77
CA GLY C 399 50.24 -21.93 -28.04
C GLY C 399 49.66 -23.31 -28.25
N VAL C 400 48.83 -23.80 -27.34
CA VAL C 400 48.27 -25.14 -27.47
C VAL C 400 47.15 -25.12 -28.50
N ARG C 401 47.24 -26.03 -29.47
CA ARG C 401 46.21 -26.19 -30.49
C ARG C 401 45.57 -27.56 -30.32
N VAL C 402 44.24 -27.57 -30.19
CA VAL C 402 43.48 -28.80 -29.98
C VAL C 402 42.50 -28.97 -31.14
N ALA C 403 42.52 -30.14 -31.75
CA ALA C 403 41.62 -30.42 -32.86
C ALA C 403 40.24 -30.84 -32.37
N ALA C 404 39.30 -30.94 -33.29
CA ALA C 404 37.93 -31.29 -32.95
C ALA C 404 37.84 -32.75 -32.51
N GLY C 405 36.95 -33.01 -31.55
CA GLY C 405 36.71 -34.35 -31.06
C GLY C 405 37.68 -34.85 -30.01
N ALA C 406 38.68 -34.04 -29.64
CA ALA C 406 39.63 -34.48 -28.62
C ALA C 406 39.01 -34.42 -27.24
N GLN C 407 39.39 -35.37 -26.39
CA GLN C 407 38.91 -35.45 -25.01
C GLN C 407 40.12 -35.47 -24.09
N ILE C 408 40.29 -34.40 -23.32
CA ILE C 408 41.42 -34.25 -22.40
C ILE C 408 40.86 -34.17 -20.98
N HIS C 409 41.30 -35.08 -20.12
CA HIS C 409 40.87 -35.12 -18.73
C HIS C 409 42.08 -35.25 -17.83
N GLN C 410 42.29 -34.25 -16.96
CA GLN C 410 43.36 -34.26 -15.97
C GLN C 410 44.73 -34.50 -16.62
N SER C 411 45.06 -33.62 -17.57
CA SER C 411 46.33 -33.71 -18.27
C SER C 411 46.94 -32.31 -18.37
N LEU C 412 48.26 -32.28 -18.50
CA LEU C 412 49.02 -31.03 -18.58
C LEU C 412 49.67 -30.93 -19.96
N LEU C 413 49.46 -29.80 -20.62
CA LEU C 413 50.04 -29.54 -21.94
C LEU C 413 50.90 -28.29 -21.87
N CYS C 414 52.14 -28.40 -22.36
CA CYS C 414 53.08 -27.30 -22.32
C CYS C 414 52.92 -26.43 -23.58
N ASP C 415 53.87 -25.52 -23.79
CA ASP C 415 53.77 -24.56 -24.89
C ASP C 415 53.82 -25.26 -26.24
N ASN C 416 53.00 -24.76 -27.17
CA ASN C 416 52.98 -25.25 -28.56
C ASN C 416 52.72 -26.75 -28.63
N ALA C 417 51.81 -27.22 -27.78
CA ALA C 417 51.41 -28.63 -27.78
C ALA C 417 50.21 -28.80 -28.70
N GLU C 418 50.37 -29.58 -29.76
CA GLU C 418 49.34 -29.78 -30.76
C GLU C 418 48.77 -31.19 -30.63
N VAL C 419 47.45 -31.29 -30.60
CA VAL C 419 46.73 -32.56 -30.52
C VAL C 419 45.89 -32.71 -31.77
N LYS C 420 46.05 -33.86 -32.44
CA LYS C 420 45.33 -34.11 -33.69
C LYS C 420 43.89 -34.53 -33.38
N GLU C 421 43.15 -34.91 -34.42
CA GLU C 421 41.75 -35.26 -34.25
C GLU C 421 41.58 -36.61 -33.55
N ARG C 422 40.43 -36.77 -32.91
CA ARG C 422 40.03 -37.98 -32.19
C ARG C 422 41.20 -38.58 -31.38
N VAL C 423 41.70 -37.78 -30.46
CA VAL C 423 42.74 -38.20 -29.51
C VAL C 423 42.19 -38.04 -28.11
N THR C 424 42.28 -39.10 -27.31
CA THR C 424 41.80 -39.09 -25.93
C THR C 424 42.98 -39.30 -25.00
N LEU C 425 43.08 -38.45 -23.98
CA LEU C 425 44.17 -38.51 -23.02
C LEU C 425 43.64 -38.91 -21.65
N LYS C 426 44.22 -39.97 -21.08
CA LYS C 426 43.84 -40.42 -19.75
C LYS C 426 44.41 -39.46 -18.70
N PRO C 427 43.84 -39.45 -17.50
CA PRO C 427 44.38 -38.58 -16.44
C PRO C 427 45.84 -38.87 -16.14
N ARG C 428 46.48 -37.88 -15.51
CA ARG C 428 47.91 -37.94 -15.17
C ARG C 428 48.77 -38.11 -16.40
N SER C 429 48.44 -37.38 -17.46
CA SER C 429 49.20 -37.39 -18.71
C SER C 429 49.93 -36.06 -18.84
N VAL C 430 51.22 -36.12 -19.17
CA VAL C 430 52.07 -34.94 -19.28
C VAL C 430 52.60 -34.86 -20.71
N LEU C 431 52.47 -33.68 -21.32
CA LEU C 431 53.00 -33.42 -22.65
C LEU C 431 53.88 -32.18 -22.57
N THR C 432 55.14 -32.34 -22.99
CA THR C 432 56.09 -31.24 -22.92
C THR C 432 55.91 -30.31 -24.12
N SER C 433 56.74 -29.26 -24.18
CA SER C 433 56.63 -28.28 -25.25
C SER C 433 56.93 -28.91 -26.61
N GLN C 434 56.14 -28.49 -27.61
CA GLN C 434 56.32 -28.90 -29.00
C GLN C 434 56.24 -30.42 -29.16
N VAL C 435 55.05 -30.95 -28.88
CA VAL C 435 54.76 -32.36 -29.06
C VAL C 435 53.53 -32.49 -29.94
N VAL C 436 53.47 -33.58 -30.71
CA VAL C 436 52.36 -33.87 -31.59
C VAL C 436 51.93 -35.31 -31.37
N VAL C 437 50.63 -35.52 -31.14
CA VAL C 437 50.06 -36.85 -30.96
C VAL C 437 49.17 -37.15 -32.16
N GLY C 438 49.43 -38.28 -32.81
CA GLY C 438 48.72 -38.65 -34.00
C GLY C 438 47.29 -39.06 -33.73
N PRO C 439 46.47 -39.06 -34.79
CA PRO C 439 45.06 -39.44 -34.62
C PRO C 439 44.91 -40.92 -34.31
N ASN C 440 43.77 -41.24 -33.69
CA ASN C 440 43.41 -42.62 -33.32
C ASN C 440 44.47 -43.26 -32.43
N ILE C 441 45.01 -42.47 -31.50
CA ILE C 441 45.99 -42.95 -30.53
C ILE C 441 45.46 -42.64 -29.14
N THR C 442 45.44 -43.65 -28.28
CA THR C 442 44.96 -43.52 -26.90
C THR C 442 46.14 -43.63 -25.95
N LEU C 443 46.31 -42.61 -25.11
CA LEU C 443 47.41 -42.58 -24.16
C LEU C 443 46.92 -43.03 -22.79
N PRO C 444 47.47 -44.10 -22.22
CA PRO C 444 47.01 -44.56 -20.90
C PRO C 444 47.44 -43.63 -19.77
N GLU C 445 47.10 -43.99 -18.54
CA GLU C 445 47.48 -43.19 -17.39
C GLU C 445 48.98 -43.18 -17.20
N GLY C 446 49.52 -42.03 -16.82
CA GLY C 446 50.94 -41.89 -16.59
C GLY C 446 51.79 -41.79 -17.84
N SER C 447 51.18 -41.62 -19.00
CA SER C 447 51.92 -41.53 -20.25
C SER C 447 52.50 -40.13 -20.41
N VAL C 448 53.82 -40.04 -20.54
CA VAL C 448 54.53 -38.79 -20.74
C VAL C 448 55.25 -38.87 -22.07
N ILE C 449 54.95 -37.93 -22.98
CA ILE C 449 55.56 -37.89 -24.30
C ILE C 449 56.36 -36.60 -24.41
N SER C 450 57.62 -36.72 -24.78
CA SER C 450 58.51 -35.57 -24.86
C SER C 450 59.37 -35.67 -26.11
N LEU C 451 59.85 -34.52 -26.57
CA LEU C 451 60.77 -34.49 -27.70
C LEU C 451 62.09 -35.17 -27.35
N HIS C 452 62.57 -34.96 -26.13
CA HIS C 452 63.81 -35.61 -25.71
C HIS C 452 63.62 -37.12 -25.66
N PRO C 453 64.63 -37.88 -26.08
CA PRO C 453 64.48 -39.35 -26.09
C PRO C 453 64.34 -39.94 -24.69
N PRO C 454 65.28 -39.71 -23.77
CA PRO C 454 65.42 -40.61 -22.62
C PRO C 454 64.71 -40.19 -21.34
N ASP C 455 63.93 -39.10 -21.33
CA ASP C 455 63.33 -38.64 -20.08
C ASP C 455 62.34 -39.65 -19.51
N ALA C 456 61.23 -39.88 -20.21
CA ALA C 456 60.25 -40.86 -19.76
C ALA C 456 59.84 -41.78 -20.91
N GLU C 457 59.82 -41.25 -22.13
CA GLU C 457 59.39 -41.98 -23.30
C GLU C 457 59.84 -41.20 -24.54
N GLU C 458 59.41 -41.66 -25.71
CA GLU C 458 59.78 -41.04 -26.98
C GLU C 458 58.52 -40.65 -27.76
N ASP C 459 58.59 -39.53 -28.46
CA ASP C 459 57.48 -39.06 -29.27
C ASP C 459 57.14 -40.06 -30.38
N GLY D 25 57.32 15.27 -11.00
CA GLY D 25 58.23 15.21 -9.87
C GLY D 25 58.36 13.81 -9.29
N SER D 26 59.54 13.52 -8.73
CA SER D 26 59.76 12.21 -8.12
C SER D 26 58.85 11.99 -6.92
N GLU D 27 58.68 13.03 -6.08
CA GLU D 27 57.80 12.90 -4.93
C GLU D 27 56.36 12.65 -5.35
N LEU D 28 55.90 13.35 -6.39
CA LEU D 28 54.55 13.14 -6.90
C LEU D 28 54.37 11.71 -7.38
N SER D 29 55.33 11.20 -8.15
CA SER D 29 55.23 9.84 -8.68
C SER D 29 55.24 8.81 -7.56
N GLU D 30 56.12 8.99 -6.56
CA GLU D 30 56.20 8.02 -5.48
C GLU D 30 54.94 8.07 -4.62
N ARG D 31 54.38 9.26 -4.38
CA ARG D 31 53.13 9.34 -3.62
C ARG D 31 51.98 8.69 -4.38
N ILE D 32 51.90 8.92 -5.70
CA ILE D 32 50.84 8.30 -6.49
C ILE D 32 50.98 6.78 -6.48
N GLU D 33 52.20 6.28 -6.63
CA GLU D 33 52.42 4.84 -6.63
C GLU D 33 52.07 4.23 -5.27
N SER D 34 52.47 4.90 -4.18
CA SER D 34 52.15 4.40 -2.85
C SER D 34 50.64 4.37 -2.62
N PHE D 35 49.94 5.43 -3.03
CA PHE D 35 48.49 5.45 -2.86
C PHE D 35 47.82 4.35 -3.68
N VAL D 36 48.27 4.16 -4.93
CA VAL D 36 47.68 3.11 -5.76
C VAL D 36 47.93 1.73 -5.15
N GLU D 37 49.16 1.48 -4.68
CA GLU D 37 49.46 0.18 -4.09
C GLU D 37 48.65 -0.07 -2.82
N THR D 38 48.55 0.95 -1.95
CA THR D 38 47.82 0.74 -0.71
C THR D 38 46.31 0.64 -0.95
N LEU D 39 45.81 1.23 -2.04
CA LEU D 39 44.40 1.07 -2.37
C LEU D 39 44.12 -0.31 -2.98
N LYS D 40 45.04 -0.80 -3.81
CA LYS D 40 44.82 -2.08 -4.48
C LYS D 40 45.04 -3.26 -3.54
N ARG D 41 46.02 -3.17 -2.65
CA ARG D 41 46.38 -4.32 -1.81
C ARG D 41 45.32 -4.59 -0.75
N GLY D 42 45.10 -3.62 0.14
CA GLY D 42 44.16 -3.83 1.24
C GLY D 42 43.35 -2.61 1.60
N GLY D 43 43.39 -1.58 0.77
CA GLY D 43 42.65 -0.37 1.02
C GLY D 43 43.42 0.62 1.89
N GLY D 44 42.95 1.86 1.88
CA GLY D 44 43.58 2.91 2.65
C GLY D 44 42.90 3.12 4.00
N PRO D 45 42.52 4.36 4.29
CA PRO D 45 41.82 4.63 5.55
C PRO D 45 40.46 3.95 5.59
N ARG D 46 40.05 3.58 6.80
CA ARG D 46 38.79 2.86 6.97
C ARG D 46 37.59 3.74 6.65
N SER D 47 37.56 4.95 7.20
CA SER D 47 36.43 5.85 6.99
C SER D 47 36.46 6.44 5.59
N SER D 48 35.27 6.64 5.03
CA SER D 48 35.16 7.21 3.69
C SER D 48 35.59 8.67 3.66
N GLU D 49 35.33 9.41 4.74
CA GLU D 49 35.71 10.82 4.80
C GLU D 49 37.21 10.99 4.70
N GLU D 50 37.96 10.15 5.41
CA GLU D 50 39.42 10.22 5.36
C GLU D 50 39.92 9.88 3.96
N MET D 51 39.31 8.90 3.30
CA MET D 51 39.69 8.56 1.93
C MET D 51 39.43 9.72 0.99
N ALA D 52 38.27 10.38 1.14
CA ALA D 52 37.96 11.54 0.32
C ALA D 52 38.96 12.67 0.55
N ARG D 53 39.30 12.93 1.81
CA ARG D 53 40.27 13.98 2.12
C ARG D 53 41.64 13.66 1.53
N GLU D 54 42.07 12.39 1.64
CA GLU D 54 43.36 12.00 1.08
C GLU D 54 43.36 12.14 -0.44
N THR D 55 42.27 11.74 -1.09
CA THR D 55 42.19 11.88 -2.54
C THR D 55 42.21 13.35 -2.96
N LEU D 56 41.50 14.21 -2.23
CA LEU D 56 41.51 15.63 -2.55
C LEU D 56 42.90 16.23 -2.36
N GLY D 57 43.59 15.83 -1.29
CA GLY D 57 44.95 16.29 -1.08
C GLY D 57 45.90 15.83 -2.17
N LEU D 58 45.75 14.57 -2.60
CA LEU D 58 46.59 14.06 -3.69
C LEU D 58 46.32 14.81 -4.98
N LEU D 59 45.06 15.09 -5.28
CA LEU D 59 44.72 15.83 -6.49
C LEU D 59 45.26 17.26 -6.44
N ARG D 60 45.16 17.89 -5.27
CA ARG D 60 45.71 19.24 -5.11
C ARG D 60 47.22 19.24 -5.28
N GLN D 61 47.90 18.23 -4.74
CA GLN D 61 49.34 18.11 -4.92
C GLN D 61 49.69 17.91 -6.39
N ILE D 62 48.91 17.08 -7.10
CA ILE D 62 49.15 16.87 -8.51
C ILE D 62 48.99 18.18 -9.29
N ILE D 63 47.95 18.95 -8.96
CA ILE D 63 47.71 20.21 -9.67
C ILE D 63 48.81 21.22 -9.37
N THR D 64 49.28 21.27 -8.13
CA THR D 64 50.22 22.33 -7.73
C THR D 64 51.59 22.11 -8.36
N ASP D 65 52.26 21.01 -8.01
CA ASP D 65 53.63 20.77 -8.45
C ASP D 65 53.65 19.95 -9.73
N HIS D 66 53.21 20.60 -10.81
CA HIS D 66 53.25 20.00 -12.14
C HIS D 66 53.42 21.11 -13.16
N ARG D 67 53.91 20.73 -14.34
CA ARG D 67 54.18 21.69 -15.41
C ARG D 67 53.07 21.59 -16.45
N TRP D 68 52.33 22.68 -16.63
CA TRP D 68 51.28 22.75 -17.63
C TRP D 68 50.96 24.21 -17.91
N SER D 69 50.44 24.46 -19.11
CA SER D 69 50.08 25.81 -19.53
C SER D 69 48.63 25.92 -19.98
N ASN D 70 48.10 24.88 -20.62
CA ASN D 70 46.71 24.86 -21.05
C ASN D 70 45.89 23.99 -20.11
N ALA D 71 44.60 24.35 -19.98
CA ALA D 71 43.71 23.59 -19.10
C ALA D 71 43.50 22.17 -19.60
N GLY D 72 43.60 21.96 -20.91
CA GLY D 72 43.38 20.62 -21.45
C GLY D 72 44.40 19.61 -20.97
N GLU D 73 45.66 20.03 -20.86
CA GLU D 73 46.70 19.12 -20.37
C GLU D 73 46.42 18.70 -18.93
N LEU D 74 46.05 19.65 -18.08
CA LEU D 74 45.69 19.32 -16.71
C LEU D 74 44.48 18.40 -16.66
N MET D 75 43.48 18.67 -17.50
CA MET D 75 42.29 17.83 -17.52
C MET D 75 42.62 16.40 -17.92
N GLU D 76 43.44 16.22 -18.95
CA GLU D 76 43.76 14.86 -19.38
C GLU D 76 44.66 14.15 -18.37
N LEU D 77 45.58 14.87 -17.73
CA LEU D 77 46.39 14.27 -16.67
C LEU D 77 45.52 13.81 -15.50
N ILE D 78 44.58 14.65 -15.09
CA ILE D 78 43.67 14.29 -14.00
C ILE D 78 42.81 13.10 -14.40
N ARG D 79 42.34 13.08 -15.65
CA ARG D 79 41.54 11.95 -16.12
C ARG D 79 42.34 10.66 -16.11
N ARG D 80 43.60 10.71 -16.56
CA ARG D 80 44.43 9.51 -16.55
C ARG D 80 44.69 9.02 -15.13
N GLU D 81 44.99 9.95 -14.21
CA GLU D 81 45.23 9.56 -12.82
C GLU D 81 43.98 8.95 -12.20
N GLY D 82 42.82 9.55 -12.46
CA GLY D 82 41.58 9.01 -11.94
C GLY D 82 41.24 7.65 -12.52
N ARG D 83 41.52 7.45 -13.81
CA ARG D 83 41.32 6.16 -14.42
C ARG D 83 42.21 5.10 -13.78
N ARG D 84 43.48 5.44 -13.54
CA ARG D 84 44.38 4.50 -12.88
C ARG D 84 43.89 4.15 -11.49
N MET D 85 43.48 5.17 -10.71
CA MET D 85 43.02 4.92 -9.35
C MET D 85 41.74 4.09 -9.33
N THR D 86 40.83 4.35 -10.27
CA THR D 86 39.61 3.56 -10.36
C THR D 86 39.91 2.12 -10.74
N ALA D 87 40.83 1.92 -11.69
CA ALA D 87 41.21 0.57 -12.09
C ALA D 87 41.97 -0.16 -10.98
N ALA D 88 42.56 0.57 -10.04
CA ALA D 88 43.23 -0.07 -8.91
C ALA D 88 42.23 -0.89 -8.09
N GLN D 89 41.04 -0.35 -7.84
CA GLN D 89 40.00 -1.06 -7.11
C GLN D 89 38.63 -0.53 -7.51
N PRO D 90 37.80 -1.34 -8.17
CA PRO D 90 36.50 -0.83 -8.64
C PRO D 90 35.43 -0.78 -7.55
N SER D 91 35.60 -1.48 -6.43
CA SER D 91 34.56 -1.50 -5.40
C SER D 91 34.36 -0.11 -4.80
N GLU D 92 35.44 0.60 -4.52
CA GLU D 92 35.33 1.95 -3.99
C GLU D 92 34.96 2.93 -5.10
N THR D 93 34.23 3.99 -4.72
CA THR D 93 33.81 5.02 -5.65
C THR D 93 34.20 6.42 -5.22
N THR D 94 34.79 6.60 -4.04
CA THR D 94 35.10 7.94 -3.55
C THR D 94 36.16 8.61 -4.41
N VAL D 95 37.19 7.87 -4.83
CA VAL D 95 38.24 8.44 -5.66
C VAL D 95 37.69 8.92 -6.99
N GLY D 96 36.83 8.11 -7.63
CA GLY D 96 36.23 8.53 -8.88
C GLY D 96 35.38 9.77 -8.73
N ASN D 97 34.60 9.84 -7.64
CA ASN D 97 33.80 11.03 -7.39
C ASN D 97 34.66 12.26 -7.19
N MET D 98 35.77 12.12 -6.45
CA MET D 98 36.68 13.25 -6.26
C MET D 98 37.28 13.71 -7.59
N VAL D 99 37.69 12.76 -8.42
CA VAL D 99 38.26 13.12 -9.72
C VAL D 99 37.23 13.83 -10.58
N ARG D 100 35.99 13.32 -10.60
CA ARG D 100 34.94 13.95 -11.38
C ARG D 100 34.65 15.36 -10.88
N ARG D 101 34.59 15.54 -9.55
CA ARG D 101 34.34 16.86 -8.99
C ARG D 101 35.48 17.84 -9.33
N VAL D 102 36.72 17.36 -9.27
CA VAL D 102 37.86 18.21 -9.62
C VAL D 102 37.80 18.61 -11.08
N LEU D 103 37.46 17.65 -11.96
CA LEU D 103 37.33 17.96 -13.38
C LEU D 103 36.22 18.98 -13.63
N LYS D 104 35.09 18.82 -12.94
CA LYS D 104 33.99 19.77 -13.07
C LYS D 104 34.40 21.16 -12.60
N ILE D 105 35.15 21.23 -11.49
CA ILE D 105 35.64 22.50 -10.98
C ILE D 105 36.57 23.16 -11.98
N ILE D 106 37.49 22.37 -12.57
CA ILE D 106 38.42 22.92 -13.55
C ILE D 106 37.66 23.44 -14.76
N ARG D 107 36.67 22.70 -15.23
CA ARG D 107 35.88 23.13 -16.38
C ARG D 107 35.13 24.42 -16.06
N GLU D 108 34.53 24.51 -14.88
CA GLU D 108 33.78 25.72 -14.52
C GLU D 108 34.71 26.92 -14.36
N GLU D 109 35.91 26.70 -13.81
CA GLU D 109 36.87 27.80 -13.70
C GLU D 109 37.33 28.27 -15.06
N TYR D 110 37.60 27.34 -15.98
CA TYR D 110 37.99 27.72 -17.33
C TYR D 110 36.87 28.48 -18.04
N GLY D 111 35.62 28.03 -17.86
CA GLY D 111 34.51 28.73 -18.46
C GLY D 111 34.32 30.13 -17.90
N ARG D 112 34.48 30.28 -16.58
CA ARG D 112 34.36 31.60 -15.96
C ARG D 112 35.48 32.53 -16.43
N LEU D 113 36.71 32.02 -16.53
CA LEU D 113 37.83 32.85 -16.93
C LEU D 113 37.90 33.10 -18.42
N HIS D 114 37.18 32.32 -19.22
CA HIS D 114 37.16 32.49 -20.67
C HIS D 114 35.86 33.05 -21.21
N GLY D 115 34.73 32.75 -20.57
CA GLY D 115 33.45 33.24 -21.03
C GLY D 115 33.08 34.59 -20.44
N HIS D 142 44.49 33.95 -18.86
CA HIS D 142 43.75 33.00 -18.03
C HIS D 142 44.46 31.66 -17.96
N TYR D 143 45.65 31.60 -18.55
CA TYR D 143 46.45 30.38 -18.57
C TYR D 143 47.59 30.40 -17.56
N ALA D 144 47.64 31.40 -16.67
CA ALA D 144 48.69 31.51 -15.68
C ALA D 144 48.21 31.76 -14.26
N GLN D 145 47.00 32.30 -14.08
CA GLN D 145 46.46 32.57 -12.75
C GLN D 145 45.30 31.66 -12.38
N LEU D 146 44.85 30.81 -13.31
CA LEU D 146 43.72 29.92 -13.05
C LEU D 146 44.05 28.89 -11.96
N GLN D 147 45.32 28.56 -11.79
CA GLN D 147 45.72 27.58 -10.78
C GLN D 147 45.31 28.04 -9.38
N SER D 148 45.44 29.34 -9.11
CA SER D 148 45.02 29.86 -7.81
C SER D 148 43.53 29.63 -7.58
N ASN D 149 42.72 29.79 -8.63
CA ASN D 149 41.30 29.47 -8.52
C ASN D 149 41.09 27.99 -8.23
N ILE D 150 41.88 27.11 -8.84
CA ILE D 150 41.75 25.68 -8.52
C ILE D 150 42.08 25.41 -7.06
N ILE D 151 43.15 26.01 -6.54
CA ILE D 151 43.48 25.79 -5.13
C ILE D 151 42.38 26.32 -4.22
N GLU D 152 41.84 27.50 -4.54
CA GLU D 152 40.77 28.06 -3.73
C GLU D 152 39.54 27.17 -3.74
N ALA D 153 39.18 26.65 -4.92
CA ALA D 153 38.00 25.79 -5.01
C ALA D 153 38.23 24.45 -4.31
N ILE D 154 39.45 23.93 -4.37
CA ILE D 154 39.77 22.69 -3.64
C ILE D 154 39.65 22.92 -2.14
N ASN D 155 40.15 24.05 -1.65
CA ASN D 155 40.00 24.37 -0.24
C ASN D 155 38.54 24.51 0.15
N GLU D 156 37.75 25.15 -0.72
CA GLU D 156 36.31 25.29 -0.44
C GLU D 156 35.63 23.93 -0.39
N LEU D 157 35.98 23.03 -1.30
CA LEU D 157 35.43 21.68 -1.27
C LEU D 157 35.83 20.96 0.01
N LEU D 158 37.08 21.12 0.45
CA LEU D 158 37.54 20.47 1.66
C LEU D 158 36.78 20.97 2.89
N VAL D 159 36.58 22.29 2.98
CA VAL D 159 35.91 22.84 4.16
C VAL D 159 34.42 22.56 4.12
N GLU D 160 33.86 22.37 2.92
CA GLU D 160 32.49 21.88 2.83
C GLU D 160 32.40 20.41 3.23
N LEU D 161 33.46 19.63 2.97
CA LEU D 161 33.36 18.19 3.08
C LEU D 161 33.60 17.70 4.51
N GLU D 162 34.66 18.18 5.17
CA GLU D 162 35.06 17.45 6.38
C GLU D 162 34.06 17.61 7.52
N GLY D 163 33.15 18.58 7.42
CA GLY D 163 32.14 18.80 8.45
C GLY D 163 30.76 18.31 8.04
N THR D 164 30.72 17.35 7.12
CA THR D 164 29.44 16.83 6.64
C THR D 164 28.65 16.12 7.73
N MET D 165 29.35 15.45 8.66
CA MET D 165 28.67 14.66 9.68
C MET D 165 27.82 15.53 10.60
N GLU D 166 28.30 16.74 10.93
CA GLU D 166 27.50 17.63 11.77
C GLU D 166 26.20 18.02 11.09
N ASN D 167 26.26 18.37 9.80
CA ASN D 167 25.04 18.71 9.07
C ASN D 167 24.11 17.51 8.97
N ILE D 168 24.67 16.31 8.77
CA ILE D 168 23.82 15.12 8.69
C ILE D 168 23.13 14.86 10.03
N ALA D 169 23.86 14.98 11.13
CA ALA D 169 23.32 14.70 12.44
C ALA D 169 22.44 15.81 13.00
N ALA D 170 22.49 17.00 12.42
CA ALA D 170 21.62 18.08 12.89
C ALA D 170 20.16 17.90 12.51
N GLN D 171 19.74 16.76 11.94
CA GLN D 171 18.36 16.53 11.55
C GLN D 171 17.76 15.30 12.25
N ALA D 172 18.38 14.84 13.33
CA ALA D 172 17.90 13.63 14.00
C ALA D 172 16.62 13.88 14.80
N LEU D 173 16.40 15.11 15.27
CA LEU D 173 15.23 15.39 16.09
C LEU D 173 13.94 15.21 15.31
N GLU D 174 13.92 15.65 14.04
CA GLU D 174 12.70 15.61 13.26
C GLU D 174 12.33 14.19 12.80
N HIS D 175 13.28 13.25 12.86
CA HIS D 175 13.03 11.90 12.37
C HIS D 175 12.97 10.85 13.47
N ILE D 176 13.50 11.14 14.66
CA ILE D 176 13.53 10.19 15.76
C ILE D 176 12.66 10.73 16.89
N HIS D 177 11.74 9.91 17.38
CA HIS D 177 10.84 10.27 18.46
C HIS D 177 11.08 9.38 19.67
N SER D 178 10.42 9.72 20.76
CA SER D 178 10.59 8.97 22.00
C SER D 178 9.90 7.62 21.90
N ASN D 179 10.52 6.60 22.51
CA ASN D 179 9.99 5.23 22.54
C ASN D 179 9.72 4.71 21.13
N GLU D 180 10.64 4.96 20.21
CA GLU D 180 10.53 4.51 18.83
C GLU D 180 11.63 3.50 18.54
N VAL D 181 11.24 2.32 18.06
CA VAL D 181 12.19 1.26 17.77
C VAL D 181 12.91 1.58 16.46
N ILE D 182 14.23 1.49 16.48
CA ILE D 182 15.07 1.77 15.33
C ILE D 182 15.87 0.51 14.98
N MET D 183 15.85 0.12 13.72
CA MET D 183 16.54 -1.07 13.24
C MET D 183 17.68 -0.66 12.32
N THR D 184 18.86 -1.20 12.56
CA THR D 184 20.04 -0.93 11.75
C THR D 184 20.88 -2.18 11.64
N ILE D 185 21.71 -2.23 10.60
CA ILE D 185 22.59 -3.37 10.34
C ILE D 185 23.96 -2.84 9.93
N GLY D 186 25.01 -3.45 10.46
CA GLY D 186 26.36 -3.08 10.12
C GLY D 186 26.88 -1.92 10.95
N PHE D 187 28.09 -1.48 10.59
CA PHE D 187 28.78 -0.40 11.27
C PHE D 187 28.89 0.78 10.31
N SER D 188 28.17 1.86 10.60
CA SER D 188 28.23 3.09 9.82
C SER D 188 28.50 4.24 10.77
N ARG D 189 29.56 5.01 10.50
CA ARG D 189 29.89 6.14 11.34
C ARG D 189 28.82 7.22 11.26
N THR D 190 28.31 7.50 10.05
CA THR D 190 27.26 8.50 9.89
C THR D 190 25.99 8.09 10.63
N VAL D 191 25.60 6.82 10.51
CA VAL D 191 24.40 6.34 11.19
C VAL D 191 24.61 6.36 12.70
N GLU D 192 25.81 6.02 13.16
CA GLU D 192 26.11 6.07 14.59
C GLU D 192 26.01 7.49 15.13
N ALA D 193 26.54 8.46 14.39
CA ALA D 193 26.43 9.85 14.81
C ALA D 193 24.99 10.33 14.79
N PHE D 194 24.22 9.89 13.78
CA PHE D 194 22.81 10.25 13.70
C PHE D 194 22.03 9.71 14.90
N LEU D 195 22.29 8.46 15.29
CA LEU D 195 21.55 7.85 16.38
C LEU D 195 21.99 8.39 17.74
N LYS D 196 23.30 8.60 17.93
CA LYS D 196 23.81 9.02 19.23
C LYS D 196 23.55 10.49 19.53
N GLU D 197 23.23 11.30 18.52
CA GLU D 197 22.98 12.72 18.75
C GLU D 197 21.59 12.95 19.32
N ALA D 198 20.61 12.12 18.98
CA ALA D 198 19.23 12.31 19.44
C ALA D 198 18.93 11.57 20.74
N ALA D 199 19.89 10.82 21.29
CA ALA D 199 19.66 10.09 22.53
C ALA D 199 19.69 11.00 23.75
N ARG D 200 20.30 12.17 23.64
CA ARG D 200 20.37 13.09 24.78
C ARG D 200 19.00 13.63 25.14
N LYS D 201 18.18 13.94 24.14
CA LYS D 201 16.87 14.55 24.39
C LYS D 201 15.76 13.50 24.55
N ARG D 202 15.81 12.42 23.78
CA ARG D 202 14.77 11.40 23.80
C ARG D 202 15.39 10.04 24.06
N LYS D 203 14.57 9.14 24.62
CA LYS D 203 14.96 7.77 24.90
C LYS D 203 14.19 6.84 23.97
N PHE D 204 14.91 5.93 23.31
CA PHE D 204 14.30 5.02 22.36
C PHE D 204 15.03 3.67 22.43
N HIS D 205 14.62 2.75 21.56
CA HIS D 205 15.20 1.41 21.49
C HIS D 205 15.79 1.21 20.11
N VAL D 206 17.00 0.65 20.06
CA VAL D 206 17.73 0.41 18.82
C VAL D 206 18.00 -1.08 18.71
N ILE D 207 17.69 -1.64 17.55
CA ILE D 207 17.96 -3.05 17.24
C ILE D 207 19.06 -3.10 16.19
N VAL D 208 20.14 -3.83 16.50
CA VAL D 208 21.31 -3.91 15.65
C VAL D 208 21.42 -5.32 15.09
N ALA D 209 21.58 -5.43 13.79
CA ALA D 209 21.77 -6.72 13.12
C ALA D 209 23.23 -6.88 12.73
N GLU D 210 23.82 -8.01 13.11
CA GLU D 210 25.22 -8.27 12.83
C GLU D 210 25.40 -8.62 11.35
N CYS D 211 26.64 -8.93 10.97
CA CYS D 211 26.97 -9.37 9.63
C CYS D 211 27.65 -10.73 9.73
N ALA D 212 27.17 -11.69 8.95
CA ALA D 212 27.69 -13.06 9.04
C ALA D 212 29.16 -13.17 8.67
N PRO D 213 29.65 -12.61 7.54
CA PRO D 213 31.08 -12.77 7.22
C PRO D 213 31.99 -12.10 8.25
N PHE D 214 31.78 -10.80 8.48
CA PHE D 214 32.54 -10.06 9.47
C PHE D 214 31.54 -9.40 10.43
N CYS D 215 31.53 -9.85 11.68
CA CYS D 215 30.58 -9.35 12.67
C CYS D 215 31.01 -7.96 13.15
N GLN D 216 30.89 -7.00 12.22
CA GLN D 216 31.20 -5.60 12.53
C GLN D 216 30.06 -4.89 13.23
N GLY D 217 28.87 -5.50 13.28
CA GLY D 217 27.75 -4.88 13.97
C GLY D 217 27.85 -4.94 15.48
N HIS D 218 28.66 -5.86 16.02
CA HIS D 218 28.82 -5.95 17.46
C HIS D 218 29.58 -4.75 18.01
N GLU D 219 30.56 -4.25 17.26
CA GLU D 219 31.27 -3.05 17.69
C GLU D 219 30.32 -1.85 17.74
N MET D 220 29.47 -1.71 16.73
CA MET D 220 28.46 -0.65 16.76
C MET D 220 27.50 -0.84 17.92
N ALA D 221 27.10 -2.08 18.18
CA ALA D 221 26.17 -2.36 19.27
C ALA D 221 26.76 -1.96 20.62
N VAL D 222 28.02 -2.32 20.86
CA VAL D 222 28.64 -1.97 22.14
C VAL D 222 28.90 -0.47 22.22
N ASN D 223 29.27 0.17 21.11
CA ASN D 223 29.46 1.62 21.12
C ASN D 223 28.18 2.34 21.46
N LEU D 224 27.05 1.89 20.90
CA LEU D 224 25.77 2.51 21.22
C LEU D 224 25.32 2.15 22.63
N SER D 225 25.65 0.95 23.11
CA SER D 225 25.30 0.56 24.47
C SER D 225 26.03 1.43 25.49
N LYS D 226 27.29 1.76 25.22
CA LYS D 226 27.99 2.68 26.10
C LYS D 226 27.65 4.12 25.74
N ALA D 227 26.35 4.40 25.60
CA ALA D 227 25.87 5.75 25.36
C ALA D 227 24.53 6.02 26.05
N GLY D 228 24.02 5.09 26.84
CA GLY D 228 22.69 5.23 27.41
C GLY D 228 21.58 5.16 26.38
N ILE D 229 21.65 4.21 25.46
CA ILE D 229 20.67 4.11 24.38
C ILE D 229 19.79 2.86 24.51
N GLU D 230 20.24 1.84 25.25
CA GLU D 230 19.49 0.59 25.45
C GLU D 230 19.23 -0.11 24.11
N THR D 231 20.33 -0.55 23.50
CA THR D 231 20.31 -1.27 22.23
C THR D 231 20.35 -2.77 22.45
N THR D 232 20.12 -3.50 21.37
CA THR D 232 20.18 -4.97 21.38
C THR D 232 20.75 -5.45 20.06
N VAL D 233 21.28 -6.68 20.08
CA VAL D 233 21.89 -7.28 18.89
C VAL D 233 21.35 -8.70 18.73
N MET D 234 21.42 -9.18 17.49
CA MET D 234 20.95 -10.53 17.15
C MET D 234 21.60 -10.94 15.83
N THR D 235 21.38 -12.19 15.45
CA THR D 235 21.95 -12.74 14.23
C THR D 235 21.21 -12.22 13.00
N ASP D 236 21.67 -12.63 11.82
CA ASP D 236 21.07 -12.19 10.57
C ASP D 236 19.81 -12.96 10.21
N ALA D 237 19.56 -14.09 10.85
CA ALA D 237 18.42 -14.92 10.50
C ALA D 237 17.11 -14.44 11.12
N ALA D 238 17.15 -13.46 12.01
CA ALA D 238 15.97 -12.97 12.69
C ALA D 238 15.54 -11.58 12.21
N ILE D 239 15.96 -11.19 11.00
CA ILE D 239 15.58 -9.88 10.48
C ILE D 239 14.08 -9.81 10.23
N PHE D 240 13.53 -10.82 9.55
CA PHE D 240 12.10 -10.83 9.26
C PHE D 240 11.27 -11.23 10.47
N ALA D 241 11.84 -12.01 11.39
CA ALA D 241 11.08 -12.49 12.54
C ALA D 241 10.69 -11.36 13.48
N VAL D 242 11.56 -10.35 13.64
CA VAL D 242 11.32 -9.24 14.54
C VAL D 242 10.87 -7.99 13.79
N MET D 243 10.52 -8.12 12.51
CA MET D 243 10.10 -6.97 11.71
C MET D 243 8.61 -6.69 11.88
N SER D 244 8.18 -6.54 13.13
CA SER D 244 6.79 -6.23 13.45
C SER D 244 6.65 -4.99 14.30
N ARG D 245 7.44 -4.84 15.34
CA ARG D 245 7.38 -3.71 16.25
C ARG D 245 8.36 -2.60 15.88
N VAL D 246 9.10 -2.74 14.78
CA VAL D 246 10.03 -1.72 14.34
C VAL D 246 9.26 -0.64 13.60
N ASN D 247 9.42 0.61 14.04
CA ASN D 247 8.70 1.73 13.45
C ASN D 247 9.53 2.52 12.45
N LYS D 248 10.86 2.43 12.52
CA LYS D 248 11.72 3.17 11.60
C LYS D 248 13.01 2.39 11.42
N VAL D 249 13.55 2.45 10.20
CA VAL D 249 14.79 1.77 9.84
C VAL D 249 15.75 2.79 9.27
N ILE D 250 16.94 2.89 9.87
CA ILE D 250 17.98 3.80 9.41
C ILE D 250 19.25 2.98 9.17
N ILE D 251 19.75 3.00 7.93
CA ILE D 251 20.94 2.27 7.56
C ILE D 251 21.81 3.14 6.67
N GLY D 252 23.10 2.77 6.59
CA GLY D 252 24.05 3.48 5.76
C GLY D 252 24.26 2.78 4.42
N THR D 253 25.19 3.34 3.65
CA THR D 253 25.51 2.80 2.34
C THR D 253 26.93 3.19 1.96
N LYS D 254 27.49 2.46 1.00
CA LYS D 254 28.84 2.76 0.51
C LYS D 254 28.81 3.73 -0.67
N THR D 255 27.84 3.59 -1.57
CA THR D 255 27.71 4.48 -2.70
C THR D 255 26.26 4.50 -3.16
N ILE D 256 25.91 5.53 -3.92
CA ILE D 256 24.57 5.71 -4.47
C ILE D 256 24.68 5.75 -5.98
N LEU D 257 23.88 4.91 -6.65
CA LEU D 257 23.94 4.81 -8.10
C LEU D 257 23.18 5.97 -8.75
N ALA D 258 23.18 6.00 -10.08
CA ALA D 258 22.56 7.11 -10.81
C ALA D 258 21.04 7.02 -10.82
N ASN D 259 20.47 5.85 -10.53
CA ASN D 259 19.03 5.68 -10.52
C ASN D 259 18.46 5.65 -9.11
N GLY D 260 19.23 6.09 -8.12
CA GLY D 260 18.80 6.06 -6.73
C GLY D 260 19.05 4.75 -6.02
N ALA D 261 19.68 3.78 -6.66
CA ALA D 261 19.98 2.51 -6.03
C ALA D 261 21.13 2.67 -5.04
N LEU D 262 21.34 1.63 -4.23
CA LEU D 262 22.35 1.65 -3.19
C LEU D 262 23.21 0.40 -3.27
N ARG D 263 24.45 0.53 -2.80
CA ARG D 263 25.39 -0.59 -2.67
C ARG D 263 25.84 -0.62 -1.22
N ALA D 264 25.06 -1.30 -0.38
CA ALA D 264 25.35 -1.42 1.03
C ALA D 264 25.97 -2.79 1.33
N VAL D 265 26.18 -3.08 2.60
CA VAL D 265 26.72 -4.39 2.99
C VAL D 265 25.72 -5.48 2.63
N THR D 266 26.22 -6.71 2.56
CA THR D 266 25.38 -7.85 2.19
C THR D 266 24.32 -8.08 3.26
N GLY D 267 23.14 -8.50 2.80
CA GLY D 267 22.00 -8.70 3.67
C GLY D 267 21.10 -7.50 3.82
N THR D 268 21.46 -6.35 3.26
CA THR D 268 20.60 -5.16 3.33
C THR D 268 19.39 -5.30 2.40
N HIS D 269 19.53 -6.07 1.32
CA HIS D 269 18.40 -6.28 0.43
C HIS D 269 17.26 -7.00 1.15
N THR D 270 17.59 -7.98 1.97
CA THR D 270 16.56 -8.67 2.76
C THR D 270 15.88 -7.71 3.73
N LEU D 271 16.66 -6.84 4.37
CA LEU D 271 16.07 -5.86 5.29
C LEU D 271 15.14 -4.91 4.55
N ALA D 272 15.54 -4.46 3.36
CA ALA D 272 14.67 -3.58 2.57
C ALA D 272 13.40 -4.29 2.14
N LEU D 273 13.52 -5.57 1.75
CA LEU D 273 12.35 -6.34 1.37
C LEU D 273 11.39 -6.51 2.53
N ALA D 274 11.93 -6.81 3.72
CA ALA D 274 11.08 -6.94 4.91
C ALA D 274 10.41 -5.62 5.25
N ALA D 275 11.14 -4.51 5.14
CA ALA D 275 10.56 -3.20 5.43
C ALA D 275 9.43 -2.88 4.45
N LYS D 276 9.62 -3.20 3.16
CA LYS D 276 8.57 -2.99 2.18
C LYS D 276 7.37 -3.89 2.47
N HIS D 277 7.61 -5.13 2.87
CA HIS D 277 6.52 -6.05 3.17
C HIS D 277 5.70 -5.56 4.35
N HIS D 278 6.37 -5.05 5.38
CA HIS D 278 5.69 -4.56 6.58
C HIS D 278 5.38 -3.07 6.51
N SER D 279 5.67 -2.42 5.38
CA SER D 279 5.37 -1.00 5.15
C SER D 279 6.09 -0.08 6.12
N THR D 280 7.17 -0.55 6.75
CA THR D 280 7.98 0.29 7.62
C THR D 280 8.94 1.11 6.75
N PRO D 281 8.94 2.44 6.86
CA PRO D 281 9.81 3.25 6.00
C PRO D 281 11.28 2.95 6.24
N LEU D 282 12.05 2.94 5.15
CA LEU D 282 13.49 2.74 5.19
C LEU D 282 14.16 4.01 4.70
N ILE D 283 14.84 4.70 5.60
CA ILE D 283 15.45 6.00 5.32
C ILE D 283 16.96 5.87 5.52
N VAL D 284 17.72 6.33 4.52
CA VAL D 284 19.17 6.17 4.50
C VAL D 284 19.80 7.56 4.57
N CYS D 285 20.74 7.73 5.51
CA CYS D 285 21.49 8.97 5.66
C CYS D 285 22.89 8.75 5.11
N ALA D 286 23.20 9.40 3.99
CA ALA D 286 24.50 9.28 3.36
C ALA D 286 25.03 10.66 3.01
N PRO D 287 26.35 10.84 3.05
CA PRO D 287 26.91 12.15 2.69
C PRO D 287 26.84 12.44 1.21
N MET D 288 27.22 13.65 0.80
CA MET D 288 27.14 14.05 -0.60
C MET D 288 28.28 13.54 -1.45
N PHE D 289 29.35 13.02 -0.85
CA PHE D 289 30.48 12.51 -1.62
C PHE D 289 30.34 11.05 -1.98
N LYS D 290 29.26 10.39 -1.57
CA LYS D 290 28.99 9.01 -1.93
C LYS D 290 28.06 8.88 -3.13
N LEU D 291 28.00 9.91 -3.97
CA LEU D 291 27.10 9.94 -5.13
C LEU D 291 27.90 9.55 -6.37
N SER D 292 27.60 8.38 -6.92
CA SER D 292 28.30 7.87 -8.09
C SER D 292 27.40 7.99 -9.31
N PRO D 293 27.77 8.76 -10.33
CA PRO D 293 26.93 8.91 -11.54
C PRO D 293 27.10 7.74 -12.51
N GLN D 294 26.67 6.56 -12.07
CA GLN D 294 26.77 5.35 -12.89
C GLN D 294 25.56 4.47 -12.63
N PHE D 295 25.25 3.64 -13.62
CA PHE D 295 24.13 2.71 -13.56
C PHE D 295 24.62 1.27 -13.43
N PRO D 296 23.84 0.38 -12.84
CA PRO D 296 24.26 -1.02 -12.74
C PRO D 296 24.19 -1.75 -14.08
N ASN D 297 25.18 -1.53 -14.93
CA ASN D 297 25.18 -2.09 -16.28
C ASN D 297 25.90 -3.44 -16.29
N GLU D 298 25.27 -4.39 -15.58
CA GLU D 298 25.69 -5.80 -15.51
C GLU D 298 27.19 -5.98 -15.39
N GLU D 299 27.86 -5.12 -14.62
CA GLU D 299 29.31 -5.18 -14.51
C GLU D 299 29.78 -6.46 -13.84
N ASP D 300 28.93 -7.07 -13.00
CA ASP D 300 29.20 -8.28 -12.22
C ASP D 300 30.28 -8.06 -11.16
N SER D 301 30.85 -6.86 -11.07
CA SER D 301 31.79 -6.51 -10.02
C SER D 301 31.13 -5.73 -8.90
N PHE D 302 29.79 -5.69 -8.88
CA PHE D 302 29.07 -4.95 -7.84
C PHE D 302 29.37 -5.50 -6.46
N HIS D 303 29.42 -6.82 -6.34
CA HIS D 303 29.72 -7.49 -5.08
C HIS D 303 31.11 -8.11 -5.19
N LYS D 304 32.10 -7.46 -4.58
CA LYS D 304 33.45 -7.99 -4.59
C LYS D 304 33.53 -9.23 -3.71
N PHE D 305 34.30 -10.21 -4.16
CA PHE D 305 34.43 -11.50 -3.49
C PHE D 305 35.77 -11.57 -2.77
N VAL D 306 35.76 -12.18 -1.58
CA VAL D 306 36.96 -12.35 -0.78
C VAL D 306 37.23 -13.84 -0.59
N ALA D 307 38.28 -14.18 0.15
CA ALA D 307 38.64 -15.57 0.35
C ALA D 307 37.52 -16.30 1.09
N PRO D 308 37.23 -17.55 0.73
CA PRO D 308 36.12 -18.28 1.39
C PRO D 308 36.48 -18.75 2.79
N GLU D 309 37.62 -18.32 3.30
CA GLU D 309 38.03 -18.71 4.66
C GLU D 309 37.05 -18.18 5.70
N GLU D 310 36.55 -16.95 5.51
CA GLU D 310 35.64 -16.36 6.47
C GLU D 310 34.32 -17.12 6.56
N VAL D 311 33.92 -17.78 5.47
CA VAL D 311 32.67 -18.53 5.45
C VAL D 311 32.93 -19.96 5.91
N LEU D 312 33.84 -20.65 5.24
CA LEU D 312 34.17 -22.03 5.55
C LEU D 312 35.63 -22.13 6.00
N PRO D 313 35.92 -22.69 7.16
CA PRO D 313 37.31 -22.79 7.61
C PRO D 313 38.12 -23.73 6.73
N PHE D 314 39.42 -23.43 6.66
CA PHE D 314 40.33 -24.25 5.87
C PHE D 314 40.52 -25.64 6.45
N THR D 315 40.23 -25.84 7.73
CA THR D 315 40.41 -27.11 8.40
C THR D 315 39.18 -28.01 8.30
N GLU D 316 38.28 -27.74 7.35
CA GLU D 316 37.09 -28.57 7.20
C GLU D 316 37.46 -30.00 6.81
N GLY D 317 38.40 -30.16 5.89
CA GLY D 317 38.83 -31.47 5.47
C GLY D 317 39.03 -31.60 3.97
N ASP D 318 38.81 -32.80 3.44
CA ASP D 318 39.00 -33.06 2.01
C ASP D 318 37.82 -32.61 1.16
N ILE D 319 36.71 -32.21 1.77
CA ILE D 319 35.54 -31.79 1.02
C ILE D 319 35.71 -30.43 0.36
N LEU D 320 36.77 -29.71 0.68
CA LEU D 320 36.97 -28.37 0.12
C LEU D 320 37.26 -28.40 -1.38
N GLU D 321 37.73 -29.52 -1.91
CA GLU D 321 38.04 -29.59 -3.33
C GLU D 321 36.79 -29.63 -4.21
N LYS D 322 35.65 -30.07 -3.66
CA LYS D 322 34.42 -30.15 -4.42
C LYS D 322 33.44 -29.03 -4.11
N VAL D 323 33.40 -28.57 -2.87
CA VAL D 323 32.45 -27.53 -2.47
C VAL D 323 32.93 -26.18 -3.00
N SER D 324 32.04 -25.45 -3.65
CA SER D 324 32.32 -24.10 -4.14
C SER D 324 31.69 -23.10 -3.18
N VAL D 325 32.50 -22.19 -2.65
CA VAL D 325 32.06 -21.23 -1.65
C VAL D 325 32.30 -19.82 -2.19
N HIS D 326 31.28 -18.98 -2.11
CA HIS D 326 31.36 -17.58 -2.50
C HIS D 326 31.05 -16.70 -1.30
N CYS D 327 31.81 -15.62 -1.15
CA CYS D 327 31.69 -14.72 -0.01
C CYS D 327 31.57 -13.28 -0.52
N PRO D 328 30.37 -12.87 -0.94
CA PRO D 328 30.17 -11.48 -1.33
C PRO D 328 29.97 -10.58 -0.11
N VAL D 329 30.39 -9.32 -0.27
CA VAL D 329 30.31 -8.36 0.82
C VAL D 329 29.32 -7.23 0.55
N PHE D 330 28.83 -7.09 -0.68
CA PHE D 330 27.92 -6.01 -1.04
C PHE D 330 26.70 -6.59 -1.74
N ASP D 331 25.59 -5.86 -1.65
CA ASP D 331 24.33 -6.24 -2.27
C ASP D 331 23.77 -5.06 -3.05
N TYR D 332 22.81 -5.35 -3.92
CA TYR D 332 22.14 -4.35 -4.73
C TYR D 332 20.74 -4.10 -4.18
N VAL D 333 20.42 -2.84 -3.92
CA VAL D 333 19.14 -2.44 -3.38
C VAL D 333 18.44 -1.56 -4.41
N PRO D 334 17.28 -1.98 -4.93
CA PRO D 334 16.60 -1.14 -5.92
C PRO D 334 16.09 0.13 -5.28
N PRO D 335 15.99 1.22 -6.05
CA PRO D 335 15.52 2.50 -5.47
C PRO D 335 14.08 2.46 -4.97
N GLU D 336 13.27 1.51 -5.43
CA GLU D 336 11.88 1.44 -5.03
C GLU D 336 11.70 1.06 -3.56
N LEU D 337 12.74 0.58 -2.89
CA LEU D 337 12.66 0.19 -1.49
C LEU D 337 13.23 1.25 -0.55
N ILE D 338 13.53 2.44 -1.07
CA ILE D 338 14.07 3.53 -0.28
C ILE D 338 13.01 4.61 -0.13
N THR D 339 12.89 5.15 1.09
CA THR D 339 11.89 6.17 1.39
C THR D 339 12.46 7.59 1.32
N LEU D 340 13.57 7.84 2.00
CA LEU D 340 14.15 9.18 2.04
C LEU D 340 15.67 9.08 2.06
N PHE D 341 16.31 10.16 1.61
CA PHE D 341 17.77 10.28 1.59
C PHE D 341 18.16 11.54 2.33
N ILE D 342 18.88 11.39 3.44
CA ILE D 342 19.35 12.53 4.20
C ILE D 342 20.61 13.09 3.55
N SER D 343 20.60 14.38 3.27
CA SER D 343 21.73 15.08 2.69
C SER D 343 21.97 16.38 3.45
N ASN D 344 23.03 17.09 3.07
CA ASN D 344 23.34 18.36 3.71
C ASN D 344 22.31 19.44 3.38
N ILE D 345 21.58 19.29 2.28
CA ILE D 345 20.53 20.23 1.90
C ILE D 345 19.16 19.76 2.36
N GLY D 346 19.10 18.79 3.26
CA GLY D 346 17.86 18.26 3.77
C GLY D 346 17.49 16.94 3.11
N GLY D 347 16.47 16.30 3.68
CA GLY D 347 15.98 15.03 3.17
C GLY D 347 15.46 15.13 1.75
N ASN D 348 15.89 14.22 0.89
CA ASN D 348 15.50 14.20 -0.51
C ASN D 348 14.91 12.84 -0.87
N ALA D 349 13.95 12.87 -1.79
CA ALA D 349 13.34 11.64 -2.27
C ALA D 349 14.32 10.87 -3.14
N PRO D 350 14.16 9.55 -3.23
CA PRO D 350 15.05 8.76 -4.11
C PRO D 350 14.95 9.14 -5.57
N SER D 351 13.90 9.84 -5.98
CA SER D 351 13.72 10.26 -7.36
C SER D 351 14.35 11.62 -7.65
N TYR D 352 15.04 12.22 -6.67
CA TYR D 352 15.65 13.53 -6.84
C TYR D 352 17.17 13.46 -7.01
N ILE D 353 17.73 12.25 -7.14
CA ILE D 353 19.18 12.10 -7.22
C ILE D 353 19.71 12.67 -8.53
N TYR D 354 18.95 12.52 -9.61
CA TYR D 354 19.41 13.01 -10.91
C TYR D 354 19.55 14.52 -10.93
N ARG D 355 18.70 15.24 -10.18
CA ARG D 355 18.82 16.69 -10.11
C ARG D 355 20.16 17.09 -9.47
N LEU D 356 20.55 16.39 -8.40
CA LEU D 356 21.85 16.67 -7.79
C LEU D 356 22.99 16.27 -8.72
N MET D 357 22.83 15.16 -9.44
CA MET D 357 23.88 14.72 -10.36
C MET D 357 24.08 15.71 -11.49
N SER D 358 22.99 16.33 -11.97
CA SER D 358 23.11 17.28 -13.06
C SER D 358 23.98 18.48 -12.71
N GLU D 359 23.97 18.89 -11.43
CA GLU D 359 24.77 20.02 -10.99
C GLU D 359 26.10 19.61 -10.35
N LEU D 360 26.26 18.35 -9.99
CA LEU D 360 27.49 17.92 -9.32
C LEU D 360 28.59 17.57 -10.34
N TYR D 361 28.29 16.64 -11.25
CA TYR D 361 29.27 16.13 -12.20
C TYR D 361 28.89 16.52 -13.62
N HIS D 362 29.89 16.93 -14.39
CA HIS D 362 29.68 17.20 -15.80
C HIS D 362 29.36 15.89 -16.53
N PRO D 363 28.39 15.90 -17.45
CA PRO D 363 28.04 14.66 -18.16
C PRO D 363 29.14 14.14 -19.08
N ASP D 364 30.09 14.98 -19.47
CA ASP D 364 31.19 14.52 -20.32
C ASP D 364 32.24 13.73 -19.55
N ASP D 365 32.25 13.83 -18.21
CA ASP D 365 33.21 13.13 -17.38
C ASP D 365 32.63 11.88 -16.73
N HIS D 366 31.43 11.45 -17.15
CA HIS D 366 30.83 10.26 -16.56
C HIS D 366 31.60 9.00 -16.92
N VAL D 367 32.28 8.98 -18.06
CA VAL D 367 33.03 7.80 -18.46
C VAL D 367 34.44 7.80 -17.84
N LEU D 368 35.02 8.96 -17.61
CA LEU D 368 36.36 9.09 -17.02
C LEU D 368 37.40 8.30 -17.83
N SER E 222 14.94 -32.37 16.23
CA SER E 222 13.51 -32.37 15.97
C SER E 222 12.98 -33.79 15.82
N ASN E 223 13.10 -34.35 14.61
CA ASN E 223 12.65 -35.72 14.38
C ASN E 223 13.46 -36.72 15.20
N ALA E 224 14.78 -36.52 15.27
CA ALA E 224 15.62 -37.43 16.05
C ALA E 224 15.39 -37.27 17.54
N ARG E 225 15.04 -36.06 18.00
CA ARG E 225 14.79 -35.85 19.42
C ARG E 225 13.57 -36.64 19.88
N CYS E 226 12.52 -36.68 19.06
CA CYS E 226 11.32 -37.42 19.43
C CYS E 226 11.58 -38.92 19.53
N ILE E 227 12.47 -39.44 18.69
CA ILE E 227 12.79 -40.87 18.72
C ILE E 227 13.44 -41.23 20.06
N ALA E 228 14.37 -40.42 20.53
CA ALA E 228 15.06 -40.72 21.78
C ALA E 228 14.12 -40.64 22.98
N LEU E 229 13.11 -39.77 22.92
CA LEU E 229 12.16 -39.66 24.03
C LEU E 229 11.38 -40.96 24.23
N LEU E 230 10.92 -41.56 23.13
CA LEU E 230 10.14 -42.80 23.24
C LEU E 230 11.01 -43.96 23.69
N ARG E 231 12.27 -44.00 23.24
CA ARG E 231 13.18 -45.06 23.69
C ARG E 231 13.43 -44.96 25.20
N ALA E 232 13.64 -43.75 25.70
CA ALA E 232 13.83 -43.56 27.14
C ALA E 232 12.58 -43.93 27.92
N LEU E 233 11.40 -43.55 27.40
CA LEU E 233 10.16 -43.88 28.08
C LEU E 233 9.86 -45.38 28.04
N GLN E 234 10.29 -46.07 26.99
CA GLN E 234 10.07 -47.51 26.90
C GLN E 234 11.02 -48.28 27.81
N GLN E 235 12.16 -47.71 28.18
CA GLN E 235 13.11 -48.42 29.02
C GLN E 235 12.64 -48.51 30.47
N VAL E 236 12.08 -47.41 30.99
CA VAL E 236 11.61 -47.43 32.37
C VAL E 236 10.39 -48.33 32.52
N ILE E 237 9.52 -48.36 31.51
CA ILE E 237 8.36 -49.25 31.53
C ILE E 237 8.82 -50.71 31.50
N GLN E 238 9.81 -51.02 30.66
CA GLN E 238 10.34 -52.38 30.56
C GLN E 238 11.01 -52.81 31.87
N SER E 270 10.36 -28.74 19.80
CA SER E 270 9.23 -28.29 19.01
C SER E 270 7.92 -28.90 19.51
N ALA E 271 6.99 -29.14 18.60
CA ALA E 271 5.71 -29.76 18.92
C ALA E 271 5.71 -31.26 18.71
N SER E 272 6.81 -31.83 18.20
CA SER E 272 6.85 -33.27 17.97
C SER E 272 6.77 -34.05 19.29
N MET E 273 7.48 -33.58 20.31
CA MET E 273 7.46 -34.28 21.60
C MET E 273 6.10 -34.19 22.27
N HIS E 274 5.40 -33.06 22.11
CA HIS E 274 4.09 -32.91 22.73
C HIS E 274 3.10 -33.93 22.18
N ASN E 275 3.10 -34.15 20.87
CA ASN E 275 2.19 -35.12 20.26
C ASN E 275 2.50 -36.54 20.74
N ALA E 276 3.78 -36.89 20.85
CA ALA E 276 4.16 -38.23 21.29
C ALA E 276 3.72 -38.47 22.73
N ILE E 277 3.90 -37.47 23.59
CA ILE E 277 3.53 -37.62 24.99
C ILE E 277 2.02 -37.82 25.15
N LYS E 278 1.23 -37.01 24.43
CA LYS E 278 -0.22 -37.11 24.56
C LYS E 278 -0.78 -38.40 23.99
N PHE E 279 -0.07 -39.05 23.06
CA PHE E 279 -0.56 -40.31 22.51
C PHE E 279 -0.44 -41.43 23.54
N LEU E 280 0.71 -41.52 24.21
CA LEU E 280 0.91 -42.58 25.19
C LEU E 280 -0.02 -42.42 26.39
N ASN E 281 -0.23 -41.18 26.84
CA ASN E 281 -1.14 -40.95 27.96
C ASN E 281 -2.57 -41.35 27.59
N LYS E 282 -3.01 -41.02 26.38
CA LYS E 282 -4.34 -41.41 25.94
C LYS E 282 -4.45 -42.93 25.82
N GLU E 283 -3.43 -43.58 25.28
CA GLU E 283 -3.44 -45.03 25.11
C GLU E 283 -2.86 -45.72 26.34
N GLU E 293 0.94 -56.98 35.23
CA GLU E 293 0.88 -55.88 34.27
C GLU E 293 1.96 -56.01 33.21
N GLU E 294 2.61 -57.19 33.16
CA GLU E 294 3.62 -57.43 32.14
C GLU E 294 2.99 -57.45 30.75
N GLU E 295 1.76 -57.98 30.63
CA GLU E 295 1.07 -57.92 29.35
C GLU E 295 0.76 -56.48 28.96
N ALA E 296 0.40 -55.64 29.93
CA ALA E 296 0.17 -54.23 29.65
C ALA E 296 1.45 -53.54 29.17
N LYS E 297 2.58 -53.85 29.83
CA LYS E 297 3.85 -53.27 29.40
C LYS E 297 4.20 -53.72 27.99
N SER E 298 3.98 -55.00 27.68
CA SER E 298 4.29 -55.50 26.34
C SER E 298 3.42 -54.85 25.27
N GLU E 299 2.13 -54.67 25.55
CA GLU E 299 1.27 -54.04 24.53
C GLU E 299 1.60 -52.56 24.39
N LEU E 300 1.97 -51.89 25.48
CA LEU E 300 2.41 -50.50 25.36
C LEU E 300 3.68 -50.40 24.51
N ARG E 301 4.63 -51.32 24.73
CA ARG E 301 5.84 -51.34 23.93
C ARG E 301 5.53 -51.61 22.46
N ALA E 302 4.61 -52.55 22.19
CA ALA E 302 4.23 -52.86 20.83
C ALA E 302 3.58 -51.67 20.15
N ALA E 303 2.74 -50.94 20.89
CA ALA E 303 2.15 -49.72 20.35
C ALA E 303 3.23 -48.68 20.04
N ILE E 304 4.26 -48.60 20.88
CA ILE E 304 5.35 -47.66 20.65
C ILE E 304 6.09 -48.01 19.36
N ASP E 305 6.42 -49.29 19.18
CA ASP E 305 7.09 -49.70 17.94
C ASP E 305 6.20 -49.46 16.72
N ARG E 306 4.91 -49.78 16.84
CA ARG E 306 3.99 -49.52 15.73
C ARG E 306 3.99 -48.04 15.38
N TYR E 307 3.93 -47.17 16.39
CA TYR E 307 3.98 -45.74 16.17
C TYR E 307 5.25 -45.35 15.39
N VAL E 308 6.42 -45.79 15.87
CA VAL E 308 7.65 -45.30 15.27
C VAL E 308 7.80 -45.81 13.84
N GLN E 309 7.57 -47.10 13.61
CA GLN E 309 7.69 -47.60 12.23
C GLN E 309 6.65 -46.95 11.31
N GLU E 310 5.42 -46.78 11.78
CA GLU E 310 4.39 -46.25 10.89
C GLU E 310 4.45 -44.75 10.72
N LYS E 311 5.22 -44.03 11.54
CA LYS E 311 5.22 -42.58 11.47
C LYS E 311 6.58 -41.95 11.18
N ILE E 312 7.69 -42.70 11.23
CA ILE E 312 8.99 -42.10 10.95
C ILE E 312 9.53 -42.64 9.63
N VAL E 313 9.85 -43.93 9.59
CA VAL E 313 10.49 -44.51 8.41
C VAL E 313 9.51 -44.58 7.25
N LEU E 314 8.30 -45.07 7.50
CA LEU E 314 7.30 -45.16 6.45
C LEU E 314 6.90 -43.77 5.95
N ALA E 315 6.75 -42.81 6.86
CA ALA E 315 6.42 -41.45 6.46
C ALA E 315 7.52 -40.84 5.61
N ALA E 316 8.78 -41.03 6.00
CA ALA E 316 9.88 -40.51 5.21
C ALA E 316 9.94 -41.16 3.83
N GLN E 317 9.72 -42.47 3.77
CA GLN E 317 9.71 -43.16 2.48
C GLN E 317 8.59 -42.63 1.59
N ALA E 318 7.39 -42.46 2.15
CA ALA E 318 6.28 -41.94 1.35
C ALA E 318 6.54 -40.53 0.88
N ILE E 319 7.09 -39.67 1.75
CA ILE E 319 7.36 -38.30 1.37
C ILE E 319 8.41 -38.24 0.27
N SER E 320 9.47 -39.05 0.39
CA SER E 320 10.50 -39.08 -0.65
C SER E 320 9.93 -39.59 -1.97
N ARG E 321 9.08 -40.62 -1.91
CA ARG E 321 8.46 -41.13 -3.12
C ARG E 321 7.58 -40.08 -3.78
N PHE E 322 6.83 -39.33 -2.98
CA PHE E 322 5.98 -38.28 -3.54
C PHE E 322 6.80 -37.15 -4.12
N ALA E 323 7.93 -36.82 -3.49
CA ALA E 323 8.78 -35.74 -3.97
C ALA E 323 9.72 -36.16 -5.09
N TYR E 324 9.76 -37.45 -5.42
CA TYR E 324 10.64 -37.91 -6.50
C TYR E 324 10.24 -37.29 -7.83
N GLN E 325 8.94 -37.23 -8.13
CA GLN E 325 8.48 -36.67 -9.40
C GLN E 325 8.64 -35.16 -9.46
N LYS E 326 8.86 -34.49 -8.34
CA LYS E 326 9.01 -33.04 -8.32
C LYS E 326 10.44 -32.59 -8.57
N ILE E 327 11.38 -33.52 -8.75
CA ILE E 327 12.77 -33.20 -9.00
C ILE E 327 13.10 -33.61 -10.43
N SER E 328 13.49 -32.64 -11.25
CA SER E 328 13.85 -32.87 -12.65
C SER E 328 15.36 -33.02 -12.78
N ASN E 329 15.84 -33.05 -14.01
CA ASN E 329 17.26 -33.17 -14.31
C ASN E 329 17.82 -31.77 -14.57
N GLY E 330 18.96 -31.47 -13.93
CA GLY E 330 19.56 -30.16 -14.07
C GLY E 330 18.98 -29.09 -13.16
N ASP E 331 18.06 -29.44 -12.28
CA ASP E 331 17.45 -28.47 -11.38
C ASP E 331 18.44 -28.04 -10.30
N VAL E 332 18.22 -26.85 -9.77
CA VAL E 332 19.01 -26.31 -8.67
C VAL E 332 18.11 -26.24 -7.45
N ILE E 333 18.48 -26.97 -6.40
CA ILE E 333 17.69 -27.06 -5.18
C ILE E 333 18.44 -26.35 -4.06
N LEU E 334 17.73 -25.47 -3.34
CA LEU E 334 18.30 -24.72 -2.23
C LEU E 334 17.72 -25.21 -0.92
N VAL E 335 18.60 -25.56 0.02
CA VAL E 335 18.18 -26.09 1.31
C VAL E 335 18.71 -25.16 2.41
N TYR E 336 18.15 -25.32 3.60
CA TYR E 336 18.52 -24.50 4.75
C TYR E 336 18.48 -25.35 6.01
N GLY E 337 19.46 -25.13 6.90
CA GLY E 337 19.50 -25.84 8.15
C GLY E 337 19.86 -27.30 7.99
N CYS E 338 19.66 -28.04 9.08
CA CYS E 338 19.93 -29.48 9.13
C CYS E 338 18.60 -30.20 9.27
N SER E 339 18.15 -30.81 8.17
CA SER E 339 16.91 -31.58 8.15
C SER E 339 17.23 -32.97 7.64
N SER E 340 16.89 -33.99 8.44
CA SER E 340 17.13 -35.36 8.02
C SER E 340 16.25 -35.76 6.84
N LEU E 341 15.00 -35.28 6.83
CA LEU E 341 14.08 -35.64 5.75
C LEU E 341 14.55 -35.10 4.40
N VAL E 342 15.01 -33.85 4.37
CA VAL E 342 15.47 -33.26 3.12
C VAL E 342 16.70 -33.98 2.60
N SER E 343 17.65 -34.29 3.49
CA SER E 343 18.85 -35.00 3.07
C SER E 343 18.51 -36.40 2.55
N ARG E 344 17.59 -37.09 3.24
CA ARG E 344 17.17 -38.41 2.78
C ARG E 344 16.49 -38.33 1.41
N ILE E 345 15.64 -37.32 1.20
CA ILE E 345 14.98 -37.15 -0.09
C ILE E 345 16.00 -36.91 -1.18
N LEU E 346 16.97 -36.03 -0.92
CA LEU E 346 18.00 -35.73 -1.92
C LEU E 346 18.83 -36.96 -2.24
N GLN E 347 19.21 -37.73 -1.21
CA GLN E 347 20.01 -38.93 -1.44
C GLN E 347 19.24 -39.96 -2.25
N GLU E 348 17.96 -40.15 -1.91
CA GLU E 348 17.14 -41.11 -2.66
C GLU E 348 16.94 -40.67 -4.10
N ALA E 349 16.75 -39.36 -4.33
CA ALA E 349 16.60 -38.86 -5.69
C ALA E 349 17.88 -39.06 -6.49
N TRP E 350 19.03 -38.79 -5.87
CA TRP E 350 20.30 -38.99 -6.56
C TRP E 350 20.56 -40.47 -6.86
N THR E 351 20.17 -41.35 -5.93
CA THR E 351 20.37 -42.78 -6.14
C THR E 351 19.54 -43.29 -7.30
N GLU E 352 18.31 -42.80 -7.45
CA GLU E 352 17.43 -43.28 -8.51
C GLU E 352 17.97 -42.94 -9.89
N GLY E 353 18.77 -41.88 -10.00
CA GLY E 353 19.37 -41.53 -11.27
C GLY E 353 19.17 -40.07 -11.67
N ARG E 354 18.69 -39.25 -10.74
CA ARG E 354 18.50 -37.83 -11.01
C ARG E 354 19.85 -37.11 -10.97
N ARG E 355 20.04 -36.19 -11.92
CA ARG E 355 21.25 -35.38 -12.02
C ARG E 355 20.90 -33.94 -11.66
N PHE E 356 21.39 -33.48 -10.51
CA PHE E 356 21.09 -32.14 -10.03
C PHE E 356 22.18 -31.71 -9.07
N ARG E 357 22.09 -30.46 -8.63
CA ARG E 357 23.02 -29.89 -7.67
C ARG E 357 22.24 -29.17 -6.58
N VAL E 358 22.82 -29.11 -5.38
CA VAL E 358 22.17 -28.54 -4.22
C VAL E 358 22.98 -27.35 -3.72
N VAL E 359 22.29 -26.40 -3.11
CA VAL E 359 22.90 -25.24 -2.48
C VAL E 359 22.51 -25.24 -1.01
N VAL E 360 23.51 -25.18 -0.13
CA VAL E 360 23.31 -25.27 1.31
C VAL E 360 23.43 -23.86 1.90
N VAL E 361 22.43 -23.46 2.68
CA VAL E 361 22.40 -22.16 3.33
C VAL E 361 22.52 -22.36 4.83
N ASP E 362 23.44 -21.64 5.46
CA ASP E 362 23.70 -21.76 6.88
C ASP E 362 23.61 -20.40 7.55
N SER E 363 23.36 -20.41 8.85
CA SER E 363 23.26 -19.19 9.63
C SER E 363 23.95 -19.38 10.97
N ARG E 364 24.47 -18.29 11.51
CA ARG E 364 25.12 -18.33 12.81
C ARG E 364 24.06 -18.45 13.92
N PRO E 365 24.42 -19.01 15.08
CA PRO E 365 25.70 -19.62 15.43
C PRO E 365 25.69 -21.14 15.40
N TRP E 366 24.54 -21.76 15.12
CA TRP E 366 24.46 -23.22 15.12
C TRP E 366 25.32 -23.82 14.02
N LEU E 367 25.27 -23.25 12.82
CA LEU E 367 26.03 -23.75 11.67
C LEU E 367 25.74 -25.23 11.42
N GLU E 368 24.46 -25.60 11.51
CA GLU E 368 24.05 -26.99 11.37
C GLU E 368 24.00 -27.45 9.92
N GLY E 369 24.10 -26.54 8.95
CA GLY E 369 24.09 -26.92 7.56
C GLY E 369 25.34 -27.63 7.10
N ARG E 370 26.43 -27.51 7.86
CA ARG E 370 27.66 -28.21 7.52
C ARG E 370 27.50 -29.72 7.58
N HIS E 371 26.67 -30.21 8.50
CA HIS E 371 26.39 -31.65 8.55
C HIS E 371 25.75 -32.12 7.27
N THR E 372 24.74 -31.39 6.79
CA THR E 372 24.09 -31.75 5.52
C THR E 372 25.06 -31.63 4.36
N LEU E 373 25.90 -30.60 4.37
CA LEU E 373 26.88 -30.43 3.29
C LEU E 373 27.84 -31.61 3.23
N ARG E 374 28.38 -32.01 4.38
CA ARG E 374 29.32 -33.14 4.40
C ARG E 374 28.64 -34.47 4.17
N SER E 375 27.34 -34.59 4.46
CA SER E 375 26.62 -35.81 4.13
C SER E 375 26.35 -35.89 2.63
N LEU E 376 26.06 -34.76 2.00
CA LEU E 376 25.80 -34.74 0.56
C LEU E 376 27.09 -34.88 -0.24
N VAL E 377 28.21 -34.38 0.27
CA VAL E 377 29.47 -34.51 -0.44
C VAL E 377 29.87 -35.97 -0.57
N HIS E 378 29.70 -36.75 0.51
CA HIS E 378 30.05 -38.16 0.48
C HIS E 378 29.19 -38.93 -0.52
N ALA E 379 27.94 -38.49 -0.73
CA ALA E 379 27.07 -39.16 -1.69
C ALA E 379 27.45 -38.84 -3.13
N GLY E 380 28.22 -37.78 -3.36
CA GLY E 380 28.63 -37.40 -4.70
C GLY E 380 27.83 -36.27 -5.33
N VAL E 381 26.88 -35.70 -4.61
CA VAL E 381 26.09 -34.60 -5.16
C VAL E 381 26.94 -33.33 -5.18
N PRO E 382 27.02 -32.61 -6.30
CA PRO E 382 27.81 -31.39 -6.35
C PRO E 382 27.17 -30.25 -5.56
N ALA E 383 27.32 -30.29 -4.24
CA ALA E 383 26.70 -29.30 -3.38
C ALA E 383 27.52 -28.01 -3.32
N SER E 384 26.90 -26.95 -2.84
CA SER E 384 27.54 -25.65 -2.66
C SER E 384 27.20 -25.12 -1.28
N TYR E 385 28.10 -24.30 -0.74
CA TYR E 385 27.96 -23.76 0.60
C TYR E 385 28.04 -22.23 0.55
N LEU E 386 27.14 -21.59 1.28
CA LEU E 386 27.14 -20.14 1.39
C LEU E 386 26.32 -19.75 2.62
N LEU E 387 26.35 -18.46 2.95
CA LEU E 387 25.73 -17.95 4.16
C LEU E 387 24.41 -17.26 3.84
N ILE E 388 23.69 -16.89 4.90
CA ILE E 388 22.36 -16.29 4.73
C ILE E 388 22.40 -14.98 3.95
N PRO E 389 23.30 -14.03 4.22
CA PRO E 389 23.26 -12.76 3.48
C PRO E 389 23.47 -12.90 1.98
N ALA E 390 24.07 -13.99 1.52
CA ALA E 390 24.27 -14.23 0.09
C ALA E 390 23.11 -14.99 -0.55
N ALA E 391 22.05 -15.27 0.20
CA ALA E 391 20.91 -15.97 -0.36
C ALA E 391 20.25 -15.15 -1.46
N SER E 392 20.13 -13.83 -1.26
CA SER E 392 19.55 -12.98 -2.29
C SER E 392 20.39 -13.00 -3.56
N TYR E 393 21.72 -13.03 -3.41
CA TYR E 393 22.58 -13.09 -4.59
C TYR E 393 22.50 -14.44 -5.29
N VAL E 394 22.33 -15.52 -4.54
CA VAL E 394 22.31 -16.85 -5.15
C VAL E 394 20.93 -17.24 -5.69
N LEU E 395 19.87 -16.56 -5.26
CA LEU E 395 18.53 -16.93 -5.72
C LEU E 395 18.34 -16.90 -7.24
N PRO E 396 18.87 -15.93 -8.00
CA PRO E 396 18.61 -15.92 -9.45
C PRO E 396 19.04 -17.21 -10.15
N GLU E 397 20.05 -17.90 -9.66
CA GLU E 397 20.49 -19.17 -10.23
C GLU E 397 19.80 -20.38 -9.60
N VAL E 398 18.89 -20.15 -8.64
CA VAL E 398 18.20 -21.23 -7.95
C VAL E 398 16.84 -21.43 -8.60
N SER E 399 16.51 -22.68 -8.93
CA SER E 399 15.25 -23.00 -9.58
C SER E 399 14.20 -23.56 -8.61
N LYS E 400 14.60 -24.09 -7.46
CA LYS E 400 13.66 -24.65 -6.50
C LYS E 400 14.24 -24.54 -5.11
N VAL E 401 13.36 -24.40 -4.12
CA VAL E 401 13.73 -24.26 -2.72
C VAL E 401 13.05 -25.37 -1.93
N LEU E 402 13.85 -26.14 -1.18
CA LEU E 402 13.35 -27.20 -0.33
C LEU E 402 13.58 -26.80 1.12
N LEU E 403 12.51 -26.81 1.92
CA LEU E 403 12.57 -26.42 3.31
C LEU E 403 11.83 -27.43 4.17
N GLY E 404 12.35 -27.66 5.38
CA GLY E 404 11.72 -28.54 6.34
C GLY E 404 10.72 -27.80 7.22
N ALA E 405 10.16 -28.55 8.17
CA ALA E 405 9.19 -28.00 9.10
C ALA E 405 9.25 -28.78 10.41
N HIS E 406 9.11 -28.06 11.52
CA HIS E 406 9.11 -28.68 12.84
C HIS E 406 7.72 -28.81 13.44
N ALA E 407 6.77 -27.96 13.03
CA ALA E 407 5.41 -28.04 13.56
C ALA E 407 4.46 -27.41 12.55
N LEU E 408 3.22 -27.88 12.57
CA LEU E 408 2.16 -27.38 11.70
C LEU E 408 1.07 -26.77 12.56
N LEU E 409 0.83 -25.47 12.40
CA LEU E 409 -0.18 -24.78 13.18
C LEU E 409 -1.57 -25.01 12.58
N ALA E 410 -2.60 -24.68 13.37
CA ALA E 410 -3.98 -24.81 12.91
C ALA E 410 -4.29 -23.86 11.75
N ASN E 411 -3.52 -22.78 11.60
CA ASN E 411 -3.68 -21.87 10.48
C ASN E 411 -3.11 -22.43 9.19
N GLY E 412 -2.43 -23.58 9.24
CA GLY E 412 -1.73 -24.10 8.08
C GLY E 412 -0.35 -23.53 7.88
N SER E 413 0.13 -22.70 8.80
CA SER E 413 1.45 -22.09 8.70
C SER E 413 2.47 -22.92 9.45
N VAL E 414 3.62 -23.14 8.81
CA VAL E 414 4.67 -23.96 9.41
C VAL E 414 5.41 -23.16 10.48
N MET E 415 5.99 -23.86 11.44
CA MET E 415 6.82 -23.25 12.48
C MET E 415 8.13 -24.01 12.52
N SER E 416 9.20 -23.36 12.10
CA SER E 416 10.51 -24.01 11.94
C SER E 416 11.59 -23.00 12.31
N ARG E 417 12.82 -23.28 11.90
CA ARG E 417 13.97 -22.43 12.21
C ARG E 417 13.70 -20.99 11.82
N VAL E 418 14.41 -20.07 12.50
CA VAL E 418 14.09 -18.65 12.40
C VAL E 418 14.32 -18.14 10.98
N GLY E 419 15.33 -18.65 10.29
CA GLY E 419 15.64 -18.16 8.97
C GLY E 419 14.75 -18.71 7.85
N THR E 420 13.88 -19.67 8.16
CA THR E 420 13.06 -20.29 7.12
C THR E 420 12.07 -19.31 6.53
N ALA E 421 11.39 -18.53 7.38
CA ALA E 421 10.44 -17.55 6.87
C ALA E 421 11.14 -16.47 6.05
N GLN E 422 12.31 -16.03 6.51
CA GLN E 422 13.09 -15.05 5.75
C GLN E 422 13.47 -15.59 4.38
N LEU E 423 13.92 -16.85 4.34
CA LEU E 423 14.28 -17.47 3.07
C LEU E 423 13.08 -17.60 2.15
N ALA E 424 11.93 -18.00 2.71
CA ALA E 424 10.72 -18.12 1.91
C ALA E 424 10.30 -16.77 1.34
N LEU E 425 10.36 -15.72 2.14
CA LEU E 425 10.00 -14.38 1.66
C LEU E 425 10.95 -13.91 0.56
N VAL E 426 12.26 -14.11 0.76
CA VAL E 426 13.21 -13.63 -0.24
C VAL E 426 13.11 -14.46 -1.52
N ALA E 427 12.75 -15.75 -1.40
CA ALA E 427 12.55 -16.56 -2.59
C ALA E 427 11.29 -16.16 -3.34
N ARG E 428 10.21 -15.84 -2.60
CA ARG E 428 8.99 -15.36 -3.23
C ARG E 428 9.24 -14.04 -3.94
N ALA E 429 10.09 -13.19 -3.36
CA ALA E 429 10.45 -11.94 -4.02
C ALA E 429 11.19 -12.16 -5.32
N HIS E 430 11.81 -13.33 -5.50
CA HIS E 430 12.53 -13.67 -6.72
C HIS E 430 11.77 -14.65 -7.60
N ASN E 431 10.50 -14.91 -7.29
CA ASN E 431 9.65 -15.82 -8.07
C ASN E 431 10.25 -17.21 -8.13
N VAL E 432 10.45 -17.80 -6.95
CA VAL E 432 10.97 -19.16 -6.83
C VAL E 432 10.00 -19.99 -6.00
N PRO E 433 9.53 -21.13 -6.52
CA PRO E 433 8.60 -21.95 -5.74
C PRO E 433 9.24 -22.48 -4.46
N VAL E 434 8.41 -22.61 -3.42
CA VAL E 434 8.86 -23.08 -2.11
C VAL E 434 8.13 -24.38 -1.80
N LEU E 435 8.88 -25.41 -1.42
CA LEU E 435 8.34 -26.71 -1.08
C LEU E 435 8.63 -27.02 0.38
N VAL E 436 7.62 -27.54 1.09
CA VAL E 436 7.73 -27.88 2.49
C VAL E 436 7.31 -29.33 2.68
N CYS E 437 8.14 -30.09 3.39
CA CYS E 437 7.85 -31.49 3.68
C CYS E 437 7.66 -31.65 5.19
N CYS E 438 6.57 -32.29 5.58
CA CYS E 438 6.25 -32.49 6.99
C CYS E 438 5.36 -33.71 7.13
N GLU E 439 5.29 -34.22 8.37
CA GLU E 439 4.48 -35.39 8.68
C GLU E 439 3.12 -34.97 9.25
N THR E 440 2.23 -35.95 9.35
CA THR E 440 0.88 -35.67 9.85
C THR E 440 0.89 -35.46 11.36
N TYR E 441 1.70 -36.22 12.09
CA TYR E 441 1.70 -36.17 13.54
C TYR E 441 2.30 -34.89 14.10
N LYS E 442 2.91 -34.04 13.27
CA LYS E 442 3.50 -32.79 13.71
C LYS E 442 2.50 -31.65 13.77
N PHE E 443 1.23 -31.91 13.44
CA PHE E 443 0.21 -30.87 13.47
C PHE E 443 -0.21 -30.58 14.91
N CYS E 444 -0.25 -29.30 15.26
CA CYS E 444 -0.63 -28.84 16.59
C CYS E 444 -1.79 -27.86 16.47
N GLU E 445 -2.75 -27.98 17.40
CA GLU E 445 -3.95 -27.14 17.39
C GLU E 445 -3.64 -25.81 18.10
N ARG E 446 -2.82 -24.99 17.42
CA ARG E 446 -2.46 -23.67 17.90
C ARG E 446 -2.67 -22.67 16.78
N VAL E 447 -3.15 -21.47 17.14
CA VAL E 447 -3.55 -20.47 16.15
C VAL E 447 -2.63 -19.25 16.27
N GLN E 448 -1.37 -19.50 16.63
CA GLN E 448 -0.40 -18.41 16.69
C GLN E 448 -0.25 -17.77 15.31
N THR E 449 -0.30 -16.44 15.27
CA THR E 449 -0.32 -15.70 14.01
C THR E 449 0.81 -14.69 13.91
N ASP E 450 1.84 -14.80 14.76
CA ASP E 450 2.96 -13.88 14.71
C ASP E 450 4.26 -14.67 14.83
N ALA E 451 5.33 -14.07 14.30
CA ALA E 451 6.64 -14.73 14.31
C ALA E 451 7.23 -14.87 15.69
N PHE E 452 6.71 -14.13 16.68
CA PHE E 452 7.24 -14.19 18.05
C PHE E 452 6.07 -13.97 19.01
N VAL E 453 5.48 -15.09 19.45
CA VAL E 453 4.43 -15.07 20.46
C VAL E 453 4.77 -16.08 21.54
N SER E 454 4.98 -17.33 21.13
CA SER E 454 5.33 -18.43 22.04
C SER E 454 6.58 -19.10 21.49
N ASN E 455 7.74 -18.64 21.97
CA ASN E 455 9.02 -19.19 21.52
C ASN E 455 9.88 -19.59 22.71
N GLU E 456 11.12 -19.97 22.45
CA GLU E 456 12.06 -20.32 23.51
C GLU E 456 13.38 -19.59 23.27
N LEU E 457 14.04 -19.24 24.36
CA LEU E 457 15.29 -18.48 24.32
C LEU E 457 16.46 -19.43 24.50
N ASP E 458 17.41 -19.38 23.58
CA ASP E 458 18.60 -20.22 23.65
C ASP E 458 19.66 -19.57 24.54
N ASP E 459 20.82 -20.19 24.60
CA ASP E 459 21.92 -19.67 25.39
C ASP E 459 22.52 -18.46 24.69
N PRO E 460 22.55 -17.28 25.33
CA PRO E 460 23.13 -16.09 24.70
C PRO E 460 24.64 -15.98 24.83
N ASP E 461 25.30 -16.97 25.43
CA ASP E 461 26.75 -16.96 25.57
C ASP E 461 27.48 -17.47 24.35
N ASP E 462 26.77 -18.04 23.37
CA ASP E 462 27.40 -18.53 22.15
C ASP E 462 27.50 -17.46 21.07
N LEU E 463 26.92 -16.29 21.29
CA LEU E 463 26.99 -15.19 20.32
C LEU E 463 28.22 -14.33 20.61
N GLN E 464 29.38 -14.91 20.35
CA GLN E 464 30.65 -14.25 20.60
C GLN E 464 31.41 -14.06 19.29
N CYS E 465 32.17 -12.97 19.21
CA CYS E 465 32.92 -12.61 18.02
C CYS E 465 34.28 -13.28 18.08
N LYS E 466 34.42 -14.44 17.42
CA LYS E 466 35.69 -15.13 17.36
C LYS E 466 36.61 -14.62 16.27
N ARG E 467 36.12 -13.70 15.42
CA ARG E 467 36.95 -13.14 14.36
C ARG E 467 38.02 -12.24 14.95
N GLY E 468 39.20 -12.25 14.33
CA GLY E 468 40.29 -11.42 14.78
C GLY E 468 40.93 -11.95 16.06
N GLU E 469 41.75 -11.09 16.66
CA GLU E 469 42.47 -11.41 17.88
C GLU E 469 41.74 -10.99 19.14
N HIS E 470 40.55 -10.38 19.01
CA HIS E 470 39.80 -9.90 20.16
C HIS E 470 38.32 -10.12 19.92
N VAL E 471 37.56 -10.15 21.01
CA VAL E 471 36.11 -10.32 20.98
C VAL E 471 35.47 -8.98 21.33
N ALA E 472 34.54 -8.54 20.48
CA ALA E 472 33.92 -7.23 20.66
C ALA E 472 33.10 -7.16 21.95
N LEU E 473 32.36 -8.23 22.27
CA LEU E 473 31.44 -8.25 23.40
C LEU E 473 31.70 -9.46 24.29
N ALA E 474 32.98 -9.70 24.60
CA ALA E 474 33.33 -10.80 25.49
C ALA E 474 32.85 -10.57 26.91
N ASN E 475 32.50 -9.33 27.27
CA ASN E 475 32.01 -8.98 28.60
C ASN E 475 30.73 -8.16 28.48
N TRP E 476 29.79 -8.65 27.68
CA TRP E 476 28.53 -7.93 27.47
C TRP E 476 27.72 -7.78 28.74
N GLN E 477 27.95 -8.63 29.74
CA GLN E 477 27.23 -8.51 31.00
C GLN E 477 27.59 -7.24 31.75
N ASN E 478 28.79 -6.70 31.52
CA ASN E 478 29.18 -5.45 32.18
C ASN E 478 28.29 -4.30 31.76
N HIS E 479 27.94 -4.22 30.48
CA HIS E 479 27.09 -3.15 29.97
C HIS E 479 25.65 -3.46 30.32
N ALA E 480 25.07 -2.67 31.24
CA ALA E 480 23.67 -2.84 31.60
C ALA E 480 22.72 -2.36 30.52
N SER E 481 23.22 -1.62 29.53
CA SER E 481 22.41 -1.10 28.44
C SER E 481 22.47 -1.99 27.19
N LEU E 482 23.14 -3.13 27.27
CA LEU E 482 23.29 -4.03 26.14
C LEU E 482 22.49 -5.30 26.39
N ARG E 483 21.71 -5.72 25.38
CA ARG E 483 20.89 -6.91 25.45
C ARG E 483 21.22 -7.84 24.30
N LEU E 484 21.27 -9.14 24.58
CA LEU E 484 21.54 -10.16 23.58
C LEU E 484 20.31 -11.04 23.40
N LEU E 485 19.85 -11.17 22.17
CA LEU E 485 18.67 -11.95 21.83
C LEU E 485 19.07 -13.09 20.90
N ASN E 486 18.59 -14.30 21.21
CA ASN E 486 18.89 -15.49 20.42
C ASN E 486 17.55 -16.13 20.01
N LEU E 487 17.00 -15.68 18.88
CA LEU E 487 15.77 -16.25 18.37
C LEU E 487 16.06 -17.56 17.64
N VAL E 488 15.14 -18.52 17.78
CA VAL E 488 15.30 -19.86 17.22
C VAL E 488 14.16 -20.20 16.27
N TYR E 489 12.92 -19.99 16.71
CA TYR E 489 11.74 -20.40 15.95
C TYR E 489 10.93 -19.19 15.50
N ASP E 490 10.27 -19.34 14.36
CA ASP E 490 9.35 -18.33 13.84
C ASP E 490 8.40 -19.01 12.87
N VAL E 491 7.32 -18.31 12.55
CA VAL E 491 6.27 -18.85 11.68
C VAL E 491 6.36 -18.20 10.31
N THR E 492 5.95 -18.94 9.30
CA THR E 492 5.90 -18.48 7.93
C THR E 492 4.46 -18.45 7.45
N PRO E 493 3.98 -17.31 6.95
CA PRO E 493 2.58 -17.24 6.54
C PRO E 493 2.30 -18.19 5.40
N PRO E 494 1.09 -18.73 5.32
CA PRO E 494 0.77 -19.69 4.23
C PRO E 494 0.85 -19.07 2.84
N GLU E 495 0.76 -17.75 2.73
CA GLU E 495 0.84 -17.11 1.41
C GLU E 495 2.22 -17.26 0.78
N LEU E 496 3.25 -17.56 1.58
CA LEU E 496 4.60 -17.72 1.07
C LEU E 496 4.96 -19.18 0.79
N VAL E 497 4.01 -20.10 0.96
CA VAL E 497 4.24 -21.52 0.73
C VAL E 497 3.48 -21.93 -0.52
N ASP E 498 4.15 -22.62 -1.43
CA ASP E 498 3.55 -23.03 -2.69
C ASP E 498 2.98 -24.44 -2.64
N LEU E 499 3.70 -25.38 -2.01
CA LEU E 499 3.26 -26.76 -1.96
C LEU E 499 3.77 -27.40 -0.68
N VAL E 500 2.92 -28.20 -0.05
CA VAL E 500 3.27 -28.95 1.17
C VAL E 500 3.22 -30.43 0.83
N ILE E 501 4.32 -31.13 1.08
CA ILE E 501 4.43 -32.55 0.78
C ILE E 501 4.14 -33.35 2.05
N THR E 502 3.20 -34.28 1.94
CA THR E 502 2.78 -35.10 3.07
C THR E 502 2.69 -36.56 2.61
N GLU E 503 2.89 -37.48 3.55
CA GLU E 503 2.84 -38.90 3.22
C GLU E 503 1.48 -39.32 2.70
N LEU E 504 0.43 -38.54 2.95
CA LEU E 504 -0.90 -38.80 2.42
C LEU E 504 -1.15 -38.12 1.09
N GLY E 505 -0.09 -37.74 0.38
CA GLY E 505 -0.21 -37.05 -0.90
C GLY E 505 0.24 -35.60 -0.82
N MET E 506 0.37 -35.00 -2.00
CA MET E 506 0.78 -33.61 -2.11
C MET E 506 -0.47 -32.73 -2.01
N ILE E 507 -0.45 -31.80 -1.06
CA ILE E 507 -1.61 -30.95 -0.79
C ILE E 507 -1.18 -29.49 -0.81
N PRO E 508 -2.09 -28.55 -1.08
CA PRO E 508 -1.74 -27.13 -0.99
C PRO E 508 -1.58 -26.71 0.46
N CYS E 509 -1.09 -25.48 0.64
CA CYS E 509 -0.84 -24.95 1.98
C CYS E 509 -2.12 -24.74 2.77
N SER E 510 -3.26 -24.59 2.10
CA SER E 510 -4.52 -24.32 2.76
C SER E 510 -5.30 -25.59 3.11
N SER E 511 -4.80 -26.76 2.72
CA SER E 511 -5.48 -28.02 2.99
C SER E 511 -4.86 -28.79 4.16
N VAL E 512 -3.90 -28.18 4.87
CA VAL E 512 -3.29 -28.86 6.01
C VAL E 512 -4.29 -29.13 7.13
N PRO E 513 -5.10 -28.15 7.58
CA PRO E 513 -6.06 -28.46 8.65
C PRO E 513 -7.10 -29.50 8.27
N VAL E 514 -7.53 -29.54 7.00
CA VAL E 514 -8.57 -30.47 6.60
C VAL E 514 -8.06 -31.89 6.43
N VAL E 515 -6.75 -32.09 6.41
CA VAL E 515 -6.18 -33.42 6.28
C VAL E 515 -5.47 -33.88 7.56
N ALA E 516 -5.07 -32.97 8.43
CA ALA E 516 -4.40 -33.30 9.69
C ALA E 516 -5.40 -33.12 10.82
N ARG E 517 -6.21 -34.15 11.06
CA ARG E 517 -7.22 -34.12 12.10
C ARG E 517 -7.69 -35.53 12.45
N PHE F 157 52.84 -41.61 31.21
CA PHE F 157 52.26 -40.94 30.05
C PHE F 157 50.77 -41.23 29.90
N ILE F 158 49.94 -40.20 30.04
CA ILE F 158 48.50 -40.36 29.91
C ILE F 158 48.07 -39.72 28.60
N GLY F 159 47.37 -40.47 27.77
CA GLY F 159 46.97 -39.98 26.46
C GLY F 159 45.70 -39.16 26.30
N VAL F 160 45.73 -37.92 26.80
CA VAL F 160 44.57 -37.05 26.67
C VAL F 160 44.75 -36.32 25.34
N ASP F 161 43.65 -36.12 24.65
CA ASP F 161 43.58 -35.50 23.34
C ASP F 161 43.44 -33.98 23.49
N SER F 162 43.16 -33.29 22.38
CA SER F 162 43.09 -31.84 22.40
C SER F 162 41.93 -31.33 23.24
N THR F 163 40.77 -32.00 23.17
CA THR F 163 39.61 -31.54 23.93
C THR F 163 39.86 -31.59 25.43
N GLY F 164 40.52 -32.65 25.91
CA GLY F 164 40.85 -32.78 27.31
C GLY F 164 40.14 -33.90 28.03
N LYS F 165 39.33 -34.70 27.35
CA LYS F 165 38.58 -35.78 28.00
C LYS F 165 38.82 -37.14 27.37
N ARG F 166 39.00 -37.20 26.05
CA ARG F 166 39.14 -38.48 25.37
C ARG F 166 40.51 -39.09 25.66
N LEU F 167 40.54 -40.43 25.79
CA LEU F 167 41.77 -41.16 26.03
C LEU F 167 42.33 -41.67 24.72
N LEU F 168 43.62 -41.41 24.48
CA LEU F 168 44.30 -41.88 23.29
C LEU F 168 45.54 -42.71 23.57
N PHE F 169 46.13 -42.59 24.75
CA PHE F 169 47.35 -43.34 25.07
C PHE F 169 47.45 -43.48 26.59
N MET F 170 47.54 -44.71 27.08
CA MET F 170 47.69 -45.00 28.50
C MET F 170 48.77 -46.06 28.70
N ALA F 171 49.92 -45.84 28.07
CA ALA F 171 51.04 -46.77 28.17
C ALA F 171 52.34 -46.03 28.48
N GLU F 179 60.94 -47.45 23.25
CA GLU F 179 60.69 -46.07 22.81
C GLU F 179 59.20 -45.83 22.62
N LEU F 180 58.80 -44.56 22.74
CA LEU F 180 57.39 -44.20 22.57
C LEU F 180 56.97 -44.37 21.12
N VAL F 181 55.86 -45.06 20.90
CA VAL F 181 55.34 -45.33 19.57
C VAL F 181 53.86 -44.94 19.54
N ILE F 182 53.47 -44.15 18.55
CA ILE F 182 52.09 -43.73 18.38
C ILE F 182 51.67 -44.03 16.94
N LYS F 183 50.55 -44.72 16.79
CA LYS F 183 50.07 -45.09 15.47
C LYS F 183 49.57 -43.88 14.70
N GLY F 184 49.73 -43.92 13.37
CA GLY F 184 49.27 -42.81 12.55
C GLY F 184 47.77 -42.74 12.39
N SER F 185 47.08 -43.86 12.55
CA SER F 185 45.62 -43.86 12.45
C SER F 185 45.00 -43.03 13.57
N ILE F 186 45.50 -43.20 14.80
CA ILE F 186 45.00 -42.39 15.91
C ILE F 186 45.43 -40.94 15.74
N LEU F 187 46.55 -40.70 15.04
CA LEU F 187 46.95 -39.33 14.73
C LEU F 187 46.06 -38.74 13.64
N GLN F 188 45.65 -39.56 12.67
CA GLN F 188 44.71 -39.09 11.66
C GLN F 188 43.36 -38.75 12.28
N LYS F 189 42.89 -39.59 13.20
CA LYS F 189 41.63 -39.31 13.89
C LYS F 189 41.72 -38.05 14.75
N HIS F 190 42.83 -37.90 15.47
CA HIS F 190 43.05 -36.74 16.34
C HIS F 190 44.45 -36.18 16.09
N PRO F 191 44.57 -35.13 15.30
CA PRO F 191 45.91 -34.59 14.99
C PRO F 191 46.63 -34.03 16.20
N ARG F 192 45.94 -33.66 17.26
CA ARG F 192 46.53 -33.04 18.43
C ARG F 192 46.37 -33.95 19.65
N ILE F 193 47.46 -34.17 20.37
CA ILE F 193 47.46 -34.98 21.59
C ILE F 193 48.07 -34.15 22.70
N ARG F 194 47.30 -33.94 23.77
CA ARG F 194 47.76 -33.15 24.92
C ARG F 194 48.39 -34.11 25.93
N PHE F 195 49.70 -34.33 25.78
CA PHE F 195 50.41 -35.26 26.65
C PHE F 195 50.48 -34.72 28.08
N HIS F 196 50.39 -35.63 29.05
CA HIS F 196 50.46 -35.28 30.46
C HIS F 196 51.45 -36.20 31.16
N THR F 197 52.09 -35.68 32.21
CA THR F 197 53.02 -36.46 33.01
C THR F 197 52.87 -36.13 34.49
N ILE F 229 42.99 -51.41 32.05
CA ILE F 229 42.73 -50.07 31.52
C ILE F 229 43.54 -49.76 30.25
N PRO F 230 44.85 -50.02 30.23
CA PRO F 230 45.61 -49.76 28.99
C PRO F 230 45.11 -50.55 27.79
N TYR F 231 44.62 -51.78 28.01
CA TYR F 231 44.12 -52.58 26.89
C TYR F 231 42.84 -51.99 26.30
N LEU F 232 42.01 -51.34 27.13
CA LEU F 232 40.80 -50.71 26.63
C LEU F 232 41.12 -49.58 25.66
N VAL F 233 42.13 -48.78 25.98
CA VAL F 233 42.52 -47.69 25.09
C VAL F 233 43.10 -48.22 23.79
N ARG F 234 43.84 -49.34 23.87
CA ARG F 234 44.45 -49.93 22.68
C ARG F 234 43.42 -50.55 21.74
N LYS F 235 42.17 -50.71 22.17
CA LYS F 235 41.10 -51.28 21.35
C LYS F 235 41.48 -52.66 20.84
N CYS F 300 36.67 -44.15 26.77
CA CYS F 300 37.27 -43.79 28.04
C CYS F 300 37.39 -42.28 28.19
N TYR F 301 36.79 -41.74 29.25
CA TYR F 301 36.79 -40.31 29.53
C TYR F 301 37.50 -40.05 30.85
N VAL F 302 38.20 -38.93 30.93
CA VAL F 302 38.94 -38.55 32.14
C VAL F 302 38.60 -37.11 32.48
N HIS F 303 38.44 -36.84 33.76
CA HIS F 303 38.22 -35.48 34.27
C HIS F 303 39.33 -35.13 35.25
N ILE F 304 39.87 -33.92 35.12
CA ILE F 304 40.95 -33.46 35.98
C ILE F 304 40.53 -32.21 36.73
N PRO G 41 -55.98 2.33 28.80
CA PRO G 41 -57.00 2.24 27.75
C PRO G 41 -56.40 2.12 26.35
N PRO G 42 -57.03 1.33 25.49
CA PRO G 42 -56.51 1.18 24.12
C PRO G 42 -56.58 2.49 23.35
N LEU G 43 -55.62 2.68 22.45
CA LEU G 43 -55.56 3.88 21.64
C LEU G 43 -56.56 3.80 20.49
N GLN G 44 -57.23 4.92 20.22
CA GLN G 44 -58.22 4.99 19.15
C GLN G 44 -57.87 6.15 18.22
N ALA G 45 -58.44 6.12 17.02
CA ALA G 45 -58.21 7.16 16.05
C ALA G 45 -59.46 7.33 15.19
N VAL G 46 -59.60 8.53 14.62
CA VAL G 46 -60.71 8.86 13.74
C VAL G 46 -60.15 9.28 12.39
N LEU G 47 -60.61 8.63 11.34
CA LEU G 47 -60.14 8.89 9.98
C LEU G 47 -61.29 9.47 9.16
N VAL G 48 -61.03 10.60 8.52
CA VAL G 48 -62.01 11.26 7.65
C VAL G 48 -61.58 10.97 6.22
N ALA G 49 -62.26 10.02 5.58
CA ALA G 49 -61.89 9.61 4.23
C ALA G 49 -62.22 10.70 3.22
N ASP G 50 -63.42 11.26 3.29
CA ASP G 50 -63.86 12.24 2.32
C ASP G 50 -63.21 13.59 2.58
N SER G 51 -62.59 14.16 1.54
CA SER G 51 -62.05 15.51 1.60
C SER G 51 -63.11 16.46 1.07
N PHE G 52 -63.65 17.31 1.95
CA PHE G 52 -64.77 18.17 1.60
C PHE G 52 -64.40 19.30 0.66
N ASP G 53 -63.11 19.58 0.48
CA ASP G 53 -62.68 20.57 -0.49
C ASP G 53 -62.69 19.96 -1.89
N ARG G 54 -62.68 20.84 -2.90
CA ARG G 54 -62.72 20.43 -4.30
C ARG G 54 -61.46 20.88 -5.03
N ARG G 55 -60.32 20.81 -4.34
CA ARG G 55 -59.04 21.13 -4.99
C ARG G 55 -58.72 20.15 -6.11
N PHE G 56 -58.95 18.86 -5.86
CA PHE G 56 -58.73 17.82 -6.87
C PHE G 56 -60.03 17.51 -7.61
N PHE G 57 -60.57 18.52 -8.28
CA PHE G 57 -61.82 18.28 -8.99
C PHE G 57 -61.74 18.60 -10.49
N PRO G 58 -60.66 18.24 -11.19
CA PRO G 58 -60.82 17.88 -12.60
C PRO G 58 -61.15 16.41 -12.76
N ILE G 59 -60.75 15.59 -11.79
CA ILE G 59 -60.65 14.16 -11.97
C ILE G 59 -61.55 13.38 -11.03
N SER G 60 -61.89 13.97 -9.88
CA SER G 60 -62.58 13.21 -8.83
C SER G 60 -63.99 12.79 -9.21
N LYS G 61 -64.46 13.11 -10.42
CA LYS G 61 -65.78 12.65 -10.84
C LYS G 61 -65.86 11.15 -11.02
N ASP G 62 -64.73 10.45 -11.03
CA ASP G 62 -64.71 8.99 -11.18
C ASP G 62 -64.15 8.28 -9.96
N GLN G 63 -63.10 8.82 -9.33
CA GLN G 63 -62.48 8.18 -8.18
C GLN G 63 -62.27 9.20 -7.08
N PRO G 64 -62.34 8.77 -5.81
CA PRO G 64 -62.09 9.69 -4.70
C PRO G 64 -60.62 10.04 -4.57
N ARG G 65 -60.35 11.06 -3.78
CA ARG G 65 -58.97 11.51 -3.57
C ARG G 65 -58.17 10.47 -2.81
N VAL G 66 -58.79 9.77 -1.85
CA VAL G 66 -58.06 8.80 -1.05
C VAL G 66 -57.57 7.63 -1.90
N LEU G 67 -58.27 7.32 -2.99
CA LEU G 67 -57.90 6.22 -3.85
C LEU G 67 -56.92 6.62 -4.95
N LEU G 68 -56.48 7.87 -4.98
CA LEU G 68 -55.51 8.29 -5.98
C LEU G 68 -54.15 7.69 -5.64
N PRO G 69 -53.51 6.98 -6.59
CA PRO G 69 -52.22 6.34 -6.30
C PRO G 69 -51.07 7.34 -6.32
N LEU G 70 -50.27 7.34 -5.26
CA LEU G 70 -49.07 8.16 -5.19
C LEU G 70 -47.87 7.43 -5.80
N ALA G 71 -47.55 6.25 -5.27
CA ALA G 71 -46.49 5.39 -5.76
C ALA G 71 -47.04 3.99 -6.03
N ASN G 72 -48.17 3.95 -6.74
CA ASN G 72 -48.97 2.75 -7.01
C ASN G 72 -49.65 2.22 -5.76
N VAL G 73 -49.68 3.02 -4.68
CA VAL G 73 -50.36 2.65 -3.44
C VAL G 73 -51.32 3.78 -3.08
N ALA G 74 -52.53 3.41 -2.65
CA ALA G 74 -53.54 4.40 -2.31
C ALA G 74 -53.11 5.21 -1.08
N LEU G 75 -53.56 6.47 -1.05
CA LEU G 75 -53.23 7.34 0.08
C LEU G 75 -53.84 6.83 1.38
N ILE G 76 -55.06 6.30 1.30
CA ILE G 76 -55.71 5.75 2.50
C ILE G 76 -54.92 4.56 3.03
N ASP G 77 -54.30 3.78 2.14
CA ASP G 77 -53.41 2.70 2.58
C ASP G 77 -52.22 3.26 3.35
N TYR G 78 -51.64 4.36 2.86
CA TYR G 78 -50.54 5.00 3.58
C TYR G 78 -50.97 5.46 4.96
N THR G 79 -52.15 6.09 5.05
CA THR G 79 -52.65 6.57 6.33
C THR G 79 -52.92 5.41 7.29
N LEU G 80 -53.50 4.32 6.78
CA LEU G 80 -53.76 3.16 7.63
C LEU G 80 -52.46 2.53 8.11
N GLU G 81 -51.46 2.44 7.24
CA GLU G 81 -50.17 1.90 7.66
C GLU G 81 -49.53 2.78 8.72
N PHE G 82 -49.59 4.10 8.55
CA PHE G 82 -49.05 5.01 9.55
C PHE G 82 -49.76 4.86 10.89
N LEU G 83 -51.09 4.76 10.86
CA LEU G 83 -51.85 4.60 12.10
C LEU G 83 -51.53 3.28 12.77
N THR G 84 -51.40 2.20 12.00
CA THR G 84 -51.07 0.90 12.59
C THR G 84 -49.66 0.90 13.19
N ALA G 85 -48.71 1.53 12.50
CA ALA G 85 -47.34 1.58 13.02
C ALA G 85 -47.24 2.47 14.25
N THR G 86 -48.04 3.54 14.32
CA THR G 86 -47.96 4.45 15.46
C THR G 86 -48.56 3.85 16.73
N GLY G 87 -49.31 2.77 16.63
CA GLY G 87 -49.88 2.11 17.79
C GLY G 87 -51.39 2.16 17.94
N VAL G 88 -52.11 2.63 16.92
CA VAL G 88 -53.56 2.71 17.01
C VAL G 88 -54.14 1.30 16.93
N GLN G 89 -55.01 0.98 17.89
CA GLN G 89 -55.64 -0.34 17.95
C GLN G 89 -57.08 -0.33 17.46
N GLU G 90 -57.63 0.84 17.13
CA GLU G 90 -59.01 0.92 16.63
C GLU G 90 -59.14 2.19 15.80
N THR G 91 -59.50 2.04 14.54
CA THR G 91 -59.63 3.15 13.61
C THR G 91 -61.06 3.27 13.14
N PHE G 92 -61.60 4.49 13.17
CA PHE G 92 -62.94 4.78 12.67
C PHE G 92 -62.81 5.52 11.35
N VAL G 93 -63.43 4.98 10.31
CA VAL G 93 -63.37 5.53 8.96
C VAL G 93 -64.74 6.11 8.62
N PHE G 94 -64.76 7.40 8.28
CA PHE G 94 -66.00 8.10 7.93
C PHE G 94 -65.99 8.39 6.44
N CYS G 95 -67.01 7.90 5.73
CA CYS G 95 -67.15 8.09 4.30
C CYS G 95 -68.46 8.82 4.02
N CYS G 96 -68.39 9.86 3.18
CA CYS G 96 -69.56 10.66 2.85
C CYS G 96 -69.99 10.51 1.39
N TRP G 97 -69.07 10.75 0.46
CA TRP G 97 -69.36 10.65 -0.97
C TRP G 97 -68.48 9.59 -1.60
N LYS G 98 -69.03 8.88 -2.58
CA LYS G 98 -68.37 7.71 -3.18
C LYS G 98 -67.95 6.70 -2.11
N ALA G 99 -68.86 6.48 -1.14
CA ALA G 99 -68.55 5.61 -0.01
C ALA G 99 -68.43 4.14 -0.44
N ALA G 100 -69.17 3.74 -1.47
CA ALA G 100 -69.15 2.34 -1.88
C ALA G 100 -67.77 1.91 -2.36
N GLN G 101 -67.10 2.76 -3.15
CA GLN G 101 -65.79 2.41 -3.66
C GLN G 101 -64.77 2.27 -2.52
N ILE G 102 -64.79 3.22 -1.57
CA ILE G 102 -63.86 3.16 -0.46
C ILE G 102 -64.14 1.94 0.41
N LYS G 103 -65.42 1.65 0.65
CA LYS G 103 -65.79 0.49 1.47
C LYS G 103 -65.34 -0.81 0.81
N GLU G 104 -65.53 -0.93 -0.51
CA GLU G 104 -65.14 -2.16 -1.18
C GLU G 104 -63.64 -2.28 -1.32
N HIS G 105 -62.92 -1.15 -1.37
CA HIS G 105 -61.46 -1.20 -1.44
C HIS G 105 -60.87 -1.54 -0.08
N LEU G 106 -61.48 -1.07 1.01
CA LEU G 106 -60.95 -1.32 2.34
C LEU G 106 -61.02 -2.81 2.69
N LEU G 107 -62.09 -3.50 2.28
CA LEU G 107 -62.23 -4.91 2.61
C LEU G 107 -61.15 -5.75 1.95
N LYS G 108 -60.71 -5.38 0.75
CA LYS G 108 -59.64 -6.11 0.08
C LYS G 108 -58.27 -5.82 0.71
N SER G 109 -58.15 -4.75 1.48
CA SER G 109 -56.87 -4.40 2.09
C SER G 109 -56.54 -5.36 3.23
N LYS G 110 -55.26 -5.38 3.60
CA LYS G 110 -54.79 -6.26 4.67
C LYS G 110 -55.27 -5.81 6.04
N TRP G 111 -55.66 -4.54 6.20
CA TRP G 111 -56.08 -4.05 7.50
C TRP G 111 -57.43 -4.59 7.92
N CYS G 112 -58.20 -5.15 7.00
CA CYS G 112 -59.49 -5.75 7.31
C CYS G 112 -59.39 -7.25 7.56
N ARG G 113 -58.19 -7.82 7.52
CA ARG G 113 -58.04 -9.23 7.78
C ARG G 113 -58.32 -9.54 9.25
N PRO G 114 -58.81 -10.75 9.56
CA PRO G 114 -59.07 -11.09 10.96
C PRO G 114 -57.83 -11.04 11.84
N THR G 115 -56.66 -11.37 11.30
CA THR G 115 -55.41 -11.35 12.06
C THR G 115 -54.76 -9.97 11.94
N SER G 116 -55.45 -8.97 12.51
CA SER G 116 -54.97 -7.60 12.50
C SER G 116 -55.09 -7.01 13.90
N LEU G 117 -54.14 -6.13 14.22
CA LEU G 117 -54.10 -5.46 15.51
C LEU G 117 -54.75 -4.07 15.47
N ASN G 118 -55.32 -3.68 14.33
CA ASN G 118 -55.95 -2.38 14.17
C ASN G 118 -57.32 -2.59 13.52
N VAL G 119 -58.36 -2.66 14.34
CA VAL G 119 -59.71 -2.87 13.83
C VAL G 119 -60.18 -1.61 13.11
N VAL G 120 -60.69 -1.78 11.89
CA VAL G 120 -61.15 -0.67 11.07
C VAL G 120 -62.67 -0.76 10.95
N ARG G 121 -63.35 0.31 11.34
CA ARG G 121 -64.81 0.39 11.25
C ARG G 121 -65.17 1.46 10.23
N ILE G 122 -66.02 1.10 9.27
CA ILE G 122 -66.42 1.98 8.19
C ILE G 122 -67.81 2.53 8.51
N ILE G 123 -67.92 3.86 8.56
CA ILE G 123 -69.18 4.53 8.81
C ILE G 123 -69.51 5.37 7.59
N THR G 124 -70.69 5.15 7.02
CA THR G 124 -71.12 5.85 5.81
C THR G 124 -72.36 6.69 6.13
N SER G 125 -72.34 7.95 5.71
CA SER G 125 -73.47 8.84 5.90
C SER G 125 -73.44 9.91 4.81
N GLU G 126 -74.60 10.14 4.19
CA GLU G 126 -74.71 11.09 3.10
C GLU G 126 -74.97 12.52 3.58
N LEU G 127 -75.18 12.72 4.88
CA LEU G 127 -75.46 14.04 5.42
C LEU G 127 -74.21 14.82 5.79
N TYR G 128 -73.03 14.21 5.70
CA TYR G 128 -71.81 14.91 6.07
C TYR G 128 -71.48 16.00 5.06
N ARG G 129 -71.06 17.16 5.56
CA ARG G 129 -70.65 18.28 4.72
C ARG G 129 -69.34 18.91 5.14
N SER G 130 -68.85 18.63 6.34
CA SER G 130 -67.58 19.17 6.82
C SER G 130 -67.09 18.31 7.97
N LEU G 131 -65.83 18.55 8.37
CA LEU G 131 -65.25 17.81 9.49
C LEU G 131 -66.04 18.03 10.77
N GLY G 132 -66.61 19.21 10.95
CA GLY G 132 -67.42 19.47 12.12
C GLY G 132 -68.63 18.57 12.21
N ASP G 133 -69.23 18.24 11.07
CA ASP G 133 -70.37 17.34 11.07
C ASP G 133 -69.99 15.95 11.56
N VAL G 134 -68.86 15.42 11.08
CA VAL G 134 -68.42 14.10 11.53
C VAL G 134 -68.02 14.14 13.00
N LEU G 135 -67.44 15.25 13.46
CA LEU G 135 -67.09 15.36 14.88
C LEU G 135 -68.34 15.40 15.75
N ARG G 136 -69.38 16.12 15.31
CA ARG G 136 -70.64 16.13 16.04
C ARG G 136 -71.29 14.74 16.04
N ASP G 137 -71.19 14.03 14.92
CA ASP G 137 -71.71 12.66 14.88
C ASP G 137 -70.97 11.75 15.85
N VAL G 138 -69.65 11.90 15.93
CA VAL G 138 -68.86 11.11 16.88
C VAL G 138 -69.24 11.46 18.31
N ASP G 139 -69.49 12.74 18.58
CA ASP G 139 -69.91 13.16 19.91
C ASP G 139 -71.27 12.57 20.27
N ALA G 140 -72.20 12.56 19.33
CA ALA G 140 -73.53 12.02 19.60
C ALA G 140 -73.50 10.51 19.74
N LYS G 141 -72.63 9.83 18.99
CA LYS G 141 -72.55 8.38 19.04
C LYS G 141 -71.71 7.86 20.20
N ALA G 142 -70.97 8.74 20.88
CA ALA G 142 -70.11 8.36 22.01
C ALA G 142 -69.13 7.26 21.62
N LEU G 143 -68.57 7.39 20.42
CA LEU G 143 -67.62 6.38 19.93
C LEU G 143 -66.30 6.45 20.70
N VAL G 144 -65.84 7.65 21.01
CA VAL G 144 -64.55 7.85 21.65
C VAL G 144 -64.74 7.93 23.17
N ARG G 145 -63.80 7.35 23.91
CA ARG G 145 -63.83 7.36 25.36
C ARG G 145 -62.57 7.92 26.00
N SER G 146 -61.52 8.15 25.23
CA SER G 146 -60.27 8.67 25.75
C SER G 146 -59.61 9.51 24.66
N ASP G 147 -58.32 9.81 24.83
CA ASP G 147 -57.60 10.57 23.82
C ASP G 147 -57.51 9.79 22.52
N PHE G 148 -57.74 10.48 21.40
CA PHE G 148 -57.74 9.86 20.09
C PHE G 148 -57.06 10.78 19.10
N LEU G 149 -56.70 10.21 17.95
CA LEU G 149 -56.02 10.94 16.89
C LEU G 149 -57.01 11.32 15.80
N LEU G 150 -56.87 12.52 15.25
CA LEU G 150 -57.72 13.02 14.18
C LEU G 150 -56.84 13.31 12.96
N VAL G 151 -56.93 12.45 11.96
CA VAL G 151 -56.15 12.59 10.74
C VAL G 151 -57.06 12.44 9.53
N TYR G 152 -56.60 12.96 8.40
CA TYR G 152 -57.33 12.85 7.15
C TYR G 152 -56.96 11.56 6.42
N GLY G 153 -57.66 11.30 5.31
CA GLY G 153 -57.42 10.11 4.53
C GLY G 153 -56.30 10.19 3.53
N ASP G 154 -55.62 11.34 3.44
CA ASP G 154 -54.53 11.54 2.49
C ASP G 154 -53.30 12.09 3.21
N VAL G 155 -52.96 11.49 4.34
CA VAL G 155 -51.81 11.89 5.15
C VAL G 155 -50.77 10.79 5.04
N ILE G 156 -49.57 11.14 4.59
CA ILE G 156 -48.46 10.22 4.46
C ILE G 156 -47.38 10.63 5.45
N SER G 157 -47.11 9.78 6.43
CA SER G 157 -46.16 10.10 7.48
C SER G 157 -45.63 8.81 8.09
N ASN G 158 -44.48 8.94 8.78
CA ASN G 158 -43.89 7.83 9.51
C ASN G 158 -43.60 8.21 10.96
N ILE G 159 -44.34 9.18 11.50
CA ILE G 159 -44.11 9.67 12.85
C ILE G 159 -44.72 8.67 13.83
N ASN G 160 -43.91 8.21 14.79
CA ASN G 160 -44.38 7.33 15.86
C ASN G 160 -44.66 8.18 17.08
N ILE G 161 -45.94 8.35 17.41
CA ILE G 161 -46.32 9.17 18.55
C ILE G 161 -46.23 8.32 19.83
N THR G 162 -45.15 8.52 20.59
CA THR G 162 -44.98 7.86 21.87
C THR G 162 -44.47 8.79 22.97
N ARG G 163 -43.97 9.98 22.65
CA ARG G 163 -43.55 10.97 23.62
C ARG G 163 -44.45 12.19 23.64
N ALA G 164 -44.94 12.63 22.48
CA ALA G 164 -45.88 13.75 22.43
C ALA G 164 -47.17 13.39 23.14
N LEU G 165 -47.68 12.18 22.91
CA LEU G 165 -48.88 11.74 23.62
C LEU G 165 -48.62 11.66 25.13
N GLU G 166 -47.44 11.18 25.52
CA GLU G 166 -47.11 11.08 26.93
C GLU G 166 -47.10 12.45 27.60
N GLU G 167 -46.45 13.44 26.97
CA GLU G 167 -46.43 14.76 27.58
C GLU G 167 -47.79 15.43 27.53
N HIS G 168 -48.59 15.16 26.49
CA HIS G 168 -49.95 15.67 26.45
C HIS G 168 -50.78 15.13 27.61
N ARG G 169 -50.68 13.83 27.87
CA ARG G 169 -51.38 13.24 29.01
C ARG G 169 -50.86 13.80 30.32
N LEU G 170 -49.54 13.99 30.43
CA LEU G 170 -48.97 14.51 31.67
C LEU G 170 -49.48 15.92 31.96
N ARG G 171 -49.48 16.78 30.95
CA ARG G 171 -49.95 18.16 31.14
C ARG G 171 -51.47 18.24 31.24
N ARG G 172 -52.20 17.23 30.76
CA ARG G 172 -53.63 17.17 30.99
C ARG G 172 -53.94 16.77 32.43
N LYS G 173 -53.16 15.83 32.98
CA LYS G 173 -53.40 15.38 34.34
C LYS G 173 -52.93 16.40 35.37
N LEU G 174 -51.79 17.05 35.12
CA LEU G 174 -51.24 18.00 36.10
C LEU G 174 -52.16 19.20 36.29
N GLU G 175 -52.70 19.74 35.20
CA GLU G 175 -53.54 20.93 35.28
C GLU G 175 -55.03 20.63 35.36
N LYS G 176 -55.40 19.35 35.44
CA LYS G 176 -56.80 18.92 35.53
C LYS G 176 -57.60 19.37 34.31
N ASN G 177 -57.22 18.83 33.15
CA ASN G 177 -57.99 18.93 31.91
C ASN G 177 -58.17 20.39 31.47
N VAL G 178 -57.06 21.04 31.16
CA VAL G 178 -57.08 22.34 30.51
C VAL G 178 -56.61 22.27 29.06
N SER G 179 -55.72 21.33 28.72
CA SER G 179 -55.29 21.13 27.35
C SER G 179 -56.24 20.18 26.64
N VAL G 180 -56.66 20.54 25.43
CA VAL G 180 -57.65 19.76 24.71
C VAL G 180 -57.08 19.22 23.40
N MET G 181 -56.09 19.93 22.85
CA MET G 181 -55.52 19.55 21.57
C MET G 181 -54.01 19.72 21.60
N THR G 182 -53.31 18.76 20.98
CA THR G 182 -51.85 18.79 20.86
C THR G 182 -51.51 18.59 19.38
N MET G 183 -51.46 19.69 18.64
CA MET G 183 -51.15 19.61 17.22
C MET G 183 -49.67 19.27 17.01
N ILE G 184 -49.39 18.59 15.91
CA ILE G 184 -48.05 18.11 15.59
C ILE G 184 -47.54 18.86 14.37
N PHE G 185 -46.34 19.43 14.48
CA PHE G 185 -45.68 20.14 13.40
C PHE G 185 -44.39 19.44 13.04
N LYS G 186 -43.72 19.95 12.00
CA LYS G 186 -42.43 19.42 11.57
C LYS G 186 -41.54 20.60 11.18
N GLU G 187 -40.35 20.67 11.77
CA GLU G 187 -39.43 21.75 11.48
C GLU G 187 -38.86 21.60 10.08
N SER G 188 -38.87 22.68 9.31
CA SER G 188 -38.39 22.67 7.93
C SER G 188 -37.96 24.09 7.57
N SER G 189 -37.72 24.31 6.27
CA SER G 189 -37.32 25.60 5.77
C SER G 189 -38.43 26.22 4.92
N PRO G 190 -38.61 27.54 4.98
CA PRO G 190 -39.68 28.17 4.19
C PRO G 190 -39.50 28.03 2.69
N SER G 191 -38.28 27.77 2.21
CA SER G 191 -38.02 27.64 0.78
C SER G 191 -38.13 26.21 0.29
N HIS G 192 -38.51 25.27 1.14
CA HIS G 192 -38.62 23.87 0.72
C HIS G 192 -39.75 23.71 -0.28
N PRO G 193 -39.59 22.84 -1.28
CA PRO G 193 -40.68 22.61 -2.25
C PRO G 193 -41.93 22.01 -1.61
N THR G 194 -41.82 21.41 -0.43
CA THR G 194 -42.94 20.80 0.25
C THR G 194 -43.76 21.81 1.04
N ARG G 195 -43.37 23.09 1.03
CA ARG G 195 -44.09 24.15 1.74
C ARG G 195 -44.84 24.98 0.70
N CYS G 196 -46.06 24.56 0.40
CA CYS G 196 -46.90 25.29 -0.54
C CYS G 196 -47.41 26.59 0.08
N HIS G 197 -47.59 27.60 -0.78
CA HIS G 197 -48.07 28.88 -0.31
C HIS G 197 -49.50 28.83 0.21
N GLU G 198 -50.29 27.86 -0.25
CA GLU G 198 -51.66 27.70 0.23
C GLU G 198 -51.74 26.97 1.57
N ASP G 199 -50.64 26.42 2.05
CA ASP G 199 -50.59 25.70 3.32
C ASP G 199 -49.40 26.17 4.14
N ASN G 200 -49.21 27.49 4.19
CA ASN G 200 -48.14 28.11 4.96
C ASN G 200 -48.75 28.92 6.10
N VAL G 201 -48.32 28.64 7.33
CA VAL G 201 -48.86 29.29 8.51
C VAL G 201 -47.72 29.80 9.37
N VAL G 202 -48.02 30.84 10.17
CA VAL G 202 -47.08 31.40 11.13
C VAL G 202 -47.77 31.44 12.49
N VAL G 203 -47.10 30.91 13.50
CA VAL G 203 -47.68 30.81 14.84
C VAL G 203 -46.70 31.41 15.85
N ALA G 204 -47.26 31.82 16.99
CA ALA G 204 -46.49 32.33 18.13
C ALA G 204 -46.72 31.39 19.30
N VAL G 205 -45.62 30.88 19.87
CA VAL G 205 -45.68 29.87 20.92
C VAL G 205 -44.89 30.36 22.13
N ASP G 206 -44.97 29.59 23.22
CA ASP G 206 -44.22 29.85 24.44
C ASP G 206 -43.00 28.94 24.48
N SER G 207 -41.83 29.54 24.65
CA SER G 207 -40.59 28.76 24.65
C SER G 207 -40.54 27.80 25.84
N THR G 208 -40.97 28.25 27.02
CA THR G 208 -40.91 27.42 28.21
C THR G 208 -41.79 26.18 28.05
N THR G 209 -43.09 26.37 27.93
CA THR G 209 -44.04 25.28 27.71
C THR G 209 -44.68 25.47 26.34
N ASN G 210 -44.58 24.43 25.50
CA ASN G 210 -45.11 24.50 24.14
C ASN G 210 -46.63 24.68 24.17
N ARG G 211 -47.09 25.85 23.73
CA ARG G 211 -48.52 26.16 23.74
C ARG G 211 -48.79 27.20 22.67
N VAL G 212 -49.72 26.90 21.77
CA VAL G 212 -50.04 27.79 20.65
C VAL G 212 -50.92 28.92 21.15
N LEU G 213 -50.53 30.16 20.85
CA LEU G 213 -51.30 31.34 21.22
C LEU G 213 -51.92 32.07 20.02
N HIS G 214 -51.38 31.89 18.82
CA HIS G 214 -51.90 32.55 17.64
C HIS G 214 -51.75 31.63 16.44
N PHE G 215 -52.77 31.61 15.59
CA PHE G 215 -52.78 30.77 14.40
C PHE G 215 -53.43 31.53 13.26
N GLN G 216 -52.73 31.65 12.14
CA GLN G 216 -53.26 32.32 10.97
C GLN G 216 -52.54 31.83 9.73
N LYS G 217 -53.25 31.82 8.62
CA LYS G 217 -52.68 31.44 7.33
C LYS G 217 -52.00 32.63 6.67
N THR G 218 -51.16 32.33 5.69
CA THR G 218 -50.40 33.34 4.95
C THR G 218 -50.69 33.26 3.46
N GLN G 219 -51.96 33.06 3.11
CA GLN G 219 -52.36 32.99 1.70
C GLN G 219 -52.56 34.41 1.18
N GLY G 220 -51.65 34.85 0.32
CA GLY G 220 -51.72 36.21 -0.21
C GLY G 220 -51.53 37.28 0.84
N LEU G 221 -50.59 37.06 1.76
CA LEU G 221 -50.30 38.01 2.83
C LEU G 221 -48.82 38.37 2.80
N ARG G 222 -48.52 39.66 2.87
CA ARG G 222 -47.15 40.16 2.85
C ARG G 222 -46.66 40.63 4.21
N ARG G 223 -47.50 41.31 4.97
CA ARG G 223 -47.13 41.85 6.28
C ARG G 223 -48.03 41.22 7.33
N PHE G 224 -47.52 40.19 8.01
CA PHE G 224 -48.30 39.52 9.05
C PHE G 224 -48.38 40.38 10.31
N ALA G 225 -49.48 40.23 11.04
CA ALA G 225 -49.72 40.98 12.26
C ALA G 225 -50.06 40.04 13.40
N PHE G 226 -49.54 40.35 14.58
CA PHE G 226 -49.77 39.56 15.78
C PHE G 226 -50.41 40.41 16.87
N PRO G 227 -51.41 39.90 17.57
CA PRO G 227 -52.10 40.71 18.59
C PRO G 227 -51.19 41.03 19.77
N LEU G 228 -51.50 42.14 20.43
CA LEU G 228 -50.72 42.64 21.56
C LEU G 228 -50.99 41.89 22.85
N SER G 229 -51.98 41.00 22.89
CA SER G 229 -52.31 40.30 24.13
C SER G 229 -51.14 39.45 24.61
N LEU G 230 -50.43 38.82 23.67
CA LEU G 230 -49.32 37.94 24.05
C LEU G 230 -48.23 38.71 24.79
N PHE G 231 -47.86 39.88 24.27
CA PHE G 231 -46.75 40.62 24.87
C PHE G 231 -47.15 41.30 26.16
N GLN G 232 -48.36 41.87 26.22
CA GLN G 232 -48.80 42.65 27.35
C GLN G 232 -49.57 41.86 28.40
N GLY G 233 -49.73 40.54 28.20
CA GLY G 233 -50.44 39.74 29.17
C GLY G 233 -49.58 38.69 29.85
N SER G 234 -48.50 38.27 29.18
CA SER G 234 -47.64 37.23 29.71
C SER G 234 -46.20 37.51 29.27
N SER G 235 -45.29 36.68 29.74
CA SER G 235 -43.87 36.82 29.43
C SER G 235 -43.24 35.42 29.44
N ASP G 236 -41.91 35.37 29.51
CA ASP G 236 -41.15 34.12 29.57
C ASP G 236 -41.37 33.29 28.32
N GLY G 237 -41.09 33.90 27.17
CA GLY G 237 -41.15 33.21 25.90
C GLY G 237 -42.40 33.54 25.10
N VAL G 238 -42.27 34.46 24.14
CA VAL G 238 -43.38 34.84 23.27
C VAL G 238 -42.85 34.73 21.84
N GLU G 239 -41.90 33.82 21.63
CA GLU G 239 -41.23 33.72 20.34
C GLU G 239 -42.20 33.32 19.23
N VAL G 240 -41.87 33.73 18.01
CA VAL G 240 -42.68 33.46 16.83
C VAL G 240 -41.89 32.54 15.91
N ARG G 241 -42.52 31.46 15.46
CA ARG G 241 -41.89 30.45 14.62
C ARG G 241 -42.49 30.49 13.23
N TYR G 242 -41.63 30.52 12.21
CA TYR G 242 -42.03 30.48 10.81
C TYR G 242 -41.26 29.39 10.07
N ASP G 243 -40.99 28.29 10.75
CA ASP G 243 -40.27 27.16 10.17
C ASP G 243 -40.96 25.85 10.47
N LEU G 244 -42.29 25.86 10.52
CA LEU G 244 -43.08 24.68 10.88
C LEU G 244 -43.92 24.25 9.69
N LEU G 245 -43.88 22.95 9.39
CA LEU G 245 -44.68 22.37 8.31
C LEU G 245 -45.91 21.71 8.92
N ASP G 246 -47.08 22.05 8.38
CA ASP G 246 -48.34 21.55 8.91
C ASP G 246 -48.51 20.09 8.48
N CYS G 247 -48.36 19.17 9.43
CA CYS G 247 -48.52 17.75 9.16
C CYS G 247 -49.98 17.30 9.20
N HIS G 248 -50.88 18.17 9.67
CA HIS G 248 -52.31 17.85 9.79
C HIS G 248 -52.56 16.61 10.65
N ILE G 249 -51.72 16.42 11.67
CA ILE G 249 -51.87 15.35 12.64
C ILE G 249 -52.03 15.98 14.01
N SER G 250 -53.09 15.60 14.72
CA SER G 250 -53.39 16.18 16.02
C SER G 250 -53.83 15.08 16.99
N ILE G 251 -53.56 15.31 18.26
CA ILE G 251 -54.01 14.44 19.34
C ILE G 251 -55.17 15.14 20.04
N CYS G 252 -56.36 14.56 19.93
CA CYS G 252 -57.57 15.19 20.41
C CYS G 252 -57.91 14.70 21.81
N SER G 253 -58.99 15.26 22.36
CA SER G 253 -59.52 14.96 23.68
C SER G 253 -61.00 14.65 23.56
N PRO G 254 -61.56 13.87 24.49
CA PRO G 254 -63.01 13.58 24.42
C PRO G 254 -63.87 14.83 24.47
N GLN G 255 -63.41 15.90 25.13
CA GLN G 255 -64.18 17.13 25.20
C GLN G 255 -64.07 17.98 23.93
N VAL G 256 -63.15 17.64 23.02
CA VAL G 256 -63.03 18.38 21.78
C VAL G 256 -64.33 18.24 20.97
N ALA G 257 -64.88 17.03 20.92
CA ALA G 257 -66.13 16.81 20.21
C ALA G 257 -67.27 17.59 20.84
N GLN G 258 -67.33 17.65 22.18
CA GLN G 258 -68.37 18.43 22.85
C GLN G 258 -68.24 19.91 22.56
N LEU G 259 -67.00 20.44 22.56
CA LEU G 259 -66.81 21.84 22.19
C LEU G 259 -67.21 22.09 20.73
N PHE G 260 -66.92 21.14 19.84
CA PHE G 260 -67.34 21.28 18.45
C PHE G 260 -68.86 21.30 18.33
N THR G 261 -69.54 20.44 19.11
CA THR G 261 -71.00 20.36 19.02
C THR G 261 -71.67 21.55 19.68
N ASP G 262 -71.04 22.14 20.70
CA ASP G 262 -71.67 23.25 21.41
C ASP G 262 -71.88 24.45 20.51
N ASN G 263 -70.90 24.78 19.67
CA ASN G 263 -71.00 25.88 18.73
C ASN G 263 -71.35 25.31 17.36
N PHE G 264 -72.56 25.58 16.89
CA PHE G 264 -73.02 25.07 15.59
C PHE G 264 -72.59 25.98 14.45
N ASP G 265 -71.33 26.39 14.46
CA ASP G 265 -70.80 27.19 13.36
C ASP G 265 -69.39 26.76 12.96
N TYR G 266 -68.89 25.64 13.45
CA TYR G 266 -67.55 25.16 13.16
C TYR G 266 -67.61 24.12 12.04
N GLN G 267 -66.81 24.32 11.00
CA GLN G 267 -66.74 23.39 9.88
C GLN G 267 -65.41 22.66 9.79
N THR G 268 -64.30 23.39 9.84
CA THR G 268 -62.97 22.81 9.74
C THR G 268 -62.22 22.97 11.05
N ARG G 269 -61.05 22.32 11.13
CA ARG G 269 -60.24 22.41 12.33
C ARG G 269 -59.57 23.78 12.47
N ASP G 270 -59.27 24.43 11.34
CA ASP G 270 -58.65 25.75 11.40
C ASP G 270 -59.56 26.76 12.08
N ASP G 271 -60.85 26.73 11.76
CA ASP G 271 -61.79 27.64 12.42
C ASP G 271 -61.87 27.35 13.91
N PHE G 272 -61.85 26.07 14.29
CA PHE G 272 -61.91 25.70 15.70
C PHE G 272 -60.68 26.22 16.45
N VAL G 273 -59.49 26.03 15.89
CA VAL G 273 -58.28 26.46 16.58
C VAL G 273 -58.16 27.98 16.58
N ARG G 274 -58.76 28.64 15.59
CA ARG G 274 -58.75 30.11 15.59
C ARG G 274 -59.76 30.67 16.58
N GLY G 275 -60.89 30.01 16.78
CA GLY G 275 -61.89 30.49 17.70
C GLY G 275 -61.63 30.12 19.15
N LEU G 276 -60.89 29.04 19.39
CA LEU G 276 -60.59 28.65 20.76
C LEU G 276 -59.67 29.68 21.44
N LEU G 277 -58.70 30.20 20.71
CA LEU G 277 -57.78 31.21 21.24
C LEU G 277 -58.31 32.61 21.02
N VAL G 278 -59.57 32.83 21.42
CA VAL G 278 -60.20 34.14 21.31
C VAL G 278 -60.72 34.53 22.69
N ASN G 279 -61.03 33.54 23.52
CA ASN G 279 -61.55 33.78 24.85
C ASN G 279 -60.49 34.39 25.76
N ASN G 285 -59.66 26.45 28.13
CA ASN G 285 -59.16 25.51 27.11
C ASN G 285 -57.89 26.03 26.47
N GLN G 286 -56.89 25.15 26.35
CA GLN G 286 -55.60 25.52 25.79
C GLN G 286 -55.23 24.54 24.68
N ILE G 287 -54.50 25.05 23.69
CA ILE G 287 -54.00 24.25 22.57
C ILE G 287 -52.49 24.26 22.63
N HIS G 288 -51.88 23.08 22.67
CA HIS G 288 -50.44 22.93 22.71
C HIS G 288 -49.95 22.35 21.38
N MET G 289 -48.63 22.20 21.26
CA MET G 289 -48.02 21.81 20.00
C MET G 289 -46.73 21.05 20.26
N HIS G 290 -46.31 20.31 19.24
CA HIS G 290 -45.09 19.51 19.29
C HIS G 290 -44.39 19.59 17.94
N VAL G 291 -43.06 19.43 17.97
CA VAL G 291 -42.23 19.51 16.77
C VAL G 291 -41.38 18.25 16.68
N THR G 292 -41.38 17.62 15.50
CA THR G 292 -40.48 16.53 15.18
C THR G 292 -39.36 17.05 14.27
N ALA G 293 -38.19 16.41 14.36
CA ALA G 293 -37.03 16.85 13.62
C ALA G 293 -36.43 15.80 12.71
N LYS G 294 -36.62 14.51 12.99
CA LYS G 294 -36.04 13.45 12.19
C LYS G 294 -37.05 12.66 11.38
N GLU G 295 -38.35 12.79 11.68
CA GLU G 295 -39.37 12.06 10.95
C GLU G 295 -39.94 12.92 9.82
N TYR G 296 -40.95 12.37 9.13
CA TYR G 296 -41.56 13.03 7.99
C TYR G 296 -43.08 13.02 8.14
N GLY G 297 -43.72 14.04 7.57
CA GLY G 297 -45.17 14.13 7.60
C GLY G 297 -45.73 15.19 6.70
N ALA G 298 -46.73 14.83 5.89
CA ALA G 298 -47.36 15.78 4.98
C ALA G 298 -48.73 15.25 4.61
N ARG G 299 -49.59 16.16 4.14
CA ARG G 299 -50.94 15.83 3.71
C ARG G 299 -51.13 16.34 2.29
N VAL G 300 -51.54 15.44 1.39
CA VAL G 300 -51.72 15.82 -0.01
C VAL G 300 -52.98 16.68 -0.13
N SER G 301 -52.79 17.91 -0.62
CA SER G 301 -53.90 18.84 -0.79
C SER G 301 -54.05 19.35 -2.21
N ASN G 302 -52.96 19.61 -2.91
CA ASN G 302 -52.99 20.09 -4.29
C ASN G 302 -52.02 19.28 -5.13
N LEU G 303 -51.99 19.57 -6.43
CA LEU G 303 -51.13 18.82 -7.35
C LEU G 303 -49.66 19.04 -7.04
N HIS G 304 -49.28 20.27 -6.70
CA HIS G 304 -47.88 20.57 -6.39
C HIS G 304 -47.43 19.78 -5.17
N MET G 305 -48.22 19.79 -4.10
CA MET G 305 -47.84 19.05 -2.90
C MET G 305 -47.92 17.55 -3.12
N TYR G 306 -48.86 17.09 -3.95
CA TYR G 306 -48.91 15.68 -4.32
C TYR G 306 -47.62 15.25 -5.00
N SER G 307 -47.16 16.04 -5.97
CA SER G 307 -45.92 15.71 -6.67
C SER G 307 -44.72 15.76 -5.73
N ALA G 308 -44.68 16.76 -4.84
CA ALA G 308 -43.58 16.85 -3.89
C ALA G 308 -43.54 15.65 -2.96
N VAL G 309 -44.70 15.24 -2.45
CA VAL G 309 -44.77 14.09 -1.55
C VAL G 309 -44.38 12.81 -2.28
N CYS G 310 -44.84 12.66 -3.52
CA CYS G 310 -44.47 11.48 -4.29
C CYS G 310 -42.96 11.43 -4.54
N ALA G 311 -42.36 12.57 -4.88
CA ALA G 311 -40.91 12.62 -5.08
C ALA G 311 -40.16 12.29 -3.80
N ASP G 312 -40.64 12.81 -2.66
CA ASP G 312 -40.00 12.49 -1.39
C ASP G 312 -40.12 11.00 -1.07
N VAL G 313 -41.28 10.40 -1.34
CA VAL G 313 -41.46 8.98 -1.09
C VAL G 313 -40.54 8.15 -1.97
N ILE G 314 -40.40 8.54 -3.24
CA ILE G 314 -39.53 7.79 -4.15
C ILE G 314 -38.08 7.82 -3.66
N ARG G 315 -37.63 8.97 -3.16
CA ARG G 315 -36.25 9.13 -2.69
C ARG G 315 -36.03 8.61 -1.27
N ARG G 316 -36.92 7.74 -0.77
CA ARG G 316 -36.77 7.10 0.52
C ARG G 316 -36.71 8.10 1.68
N TRP G 317 -37.43 9.22 1.55
CA TRP G 317 -37.53 10.17 2.64
C TRP G 317 -38.57 9.77 3.68
N VAL G 318 -39.35 8.73 3.42
CA VAL G 318 -40.42 8.30 4.33
C VAL G 318 -40.08 6.88 4.77
N TYR G 319 -38.78 6.60 4.91
CA TYR G 319 -38.36 5.28 5.35
C TYR G 319 -38.96 4.96 6.71
N PRO G 320 -39.41 3.71 6.95
CA PRO G 320 -39.32 2.53 6.08
C PRO G 320 -40.44 2.40 5.05
N LEU G 321 -41.33 3.37 4.93
CA LEU G 321 -42.41 3.31 3.94
C LEU G 321 -41.80 3.58 2.57
N THR G 322 -41.39 2.51 1.89
CA THR G 322 -40.73 2.59 0.61
C THR G 322 -41.43 1.69 -0.40
N PRO G 323 -41.34 2.00 -1.69
CA PRO G 323 -42.00 1.15 -2.69
C PRO G 323 -41.54 -0.31 -2.68
N GLU G 324 -40.26 -0.55 -2.38
CA GLU G 324 -39.74 -1.91 -2.35
C GLU G 324 -40.04 -2.64 -1.04
N ALA G 325 -40.55 -1.93 -0.03
CA ALA G 325 -40.85 -2.58 1.25
C ALA G 325 -42.11 -3.43 1.15
N ASN G 326 -43.05 -3.06 0.29
CA ASN G 326 -44.30 -3.79 0.08
C ASN G 326 -45.08 -3.93 1.40
N PHE G 327 -45.36 -2.77 2.01
CA PHE G 327 -46.09 -2.76 3.27
C PHE G 327 -47.55 -3.13 3.09
N THR G 328 -48.09 -3.00 1.87
CA THR G 328 -49.48 -3.35 1.61
C THR G 328 -49.73 -4.85 1.56
N ASP G 329 -48.67 -5.66 1.54
CA ASP G 329 -48.77 -7.11 1.48
C ASP G 329 -49.59 -7.56 0.27
N SER G 330 -49.28 -6.98 -0.89
CA SER G 330 -49.95 -7.30 -2.14
C SER G 330 -48.97 -8.00 -3.08
N THR G 331 -49.44 -9.08 -3.71
CA THR G 331 -48.58 -9.86 -4.59
C THR G 331 -48.24 -9.09 -5.86
N THR G 332 -49.12 -8.21 -6.31
CA THR G 332 -48.92 -7.47 -7.55
C THR G 332 -48.07 -6.21 -7.38
N GLN G 333 -47.62 -5.91 -6.16
CA GLN G 333 -46.82 -4.72 -5.90
C GLN G 333 -45.40 -5.06 -5.45
N SER G 334 -44.93 -6.27 -5.74
CA SER G 334 -43.57 -6.63 -5.40
C SER G 334 -42.58 -5.84 -6.27
N CYS G 335 -41.45 -5.48 -5.68
CA CYS G 335 -40.46 -4.68 -6.37
C CYS G 335 -39.09 -4.94 -5.79
N THR G 336 -38.05 -4.60 -6.58
CA THR G 336 -36.66 -4.75 -6.18
C THR G 336 -35.97 -3.39 -6.27
N HIS G 337 -35.12 -3.10 -5.28
CA HIS G 337 -34.39 -1.85 -5.24
C HIS G 337 -33.03 -1.99 -5.91
N SER G 338 -32.66 -0.99 -6.70
CA SER G 338 -31.39 -1.01 -7.41
C SER G 338 -30.63 0.30 -7.20
N ARG G 339 -29.53 0.48 -7.93
CA ARG G 339 -28.72 1.69 -7.81
C ARG G 339 -29.49 2.91 -8.31
N HIS G 340 -29.13 4.08 -7.77
CA HIS G 340 -29.75 5.36 -8.14
C HIS G 340 -31.25 5.36 -7.87
N ASN G 341 -31.68 4.62 -6.85
CA ASN G 341 -33.09 4.54 -6.47
C ASN G 341 -33.97 4.10 -7.63
N ILE G 342 -33.48 3.14 -8.41
CA ILE G 342 -34.22 2.60 -9.55
C ILE G 342 -35.01 1.39 -9.08
N TYR G 343 -36.32 1.43 -9.27
CA TYR G 343 -37.22 0.36 -8.82
C TYR G 343 -37.82 -0.34 -10.03
N ARG G 344 -37.72 -1.67 -10.05
CA ARG G 344 -38.25 -2.48 -11.14
C ARG G 344 -39.05 -3.63 -10.55
N GLY G 345 -40.25 -3.84 -11.10
CA GLY G 345 -41.11 -4.92 -10.66
C GLY G 345 -40.96 -6.16 -11.50
N PRO G 346 -41.92 -7.07 -11.40
CA PRO G 346 -41.88 -8.28 -12.23
C PRO G 346 -42.31 -7.99 -13.67
N GLU G 347 -41.65 -8.67 -14.61
CA GLU G 347 -41.95 -8.56 -16.04
C GLU G 347 -41.84 -7.11 -16.52
N VAL G 348 -40.72 -6.47 -16.19
CA VAL G 348 -40.49 -5.10 -16.66
C VAL G 348 -40.29 -5.07 -18.17
N SER G 349 -39.58 -6.05 -18.71
CA SER G 349 -39.34 -6.17 -20.15
C SER G 349 -38.69 -4.90 -20.71
N LEU G 350 -37.64 -4.45 -20.03
CA LEU G 350 -36.93 -3.26 -20.48
C LEU G 350 -36.25 -3.52 -21.82
N GLY G 351 -36.38 -2.55 -22.73
CA GLY G 351 -35.81 -2.68 -24.05
C GLY G 351 -34.33 -2.32 -24.10
N HIS G 352 -33.77 -2.46 -25.30
CA HIS G 352 -32.36 -2.17 -25.53
C HIS G 352 -32.19 -0.71 -25.91
N GLY G 353 -31.28 -0.02 -25.21
CA GLY G 353 -31.00 1.38 -25.45
C GLY G 353 -31.66 2.33 -24.48
N SER G 354 -32.67 1.87 -23.74
CA SER G 354 -33.33 2.73 -22.77
C SER G 354 -32.39 3.02 -21.61
N ILE G 355 -32.41 4.28 -21.15
CA ILE G 355 -31.54 4.73 -20.07
C ILE G 355 -32.42 5.22 -18.93
N LEU G 356 -32.18 4.71 -17.73
CA LEU G 356 -32.83 5.17 -16.51
C LEU G 356 -31.82 6.03 -15.75
N GLU G 357 -31.89 7.34 -16.01
CA GLU G 357 -30.86 8.24 -15.49
C GLU G 357 -30.97 8.41 -13.97
N GLU G 358 -32.17 8.35 -13.42
CA GLU G 358 -32.36 8.63 -11.99
C GLU G 358 -33.49 7.74 -11.48
N ASN G 359 -34.02 8.09 -10.30
CA ASN G 359 -35.04 7.29 -9.65
C ASN G 359 -36.29 7.14 -10.51
N VAL G 360 -36.57 5.91 -10.95
CA VAL G 360 -37.71 5.61 -11.81
C VAL G 360 -38.45 4.41 -11.21
N LEU G 361 -39.76 4.53 -11.08
CA LEU G 361 -40.62 3.46 -10.59
C LEU G 361 -41.36 2.85 -11.77
N LEU G 362 -41.21 1.54 -11.94
CA LEU G 362 -41.86 0.80 -13.01
C LEU G 362 -42.74 -0.29 -12.42
N GLY G 363 -43.98 -0.38 -12.93
CA GLY G 363 -44.92 -1.36 -12.46
C GLY G 363 -44.75 -2.71 -13.11
N SER G 364 -45.67 -3.62 -12.79
CA SER G 364 -45.65 -4.96 -13.32
C SER G 364 -46.43 -5.00 -14.64
N GLY G 365 -45.86 -5.69 -15.63
CA GLY G 365 -46.46 -5.77 -16.95
C GLY G 365 -46.16 -4.61 -17.87
N THR G 366 -45.34 -3.67 -17.45
CA THR G 366 -44.99 -2.54 -18.30
C THR G 366 -44.16 -3.00 -19.49
N VAL G 367 -44.30 -2.28 -20.60
CA VAL G 367 -43.53 -2.55 -21.82
C VAL G 367 -42.78 -1.28 -22.18
N ILE G 368 -41.46 -1.40 -22.35
CA ILE G 368 -40.59 -0.28 -22.69
C ILE G 368 -39.92 -0.57 -24.03
N GLY G 369 -39.93 0.42 -24.92
CA GLY G 369 -39.34 0.27 -26.23
C GLY G 369 -37.83 0.44 -26.22
N SER G 370 -37.32 1.03 -27.29
CA SER G 370 -35.89 1.21 -27.48
C SER G 370 -35.55 2.70 -27.54
N ASN G 371 -34.33 3.03 -27.13
CA ASN G 371 -33.82 4.40 -27.15
C ASN G 371 -34.72 5.34 -26.34
N CYS G 372 -35.21 4.85 -25.21
CA CYS G 372 -36.04 5.64 -24.32
C CYS G 372 -35.18 6.41 -23.32
N PHE G 373 -35.80 7.36 -22.63
CA PHE G 373 -35.11 8.17 -21.63
C PHE G 373 -36.12 8.52 -20.55
N ILE G 374 -36.04 7.84 -19.42
CA ILE G 374 -36.95 8.03 -18.29
C ILE G 374 -36.14 8.43 -17.08
N THR G 375 -36.51 9.55 -16.45
CA THR G 375 -35.82 10.03 -15.26
C THR G 375 -36.82 10.77 -14.36
N ASN G 376 -36.73 10.51 -13.06
CA ASN G 376 -37.59 11.16 -12.07
C ASN G 376 -39.07 10.95 -12.40
N SER G 377 -39.41 9.76 -12.87
CA SER G 377 -40.76 9.46 -13.32
C SER G 377 -41.26 8.19 -12.66
N VAL G 378 -42.58 8.10 -12.52
CA VAL G 378 -43.25 6.93 -11.96
C VAL G 378 -44.17 6.36 -13.02
N ILE G 379 -44.03 5.07 -13.30
CA ILE G 379 -44.80 4.38 -14.34
C ILE G 379 -45.65 3.32 -13.68
N GLY G 380 -46.95 3.35 -13.95
CA GLY G 380 -47.87 2.39 -13.40
C GLY G 380 -47.81 1.06 -14.12
N PRO G 381 -48.45 0.05 -13.52
CA PRO G 381 -48.46 -1.28 -14.14
C PRO G 381 -49.26 -1.30 -15.43
N GLY G 382 -48.83 -2.18 -16.34
CA GLY G 382 -49.55 -2.37 -17.59
C GLY G 382 -49.33 -1.32 -18.65
N CYS G 383 -48.38 -0.39 -18.45
CA CYS G 383 -48.14 0.65 -19.43
C CYS G 383 -47.44 0.08 -20.66
N HIS G 384 -47.61 0.79 -21.77
CA HIS G 384 -47.01 0.41 -23.06
C HIS G 384 -46.36 1.65 -23.66
N ILE G 385 -45.07 1.82 -23.44
CA ILE G 385 -44.32 2.96 -23.95
C ILE G 385 -43.78 2.61 -25.32
N GLY G 386 -43.63 3.63 -26.17
CA GLY G 386 -43.13 3.44 -27.51
C GLY G 386 -41.62 3.55 -27.61
N ASP G 387 -41.14 4.18 -28.68
CA ASP G 387 -39.71 4.34 -28.92
C ASP G 387 -39.35 5.82 -28.96
N ASN G 388 -38.14 6.13 -28.50
CA ASN G 388 -37.62 7.50 -28.45
C ASN G 388 -38.56 8.41 -27.66
N VAL G 389 -39.08 7.90 -26.54
CA VAL G 389 -39.98 8.65 -25.67
C VAL G 389 -39.19 9.20 -24.50
N VAL G 390 -39.30 10.50 -24.28
CA VAL G 390 -38.57 11.19 -23.21
C VAL G 390 -39.57 11.55 -22.12
N LEU G 391 -39.30 11.09 -20.89
CA LEU G 391 -40.14 11.36 -19.74
C LEU G 391 -39.31 12.03 -18.66
N ASP G 392 -39.78 13.17 -18.16
CA ASP G 392 -39.10 13.91 -17.11
C ASP G 392 -40.15 14.45 -16.14
N GLN G 393 -40.07 14.00 -14.89
CA GLN G 393 -41.01 14.42 -13.84
C GLN G 393 -42.46 14.14 -14.26
N THR G 394 -42.68 13.01 -14.93
CA THR G 394 -43.98 12.62 -15.44
C THR G 394 -44.50 11.42 -14.67
N TYR G 395 -45.78 11.46 -14.29
CA TYR G 395 -46.42 10.39 -13.54
C TYR G 395 -47.44 9.69 -14.43
N LEU G 396 -47.29 8.38 -14.57
CA LEU G 396 -48.15 7.56 -15.41
C LEU G 396 -48.87 6.53 -14.55
N TRP G 397 -50.18 6.46 -14.68
CA TRP G 397 -50.98 5.49 -13.95
C TRP G 397 -51.12 4.22 -14.80
N GLN G 398 -51.98 3.30 -14.34
CA GLN G 398 -52.13 2.03 -15.04
C GLN G 398 -52.88 2.20 -16.35
N GLY G 399 -52.52 1.39 -17.33
CA GLY G 399 -53.21 1.36 -18.61
C GLY G 399 -52.80 2.44 -19.60
N VAL G 400 -51.79 3.23 -19.29
CA VAL G 400 -51.38 4.33 -20.17
C VAL G 400 -50.57 3.77 -21.32
N ARG G 401 -50.96 4.13 -22.55
CA ARG G 401 -50.24 3.75 -23.75
C ARG G 401 -49.67 5.00 -24.42
N VAL G 402 -48.37 5.00 -24.66
CA VAL G 402 -47.68 6.13 -25.26
C VAL G 402 -47.06 5.68 -26.57
N ALA G 403 -47.32 6.44 -27.64
CA ALA G 403 -46.78 6.12 -28.94
C ALA G 403 -45.33 6.61 -29.06
N ALA G 404 -44.66 6.16 -30.12
CA ALA G 404 -43.27 6.52 -30.33
C ALA G 404 -43.14 8.00 -30.71
N GLY G 405 -42.04 8.60 -30.28
CA GLY G 405 -41.75 9.99 -30.60
C GLY G 405 -42.41 11.02 -29.71
N ALA G 406 -43.20 10.59 -28.73
CA ALA G 406 -43.87 11.53 -27.84
C ALA G 406 -42.88 12.08 -26.82
N GLN G 407 -43.02 13.38 -26.52
CA GLN G 407 -42.20 14.06 -25.53
C GLN G 407 -43.12 14.59 -24.44
N ILE G 408 -43.00 14.03 -23.24
CA ILE G 408 -43.83 14.40 -22.10
C ILE G 408 -42.92 14.94 -21.00
N HIS G 409 -43.24 16.13 -20.50
CA HIS G 409 -42.45 16.78 -19.46
C HIS G 409 -43.39 17.32 -18.40
N GLN G 410 -43.19 16.88 -17.15
CA GLN G 410 -43.91 17.39 -15.98
C GLN G 410 -45.42 17.33 -16.19
N SER G 411 -45.91 16.18 -16.61
CA SER G 411 -47.33 15.98 -16.86
C SER G 411 -47.85 14.80 -16.05
N LEU G 412 -49.18 14.72 -15.95
CA LEU G 412 -49.85 13.64 -15.22
C LEU G 412 -50.87 12.99 -16.14
N LEU G 413 -50.81 11.67 -16.23
CA LEU G 413 -51.72 10.89 -17.06
C LEU G 413 -52.48 9.91 -16.19
N CYS G 414 -53.81 9.92 -16.31
CA CYS G 414 -54.67 9.07 -15.50
C CYS G 414 -54.80 7.69 -16.16
N ASP G 415 -55.74 6.89 -15.65
CA ASP G 415 -55.91 5.52 -16.13
C ASP G 415 -56.36 5.50 -17.59
N ASN G 416 -55.81 4.54 -18.34
CA ASN G 416 -56.20 4.29 -19.73
C ASN G 416 -56.00 5.51 -20.62
N ALA G 417 -55.02 6.35 -20.30
CA ALA G 417 -54.70 7.49 -21.14
C ALA G 417 -53.91 7.04 -22.36
N GLU G 418 -54.14 7.72 -23.48
CA GLU G 418 -53.49 7.39 -24.74
C GLU G 418 -52.89 8.65 -25.35
N VAL G 419 -51.65 8.55 -25.83
CA VAL G 419 -50.96 9.63 -26.50
C VAL G 419 -50.49 9.13 -27.86
N LYS G 420 -50.79 9.90 -28.90
CA LYS G 420 -50.42 9.52 -30.26
C LYS G 420 -48.97 9.93 -30.52
N GLU G 421 -48.53 9.76 -31.77
CA GLU G 421 -47.15 10.07 -32.14
C GLU G 421 -46.98 11.57 -32.41
N ARG G 422 -45.74 12.03 -32.25
CA ARG G 422 -45.38 13.43 -32.50
C ARG G 422 -46.23 14.39 -31.67
N VAL G 423 -46.41 14.06 -30.38
CA VAL G 423 -47.19 14.87 -29.46
C VAL G 423 -46.26 15.33 -28.34
N THR G 424 -46.25 16.64 -28.09
CA THR G 424 -45.43 17.24 -27.04
C THR G 424 -46.34 17.79 -25.95
N LEU G 425 -46.06 17.42 -24.70
CA LEU G 425 -46.84 17.84 -23.55
C LEU G 425 -46.04 18.85 -22.74
N LYS G 426 -46.61 20.03 -22.52
CA LYS G 426 -45.97 21.06 -21.74
C LYS G 426 -46.01 20.72 -20.25
N PRO G 427 -45.15 21.34 -19.45
CA PRO G 427 -45.20 21.10 -18.00
C PRO G 427 -46.55 21.47 -17.41
N ARG G 428 -46.95 20.70 -16.40
CA ARG G 428 -48.24 20.87 -15.71
C ARG G 428 -49.41 20.73 -16.69
N SER G 429 -49.43 19.60 -17.37
CA SER G 429 -50.50 19.24 -18.30
C SER G 429 -51.17 17.98 -17.78
N VAL G 430 -52.36 18.14 -17.18
CA VAL G 430 -53.07 17.03 -16.57
C VAL G 430 -53.99 16.40 -17.60
N LEU G 431 -53.89 15.08 -17.75
CA LEU G 431 -54.76 14.31 -18.63
C LEU G 431 -55.61 13.37 -17.81
N THR G 432 -56.93 13.46 -17.98
CA THR G 432 -57.86 12.65 -17.22
C THR G 432 -57.92 11.24 -17.81
N SER G 433 -58.77 10.40 -17.24
CA SER G 433 -58.89 9.03 -17.73
C SER G 433 -59.49 8.99 -19.12
N GLN G 434 -58.99 8.08 -19.95
CA GLN G 434 -59.51 7.84 -21.30
C GLN G 434 -59.45 9.10 -22.16
N VAL G 435 -58.22 9.57 -22.41
CA VAL G 435 -57.97 10.69 -23.30
C VAL G 435 -57.27 10.16 -24.55
N VAL G 436 -57.81 10.52 -25.71
CA VAL G 436 -57.36 9.97 -26.99
C VAL G 436 -56.78 11.07 -27.86
N VAL G 437 -56.09 12.03 -27.24
CA VAL G 437 -55.47 13.16 -27.93
C VAL G 437 -54.71 12.68 -29.16
N GLY G 438 -54.99 13.30 -30.31
CA GLY G 438 -54.45 12.84 -31.58
C GLY G 438 -53.04 13.30 -31.81
N PRO G 439 -52.49 12.89 -32.95
CA PRO G 439 -51.10 13.23 -33.28
C PRO G 439 -50.99 14.64 -33.86
N ASN G 440 -49.74 15.07 -34.02
CA ASN G 440 -49.40 16.37 -34.61
C ASN G 440 -50.07 17.52 -33.87
N ILE G 441 -50.11 17.42 -32.54
CA ILE G 441 -50.69 18.46 -31.69
C ILE G 441 -49.71 18.79 -30.58
N THR G 442 -49.84 20.01 -30.06
CA THR G 442 -48.99 20.49 -28.97
C THR G 442 -49.87 21.18 -27.95
N LEU G 443 -49.81 20.73 -26.70
CA LEU G 443 -50.61 21.31 -25.63
C LEU G 443 -49.80 22.38 -24.89
N PRO G 444 -50.31 23.60 -24.76
CA PRO G 444 -49.56 24.64 -24.04
C PRO G 444 -49.49 24.37 -22.54
N GLU G 445 -48.75 25.21 -21.82
CA GLU G 445 -48.60 25.03 -20.39
C GLU G 445 -49.92 25.25 -19.67
N GLY G 446 -50.20 24.38 -18.70
CA GLY G 446 -51.42 24.46 -17.94
C GLY G 446 -52.65 23.91 -18.62
N SER G 447 -52.49 23.22 -19.74
CA SER G 447 -53.63 22.67 -20.47
C SER G 447 -54.18 21.44 -19.75
N VAL G 448 -55.50 21.42 -19.55
CA VAL G 448 -56.19 20.31 -18.91
C VAL G 448 -57.23 19.79 -19.89
N ILE G 449 -57.21 18.48 -20.13
CA ILE G 449 -58.14 17.83 -21.05
C ILE G 449 -58.88 16.74 -20.29
N SER G 450 -60.21 16.76 -20.35
CA SER G 450 -61.04 15.79 -19.65
C SER G 450 -62.22 15.41 -20.54
N LEU G 451 -62.79 14.25 -20.25
CA LEU G 451 -63.96 13.79 -20.99
C LEU G 451 -65.17 14.69 -20.75
N HIS G 452 -65.30 15.21 -19.54
CA HIS G 452 -66.42 16.10 -19.22
C HIS G 452 -66.27 17.40 -20.00
N PRO G 453 -67.35 17.91 -20.60
CA PRO G 453 -67.25 19.14 -21.42
C PRO G 453 -66.77 20.34 -20.61
N PRO G 454 -67.40 20.68 -19.48
CA PRO G 454 -67.04 21.95 -18.81
C PRO G 454 -65.61 21.99 -18.29
N ASP G 455 -64.96 20.84 -18.09
CA ASP G 455 -63.62 20.82 -17.51
C ASP G 455 -62.61 21.25 -18.57
N ALA G 456 -62.42 22.56 -18.66
CA ALA G 456 -61.44 23.17 -19.57
C ALA G 456 -61.69 22.75 -21.03
N GLU G 457 -60.92 21.77 -21.50
CA GLU G 457 -61.00 21.30 -22.88
C GLU G 457 -61.59 19.88 -22.90
N GLU G 458 -61.66 19.33 -24.10
CA GLU G 458 -62.21 17.98 -24.28
C GLU G 458 -61.38 17.18 -25.27
N GLY H 25 -52.81 -23.13 18.81
CA GLY H 25 -53.93 -22.58 18.07
C GLY H 25 -53.64 -21.25 17.42
N SER H 26 -54.45 -20.24 17.73
CA SER H 26 -54.28 -18.92 17.16
C SER H 26 -53.12 -18.16 17.79
N GLU H 27 -52.66 -18.57 18.97
CA GLU H 27 -51.56 -17.87 19.63
C GLU H 27 -50.27 -17.98 18.83
N LEU H 28 -49.99 -19.16 18.27
CA LEU H 28 -48.78 -19.33 17.46
C LEU H 28 -48.82 -18.43 16.23
N SER H 29 -49.97 -18.40 15.54
CA SER H 29 -50.08 -17.54 14.36
C SER H 29 -49.92 -16.07 14.75
N GLU H 30 -50.53 -15.67 15.88
CA GLU H 30 -50.41 -14.29 16.31
C GLU H 30 -48.96 -13.92 16.59
N ARG H 31 -48.23 -14.80 17.28
CA ARG H 31 -46.81 -14.54 17.50
C ARG H 31 -46.04 -14.50 16.18
N ILE H 32 -46.45 -15.31 15.20
CA ILE H 32 -45.77 -15.32 13.92
C ILE H 32 -45.94 -13.97 13.21
N GLU H 33 -47.18 -13.47 13.11
CA GLU H 33 -47.36 -12.17 12.47
C GLU H 33 -46.73 -11.04 13.28
N SER H 34 -46.74 -11.14 14.62
CA SER H 34 -46.08 -10.13 15.42
C SER H 34 -44.59 -10.09 15.15
N PHE H 35 -43.95 -11.26 15.08
CA PHE H 35 -42.52 -11.32 14.78
C PHE H 35 -42.23 -10.79 13.38
N VAL H 36 -43.06 -11.15 12.40
CA VAL H 36 -42.85 -10.68 11.04
C VAL H 36 -42.98 -9.17 10.97
N GLU H 37 -44.00 -8.61 11.62
CA GLU H 37 -44.20 -7.17 11.59
C GLU H 37 -43.07 -6.43 12.30
N THR H 38 -42.65 -6.93 13.47
CA THR H 38 -41.57 -6.26 14.18
C THR H 38 -40.21 -6.42 13.49
N LEU H 39 -40.07 -7.44 12.64
CA LEU H 39 -38.88 -7.54 11.81
C LEU H 39 -38.94 -6.59 10.62
N LYS H 40 -40.13 -6.41 10.04
CA LYS H 40 -40.27 -5.62 8.82
C LYS H 40 -40.26 -4.12 9.09
N ARG H 41 -41.15 -3.66 9.98
CA ARG H 41 -41.33 -2.22 10.14
C ARG H 41 -40.15 -1.56 10.83
N GLY H 42 -39.36 -2.33 11.59
CA GLY H 42 -38.25 -1.74 12.30
C GLY H 42 -37.33 -2.79 12.86
N GLY H 43 -36.38 -2.34 13.68
CA GLY H 43 -35.46 -3.25 14.32
C GLY H 43 -36.10 -4.03 15.46
N GLY H 44 -35.51 -5.18 15.75
CA GLY H 44 -35.99 -6.02 16.83
C GLY H 44 -35.11 -5.93 18.06
N PRO H 45 -34.64 -7.08 18.54
CA PRO H 45 -33.74 -7.09 19.70
C PRO H 45 -32.44 -6.35 19.40
N ARG H 46 -31.91 -5.70 20.43
CA ARG H 46 -30.66 -4.95 20.27
C ARG H 46 -29.49 -5.87 19.98
N SER H 47 -29.46 -7.04 20.61
CA SER H 47 -28.39 -8.02 20.43
C SER H 47 -28.85 -9.14 19.53
N SER H 48 -27.90 -9.65 18.71
CA SER H 48 -28.23 -10.73 17.79
C SER H 48 -28.46 -12.05 18.52
N GLU H 49 -27.83 -12.24 19.69
CA GLU H 49 -28.04 -13.48 20.45
C GLU H 49 -29.48 -13.62 20.89
N GLU H 50 -30.10 -12.54 21.36
CA GLU H 50 -31.50 -12.58 21.75
C GLU H 50 -32.39 -12.86 20.55
N MET H 51 -32.06 -12.27 19.39
CA MET H 51 -32.83 -12.53 18.17
C MET H 51 -32.76 -14.00 17.79
N ALA H 52 -31.57 -14.59 17.84
CA ALA H 52 -31.44 -16.00 17.53
C ALA H 52 -32.19 -16.87 18.54
N ARG H 53 -32.14 -16.51 19.81
CA ARG H 53 -32.84 -17.27 20.84
C ARG H 53 -34.34 -17.26 20.62
N GLU H 54 -34.90 -16.07 20.31
CA GLU H 54 -36.35 -16.01 20.11
C GLU H 54 -36.75 -16.64 18.78
N THR H 55 -35.89 -16.59 17.77
CA THR H 55 -36.17 -17.31 16.53
C THR H 55 -36.22 -18.81 16.79
N LEU H 56 -35.28 -19.33 17.57
CA LEU H 56 -35.30 -20.75 17.92
C LEU H 56 -36.54 -21.11 18.73
N GLY H 57 -36.94 -20.24 19.66
CA GLY H 57 -38.16 -20.48 20.40
C GLY H 57 -39.39 -20.50 19.52
N LEU H 58 -39.45 -19.56 18.57
CA LEU H 58 -40.57 -19.54 17.63
C LEU H 58 -40.61 -20.79 16.77
N LEU H 59 -39.45 -21.25 16.31
CA LEU H 59 -39.41 -22.48 15.51
C LEU H 59 -39.83 -23.69 16.34
N ARG H 60 -39.37 -23.76 17.60
CA ARG H 60 -39.78 -24.86 18.47
C ARG H 60 -41.28 -24.86 18.72
N GLN H 61 -41.85 -23.67 18.96
CA GLN H 61 -43.29 -23.59 19.18
C GLN H 61 -44.07 -23.96 17.92
N ILE H 62 -43.57 -23.56 16.75
CA ILE H 62 -44.20 -23.95 15.49
C ILE H 62 -44.19 -25.47 15.34
N ILE H 63 -43.06 -26.09 15.65
CA ILE H 63 -42.96 -27.54 15.55
C ILE H 63 -43.89 -28.22 16.54
N THR H 64 -44.02 -27.67 17.75
CA THR H 64 -44.76 -28.34 18.81
C THR H 64 -46.25 -28.37 18.52
N ASP H 65 -46.89 -27.21 18.44
CA ASP H 65 -48.35 -27.13 18.33
C ASP H 65 -48.83 -27.06 16.88
N HIS H 66 -48.37 -28.00 16.05
CA HIS H 66 -48.81 -28.09 14.67
C HIS H 66 -49.13 -29.54 14.34
N ARG H 67 -49.98 -29.73 13.34
CA ARG H 67 -50.39 -31.06 12.90
C ARG H 67 -49.52 -31.47 11.71
N TRP H 68 -48.66 -32.47 11.93
CA TRP H 68 -47.81 -32.99 10.88
C TRP H 68 -47.60 -34.48 11.11
N SER H 69 -48.02 -35.30 10.16
CA SER H 69 -47.92 -36.75 10.27
C SER H 69 -46.63 -37.30 9.66
N ASN H 70 -45.82 -36.47 9.02
CA ASN H 70 -44.57 -36.93 8.43
C ASN H 70 -43.58 -35.78 8.42
N ALA H 71 -42.31 -36.11 8.19
CA ALA H 71 -41.26 -35.11 8.23
C ALA H 71 -41.35 -34.13 7.06
N GLY H 72 -41.81 -34.62 5.90
CA GLY H 72 -41.77 -33.79 4.70
C GLY H 72 -42.61 -32.52 4.82
N GLU H 73 -43.83 -32.66 5.33
CA GLU H 73 -44.68 -31.49 5.51
C GLU H 73 -44.12 -30.54 6.56
N LEU H 74 -43.49 -31.08 7.60
CA LEU H 74 -42.85 -30.23 8.60
C LEU H 74 -41.72 -29.42 7.98
N MET H 75 -40.88 -30.06 7.17
CA MET H 75 -39.80 -29.32 6.50
C MET H 75 -40.37 -28.29 5.53
N GLU H 76 -41.45 -28.62 4.82
CA GLU H 76 -42.06 -27.66 3.91
C GLU H 76 -42.58 -26.45 4.67
N LEU H 77 -43.25 -26.68 5.81
CA LEU H 77 -43.76 -25.58 6.62
C LEU H 77 -42.62 -24.71 7.15
N ILE H 78 -41.55 -25.35 7.64
CA ILE H 78 -40.41 -24.62 8.15
C ILE H 78 -39.76 -23.78 7.05
N ARG H 79 -39.64 -24.36 5.85
CA ARG H 79 -39.07 -23.63 4.73
C ARG H 79 -39.94 -22.43 4.35
N ARG H 80 -41.27 -22.61 4.36
CA ARG H 80 -42.16 -21.49 4.04
C ARG H 80 -42.04 -20.38 5.07
N GLU H 81 -41.98 -20.72 6.35
CA GLU H 81 -41.83 -19.70 7.38
C GLU H 81 -40.48 -19.00 7.27
N GLY H 82 -39.42 -19.75 6.97
CA GLY H 82 -38.12 -19.13 6.77
C GLY H 82 -38.11 -18.19 5.59
N ARG H 83 -38.77 -18.58 4.49
CA ARG H 83 -38.86 -17.71 3.33
C ARG H 83 -39.63 -16.43 3.66
N ARG H 84 -40.73 -16.56 4.41
CA ARG H 84 -41.47 -15.37 4.83
C ARG H 84 -40.62 -14.46 5.70
N MET H 85 -39.88 -15.03 6.64
CA MET H 85 -39.03 -14.23 7.51
C MET H 85 -37.92 -13.54 6.72
N THR H 86 -37.33 -14.23 5.76
CA THR H 86 -36.29 -13.63 4.92
C THR H 86 -36.87 -12.49 4.07
N ALA H 87 -38.06 -12.70 3.52
CA ALA H 87 -38.70 -11.65 2.72
C ALA H 87 -39.10 -10.46 3.60
N ALA H 88 -39.34 -10.69 4.90
CA ALA H 88 -39.66 -9.59 5.79
C ALA H 88 -38.51 -8.60 5.89
N GLN H 89 -37.28 -9.09 6.00
CA GLN H 89 -36.09 -8.24 6.08
C GLN H 89 -34.90 -9.04 5.59
N PRO H 90 -34.52 -8.89 4.31
CA PRO H 90 -33.38 -9.65 3.78
C PRO H 90 -32.02 -9.11 4.20
N SER H 91 -31.96 -7.92 4.79
CA SER H 91 -30.67 -7.34 5.15
C SER H 91 -30.01 -8.09 6.30
N GLU H 92 -30.78 -8.76 7.13
CA GLU H 92 -30.25 -9.50 8.27
C GLU H 92 -30.33 -11.00 7.96
N THR H 93 -29.18 -11.67 8.02
CA THR H 93 -29.09 -13.12 7.82
C THR H 93 -28.98 -13.84 9.17
N THR H 94 -29.97 -13.64 10.03
CA THR H 94 -29.98 -14.28 11.35
C THR H 94 -31.08 -15.30 11.49
N VAL H 95 -32.31 -14.98 11.07
CA VAL H 95 -33.39 -15.94 11.15
C VAL H 95 -33.18 -17.09 10.17
N GLY H 96 -32.68 -16.79 8.97
CA GLY H 96 -32.48 -17.81 7.97
C GLY H 96 -31.48 -18.87 8.41
N ASN H 97 -30.44 -18.45 9.14
CA ASN H 97 -29.48 -19.42 9.67
C ASN H 97 -30.16 -20.36 10.66
N MET H 98 -31.05 -19.83 11.51
CA MET H 98 -31.78 -20.68 12.44
C MET H 98 -32.70 -21.64 11.71
N VAL H 99 -33.39 -21.17 10.67
CA VAL H 99 -34.25 -22.06 9.88
C VAL H 99 -33.43 -23.16 9.23
N ARG H 100 -32.26 -22.82 8.68
CA ARG H 100 -31.42 -23.83 8.04
C ARG H 100 -30.89 -24.84 9.07
N ARG H 101 -30.52 -24.36 10.25
CA ARG H 101 -30.06 -25.27 11.31
C ARG H 101 -31.17 -26.21 11.75
N VAL H 102 -32.39 -25.69 11.88
CA VAL H 102 -33.53 -26.54 12.25
C VAL H 102 -33.79 -27.58 11.16
N LEU H 103 -33.72 -27.17 9.90
CA LEU H 103 -33.93 -28.11 8.80
C LEU H 103 -32.84 -29.19 8.80
N LYS H 104 -31.59 -28.80 9.05
CA LYS H 104 -30.51 -29.77 9.13
C LYS H 104 -30.74 -30.75 10.29
N ILE H 105 -31.21 -30.25 11.43
CA ILE H 105 -31.52 -31.12 12.55
C ILE H 105 -32.63 -32.10 12.20
N ILE H 106 -33.67 -31.61 11.50
CA ILE H 106 -34.76 -32.48 11.08
C ILE H 106 -34.24 -33.57 10.15
N ARG H 107 -33.40 -33.20 9.19
CA ARG H 107 -32.86 -34.17 8.25
C ARG H 107 -31.98 -35.19 8.95
N GLU H 108 -31.15 -34.74 9.90
CA GLU H 108 -30.30 -35.67 10.63
C GLU H 108 -31.13 -36.65 11.46
N GLU H 109 -32.17 -36.15 12.13
CA GLU H 109 -33.02 -37.05 12.90
C GLU H 109 -33.74 -38.05 12.01
N TYR H 110 -34.24 -37.59 10.86
CA TYR H 110 -34.91 -38.49 9.93
C TYR H 110 -33.96 -39.56 9.41
N GLY H 111 -32.73 -39.17 9.07
CA GLY H 111 -31.76 -40.14 8.60
C GLY H 111 -31.36 -41.13 9.68
N ARG H 112 -31.24 -40.65 10.92
CA ARG H 112 -30.89 -41.54 12.03
C ARG H 112 -32.01 -42.54 12.30
N LEU H 113 -33.26 -42.10 12.25
CA LEU H 113 -34.37 -42.98 12.61
C LEU H 113 -34.75 -43.89 11.45
N HIS H 114 -35.15 -43.31 10.31
CA HIS H 114 -35.58 -44.13 9.17
C HIS H 114 -34.43 -44.95 8.62
N GLY H 115 -33.24 -44.37 8.52
CA GLY H 115 -32.09 -45.07 8.00
C GLY H 115 -31.47 -46.05 8.98
N HIS H 142 -39.80 -45.18 13.20
CA HIS H 142 -39.90 -43.76 12.87
C HIS H 142 -41.33 -43.27 12.97
N TYR H 143 -41.51 -41.96 12.86
CA TYR H 143 -42.80 -41.26 12.99
C TYR H 143 -43.39 -41.36 14.40
N ALA H 144 -42.61 -41.80 15.39
CA ALA H 144 -43.13 -41.96 16.74
C ALA H 144 -42.42 -41.05 17.74
N GLN H 145 -41.09 -41.10 17.84
CA GLN H 145 -40.37 -40.30 18.83
C GLN H 145 -39.61 -39.14 18.20
N LEU H 146 -40.08 -38.67 17.04
CA LEU H 146 -39.37 -37.61 16.33
C LEU H 146 -39.45 -36.28 17.08
N GLN H 147 -40.63 -35.96 17.64
CA GLN H 147 -40.83 -34.66 18.27
C GLN H 147 -39.95 -34.49 19.50
N SER H 148 -39.82 -35.54 20.32
CA SER H 148 -38.98 -35.45 21.51
C SER H 148 -37.52 -35.23 21.14
N ASN H 149 -37.03 -35.95 20.13
CA ASN H 149 -35.66 -35.75 19.66
C ASN H 149 -35.47 -34.33 19.14
N ILE H 150 -36.45 -33.80 18.42
CA ILE H 150 -36.35 -32.44 17.89
C ILE H 150 -36.29 -31.43 19.04
N ILE H 151 -37.13 -31.62 20.06
CA ILE H 151 -37.12 -30.71 21.20
C ILE H 151 -35.77 -30.76 21.92
N GLU H 152 -35.23 -31.96 22.10
CA GLU H 152 -33.94 -32.10 22.75
C GLU H 152 -32.84 -31.42 21.92
N ALA H 153 -32.86 -31.61 20.60
CA ALA H 153 -31.88 -30.95 19.76
C ALA H 153 -31.97 -29.44 19.86
N ILE H 154 -33.20 -28.91 19.88
CA ILE H 154 -33.39 -27.47 20.01
C ILE H 154 -32.85 -26.97 21.35
N ASN H 155 -33.11 -27.71 22.43
CA ASN H 155 -32.64 -27.28 23.74
C ASN H 155 -31.11 -27.28 23.83
N GLU H 156 -30.47 -28.34 23.32
CA GLU H 156 -29.00 -28.36 23.30
C GLU H 156 -28.43 -27.26 22.40
N LEU H 157 -29.10 -26.98 21.27
CA LEU H 157 -28.64 -25.89 20.42
C LEU H 157 -28.74 -24.55 21.15
N LEU H 158 -29.83 -24.34 21.90
CA LEU H 158 -29.96 -23.11 22.68
C LEU H 158 -28.88 -23.02 23.76
N VAL H 159 -28.59 -24.13 24.42
CA VAL H 159 -27.53 -24.12 25.45
C VAL H 159 -26.19 -23.77 24.82
N GLU H 160 -25.88 -24.37 23.67
CA GLU H 160 -24.62 -24.07 23.00
C GLU H 160 -24.57 -22.60 22.57
N LEU H 161 -25.68 -22.07 22.07
CA LEU H 161 -25.73 -20.67 21.66
C LEU H 161 -25.50 -19.75 22.85
N GLU H 162 -26.06 -20.09 24.01
CA GLU H 162 -25.78 -19.33 25.22
C GLU H 162 -24.30 -19.42 25.59
N GLY H 163 -23.69 -20.58 25.39
CA GLY H 163 -22.29 -20.75 25.77
C GLY H 163 -21.28 -20.13 24.82
N THR H 164 -21.71 -19.81 23.59
CA THR H 164 -20.76 -19.23 22.62
C THR H 164 -20.12 -17.96 23.16
N MET H 165 -20.86 -17.14 23.91
CA MET H 165 -20.30 -15.88 24.39
C MET H 165 -19.11 -16.12 25.30
N GLU H 166 -19.27 -17.00 26.30
CA GLU H 166 -18.17 -17.32 27.20
C GLU H 166 -17.05 -18.02 26.46
N ASN H 167 -17.38 -18.90 25.50
CA ASN H 167 -16.35 -19.60 24.75
C ASN H 167 -15.48 -18.63 23.97
N ILE H 168 -16.10 -17.62 23.35
CA ILE H 168 -15.34 -16.62 22.60
C ILE H 168 -14.54 -15.75 23.57
N ALA H 169 -15.13 -15.33 24.68
CA ALA H 169 -14.45 -14.45 25.61
C ALA H 169 -13.26 -15.12 26.28
N ALA H 170 -13.28 -16.45 26.39
CA ALA H 170 -12.21 -17.15 27.10
C ALA H 170 -10.87 -17.10 26.39
N GLN H 171 -10.84 -16.72 25.11
CA GLN H 171 -9.62 -16.73 24.32
C GLN H 171 -9.08 -15.32 24.09
N ALA H 172 -9.19 -14.45 25.09
CA ALA H 172 -8.78 -13.06 24.95
C ALA H 172 -7.30 -12.83 25.17
N LEU H 173 -6.68 -13.56 26.10
CA LEU H 173 -5.29 -13.30 26.46
C LEU H 173 -4.30 -13.79 25.43
N GLU H 174 -4.70 -14.71 24.54
CA GLU H 174 -3.75 -15.28 23.60
C GLU H 174 -3.34 -14.28 22.52
N HIS H 175 -4.31 -13.54 21.97
CA HIS H 175 -4.06 -12.65 20.85
C HIS H 175 -3.82 -11.20 21.26
N ILE H 176 -3.78 -10.92 22.56
CA ILE H 176 -3.60 -9.56 23.05
C ILE H 176 -2.46 -9.55 24.06
N HIS H 177 -1.53 -8.61 23.88
CA HIS H 177 -0.38 -8.45 24.76
C HIS H 177 -0.37 -7.05 25.35
N SER H 178 0.53 -6.83 26.30
CA SER H 178 0.64 -5.55 26.96
C SER H 178 1.26 -4.51 26.04
N ASN H 179 0.92 -3.24 26.29
CA ASN H 179 1.44 -2.10 25.53
C ASN H 179 1.16 -2.26 24.04
N GLU H 180 -0.06 -2.65 23.72
CA GLU H 180 -0.49 -2.84 22.34
C GLU H 180 -1.59 -1.82 22.00
N VAL H 181 -1.68 -1.50 20.71
CA VAL H 181 -2.69 -0.58 20.20
C VAL H 181 -3.71 -1.39 19.41
N ILE H 182 -4.97 -1.29 19.81
CA ILE H 182 -6.07 -2.04 19.19
C ILE H 182 -7.12 -1.03 18.73
N MET H 183 -7.63 -1.22 17.53
CA MET H 183 -8.62 -0.32 16.95
C MET H 183 -9.92 -1.08 16.66
N THR H 184 -11.04 -0.47 17.02
CA THR H 184 -12.37 -1.00 16.76
C THR H 184 -13.24 0.09 16.17
N ILE H 185 -14.16 -0.31 15.28
CA ILE H 185 -15.08 0.62 14.63
C ILE H 185 -16.51 0.21 14.98
N GLY H 186 -17.30 1.17 15.42
CA GLY H 186 -18.67 0.90 15.80
C GLY H 186 -18.78 0.26 17.17
N PHE H 187 -19.99 -0.21 17.46
CA PHE H 187 -20.31 -0.84 18.74
C PHE H 187 -20.60 -2.32 18.51
N SER H 188 -19.88 -3.17 19.22
CA SER H 188 -20.07 -4.62 19.13
C SER H 188 -20.00 -5.21 20.53
N ARG H 189 -20.92 -6.13 20.82
CA ARG H 189 -20.96 -6.77 22.14
C ARG H 189 -19.90 -7.85 22.31
N THR H 190 -19.34 -8.36 21.21
CA THR H 190 -18.31 -9.38 21.29
C THR H 190 -16.92 -8.79 21.45
N VAL H 191 -16.59 -7.75 20.68
CA VAL H 191 -15.29 -7.10 20.80
C VAL H 191 -15.17 -6.43 22.16
N GLU H 192 -16.27 -5.87 22.67
CA GLU H 192 -16.24 -5.26 24.00
C GLU H 192 -15.91 -6.29 25.07
N ALA H 193 -16.55 -7.46 25.00
CA ALA H 193 -16.25 -8.51 25.96
C ALA H 193 -14.81 -9.01 25.82
N PHE H 194 -14.34 -9.13 24.57
CA PHE H 194 -12.96 -9.54 24.33
C PHE H 194 -11.99 -8.57 24.98
N LEU H 195 -12.17 -7.27 24.75
CA LEU H 195 -11.28 -6.27 25.31
C LEU H 195 -11.36 -6.22 26.83
N LYS H 196 -12.56 -6.32 27.39
CA LYS H 196 -12.71 -6.26 28.83
C LYS H 196 -12.13 -7.50 29.52
N GLU H 197 -12.19 -8.66 28.87
CA GLU H 197 -11.57 -9.85 29.44
C GLU H 197 -10.06 -9.82 29.30
N ALA H 198 -9.55 -9.27 28.20
CA ALA H 198 -8.10 -9.18 28.00
C ALA H 198 -7.46 -8.09 28.85
N ALA H 199 -8.22 -7.07 29.25
CA ALA H 199 -7.68 -5.95 30.01
C ALA H 199 -7.70 -6.19 31.52
N ARG H 200 -8.33 -7.26 31.99
CA ARG H 200 -8.35 -7.56 33.41
C ARG H 200 -7.04 -8.18 33.91
N LYS H 201 -6.16 -8.58 33.00
CA LYS H 201 -4.85 -9.11 33.36
C LYS H 201 -3.69 -8.36 32.74
N ARG H 202 -3.92 -7.59 31.67
CA ARG H 202 -2.86 -6.82 31.03
C ARG H 202 -3.27 -5.36 30.91
N LYS H 203 -2.45 -4.56 30.23
CA LYS H 203 -2.75 -3.15 30.00
C LYS H 203 -2.31 -2.77 28.60
N PHE H 204 -3.22 -2.17 27.84
CA PHE H 204 -2.95 -1.79 26.45
C PHE H 204 -3.71 -0.52 26.13
N HIS H 205 -3.67 -0.12 24.86
CA HIS H 205 -4.34 1.08 24.39
C HIS H 205 -5.35 0.71 23.31
N VAL H 206 -6.53 1.32 23.38
CA VAL H 206 -7.62 1.04 22.45
C VAL H 206 -8.08 2.35 21.83
N ILE H 207 -8.23 2.36 20.50
CA ILE H 207 -8.73 3.50 19.77
C ILE H 207 -10.05 3.09 19.11
N VAL H 208 -11.11 3.86 19.37
CA VAL H 208 -12.44 3.55 18.87
C VAL H 208 -12.87 4.68 17.92
N ALA H 209 -13.30 4.30 16.72
CA ALA H 209 -13.78 5.23 15.72
C ALA H 209 -15.28 5.00 15.51
N GLU H 210 -16.06 6.07 15.65
CA GLU H 210 -17.50 5.96 15.49
C GLU H 210 -17.90 6.09 14.02
N CYS H 211 -19.08 5.55 13.70
CA CYS H 211 -19.63 5.68 12.36
C CYS H 211 -20.26 7.04 12.18
N ALA H 212 -20.05 7.64 11.00
CA ALA H 212 -20.57 8.98 10.75
C ALA H 212 -22.09 9.09 10.84
N PRO H 213 -22.89 8.23 10.17
CA PRO H 213 -24.35 8.39 10.29
C PRO H 213 -24.86 8.03 11.68
N PHE H 214 -24.47 6.87 12.18
CA PHE H 214 -24.86 6.40 13.50
C PHE H 214 -23.61 6.39 14.37
N CYS H 215 -23.45 7.41 15.20
CA CYS H 215 -22.28 7.55 16.07
C CYS H 215 -22.43 6.61 17.27
N GLN H 216 -22.38 5.31 16.98
CA GLN H 216 -22.47 4.29 18.01
C GLN H 216 -21.12 3.99 18.67
N GLY H 217 -20.02 4.50 18.12
CA GLY H 217 -18.72 4.30 18.74
C GLY H 217 -18.52 5.08 20.01
N HIS H 218 -19.28 6.17 20.21
CA HIS H 218 -19.18 6.93 21.45
C HIS H 218 -19.63 6.09 22.65
N GLU H 219 -20.72 5.32 22.48
CA GLU H 219 -21.18 4.46 23.55
C GLU H 219 -20.15 3.39 23.88
N MET H 220 -19.52 2.81 22.85
CA MET H 220 -18.47 1.82 23.08
C MET H 220 -17.29 2.43 23.82
N ALA H 221 -16.87 3.63 23.42
CA ALA H 221 -15.76 4.30 24.07
C ALA H 221 -16.08 4.61 25.53
N VAL H 222 -17.31 5.06 25.80
CA VAL H 222 -17.71 5.36 27.18
C VAL H 222 -17.73 4.08 28.02
N ASN H 223 -18.29 3.00 27.46
CA ASN H 223 -18.35 1.74 28.20
C ASN H 223 -16.96 1.21 28.49
N LEU H 224 -16.04 1.32 27.54
CA LEU H 224 -14.67 0.87 27.77
C LEU H 224 -13.98 1.74 28.82
N SER H 225 -14.06 3.06 28.66
CA SER H 225 -13.40 3.96 29.60
C SER H 225 -13.97 3.84 31.00
N LYS H 226 -15.21 3.38 31.14
CA LYS H 226 -15.76 3.11 32.47
C LYS H 226 -15.04 1.96 33.17
N ALA H 227 -14.32 1.12 32.42
CA ALA H 227 -13.57 0.01 32.99
C ALA H 227 -12.07 0.24 32.96
N GLY H 228 -11.62 1.45 32.63
CA GLY H 228 -10.20 1.76 32.62
C GLY H 228 -9.42 1.10 31.50
N ILE H 229 -9.71 1.50 30.26
CA ILE H 229 -9.00 0.98 29.09
C ILE H 229 -8.19 2.07 28.38
N GLU H 230 -8.37 3.34 28.74
CA GLU H 230 -7.69 4.46 28.10
C GLU H 230 -8.00 4.51 26.61
N THR H 231 -9.28 4.73 26.31
CA THR H 231 -9.77 4.75 24.94
C THR H 231 -9.64 6.15 24.32
N THR H 232 -9.79 6.20 23.01
CA THR H 232 -9.71 7.44 22.25
C THR H 232 -10.88 7.50 21.28
N VAL H 233 -11.38 8.71 21.03
CA VAL H 233 -12.52 8.94 20.14
C VAL H 233 -12.05 9.80 18.98
N MET H 234 -12.34 9.35 17.75
CA MET H 234 -11.95 10.09 16.56
C MET H 234 -12.91 9.75 15.43
N THR H 235 -12.94 10.63 14.43
CA THR H 235 -13.85 10.47 13.30
C THR H 235 -13.28 9.48 12.29
N ASP H 236 -14.08 9.16 11.27
CA ASP H 236 -13.65 8.23 10.24
C ASP H 236 -12.64 8.83 9.28
N ALA H 237 -12.58 10.17 9.18
CA ALA H 237 -11.66 10.80 8.25
C ALA H 237 -10.22 10.54 8.62
N ALA H 238 -9.91 10.54 9.93
CA ALA H 238 -8.55 10.34 10.40
C ALA H 238 -8.25 8.87 10.68
N ILE H 239 -8.51 8.02 9.70
CA ILE H 239 -8.22 6.59 9.81
C ILE H 239 -6.86 6.25 9.22
N PHE H 240 -6.54 6.80 8.04
CA PHE H 240 -5.22 6.57 7.46
C PHE H 240 -4.13 7.26 8.28
N ALA H 241 -4.45 8.42 8.87
CA ALA H 241 -3.47 9.12 9.69
C ALA H 241 -3.10 8.32 10.93
N VAL H 242 -4.09 7.68 11.56
CA VAL H 242 -3.84 6.89 12.75
C VAL H 242 -3.13 5.57 12.45
N MET H 243 -2.99 5.22 11.18
CA MET H 243 -2.24 4.04 10.80
C MET H 243 -0.77 4.18 11.18
N SER H 244 -0.01 3.12 10.97
CA SER H 244 1.42 3.00 11.23
C SER H 244 1.75 3.01 12.72
N ARG H 245 0.76 3.19 13.60
CA ARG H 245 0.96 3.12 15.03
C ARG H 245 0.10 2.06 15.71
N VAL H 246 -0.84 1.46 15.01
CA VAL H 246 -1.73 0.44 15.57
C VAL H 246 -1.10 -0.93 15.37
N ASN H 247 -1.04 -1.71 16.44
CA ASN H 247 -0.42 -3.02 16.40
C ASN H 247 -1.38 -4.13 15.97
N LYS H 248 -2.66 -4.01 16.33
CA LYS H 248 -3.63 -5.04 16.03
C LYS H 248 -4.98 -4.40 15.76
N VAL H 249 -5.81 -5.07 14.96
CA VAL H 249 -7.15 -4.61 14.63
C VAL H 249 -8.13 -5.72 14.96
N ILE H 250 -9.07 -5.44 15.85
CA ILE H 250 -10.11 -6.38 16.24
C ILE H 250 -11.46 -5.71 16.00
N ILE H 251 -12.28 -6.31 15.13
CA ILE H 251 -13.58 -5.76 14.77
C ILE H 251 -14.60 -6.90 14.71
N GLY H 252 -15.87 -6.53 14.62
CA GLY H 252 -16.95 -7.47 14.45
C GLY H 252 -17.60 -7.34 13.07
N THR H 253 -18.61 -8.18 12.86
CA THR H 253 -19.31 -8.20 11.59
C THR H 253 -20.76 -8.63 11.81
N LYS H 254 -21.62 -8.24 10.87
CA LYS H 254 -23.01 -8.66 10.92
C LYS H 254 -23.17 -10.11 10.50
N THR H 255 -22.45 -10.53 9.47
CA THR H 255 -22.53 -11.90 8.98
C THR H 255 -21.25 -12.23 8.21
N ILE H 256 -21.05 -13.52 7.98
CA ILE H 256 -19.90 -14.02 7.23
C ILE H 256 -20.40 -14.74 5.99
N LEU H 257 -19.85 -14.37 4.83
CA LEU H 257 -20.30 -14.91 3.57
C LEU H 257 -19.67 -16.29 3.34
N ALA H 258 -19.85 -16.82 2.13
CA ALA H 258 -19.39 -18.18 1.84
C ALA H 258 -17.91 -18.22 1.47
N ASN H 259 -17.43 -17.23 0.73
CA ASN H 259 -16.04 -17.20 0.28
C ASN H 259 -15.10 -16.62 1.32
N GLY H 260 -15.52 -16.55 2.59
CA GLY H 260 -14.73 -15.94 3.62
C GLY H 260 -14.95 -14.47 3.81
N ALA H 261 -15.73 -13.83 2.93
CA ALA H 261 -16.04 -12.41 3.08
C ALA H 261 -17.07 -12.21 4.19
N LEU H 262 -17.27 -10.95 4.56
CA LEU H 262 -18.17 -10.63 5.65
C LEU H 262 -18.86 -9.30 5.36
N ARG H 263 -20.00 -9.09 6.00
CA ARG H 263 -20.76 -7.86 5.90
C ARG H 263 -20.69 -7.14 7.25
N ALA H 264 -20.19 -5.91 7.25
CA ALA H 264 -20.02 -5.13 8.46
C ALA H 264 -20.59 -3.73 8.23
N VAL H 265 -20.47 -2.89 9.26
CA VAL H 265 -20.95 -1.52 9.15
C VAL H 265 -20.12 -0.75 8.13
N THR H 266 -20.65 0.41 7.71
CA THR H 266 -19.96 1.23 6.72
C THR H 266 -18.65 1.75 7.28
N GLY H 267 -17.69 1.97 6.38
CA GLY H 267 -16.36 2.39 6.75
C GLY H 267 -15.40 1.27 7.11
N THR H 268 -15.87 0.03 7.13
CA THR H 268 -14.99 -1.09 7.43
C THR H 268 -14.07 -1.42 6.24
N HIS H 269 -14.53 -1.16 5.02
CA HIS H 269 -13.69 -1.40 3.85
C HIS H 269 -12.44 -0.52 3.87
N THR H 270 -12.59 0.75 4.26
CA THR H 270 -11.44 1.62 4.36
C THR H 270 -10.47 1.16 5.43
N LEU H 271 -11.00 0.68 6.57
CA LEU H 271 -10.15 0.16 7.63
C LEU H 271 -9.38 -1.07 7.15
N ALA H 272 -10.05 -1.97 6.43
CA ALA H 272 -9.38 -3.16 5.90
C ALA H 272 -8.31 -2.78 4.88
N LEU H 273 -8.61 -1.80 4.02
CA LEU H 273 -7.63 -1.35 3.04
C LEU H 273 -6.40 -0.74 3.73
N ALA H 274 -6.62 0.07 4.76
CA ALA H 274 -5.50 0.65 5.50
C ALA H 274 -4.69 -0.42 6.20
N ALA H 275 -5.35 -1.42 6.79
CA ALA H 275 -4.64 -2.51 7.44
C ALA H 275 -3.80 -3.29 6.45
N LYS H 276 -4.35 -3.56 5.26
CA LYS H 276 -3.58 -4.25 4.23
C LYS H 276 -2.41 -3.42 3.75
N HIS H 277 -2.61 -2.10 3.60
CA HIS H 277 -1.53 -1.22 3.16
C HIS H 277 -0.39 -1.19 4.19
N HIS H 278 -0.73 -1.14 5.47
CA HIS H 278 0.26 -1.10 6.53
C HIS H 278 0.60 -2.48 7.08
N SER H 279 0.07 -3.55 6.47
CA SER H 279 0.38 -4.92 6.84
C SER H 279 0.09 -5.20 8.31
N THR H 280 -1.03 -4.67 8.80
CA THR H 280 -1.38 -5.00 10.18
C THR H 280 -2.41 -6.12 10.21
N PRO H 281 -2.32 -7.02 11.19
CA PRO H 281 -3.27 -8.14 11.25
C PRO H 281 -4.69 -7.63 11.51
N LEU H 282 -5.66 -8.37 10.97
CA LEU H 282 -7.07 -8.04 11.11
C LEU H 282 -7.81 -9.30 11.54
N ILE H 283 -8.23 -9.34 12.81
CA ILE H 283 -8.93 -10.48 13.38
C ILE H 283 -10.37 -10.08 13.65
N VAL H 284 -11.30 -10.91 13.19
CA VAL H 284 -12.73 -10.67 13.35
C VAL H 284 -13.32 -11.72 14.26
N CYS H 285 -14.00 -11.29 15.31
CA CYS H 285 -14.66 -12.19 16.25
C CYS H 285 -16.14 -12.23 15.94
N ALA H 286 -16.65 -13.43 15.60
CA ALA H 286 -18.05 -13.61 15.27
C ALA H 286 -18.48 -15.01 15.66
N PRO H 287 -19.66 -15.17 16.26
CA PRO H 287 -20.12 -16.51 16.64
C PRO H 287 -20.49 -17.37 15.44
N MET H 288 -20.96 -18.59 15.70
CA MET H 288 -21.23 -19.54 14.62
C MET H 288 -22.56 -19.30 13.92
N PHE H 289 -23.45 -18.50 14.50
CA PHE H 289 -24.74 -18.27 13.86
C PHE H 289 -24.70 -17.16 12.82
N LYS H 290 -23.54 -16.51 12.63
CA LYS H 290 -23.39 -15.46 11.63
C LYS H 290 -22.87 -16.01 10.30
N LEU H 291 -22.72 -17.32 10.17
CA LEU H 291 -22.21 -17.93 8.94
C LEU H 291 -23.34 -18.02 7.92
N SER H 292 -23.23 -17.23 6.85
CA SER H 292 -24.22 -17.23 5.78
C SER H 292 -23.79 -18.17 4.67
N PRO H 293 -24.63 -19.12 4.27
CA PRO H 293 -24.26 -20.09 3.23
C PRO H 293 -24.41 -19.60 1.79
N GLN H 294 -24.56 -18.30 1.58
CA GLN H 294 -24.74 -17.75 0.24
C GLN H 294 -23.49 -16.98 -0.19
N PHE H 295 -23.02 -17.25 -1.40
CA PHE H 295 -21.87 -16.55 -1.94
C PHE H 295 -22.26 -15.11 -2.31
N PRO H 296 -21.28 -14.21 -2.40
CA PRO H 296 -21.60 -12.82 -2.78
C PRO H 296 -22.00 -12.69 -4.23
N ASN H 297 -23.30 -12.47 -4.47
CA ASN H 297 -23.83 -12.28 -5.81
C ASN H 297 -23.70 -10.80 -6.18
N GLU H 298 -24.40 -10.40 -7.26
CA GLU H 298 -24.44 -8.98 -7.62
C GLU H 298 -24.93 -8.13 -6.45
N GLU H 299 -26.07 -8.50 -5.88
CA GLU H 299 -26.57 -7.93 -4.62
C GLU H 299 -26.59 -6.41 -4.66
N ASP H 300 -27.42 -5.87 -5.56
CA ASP H 300 -27.60 -4.42 -5.62
C ASP H 300 -28.25 -3.88 -4.35
N SER H 301 -28.94 -4.72 -3.59
CA SER H 301 -29.54 -4.35 -2.31
C SER H 301 -28.79 -4.96 -1.13
N PHE H 302 -27.50 -5.23 -1.31
CA PHE H 302 -26.71 -5.81 -0.23
C PHE H 302 -26.67 -4.89 0.99
N HIS H 303 -26.44 -3.60 0.76
CA HIS H 303 -26.44 -2.63 1.84
C HIS H 303 -27.86 -2.18 2.14
N LYS H 304 -28.09 -1.78 3.39
CA LYS H 304 -29.40 -1.30 3.82
C LYS H 304 -29.43 0.22 3.66
N PHE H 305 -30.40 0.70 2.90
CA PHE H 305 -30.55 2.13 2.64
C PHE H 305 -31.63 2.71 3.55
N VAL H 306 -31.30 3.80 4.23
CA VAL H 306 -32.22 4.44 5.16
C VAL H 306 -32.53 5.84 4.68
N ALA H 307 -33.35 6.57 5.43
CA ALA H 307 -33.74 7.92 5.04
C ALA H 307 -32.51 8.82 5.00
N PRO H 308 -32.45 9.78 4.07
CA PRO H 308 -31.29 10.67 3.99
C PRO H 308 -31.27 11.73 5.07
N GLU H 309 -32.17 11.62 6.05
CA GLU H 309 -32.22 12.60 7.13
C GLU H 309 -30.94 12.56 7.97
N GLU H 310 -30.39 11.36 8.19
CA GLU H 310 -29.18 11.24 8.99
C GLU H 310 -28.00 11.95 8.34
N VAL H 311 -27.87 11.83 7.01
CA VAL H 311 -26.75 12.45 6.32
C VAL H 311 -27.00 13.95 6.11
N LEU H 312 -28.15 14.30 5.55
CA LEU H 312 -28.49 15.68 5.27
C LEU H 312 -29.77 16.07 5.99
N PRO H 313 -29.77 17.17 6.75
CA PRO H 313 -30.99 17.57 7.46
C PRO H 313 -32.07 18.03 6.49
N PHE H 314 -33.33 17.89 6.94
CA PHE H 314 -34.47 18.29 6.14
C PHE H 314 -34.56 19.81 5.98
N THR H 315 -33.91 20.58 6.84
CA THR H 315 -33.97 22.03 6.81
C THR H 315 -32.89 22.65 5.94
N GLU H 316 -32.34 21.91 4.98
CA GLU H 316 -31.32 22.46 4.09
C GLU H 316 -31.89 23.58 3.23
N GLY H 317 -33.10 23.40 2.71
CA GLY H 317 -33.72 24.42 1.89
C GLY H 317 -34.26 23.90 0.57
N ASP H 318 -34.17 24.72 -0.47
CA ASP H 318 -34.68 24.34 -1.79
C ASP H 318 -33.68 23.50 -2.58
N ILE H 319 -32.47 23.30 -2.07
CA ILE H 319 -31.47 22.50 -2.78
C ILE H 319 -31.74 21.01 -2.66
N LEU H 320 -32.63 20.59 -1.77
CA LEU H 320 -32.93 19.18 -1.61
C LEU H 320 -33.73 18.60 -2.77
N GLU H 321 -34.30 19.44 -3.63
CA GLU H 321 -35.09 18.96 -4.75
C GLU H 321 -34.26 18.50 -5.93
N LYS H 322 -32.95 18.80 -5.95
CA LYS H 322 -32.09 18.41 -7.06
C LYS H 322 -30.76 17.86 -6.57
N VAL H 323 -30.74 17.25 -5.38
CA VAL H 323 -29.54 16.65 -4.82
C VAL H 323 -29.85 15.22 -4.43
N SER H 324 -29.02 14.29 -4.87
CA SER H 324 -29.20 12.87 -4.56
C SER H 324 -28.35 12.52 -3.35
N VAL H 325 -29.01 12.03 -2.29
CA VAL H 325 -28.34 11.66 -1.05
C VAL H 325 -28.58 10.18 -0.80
N HIS H 326 -27.51 9.43 -0.59
CA HIS H 326 -27.59 8.00 -0.31
C HIS H 326 -26.88 7.71 1.01
N CYS H 327 -27.51 6.90 1.85
CA CYS H 327 -27.00 6.57 3.18
C CYS H 327 -26.99 5.05 3.35
N PRO H 328 -26.02 4.37 2.76
CA PRO H 328 -25.89 2.93 2.99
C PRO H 328 -25.44 2.64 4.41
N VAL H 329 -25.83 1.47 4.90
CA VAL H 329 -25.49 1.05 6.27
C VAL H 329 -24.34 0.05 6.27
N PHE H 330 -24.42 -0.98 5.42
CA PHE H 330 -23.43 -2.04 5.36
C PHE H 330 -22.54 -1.86 4.13
N ASP H 331 -21.54 -2.72 4.03
CA ASP H 331 -20.62 -2.69 2.90
C ASP H 331 -20.02 -4.08 2.71
N TYR H 332 -19.23 -4.23 1.65
CA TYR H 332 -18.62 -5.50 1.29
C TYR H 332 -17.11 -5.42 1.53
N VAL H 333 -16.57 -6.42 2.21
CA VAL H 333 -15.15 -6.50 2.51
C VAL H 333 -14.61 -7.76 1.82
N PRO H 334 -13.63 -7.64 0.94
CA PRO H 334 -13.10 -8.83 0.27
C PRO H 334 -12.44 -9.76 1.26
N PRO H 335 -12.50 -11.07 1.01
CA PRO H 335 -11.88 -12.03 1.96
C PRO H 335 -10.37 -11.90 2.07
N GLU H 336 -9.70 -11.33 1.07
CA GLU H 336 -8.24 -11.25 1.10
C GLU H 336 -7.73 -10.23 2.11
N LEU H 337 -8.58 -9.37 2.65
CA LEU H 337 -8.19 -8.37 3.62
C LEU H 337 -8.37 -8.83 5.06
N ILE H 338 -8.82 -10.07 5.27
CA ILE H 338 -9.01 -10.62 6.61
C ILE H 338 -7.89 -11.61 6.90
N THR H 339 -7.50 -11.68 8.17
CA THR H 339 -6.40 -12.54 8.60
C THR H 339 -6.87 -13.72 9.42
N LEU H 340 -7.65 -13.50 10.47
CA LEU H 340 -8.07 -14.57 11.36
C LEU H 340 -9.57 -14.45 11.64
N PHE H 341 -10.18 -15.58 11.98
CA PHE H 341 -11.60 -15.64 12.34
C PHE H 341 -11.71 -16.34 13.69
N ILE H 342 -12.07 -15.59 14.73
CA ILE H 342 -12.19 -16.12 16.08
C ILE H 342 -13.65 -16.42 16.35
N SER H 343 -13.93 -17.65 16.78
CA SER H 343 -15.28 -18.09 17.09
C SER H 343 -15.25 -18.86 18.40
N ASN H 344 -16.36 -19.53 18.72
CA ASN H 344 -16.49 -20.25 19.99
C ASN H 344 -15.77 -21.59 19.99
N ILE H 345 -15.29 -22.06 18.84
CA ILE H 345 -14.56 -23.32 18.76
C ILE H 345 -13.08 -23.10 18.47
N GLY H 346 -12.62 -21.85 18.45
CA GLY H 346 -11.22 -21.56 18.21
C GLY H 346 -10.99 -20.74 16.96
N GLY H 347 -9.82 -20.11 16.87
CA GLY H 347 -9.51 -19.31 15.70
C GLY H 347 -9.31 -20.19 14.47
N ASN H 348 -9.76 -19.68 13.32
CA ASN H 348 -9.67 -20.41 12.07
C ASN H 348 -9.32 -19.44 10.95
N ALA H 349 -8.69 -19.97 9.91
CA ALA H 349 -8.32 -19.18 8.75
C ALA H 349 -9.56 -18.85 7.93
N PRO H 350 -9.48 -17.79 7.12
CA PRO H 350 -10.61 -17.48 6.21
C PRO H 350 -10.89 -18.58 5.20
N SER H 351 -9.93 -19.47 4.96
CA SER H 351 -10.11 -20.56 4.01
C SER H 351 -10.84 -21.75 4.61
N TYR H 352 -11.20 -21.71 5.89
CA TYR H 352 -11.96 -22.76 6.54
C TYR H 352 -13.45 -22.45 6.60
N ILE H 353 -13.89 -21.37 5.97
CA ILE H 353 -15.28 -20.95 6.07
C ILE H 353 -16.21 -21.97 5.43
N TYR H 354 -15.84 -22.47 4.24
CA TYR H 354 -16.69 -23.45 3.57
C TYR H 354 -16.79 -24.75 4.36
N ARG H 355 -15.67 -25.19 4.96
CA ARG H 355 -15.69 -26.38 5.80
C ARG H 355 -16.58 -26.17 7.02
N LEU H 356 -16.49 -25.00 7.64
CA LEU H 356 -17.33 -24.72 8.80
C LEU H 356 -18.80 -24.66 8.40
N MET H 357 -19.10 -24.17 7.20
CA MET H 357 -20.49 -24.03 6.76
C MET H 357 -21.08 -25.37 6.35
N SER H 358 -20.28 -26.26 5.77
CA SER H 358 -20.80 -27.52 5.25
C SER H 358 -21.48 -28.35 6.33
N GLU H 359 -20.89 -28.38 7.53
CA GLU H 359 -21.51 -29.11 8.63
C GLU H 359 -22.81 -28.45 9.07
N LEU H 360 -22.82 -27.12 9.17
CA LEU H 360 -23.96 -26.42 9.76
C LEU H 360 -25.21 -26.55 8.91
N TYR H 361 -25.09 -26.40 7.59
CA TYR H 361 -26.24 -26.33 6.70
C TYR H 361 -26.15 -27.40 5.62
N HIS H 362 -27.28 -28.03 5.34
CA HIS H 362 -27.37 -28.99 4.24
C HIS H 362 -27.30 -28.24 2.91
N PRO H 363 -26.60 -28.78 1.92
CA PRO H 363 -26.48 -28.07 0.62
C PRO H 363 -27.82 -27.77 -0.04
N ASP H 364 -28.83 -28.62 0.14
CA ASP H 364 -30.12 -28.37 -0.48
C ASP H 364 -30.88 -27.23 0.19
N ASP H 365 -30.48 -26.84 1.40
CA ASP H 365 -31.13 -25.75 2.13
C ASP H 365 -30.48 -24.40 1.89
N HIS H 366 -29.49 -24.33 0.99
CA HIS H 366 -28.81 -23.06 0.74
C HIS H 366 -29.72 -22.03 0.11
N VAL H 367 -30.73 -22.47 -0.63
CA VAL H 367 -31.65 -21.56 -1.31
C VAL H 367 -32.88 -21.32 -0.44
N LEU H 368 -33.16 -22.26 0.46
CA LEU H 368 -34.30 -22.19 1.36
C LEU H 368 -35.61 -21.97 0.62
N ASP I 172 -4.22 25.78 27.12
CA ASP I 172 -4.66 24.46 26.70
C ASP I 172 -6.00 24.10 27.34
N TYR I 173 -6.75 23.22 26.70
CA TYR I 173 -8.05 22.79 27.18
C TYR I 173 -8.08 21.28 27.25
N GLY I 174 -8.59 20.74 28.35
CA GLY I 174 -8.78 19.32 28.49
C GLY I 174 -7.48 18.55 28.59
N SER I 175 -7.59 17.24 28.35
CA SER I 175 -6.45 16.33 28.38
C SER I 175 -6.22 15.77 26.99
N LYS I 176 -4.97 15.80 26.54
CA LYS I 176 -4.61 15.32 25.22
C LYS I 176 -4.11 13.88 25.28
N VAL I 177 -4.05 13.25 24.11
CA VAL I 177 -3.58 11.88 24.02
C VAL I 177 -2.06 11.84 24.13
N SER I 178 -1.52 10.64 24.38
CA SER I 178 -0.08 10.48 24.53
C SER I 178 0.65 10.76 23.21
N LEU I 179 0.08 10.34 22.09
CA LEU I 179 0.74 10.51 20.80
C LEU I 179 0.76 11.97 20.34
N PHE I 180 -0.12 12.81 20.86
CA PHE I 180 -0.21 14.20 20.48
C PHE I 180 -0.01 15.12 21.67
N SER I 181 0.95 14.79 22.54
CA SER I 181 1.24 15.61 23.71
C SER I 181 2.13 16.80 23.38
N HIS I 182 2.67 16.88 22.16
CA HIS I 182 3.55 17.96 21.76
C HIS I 182 2.83 19.02 20.93
N LEU I 183 1.51 18.95 20.82
CA LEU I 183 0.76 19.90 20.03
C LEU I 183 -0.28 20.62 20.89
N PRO I 184 -0.45 21.92 20.71
CA PRO I 184 -1.43 22.65 21.52
C PRO I 184 -2.86 22.24 21.20
N GLN I 185 -3.72 22.35 22.21
CA GLN I 185 -5.15 22.07 22.06
C GLN I 185 -5.92 23.19 22.76
N TYR I 186 -6.37 24.16 21.98
CA TYR I 186 -7.04 25.33 22.52
C TYR I 186 -8.55 25.11 22.60
N SER I 187 -9.26 26.15 23.02
CA SER I 187 -10.72 26.12 23.10
C SER I 187 -11.29 27.33 22.38
N ARG I 188 -12.50 27.17 21.84
CA ARG I 188 -13.13 28.24 21.08
C ARG I 188 -13.66 29.34 21.98
N GLN I 189 -13.89 29.04 23.26
CA GLN I 189 -14.48 29.99 24.19
C GLN I 189 -13.46 30.68 25.08
N ASN I 190 -12.20 30.24 25.06
CA ASN I 190 -11.15 30.82 25.90
C ASN I 190 -10.48 32.05 25.27
N SER I 191 -11.31 32.95 24.77
CA SER I 191 -10.80 34.17 24.13
C SER I 191 -9.98 35.00 25.11
N LEU I 192 -8.81 35.45 24.67
CA LEU I 192 -7.88 36.18 25.50
C LEU I 192 -8.08 37.69 25.44
N THR I 193 -9.08 38.17 24.70
CA THR I 193 -9.34 39.61 24.61
C THR I 193 -9.93 40.18 25.88
N GLN I 194 -10.36 39.33 26.83
CA GLN I 194 -10.93 39.85 28.07
C GLN I 194 -9.89 40.61 28.88
N PHE I 195 -8.66 40.09 28.96
CA PHE I 195 -7.59 40.78 29.68
C PHE I 195 -6.79 41.69 28.74
N MET I 196 -7.50 42.55 28.01
CA MET I 196 -6.87 43.49 27.11
C MET I 196 -7.62 44.81 27.17
N SER I 197 -6.89 45.90 26.92
CA SER I 197 -7.51 47.22 26.89
C SER I 197 -8.42 47.35 25.68
N ILE I 198 -9.59 47.96 25.88
CA ILE I 198 -10.53 48.14 24.78
C ILE I 198 -9.96 49.03 23.68
N PRO I 199 -9.41 50.22 23.96
CA PRO I 199 -8.64 50.90 22.91
C PRO I 199 -7.21 50.37 22.85
N SER I 200 -7.05 49.24 22.17
CA SER I 200 -5.78 48.53 22.16
C SER I 200 -4.68 49.41 21.57
N SER I 201 -3.53 49.43 22.25
CA SER I 201 -2.37 50.19 21.82
C SER I 201 -1.13 49.33 21.64
N VAL I 202 -0.92 48.35 22.52
CA VAL I 202 0.22 47.45 22.35
C VAL I 202 0.04 46.58 21.11
N ILE I 203 -1.20 46.19 20.82
CA ILE I 203 -1.55 45.42 19.63
C ILE I 203 -2.51 46.26 18.79
N HIS I 204 -2.23 46.34 17.49
CA HIS I 204 -3.07 47.16 16.62
C HIS I 204 -4.50 46.60 16.59
N PRO I 205 -5.51 47.47 16.50
CA PRO I 205 -6.89 46.96 16.46
C PRO I 205 -7.17 46.02 15.31
N ALA I 206 -6.50 46.20 14.17
CA ALA I 206 -6.69 45.29 13.05
C ALA I 206 -6.26 43.87 13.41
N MET I 207 -5.11 43.74 14.09
CA MET I 207 -4.63 42.42 14.48
C MET I 207 -5.56 41.76 15.50
N VAL I 208 -6.05 42.53 16.47
CA VAL I 208 -6.93 41.93 17.47
C VAL I 208 -8.26 41.52 16.84
N ARG I 209 -8.76 42.33 15.90
CA ARG I 209 -9.98 41.96 15.18
C ARG I 209 -9.77 40.70 14.34
N LEU I 210 -8.62 40.60 13.67
CA LEU I 210 -8.32 39.41 12.88
C LEU I 210 -8.19 38.18 13.75
N GLY I 211 -7.55 38.32 14.92
CA GLY I 211 -7.44 37.20 15.83
C GLY I 211 -8.78 36.77 16.38
N LEU I 212 -9.65 37.73 16.69
CA LEU I 212 -10.99 37.39 17.15
C LEU I 212 -11.77 36.66 16.06
N GLN I 213 -11.65 37.12 14.81
CA GLN I 213 -12.32 36.44 13.70
C GLN I 213 -11.77 35.03 13.51
N TYR I 214 -10.45 34.86 13.62
CA TYR I 214 -9.86 33.54 13.47
C TYR I 214 -10.32 32.60 14.58
N SER I 215 -10.36 33.07 15.82
CA SER I 215 -10.79 32.23 16.93
C SER I 215 -12.27 31.88 16.81
N GLN I 216 -13.10 32.84 16.41
CA GLN I 216 -14.53 32.58 16.27
C GLN I 216 -14.86 31.71 15.07
N GLY I 217 -13.91 31.47 14.18
CA GLY I 217 -14.16 30.66 13.00
C GLY I 217 -14.85 31.37 11.86
N LEU I 218 -14.89 32.71 11.89
CA LEU I 218 -15.55 33.45 10.81
C LEU I 218 -14.82 33.25 9.48
N VAL I 219 -13.49 33.23 9.51
CA VAL I 219 -12.67 33.03 8.32
C VAL I 219 -11.98 31.68 8.45
N SER I 220 -12.19 30.81 7.47
CA SER I 220 -11.61 29.47 7.49
C SER I 220 -10.92 29.07 6.20
N GLY I 221 -11.14 29.76 5.10
CA GLY I 221 -10.47 29.40 3.85
C GLY I 221 -8.98 29.65 3.92
N SER I 222 -8.24 28.78 3.22
CA SER I 222 -6.78 28.90 3.20
C SER I 222 -6.34 30.21 2.55
N ASN I 223 -6.96 30.57 1.42
CA ASN I 223 -6.65 31.84 0.76
C ASN I 223 -7.28 33.02 1.49
N ALA I 224 -8.47 32.84 2.08
CA ALA I 224 -9.15 33.94 2.74
C ALA I 224 -8.35 34.43 3.95
N ARG I 225 -7.78 33.50 4.72
CA ARG I 225 -6.97 33.90 5.88
C ARG I 225 -5.76 34.71 5.46
N CYS I 226 -5.07 34.27 4.40
CA CYS I 226 -3.92 35.01 3.90
C CYS I 226 -4.31 36.39 3.38
N ILE I 227 -5.44 36.46 2.68
CA ILE I 227 -5.92 37.75 2.16
C ILE I 227 -6.22 38.70 3.30
N ALA I 228 -6.91 38.19 4.34
CA ALA I 228 -7.23 39.03 5.49
C ALA I 228 -5.98 39.48 6.23
N LEU I 229 -5.00 38.58 6.38
CA LEU I 229 -3.76 38.96 7.05
C LEU I 229 -3.02 40.03 6.27
N LEU I 230 -2.96 39.90 4.94
CA LEU I 230 -2.28 40.90 4.14
C LEU I 230 -3.03 42.23 4.16
N ARG I 231 -4.35 42.19 4.17
CA ARG I 231 -5.13 43.43 4.29
C ARG I 231 -4.88 44.12 5.62
N ALA I 232 -4.83 43.35 6.71
CA ALA I 232 -4.54 43.94 8.02
C ALA I 232 -3.13 44.53 8.05
N LEU I 233 -2.16 43.83 7.45
CA LEU I 233 -0.80 44.35 7.39
C LEU I 233 -0.74 45.64 6.59
N GLN I 234 -1.47 45.71 5.47
CA GLN I 234 -1.52 46.94 4.69
C GLN I 234 -2.15 48.08 5.49
N GLN I 235 -3.21 47.78 6.23
CA GLN I 235 -3.84 48.80 7.07
C GLN I 235 -2.88 49.31 8.13
N VAL I 236 -2.12 48.40 8.75
CA VAL I 236 -1.15 48.81 9.75
C VAL I 236 -0.06 49.68 9.13
N ILE I 237 0.43 49.29 7.96
CA ILE I 237 1.46 50.07 7.27
C ILE I 237 0.93 51.45 6.91
N GLN I 238 -0.35 51.54 6.55
CA GLN I 238 -0.92 52.82 6.16
C GLN I 238 -0.86 53.84 7.30
N ASP I 239 -1.17 53.42 8.52
CA ASP I 239 -1.18 54.30 9.69
C ASP I 239 0.03 54.08 10.59
N TYR I 240 1.20 53.84 10.01
CA TYR I 240 2.44 53.64 10.76
C TYR I 240 3.32 54.87 10.61
N THR I 241 3.89 55.34 11.72
CA THR I 241 4.84 56.42 11.72
C THR I 241 6.20 55.93 12.18
N THR I 242 7.25 56.49 11.59
CA THR I 242 8.61 56.07 11.92
C THR I 242 9.05 56.68 13.25
N PRO I 243 9.59 55.89 14.18
CA PRO I 243 10.09 56.46 15.42
C PRO I 243 11.30 57.34 15.14
N PRO I 244 11.52 58.38 15.95
CA PRO I 244 12.65 59.28 15.71
C PRO I 244 13.99 58.55 15.81
N ASN I 245 14.90 58.93 14.91
CA ASN I 245 16.27 58.39 14.89
C ASN I 245 16.28 56.86 14.85
N GLU I 246 15.40 56.30 14.02
CA GLU I 246 15.33 54.85 13.87
C GLU I 246 14.85 54.53 12.46
N GLU I 247 15.60 53.68 11.76
CA GLU I 247 15.24 53.32 10.40
C GLU I 247 13.99 52.46 10.36
N LEU I 248 13.14 52.69 9.35
CA LEU I 248 11.90 51.94 9.21
C LEU I 248 12.19 50.45 8.99
N SER I 249 13.17 50.14 8.14
CA SER I 249 13.48 48.75 7.83
C SER I 249 14.04 47.99 9.03
N ARG I 250 14.64 48.69 9.99
CA ARG I 250 15.23 48.04 11.14
C ARG I 250 14.25 47.81 12.29
N ASP I 251 13.09 48.46 12.27
CA ASP I 251 12.12 48.35 13.35
C ASP I 251 10.76 47.82 12.93
N LEU I 252 10.45 47.82 11.62
CA LEU I 252 9.15 47.32 11.19
C LEU I 252 8.99 45.83 11.49
N VAL I 253 10.04 45.04 11.25
CA VAL I 253 9.97 43.61 11.54
C VAL I 253 9.83 43.38 13.05
N ASN I 254 10.58 44.13 13.85
CA ASN I 254 10.50 43.98 15.30
C ASN I 254 9.12 44.37 15.83
N LYS I 255 8.48 45.35 15.20
CA LYS I 255 7.13 45.74 15.60
C LYS I 255 6.09 44.73 15.13
N LEU I 256 6.29 44.11 13.97
CA LEU I 256 5.34 43.14 13.45
C LEU I 256 5.46 41.78 14.12
N LYS I 257 6.62 41.47 14.72
CA LYS I 257 6.80 40.16 15.36
C LYS I 257 5.79 39.89 16.47
N PRO I 258 5.52 40.81 17.41
CA PRO I 258 4.48 40.52 18.42
C PRO I 258 3.11 40.31 17.82
N TYR I 259 2.78 41.00 16.71
CA TYR I 259 1.50 40.76 16.05
C TYR I 259 1.41 39.33 15.52
N MET I 260 2.49 38.84 14.91
CA MET I 260 2.52 37.47 14.43
C MET I 260 2.41 36.48 15.58
N SER I 261 3.09 36.76 16.69
CA SER I 261 3.00 35.88 17.85
C SER I 261 1.58 35.84 18.40
N PHE I 262 0.92 36.99 18.48
CA PHE I 262 -0.46 37.04 18.96
C PHE I 262 -1.39 36.28 18.01
N LEU I 263 -1.20 36.45 16.71
CA LEU I 263 -2.04 35.73 15.74
C LEU I 263 -1.83 34.23 15.84
N THR I 264 -0.58 33.80 16.02
CA THR I 264 -0.31 32.37 16.20
C THR I 264 -0.93 31.85 17.49
N GLN I 265 -0.90 32.65 18.55
CA GLN I 265 -1.54 32.24 19.81
C GLN I 265 -3.05 32.10 19.63
N CYS I 266 -3.67 33.02 18.89
CA CYS I 266 -5.10 32.90 18.64
C CYS I 266 -5.43 31.65 17.84
N ARG I 267 -4.64 31.34 16.82
CA ARG I 267 -4.85 30.17 15.99
C ARG I 267 -3.56 29.88 15.23
N PRO I 268 -3.13 28.62 15.13
CA PRO I 268 -1.91 28.31 14.39
C PRO I 268 -2.01 28.76 12.93
N LEU I 269 -0.91 29.28 12.41
CA LEU I 269 -0.87 29.79 11.06
C LEU I 269 -0.78 28.66 10.04
N SER I 270 -0.90 29.02 8.78
CA SER I 270 -0.84 28.08 7.66
C SER I 270 0.37 28.40 6.79
N ALA I 271 0.56 27.57 5.76
CA ALA I 271 1.69 27.75 4.85
C ALA I 271 1.59 29.06 4.09
N SER I 272 0.38 29.43 3.65
CA SER I 272 0.20 30.67 2.91
C SER I 272 0.56 31.88 3.77
N MET I 273 0.12 31.88 5.03
CA MET I 273 0.46 33.00 5.92
C MET I 273 1.95 33.08 6.17
N HIS I 274 2.61 31.92 6.35
CA HIS I 274 4.06 31.91 6.56
C HIS I 274 4.78 32.46 5.34
N ASN I 275 4.37 32.05 4.14
CA ASN I 275 4.99 32.58 2.93
C ASN I 275 4.76 34.08 2.80
N ALA I 276 3.54 34.54 3.12
CA ALA I 276 3.24 35.96 3.02
C ALA I 276 4.09 36.79 3.98
N ILE I 277 4.22 36.32 5.23
CA ILE I 277 5.01 37.08 6.19
C ILE I 277 6.49 37.03 5.85
N LYS I 278 6.96 35.90 5.32
CA LYS I 278 8.36 35.83 4.88
C LYS I 278 8.62 36.80 3.73
N PHE I 279 7.71 36.87 2.76
CA PHE I 279 7.87 37.81 1.66
C PHE I 279 7.82 39.24 2.15
N LEU I 280 6.92 39.54 3.10
CA LEU I 280 6.84 40.88 3.65
C LEU I 280 8.12 41.26 4.40
N ASN I 281 8.68 40.33 5.16
CA ASN I 281 9.93 40.60 5.86
C ASN I 281 11.07 40.83 4.87
N LYS I 282 11.13 40.04 3.80
CA LYS I 282 12.14 40.23 2.78
C LYS I 282 11.99 41.60 2.11
N GLU I 283 10.75 42.02 1.85
CA GLU I 283 10.52 43.33 1.26
C GLU I 283 10.95 44.45 2.20
N ILE I 284 10.61 44.31 3.49
CA ILE I 284 10.94 45.35 4.46
C ILE I 284 12.45 45.47 4.64
N THR I 285 13.14 44.33 4.74
CA THR I 285 14.58 44.36 4.93
C THR I 285 15.30 44.98 3.73
N SER I 286 14.68 44.93 2.55
CA SER I 286 15.27 45.49 1.34
C SER I 286 14.92 46.95 1.12
N VAL I 287 14.15 47.57 2.02
CA VAL I 287 13.79 48.98 1.87
C VAL I 287 15.02 49.84 2.07
N GLY I 288 15.23 50.79 1.15
CA GLY I 288 16.36 51.68 1.27
C GLY I 288 16.26 52.58 2.49
N SER I 289 17.42 52.87 3.08
CA SER I 289 17.44 53.72 4.27
C SER I 289 17.08 55.16 3.94
N SER I 290 17.50 55.65 2.78
CA SER I 290 17.24 57.03 2.40
C SER I 290 15.84 57.27 1.87
N LYS I 291 15.05 56.21 1.67
CA LYS I 291 13.70 56.37 1.16
C LYS I 291 12.81 57.04 2.20
N ARG I 292 11.96 57.96 1.74
CA ARG I 292 11.04 58.65 2.64
C ARG I 292 9.98 57.69 3.17
N GLU I 293 9.48 57.99 4.37
CA GLU I 293 8.55 57.09 5.04
C GLU I 293 7.26 56.93 4.26
N GLU I 294 6.72 58.04 3.73
CA GLU I 294 5.50 57.93 2.93
C GLU I 294 5.75 57.13 1.66
N GLU I 295 6.90 57.34 1.01
CA GLU I 295 7.26 56.53 -0.16
C GLU I 295 7.42 55.07 0.23
N ALA I 296 8.03 54.80 1.38
CA ALA I 296 8.19 53.42 1.83
C ALA I 296 6.83 52.76 2.01
N LYS I 297 5.90 53.46 2.65
CA LYS I 297 4.57 52.90 2.87
C LYS I 297 3.83 52.68 1.55
N SER I 298 3.91 53.65 0.63
CA SER I 298 3.19 53.52 -0.63
C SER I 298 3.72 52.36 -1.47
N GLU I 299 5.05 52.26 -1.59
CA GLU I 299 5.65 51.14 -2.30
C GLU I 299 5.39 49.81 -1.62
N LEU I 300 5.37 49.77 -0.28
CA LEU I 300 5.04 48.53 0.41
C LEU I 300 3.61 48.09 0.10
N ARG I 301 2.67 49.03 0.12
CA ARG I 301 1.29 48.72 -0.21
C ARG I 301 1.17 48.24 -1.66
N ALA I 302 1.85 48.92 -2.58
CA ALA I 302 1.80 48.52 -3.99
C ALA I 302 2.39 47.12 -4.18
N ALA I 303 3.51 46.83 -3.52
CA ALA I 303 4.11 45.51 -3.62
C ALA I 303 3.19 44.43 -3.05
N ILE I 304 2.53 44.72 -1.92
CA ILE I 304 1.61 43.75 -1.34
C ILE I 304 0.45 43.49 -2.28
N ASP I 305 -0.12 44.55 -2.87
CA ASP I 305 -1.23 44.37 -3.80
C ASP I 305 -0.81 43.58 -5.02
N ARG I 306 0.37 43.87 -5.58
CA ARG I 306 0.84 43.14 -6.74
C ARG I 306 1.10 41.67 -6.41
N TYR I 307 1.67 41.40 -5.24
CA TYR I 307 1.89 40.02 -4.82
C TYR I 307 0.57 39.28 -4.68
N VAL I 308 -0.41 39.91 -4.05
CA VAL I 308 -1.73 39.28 -3.88
C VAL I 308 -2.34 38.97 -5.24
N GLN I 309 -2.31 39.95 -6.14
CA GLN I 309 -2.86 39.75 -7.49
C GLN I 309 -2.19 38.57 -8.18
N GLU I 310 -0.87 38.65 -8.36
CA GLU I 310 -0.15 37.65 -9.14
C GLU I 310 -0.15 36.28 -8.49
N LYS I 311 -0.33 36.20 -7.17
CA LYS I 311 -0.29 34.91 -6.49
C LYS I 311 -1.67 34.30 -6.28
N ILE I 312 -2.75 35.07 -6.44
CA ILE I 312 -4.08 34.49 -6.29
C ILE I 312 -4.85 34.55 -7.60
N VAL I 313 -5.13 35.76 -8.08
CA VAL I 313 -6.10 35.89 -9.16
C VAL I 313 -5.50 35.62 -10.53
N LEU I 314 -4.17 35.70 -10.67
CA LEU I 314 -3.53 35.30 -11.90
C LEU I 314 -3.18 33.82 -11.92
N ALA I 315 -2.95 33.23 -10.75
CA ALA I 315 -2.69 31.80 -10.67
C ALA I 315 -3.97 30.98 -10.82
N ALA I 316 -5.08 31.46 -10.27
CA ALA I 316 -6.34 30.71 -10.36
C ALA I 316 -6.80 30.57 -11.79
N GLN I 317 -6.69 31.64 -12.59
CA GLN I 317 -7.11 31.57 -13.99
C GLN I 317 -6.27 30.57 -14.76
N ALA I 318 -4.94 30.59 -14.55
CA ALA I 318 -4.07 29.65 -15.24
C ALA I 318 -4.36 28.21 -14.83
N ILE I 319 -4.59 27.97 -13.53
CA ILE I 319 -4.90 26.63 -13.07
C ILE I 319 -6.22 26.15 -13.67
N SER I 320 -7.23 27.02 -13.70
CA SER I 320 -8.51 26.64 -14.29
C SER I 320 -8.38 26.35 -15.77
N ARG I 321 -7.60 27.16 -16.50
CA ARG I 321 -7.38 26.91 -17.92
C ARG I 321 -6.67 25.59 -18.15
N PHE I 322 -5.67 25.27 -17.33
CA PHE I 322 -4.97 24.00 -17.46
C PHE I 322 -5.88 22.83 -17.15
N ALA I 323 -6.72 22.94 -16.12
CA ALA I 323 -7.61 21.86 -15.73
C ALA I 323 -8.80 21.69 -16.68
N TYR I 324 -9.14 22.73 -17.44
CA TYR I 324 -10.25 22.62 -18.37
C TYR I 324 -9.98 21.59 -19.47
N GLN I 325 -8.72 21.42 -19.86
CA GLN I 325 -8.39 20.46 -20.90
C GLN I 325 -8.53 19.02 -20.44
N LYS I 326 -8.61 18.78 -19.13
CA LYS I 326 -8.71 17.43 -18.59
C LYS I 326 -10.15 17.04 -18.24
N ILE I 327 -11.12 17.89 -18.57
CA ILE I 327 -12.53 17.63 -18.28
C ILE I 327 -13.25 17.40 -19.60
N SER I 328 -13.94 16.26 -19.69
CA SER I 328 -14.68 15.88 -20.89
C SER I 328 -16.14 15.63 -20.54
N ASN I 329 -16.97 15.55 -21.57
CA ASN I 329 -18.40 15.31 -21.37
C ASN I 329 -18.63 13.91 -20.82
N GLY I 330 -19.61 13.80 -19.91
CA GLY I 330 -19.94 12.54 -19.29
C GLY I 330 -19.04 12.13 -18.14
N ASP I 331 -18.10 12.99 -17.73
CA ASP I 331 -17.21 12.65 -16.64
C ASP I 331 -17.94 12.74 -15.31
N VAL I 332 -17.45 11.96 -14.33
CA VAL I 332 -17.97 11.96 -12.97
C VAL I 332 -16.80 12.37 -12.07
N ILE I 333 -16.83 13.60 -11.59
CA ILE I 333 -15.75 14.17 -10.78
C ILE I 333 -16.14 14.10 -9.32
N LEU I 334 -15.24 13.58 -8.48
CA LEU I 334 -15.45 13.48 -7.04
C LEU I 334 -14.59 14.50 -6.33
N VAL I 335 -15.21 15.28 -5.45
CA VAL I 335 -14.51 16.32 -4.69
C VAL I 335 -14.78 16.09 -3.21
N TYR I 336 -13.87 16.60 -2.39
CA TYR I 336 -13.95 16.46 -0.94
C TYR I 336 -13.72 17.81 -0.28
N GLY I 337 -14.53 18.11 0.74
CA GLY I 337 -14.37 19.34 1.49
C GLY I 337 -14.75 20.57 0.69
N CYS I 338 -14.22 21.70 1.13
CA CYS I 338 -14.45 22.99 0.50
C CYS I 338 -13.13 23.55 0.00
N SER I 339 -13.11 24.01 -1.25
CA SER I 339 -11.92 24.59 -1.85
C SER I 339 -12.33 25.67 -2.83
N SER I 340 -11.76 26.85 -2.69
CA SER I 340 -12.09 27.96 -3.57
C SER I 340 -11.51 27.78 -4.96
N LEU I 341 -10.50 26.92 -5.11
CA LEU I 341 -9.88 26.67 -6.42
C LEU I 341 -10.62 25.61 -7.21
N VAL I 342 -11.01 24.51 -6.55
CA VAL I 342 -11.75 23.45 -7.23
C VAL I 342 -13.11 23.97 -7.70
N SER I 343 -13.79 24.73 -6.84
CA SER I 343 -15.10 25.27 -7.22
C SER I 343 -14.99 26.20 -8.42
N ARG I 344 -13.96 27.05 -8.44
CA ARG I 344 -13.77 27.95 -9.58
C ARG I 344 -13.54 27.15 -10.85
N ILE I 345 -12.73 26.10 -10.78
CA ILE I 345 -12.47 25.26 -11.95
C ILE I 345 -13.77 24.63 -12.44
N LEU I 346 -14.56 24.08 -11.52
CA LEU I 346 -15.80 23.42 -11.92
C LEU I 346 -16.79 24.39 -12.55
N GLN I 347 -16.96 25.58 -11.94
CA GLN I 347 -17.86 26.58 -12.51
C GLN I 347 -17.38 27.06 -13.88
N GLU I 348 -16.08 27.29 -14.04
CA GLU I 348 -15.58 27.71 -15.35
C GLU I 348 -15.77 26.62 -16.39
N ALA I 349 -15.53 25.37 -16.02
CA ALA I 349 -15.73 24.26 -16.96
C ALA I 349 -17.18 24.15 -17.36
N TRP I 350 -18.11 24.29 -16.41
CA TRP I 350 -19.53 24.22 -16.73
C TRP I 350 -19.94 25.39 -17.62
N THR I 351 -19.41 26.59 -17.35
CA THR I 351 -19.76 27.76 -18.15
C THR I 351 -19.20 27.65 -19.57
N GLU I 352 -18.03 27.02 -19.73
CA GLU I 352 -17.44 26.90 -21.06
C GLU I 352 -18.28 26.05 -21.99
N GLY I 353 -18.93 25.01 -21.46
CA GLY I 353 -19.77 24.16 -22.29
C GLY I 353 -19.72 22.69 -21.91
N ARG I 354 -18.82 22.34 -21.00
CA ARG I 354 -18.72 20.95 -20.56
C ARG I 354 -19.97 20.54 -19.79
N ARG I 355 -20.40 19.30 -20.02
CA ARG I 355 -21.56 18.73 -19.33
C ARG I 355 -21.10 17.52 -18.53
N PHE I 356 -21.32 17.56 -17.22
CA PHE I 356 -20.87 16.50 -16.33
C PHE I 356 -21.64 16.62 -15.01
N ARG I 357 -21.26 15.78 -14.06
CA ARG I 357 -21.84 15.82 -12.72
C ARG I 357 -20.73 15.67 -11.70
N VAL I 358 -20.95 16.21 -10.51
CA VAL I 358 -19.96 16.24 -9.45
C VAL I 358 -20.46 15.42 -8.26
N VAL I 359 -19.51 14.89 -7.51
CA VAL I 359 -19.81 14.11 -6.30
C VAL I 359 -19.12 14.80 -5.12
N VAL I 360 -19.88 15.08 -4.08
CA VAL I 360 -19.40 15.82 -2.91
C VAL I 360 -19.30 14.87 -1.73
N VAL I 361 -18.14 14.87 -1.07
CA VAL I 361 -17.88 14.03 0.09
C VAL I 361 -17.60 14.93 1.28
N ASP I 362 -18.25 14.64 2.41
CA ASP I 362 -18.08 15.42 3.63
C ASP I 362 -17.72 14.52 4.78
N SER I 363 -17.09 15.11 5.80
CA SER I 363 -16.70 14.40 7.01
C SER I 363 -16.98 15.29 8.21
N ARG I 364 -17.31 14.66 9.33
CA ARG I 364 -17.57 15.39 10.56
C ARG I 364 -16.27 15.95 11.14
N PRO I 365 -16.35 17.03 11.92
CA PRO I 365 -17.53 17.84 12.26
C PRO I 365 -17.61 19.14 11.48
N TRP I 366 -16.63 19.43 10.62
CA TRP I 366 -16.64 20.70 9.89
C TRP I 366 -17.79 20.77 8.90
N LEU I 367 -17.99 19.70 8.12
CA LEU I 367 -19.04 19.65 7.10
C LEU I 367 -18.94 20.83 6.15
N GLU I 368 -17.72 21.15 5.72
CA GLU I 368 -17.48 22.29 4.86
C GLU I 368 -17.89 22.05 3.41
N GLY I 369 -18.15 20.80 3.03
CA GLY I 369 -18.57 20.52 1.66
C GLY I 369 -19.98 20.99 1.33
N ARG I 370 -20.78 21.32 2.34
CA ARG I 370 -22.10 21.87 2.07
C ARG I 370 -22.01 23.20 1.35
N HIS I 371 -20.98 23.99 1.62
CA HIS I 371 -20.81 25.27 0.95
C HIS I 371 -20.61 25.08 -0.55
N THR I 372 -19.69 24.18 -0.93
CA THR I 372 -19.47 23.95 -2.36
C THR I 372 -20.63 23.21 -2.99
N LEU I 373 -21.35 22.39 -2.22
CA LEU I 373 -22.56 21.77 -2.76
C LEU I 373 -23.61 22.82 -3.11
N ARG I 374 -23.81 23.79 -2.22
CA ARG I 374 -24.76 24.87 -2.50
C ARG I 374 -24.28 25.73 -3.66
N SER I 375 -22.96 25.98 -3.74
CA SER I 375 -22.43 26.75 -4.86
C SER I 375 -22.66 26.04 -6.19
N LEU I 376 -22.45 24.72 -6.22
CA LEU I 376 -22.68 23.96 -7.44
C LEU I 376 -24.16 23.91 -7.81
N VAL I 377 -25.02 23.77 -6.80
CA VAL I 377 -26.46 23.71 -7.05
C VAL I 377 -26.95 25.02 -7.67
N HIS I 378 -26.51 26.14 -7.11
CA HIS I 378 -26.92 27.43 -7.64
C HIS I 378 -26.31 27.73 -9.01
N ALA I 379 -25.28 26.99 -9.40
CA ALA I 379 -24.66 27.16 -10.72
C ALA I 379 -25.27 26.25 -11.77
N GLY I 380 -26.22 25.39 -11.40
CA GLY I 380 -26.85 24.49 -12.35
C GLY I 380 -26.15 23.16 -12.55
N VAL I 381 -25.00 22.94 -11.91
CA VAL I 381 -24.25 21.70 -12.06
C VAL I 381 -24.88 20.63 -11.17
N PRO I 382 -25.25 19.47 -11.71
CA PRO I 382 -25.77 18.39 -10.87
C PRO I 382 -24.72 17.92 -9.87
N ALA I 383 -25.18 17.54 -8.69
CA ALA I 383 -24.28 17.13 -7.62
C ALA I 383 -24.95 16.08 -6.75
N SER I 384 -24.12 15.33 -6.03
CA SER I 384 -24.58 14.31 -5.10
C SER I 384 -23.86 14.48 -3.77
N TYR I 385 -24.50 14.03 -2.69
CA TYR I 385 -23.99 14.23 -1.35
C TYR I 385 -23.91 12.88 -0.63
N LEU I 386 -22.79 12.62 0.02
CA LEU I 386 -22.60 11.43 0.83
C LEU I 386 -21.44 11.65 1.79
N LEU I 387 -21.36 10.79 2.79
CA LEU I 387 -20.32 10.86 3.80
C LEU I 387 -19.11 10.03 3.39
N ILE I 388 -18.01 10.23 4.10
CA ILE I 388 -16.73 9.58 3.76
C ILE I 388 -16.73 8.08 4.06
N PRO I 389 -17.47 7.55 5.06
CA PRO I 389 -17.49 6.08 5.20
C PRO I 389 -18.12 5.35 4.04
N ALA I 390 -18.94 6.03 3.23
CA ALA I 390 -19.63 5.42 2.10
C ALA I 390 -18.96 5.74 0.77
N ALA I 391 -17.74 6.28 0.79
CA ALA I 391 -17.05 6.62 -0.45
C ALA I 391 -16.73 5.39 -1.29
N SER I 392 -16.56 4.23 -0.65
CA SER I 392 -16.29 3.01 -1.40
C SER I 392 -17.51 2.58 -2.23
N TYR I 393 -18.71 2.95 -1.80
CA TYR I 393 -19.91 2.60 -2.56
C TYR I 393 -20.06 3.44 -3.82
N VAL I 394 -19.57 4.69 -3.80
CA VAL I 394 -19.75 5.59 -4.92
C VAL I 394 -18.51 5.70 -5.81
N LEU I 395 -17.36 5.25 -5.34
CA LEU I 395 -16.15 5.32 -6.16
C LEU I 395 -16.23 4.54 -7.47
N PRO I 396 -16.80 3.32 -7.53
CA PRO I 396 -16.81 2.60 -8.81
C PRO I 396 -17.49 3.36 -9.94
N GLU I 397 -18.48 4.21 -9.65
CA GLU I 397 -19.12 5.02 -10.67
C GLU I 397 -18.45 6.37 -10.85
N VAL I 398 -17.36 6.65 -10.14
CA VAL I 398 -16.64 7.91 -10.25
C VAL I 398 -15.54 7.77 -11.28
N SER I 399 -15.47 8.71 -12.22
CA SER I 399 -14.48 8.67 -13.28
C SER I 399 -13.17 9.33 -12.88
N LYS I 400 -13.23 10.52 -12.28
CA LYS I 400 -12.05 11.26 -11.87
C LYS I 400 -12.25 11.80 -10.46
N VAL I 401 -11.13 12.02 -9.77
CA VAL I 401 -11.12 12.56 -8.42
C VAL I 401 -10.31 13.85 -8.43
N LEU I 402 -10.94 14.95 -8.01
CA LEU I 402 -10.30 16.25 -7.92
C LEU I 402 -10.23 16.66 -6.46
N LEU I 403 -9.01 16.97 -6.00
CA LEU I 403 -8.78 17.32 -4.61
C LEU I 403 -7.92 18.57 -4.52
N GLY I 404 -8.12 19.35 -3.44
CA GLY I 404 -7.32 20.52 -3.20
C GLY I 404 -6.13 20.25 -2.30
N ALA I 405 -5.20 21.21 -2.29
CA ALA I 405 -3.99 21.09 -1.50
C ALA I 405 -3.81 22.34 -0.64
N HIS I 406 -3.37 22.13 0.59
CA HIS I 406 -3.10 23.24 1.51
C HIS I 406 -1.63 23.65 1.49
N ALA I 407 -0.73 22.70 1.33
CA ALA I 407 0.70 22.99 1.29
C ALA I 407 1.42 21.90 0.52
N LEU I 408 2.46 22.29 -0.20
CA LEU I 408 3.30 21.37 -0.95
C LEU I 408 4.64 21.23 -0.24
N LEU I 409 5.02 20.00 0.07
CA LEU I 409 6.26 19.73 0.80
C LEU I 409 7.41 19.50 -0.16
N ALA I 410 8.63 19.46 0.41
CA ALA I 410 9.84 19.34 -0.39
C ALA I 410 10.13 17.92 -0.85
N ASN I 411 9.48 16.92 -0.27
CA ASN I 411 9.69 15.53 -0.66
C ASN I 411 8.66 15.04 -1.68
N GLY I 412 7.77 15.91 -2.14
CA GLY I 412 6.76 15.54 -3.11
C GLY I 412 5.40 15.22 -2.51
N SER I 413 5.30 15.05 -1.20
CA SER I 413 4.02 14.75 -0.58
C SER I 413 3.14 16.00 -0.52
N VAL I 414 1.85 15.78 -0.33
CA VAL I 414 0.84 16.83 -0.33
C VAL I 414 0.17 16.85 1.04
N MET I 415 0.07 18.05 1.63
CA MET I 415 -0.60 18.24 2.91
C MET I 415 -1.94 18.93 2.67
N SER I 416 -3.00 18.34 3.21
CA SER I 416 -4.35 18.82 2.98
C SER I 416 -5.24 18.34 4.13
N ARG I 417 -6.55 18.41 3.94
CA ARG I 417 -7.50 18.00 4.97
C ARG I 417 -7.32 16.53 5.29
N VAL I 418 -7.67 16.16 6.54
CA VAL I 418 -7.38 14.82 7.05
C VAL I 418 -8.14 13.74 6.30
N GLY I 419 -9.21 14.10 5.59
CA GLY I 419 -9.99 13.10 4.88
C GLY I 419 -9.55 12.89 3.45
N THR I 420 -8.35 13.34 3.11
CA THR I 420 -7.84 13.29 1.74
C THR I 420 -6.97 12.06 1.48
N ALA I 421 -6.05 11.73 2.40
CA ALA I 421 -5.12 10.63 2.18
C ALA I 421 -5.86 9.31 2.04
N GLN I 422 -6.82 9.05 2.94
CA GLN I 422 -7.58 7.81 2.86
C GLN I 422 -8.45 7.77 1.60
N LEU I 423 -8.99 8.93 1.19
CA LEU I 423 -9.76 8.98 -0.04
C LEU I 423 -8.89 8.63 -1.24
N ALA I 424 -7.67 9.16 -1.28
CA ALA I 424 -6.75 8.84 -2.36
C ALA I 424 -6.37 7.35 -2.34
N LEU I 425 -6.18 6.79 -1.14
CA LEU I 425 -5.85 5.37 -1.04
C LEU I 425 -6.98 4.50 -1.57
N VAL I 426 -8.22 4.82 -1.19
CA VAL I 426 -9.36 4.03 -1.65
C VAL I 426 -9.56 4.22 -3.16
N ALA I 427 -9.33 5.43 -3.67
CA ALA I 427 -9.42 5.66 -5.11
C ALA I 427 -8.38 4.84 -5.87
N ARG I 428 -7.16 4.77 -5.33
CA ARG I 428 -6.13 3.92 -5.94
C ARG I 428 -6.54 2.45 -5.90
N ALA I 429 -7.15 2.02 -4.79
CA ALA I 429 -7.63 0.65 -4.69
C ALA I 429 -8.72 0.36 -5.72
N HIS I 430 -9.44 1.38 -6.15
CA HIS I 430 -10.50 1.23 -7.16
C HIS I 430 -10.03 1.62 -8.56
N ASN I 431 -8.73 1.89 -8.74
CA ASN I 431 -8.16 2.25 -10.02
C ASN I 431 -8.83 3.51 -10.59
N VAL I 432 -8.75 4.59 -9.82
CA VAL I 432 -9.32 5.88 -10.20
C VAL I 432 -8.20 6.91 -10.12
N PRO I 433 -7.93 7.67 -11.19
CA PRO I 433 -6.86 8.67 -11.12
C PRO I 433 -7.19 9.77 -10.12
N VAL I 434 -6.13 10.30 -9.49
CA VAL I 434 -6.25 11.34 -8.49
C VAL I 434 -5.51 12.57 -8.98
N LEU I 435 -6.19 13.71 -8.98
CA LEU I 435 -5.62 14.98 -9.42
C LEU I 435 -5.57 15.96 -8.25
N VAL I 436 -4.47 16.70 -8.16
CA VAL I 436 -4.26 17.67 -7.10
C VAL I 436 -3.94 19.02 -7.73
N CYS I 437 -4.66 20.06 -7.30
CA CYS I 437 -4.45 21.42 -7.78
C CYS I 437 -3.92 22.28 -6.65
N CYS I 438 -2.83 23.00 -6.91
CA CYS I 438 -2.21 23.85 -5.90
C CYS I 438 -1.44 24.97 -6.59
N GLU I 439 -1.15 26.01 -5.83
CA GLU I 439 -0.40 27.15 -6.31
C GLU I 439 1.07 27.01 -5.93
N THR I 440 1.92 27.77 -6.63
CA THR I 440 3.36 27.70 -6.40
C THR I 440 3.79 28.41 -5.14
N TYR I 441 2.95 29.28 -4.58
CA TYR I 441 3.30 30.04 -3.38
C TYR I 441 3.03 29.27 -2.09
N LYS I 442 2.46 28.07 -2.18
CA LYS I 442 2.20 27.24 -1.02
C LYS I 442 3.29 26.21 -0.77
N PHE I 443 4.37 26.25 -1.53
CA PHE I 443 5.46 25.30 -1.35
C PHE I 443 6.19 25.54 -0.04
N CYS I 444 6.56 24.45 0.63
CA CYS I 444 7.25 24.51 1.91
C CYS I 444 8.55 23.71 1.83
N GLU I 445 9.60 24.26 2.44
CA GLU I 445 10.90 23.58 2.50
C GLU I 445 10.95 22.66 3.72
N ARG I 446 10.02 21.71 3.76
CA ARG I 446 9.90 20.78 4.86
C ARG I 446 9.66 19.38 4.32
N VAL I 447 10.11 18.39 5.08
CA VAL I 447 9.94 16.98 4.74
C VAL I 447 9.16 16.31 5.85
N GLN I 448 8.06 15.64 5.49
CA GLN I 448 7.21 14.98 6.47
C GLN I 448 6.81 13.61 5.95
N THR I 449 6.63 12.67 6.87
CA THR I 449 6.23 11.31 6.55
C THR I 449 4.90 10.93 7.18
N ASP I 450 4.63 11.39 8.39
CA ASP I 450 3.38 11.09 9.09
C ASP I 450 2.78 12.38 9.64
N ALA I 451 1.49 12.31 9.98
CA ALA I 451 0.76 13.46 10.49
C ALA I 451 0.93 13.66 11.99
N PHE I 452 1.97 13.09 12.59
CA PHE I 452 2.22 13.22 14.01
C PHE I 452 3.27 14.26 14.36
N VAL I 453 4.27 14.45 13.50
CA VAL I 453 5.34 15.39 13.80
C VAL I 453 4.90 16.84 13.62
N SER I 454 3.81 17.08 12.88
CA SER I 454 3.34 18.45 12.67
C SER I 454 1.86 18.39 12.32
N ASN I 455 1.01 18.89 13.21
CA ASN I 455 -0.43 18.89 13.00
C ASN I 455 -1.05 19.96 13.89
N GLU I 456 -2.34 20.19 13.68
CA GLU I 456 -3.11 21.15 14.45
C GLU I 456 -4.29 20.44 15.11
N LEU I 457 -4.48 20.69 16.40
CA LEU I 457 -5.55 20.10 17.17
C LEU I 457 -6.64 21.13 17.43
N ASP I 458 -7.88 20.77 17.16
CA ASP I 458 -9.03 21.66 17.34
C ASP I 458 -9.70 21.36 18.67
N ASP I 459 -10.84 22.00 18.90
CA ASP I 459 -11.58 21.82 20.15
C ASP I 459 -12.17 20.42 20.21
N PRO I 460 -11.85 19.61 21.22
CA PRO I 460 -12.44 18.27 21.31
C PRO I 460 -13.94 18.28 21.53
N ASP I 461 -14.51 19.39 22.02
CA ASP I 461 -15.95 19.44 22.26
C ASP I 461 -16.76 19.39 20.98
N ASP I 462 -16.13 19.66 19.83
CA ASP I 462 -16.84 19.59 18.55
C ASP I 462 -17.20 18.17 18.14
N LEU I 463 -16.62 17.16 18.80
CA LEU I 463 -16.94 15.77 18.48
C LEU I 463 -18.28 15.33 19.05
N GLN I 464 -18.86 16.10 19.97
CA GLN I 464 -20.17 15.75 20.51
C GLN I 464 -21.24 15.86 19.44
N CYS I 465 -22.16 14.90 19.43
CA CYS I 465 -23.21 14.83 18.43
C CYS I 465 -24.56 14.67 19.11
N LYS I 466 -25.59 15.28 18.51
CA LYS I 466 -26.96 15.18 19.00
C LYS I 466 -27.65 14.06 18.24
N ARG I 467 -27.39 12.83 18.68
CA ARG I 467 -27.97 11.63 18.08
C ARG I 467 -29.04 11.09 19.01
N GLY I 468 -30.26 10.99 18.50
CA GLY I 468 -31.37 10.49 19.30
C GLY I 468 -31.94 11.54 20.23
N GLU I 469 -31.93 11.24 21.53
CA GLU I 469 -32.50 12.14 22.53
C GLU I 469 -31.46 12.69 23.51
N HIS I 470 -30.19 12.32 23.38
CA HIS I 470 -29.17 12.77 24.31
C HIS I 470 -27.82 12.71 23.62
N VAL I 471 -26.81 13.24 24.32
CA VAL I 471 -25.44 13.26 23.84
C VAL I 471 -24.63 12.25 24.62
N ALA I 472 -23.94 11.35 23.92
CA ALA I 472 -23.15 10.32 24.59
C ALA I 472 -21.88 10.88 25.20
N LEU I 473 -21.34 11.97 24.65
CA LEU I 473 -20.10 12.56 25.13
C LEU I 473 -20.35 13.89 25.83
N ALA I 474 -21.48 14.00 26.54
CA ALA I 474 -21.77 15.23 27.27
C ALA I 474 -20.80 15.44 28.43
N ASN I 475 -20.44 14.37 29.13
CA ASN I 475 -19.55 14.46 30.28
C ASN I 475 -18.30 13.63 30.06
N TRP I 476 -17.68 13.74 28.88
CA TRP I 476 -16.49 12.96 28.59
C TRP I 476 -15.32 13.35 29.49
N GLN I 477 -15.31 14.59 29.99
CA GLN I 477 -14.24 15.02 30.87
C GLN I 477 -14.28 14.35 32.23
N ASN I 478 -15.45 13.85 32.64
CA ASN I 478 -15.55 13.18 33.95
C ASN I 478 -14.85 11.82 33.96
N HIS I 479 -14.52 11.28 32.81
CA HIS I 479 -13.83 10.00 32.71
C HIS I 479 -12.34 10.25 32.49
N ALA I 480 -11.51 9.69 33.37
CA ALA I 480 -10.06 9.89 33.26
C ALA I 480 -9.46 9.10 32.10
N SER I 481 -10.12 8.02 31.70
CA SER I 481 -9.60 7.16 30.63
C SER I 481 -10.24 7.44 29.28
N LEU I 482 -11.03 8.51 29.17
CA LEU I 482 -11.68 8.88 27.92
C LEU I 482 -10.94 10.04 27.29
N ARG I 483 -10.56 9.89 26.02
CA ARG I 483 -9.83 10.90 25.27
C ARG I 483 -10.52 11.17 23.95
N LEU I 484 -10.50 12.43 23.53
CA LEU I 484 -11.10 12.84 22.26
C LEU I 484 -10.02 13.46 21.39
N LEU I 485 -9.92 13.00 20.15
CA LEU I 485 -8.86 13.41 19.23
C LEU I 485 -9.47 14.06 17.99
N ASN I 486 -8.90 15.18 17.57
CA ASN I 486 -9.51 16.07 16.59
C ASN I 486 -8.49 16.49 15.52
N LEU I 487 -7.83 15.52 14.90
CA LEU I 487 -6.87 15.80 13.84
C LEU I 487 -7.52 16.66 12.75
N VAL I 488 -6.71 17.53 12.14
CA VAL I 488 -7.16 18.44 11.10
C VAL I 488 -6.45 18.18 9.78
N TYR I 489 -5.11 18.16 9.80
CA TYR I 489 -4.31 17.96 8.60
C TYR I 489 -3.67 16.58 8.61
N ASP I 490 -3.20 16.18 7.43
CA ASP I 490 -2.46 14.93 7.27
C ASP I 490 -1.62 15.04 6.01
N VAL I 491 -0.71 14.08 5.84
CA VAL I 491 0.18 14.04 4.69
C VAL I 491 -0.33 12.97 3.72
N THR I 492 0.00 13.16 2.45
CA THR I 492 -0.40 12.23 1.39
C THR I 492 0.83 11.78 0.63
N PRO I 493 1.15 10.48 0.61
CA PRO I 493 2.36 10.05 -0.10
C PRO I 493 2.23 10.29 -1.58
N PRO I 494 3.35 10.56 -2.28
CA PRO I 494 3.28 10.80 -3.73
C PRO I 494 2.84 9.59 -4.53
N GLU I 495 2.92 8.38 -3.96
CA GLU I 495 2.53 7.18 -4.69
C GLU I 495 1.04 7.18 -5.03
N LEU I 496 0.22 7.85 -4.23
CA LEU I 496 -1.23 7.89 -4.43
C LEU I 496 -1.68 9.09 -5.25
N VAL I 497 -0.76 9.91 -5.75
CA VAL I 497 -1.08 11.09 -6.54
C VAL I 497 -0.55 10.88 -7.95
N ASP I 498 -1.42 11.08 -8.94
CA ASP I 498 -1.07 10.86 -10.34
C ASP I 498 -0.64 12.14 -11.06
N LEU I 499 -1.45 13.19 -10.96
CA LEU I 499 -1.18 14.45 -11.66
C LEU I 499 -1.32 15.61 -10.69
N VAL I 500 -0.40 16.57 -10.79
CA VAL I 500 -0.44 17.80 -10.01
C VAL I 500 -0.49 18.98 -10.97
N ILE I 501 -1.49 19.84 -10.81
CA ILE I 501 -1.71 20.98 -11.68
C ILE I 501 -1.35 22.25 -10.92
N THR I 502 -0.43 23.02 -11.47
CA THR I 502 -0.01 24.29 -10.89
C THR I 502 -0.31 25.41 -11.90
N GLU I 503 0.15 26.62 -11.56
CA GLU I 503 -0.07 27.78 -12.42
C GLU I 503 0.90 27.84 -13.59
N LEU I 504 1.91 26.96 -13.63
CA LEU I 504 2.89 26.96 -14.70
C LEU I 504 2.72 25.83 -15.69
N GLY I 505 2.00 24.78 -15.33
CA GLY I 505 1.75 23.68 -16.25
C GLY I 505 1.50 22.39 -15.49
N MET I 506 1.08 21.37 -16.24
CA MET I 506 0.81 20.07 -15.67
C MET I 506 2.12 19.33 -15.42
N ILE I 507 2.29 18.82 -14.21
CA ILE I 507 3.52 18.14 -13.82
C ILE I 507 3.20 16.92 -12.99
N PRO I 508 4.07 15.91 -13.04
CA PRO I 508 3.91 14.76 -12.16
C PRO I 508 4.14 15.14 -10.69
N CYS I 509 3.56 14.32 -9.81
CA CYS I 509 3.66 14.60 -8.38
C CYS I 509 5.09 14.50 -7.88
N SER I 510 5.92 13.66 -8.52
CA SER I 510 7.30 13.47 -8.12
C SER I 510 8.25 14.48 -8.76
N SER I 511 7.74 15.62 -9.20
CA SER I 511 8.58 16.64 -9.82
C SER I 511 8.26 18.05 -9.35
N VAL I 512 7.55 18.19 -8.23
CA VAL I 512 7.18 19.52 -7.72
C VAL I 512 8.36 20.29 -7.15
N PRO I 513 9.36 19.68 -6.49
CA PRO I 513 10.49 20.51 -6.01
C PRO I 513 11.28 21.16 -7.12
N VAL I 514 11.35 20.53 -8.30
CA VAL I 514 12.12 21.09 -9.41
C VAL I 514 11.53 22.42 -9.86
N VAL I 515 10.21 22.49 -9.98
CA VAL I 515 9.57 23.70 -10.47
C VAL I 515 9.31 24.71 -9.35
N ALA I 516 9.03 24.23 -8.14
CA ALA I 516 8.74 25.14 -7.03
C ALA I 516 9.94 25.99 -6.68
N ARG I 517 11.13 25.40 -6.66
CA ARG I 517 12.35 26.14 -6.32
C ARG I 517 13.19 26.41 -7.57
N MET J 1 -7.24 56.37 17.05
CA MET J 1 -7.51 55.31 18.02
C MET J 1 -8.67 54.43 17.55
N GLU J 2 -9.40 53.86 18.49
CA GLU J 2 -10.53 53.00 18.19
C GLU J 2 -11.86 53.49 18.74
N PHE J 3 -11.84 54.28 19.81
CA PHE J 3 -13.08 54.79 20.41
C PHE J 3 -12.84 56.18 20.96
N GLN J 4 -13.94 56.92 21.12
CA GLN J 4 -13.88 58.30 21.62
C GLN J 4 -14.46 58.47 23.02
N ALA J 5 -15.26 57.52 23.49
CA ALA J 5 -15.77 57.51 24.87
C ALA J 5 -16.58 58.77 25.17
N VAL J 6 -17.71 58.88 24.48
CA VAL J 6 -18.65 59.97 24.70
C VAL J 6 -19.43 59.69 25.98
N VAL J 7 -19.40 60.65 26.92
CA VAL J 7 -19.97 60.46 28.25
C VAL J 7 -21.03 61.54 28.42
N MET J 8 -21.69 61.88 27.32
CA MET J 8 -22.71 62.92 27.27
C MET J 8 -23.63 62.86 28.51
N ALA J 9 -23.80 64.02 29.14
CA ALA J 9 -24.55 64.12 30.39
C ALA J 9 -25.45 65.34 30.39
N VAL J 10 -26.06 65.64 29.25
CA VAL J 10 -26.95 66.80 29.13
C VAL J 10 -28.37 66.39 29.47
N PRO J 24 -28.16 69.51 40.29
CA PRO J 24 -26.89 68.77 40.36
C PRO J 24 -27.08 67.26 40.21
N LYS J 25 -27.78 66.86 39.15
CA LYS J 25 -28.00 65.43 38.92
C LYS J 25 -26.71 64.66 38.71
N PRO J 26 -25.75 65.11 37.88
CA PRO J 26 -24.48 64.37 37.77
C PRO J 26 -23.69 64.32 39.07
N LEU J 27 -23.94 65.24 40.01
CA LEU J 27 -23.22 65.29 41.27
C LEU J 27 -24.03 64.72 42.43
N LEU J 28 -25.03 63.89 42.14
CA LEU J 28 -25.83 63.29 43.19
C LEU J 28 -24.98 62.33 44.03
N PRO J 29 -25.20 62.29 45.35
CA PRO J 29 -24.37 61.43 46.22
C PRO J 29 -24.85 59.98 46.25
N VAL J 30 -24.59 59.28 45.15
CA VAL J 30 -24.93 57.87 45.03
C VAL J 30 -23.72 57.08 45.56
N GLY J 31 -23.89 56.49 46.73
CA GLY J 31 -22.79 55.76 47.37
C GLY J 31 -21.64 56.64 47.79
N ASN J 32 -21.93 57.83 48.30
CA ASN J 32 -20.94 58.80 48.78
C ASN J 32 -19.98 59.24 47.68
N LYS J 33 -20.39 59.09 46.43
CA LYS J 33 -19.59 59.50 45.27
C LYS J 33 -20.50 60.17 44.25
N PRO J 34 -19.94 61.00 43.38
CA PRO J 34 -20.76 61.66 42.35
C PRO J 34 -21.35 60.65 41.38
N LEU J 35 -22.52 61.00 40.84
CA LEU J 35 -23.18 60.11 39.88
C LEU J 35 -22.35 59.92 38.62
N ILE J 36 -21.64 60.95 38.19
CA ILE J 36 -20.80 60.86 36.99
C ILE J 36 -19.53 60.06 37.23
N TRP J 37 -19.18 59.79 38.48
CA TRP J 37 -17.95 59.06 38.78
C TRP J 37 -17.99 57.63 38.26
N TYR J 38 -19.15 56.97 38.39
CA TYR J 38 -19.24 55.56 38.03
C TYR J 38 -18.95 55.30 36.55
N PRO J 39 -19.57 56.01 35.59
CA PRO J 39 -19.16 55.80 34.19
C PRO J 39 -17.71 56.16 33.95
N LEU J 40 -17.21 57.23 34.58
CA LEU J 40 -15.82 57.61 34.43
C LEU J 40 -14.90 56.54 35.01
N ASN J 41 -15.25 55.99 36.18
CA ASN J 41 -14.44 54.93 36.78
C ASN J 41 -14.44 53.69 35.91
N LEU J 42 -15.60 53.35 35.33
CA LEU J 42 -15.67 52.20 34.43
C LEU J 42 -14.80 52.41 33.20
N LEU J 43 -14.81 53.62 32.63
CA LEU J 43 -14.00 53.90 31.46
C LEU J 43 -12.51 53.87 31.78
N GLU J 44 -12.12 54.45 32.92
CA GLU J 44 -10.70 54.47 33.29
C GLU J 44 -10.28 53.17 33.95
N ARG J 45 -10.57 52.04 33.30
CA ARG J 45 -10.09 50.75 33.73
C ARG J 45 -9.44 49.92 32.63
N VAL J 46 -9.81 50.15 31.36
CA VAL J 46 -9.16 49.50 30.22
C VAL J 46 -8.80 50.62 29.24
N GLY J 47 -7.58 51.13 29.36
CA GLY J 47 -7.14 52.23 28.50
C GLY J 47 -8.01 53.46 28.70
N PHE J 48 -8.44 54.06 27.59
CA PHE J 48 -9.32 55.23 27.58
C PHE J 48 -8.69 56.39 28.36
N GLU J 49 -7.56 56.85 27.83
CA GLU J 49 -6.84 57.96 28.43
C GLU J 49 -7.44 59.32 28.12
N GLU J 50 -8.35 59.40 27.15
CA GLU J 50 -9.01 60.64 26.78
C GLU J 50 -10.52 60.45 26.86
N VAL J 51 -11.20 61.38 27.53
CA VAL J 51 -12.64 61.31 27.74
C VAL J 51 -13.24 62.66 27.38
N ILE J 52 -14.32 62.64 26.60
CA ILE J 52 -15.07 63.83 26.24
C ILE J 52 -16.37 63.82 27.02
N VAL J 53 -16.60 64.86 27.82
CA VAL J 53 -17.77 64.97 28.69
C VAL J 53 -18.54 66.22 28.30
N VAL J 54 -19.84 66.07 28.05
CA VAL J 54 -20.73 67.17 27.71
C VAL J 54 -21.76 67.29 28.82
N THR J 55 -21.81 68.46 29.46
CA THR J 55 -22.75 68.72 30.54
C THR J 55 -22.90 70.23 30.68
N THR J 56 -23.62 70.66 31.72
CA THR J 56 -23.78 72.06 32.03
C THR J 56 -22.69 72.50 33.02
N ARG J 57 -22.84 73.70 33.57
CA ARG J 57 -21.83 74.26 34.46
C ARG J 57 -21.88 73.57 35.82
N ASP J 58 -21.36 72.33 35.88
CA ASP J 58 -21.20 71.64 37.15
C ASP J 58 -19.89 70.85 37.21
N VAL J 59 -18.98 71.05 36.27
CA VAL J 59 -17.76 70.26 36.23
C VAL J 59 -16.86 70.62 37.41
N GLN J 60 -16.05 69.65 37.85
CA GLN J 60 -15.14 69.84 38.96
C GLN J 60 -13.68 69.85 38.50
N PRO J 73 -6.05 59.73 34.81
CA PRO J 73 -7.32 60.00 34.13
C PRO J 73 -7.42 61.43 33.61
N ASP J 74 -7.89 61.59 32.38
CA ASP J 74 -8.05 62.89 31.75
C ASP J 74 -9.51 63.09 31.34
N ILE J 75 -10.05 64.27 31.63
CA ILE J 75 -11.43 64.61 31.34
C ILE J 75 -11.45 65.93 30.58
N VAL J 76 -12.16 65.96 29.46
CA VAL J 76 -12.31 67.15 28.64
C VAL J 76 -13.78 67.56 28.69
N CYS J 77 -14.09 68.57 29.49
CA CYS J 77 -15.45 69.06 29.64
C CYS J 77 -15.74 70.16 28.62
N ILE J 78 -17.00 70.30 28.25
CA ILE J 78 -17.44 71.35 27.34
C ILE J 78 -18.89 71.71 27.64
N PRO J 79 -19.13 72.74 28.45
CA PRO J 79 -20.48 73.26 28.62
C PRO J 79 -21.16 73.53 27.28
N ASP J 80 -22.43 73.15 27.19
CA ASP J 80 -23.22 73.36 25.98
C ASP J 80 -23.58 74.83 25.83
N MET J 84 -30.82 70.44 25.64
CA MET J 84 -30.73 69.80 24.35
C MET J 84 -30.83 68.28 24.49
N GLY J 85 -30.85 67.59 23.35
CA GLY J 85 -30.95 66.14 23.34
C GLY J 85 -29.59 65.47 23.28
N THR J 86 -29.51 64.37 22.53
CA THR J 86 -28.27 63.62 22.37
C THR J 86 -27.62 63.81 21.00
N ALA J 87 -28.42 63.70 19.94
CA ALA J 87 -27.88 63.89 18.59
C ALA J 87 -27.40 65.32 18.38
N ASP J 88 -28.10 66.29 18.98
CA ASP J 88 -27.66 67.68 18.86
C ASP J 88 -26.28 67.88 19.48
N SER J 89 -26.06 67.32 20.68
CA SER J 89 -24.75 67.43 21.31
C SER J 89 -23.69 66.66 20.53
N LEU J 90 -24.07 65.50 19.96
CA LEU J 90 -23.13 64.74 19.15
C LEU J 90 -22.69 65.53 17.93
N ARG J 91 -23.63 66.22 17.26
CA ARG J 91 -23.27 67.09 16.15
C ARG J 91 -22.45 68.29 16.63
N TYR J 92 -22.72 68.77 17.84
CA TYR J 92 -21.93 69.87 18.40
C TYR J 92 -20.47 69.45 18.59
N ILE J 93 -20.24 68.23 19.03
CA ILE J 93 -18.89 67.72 19.26
C ILE J 93 -18.40 66.90 18.06
N TYR J 94 -19.04 67.06 16.90
CA TYR J 94 -18.62 66.31 15.71
C TYR J 94 -17.19 66.60 15.28
N PRO J 95 -16.74 67.86 15.19
CA PRO J 95 -15.34 68.07 14.77
C PRO J 95 -14.31 67.45 15.70
N LYS J 96 -14.61 67.34 17.00
CA LYS J 96 -13.64 66.80 17.94
C LYS J 96 -13.37 65.32 17.67
N LEU J 97 -14.41 64.55 17.40
CA LEU J 97 -14.26 63.11 17.18
C LEU J 97 -13.72 62.83 15.78
N LYS J 98 -12.81 61.86 15.69
CA LYS J 98 -12.23 61.46 14.42
C LYS J 98 -12.33 59.97 14.15
N THR J 99 -12.95 59.19 15.03
CA THR J 99 -13.07 57.74 14.88
C THR J 99 -14.41 57.34 15.47
N ASP J 100 -14.59 56.04 15.73
CA ASP J 100 -15.83 55.55 16.31
C ASP J 100 -16.03 56.15 17.70
N VAL J 101 -17.28 56.38 18.06
CA VAL J 101 -17.66 57.03 19.31
C VAL J 101 -18.37 56.01 20.19
N LEU J 102 -17.92 55.91 21.45
CA LEU J 102 -18.54 55.03 22.44
C LEU J 102 -19.45 55.90 23.30
N VAL J 103 -20.75 55.80 23.06
CA VAL J 103 -21.73 56.63 23.77
C VAL J 103 -22.01 56.02 25.12
N LEU J 104 -21.83 56.81 26.18
CA LEU J 104 -22.08 56.39 27.55
C LEU J 104 -23.09 57.31 28.20
N SER J 105 -23.80 56.79 29.19
CA SER J 105 -24.82 57.54 29.91
C SER J 105 -24.26 58.10 31.21
N CYS J 106 -24.85 59.22 31.65
CA CYS J 106 -24.41 59.85 32.89
C CYS J 106 -24.69 58.94 34.08
N ASP J 107 -25.84 58.28 34.10
CA ASP J 107 -26.25 57.39 35.19
C ASP J 107 -26.14 55.96 34.70
N LEU J 108 -25.06 55.27 35.09
CA LEU J 108 -24.85 53.89 34.68
C LEU J 108 -23.91 53.24 35.69
N ILE J 109 -24.43 52.29 36.46
CA ILE J 109 -23.66 51.55 37.45
C ILE J 109 -23.75 50.07 37.07
N THR J 110 -22.75 49.57 36.36
CA THR J 110 -22.73 48.19 35.91
C THR J 110 -21.42 47.54 36.33
N ASP J 111 -21.45 46.22 36.46
CA ASP J 111 -20.26 45.43 36.79
C ASP J 111 -19.89 44.46 35.67
N VAL J 112 -20.43 44.67 34.47
CA VAL J 112 -20.17 43.80 33.33
C VAL J 112 -18.93 44.31 32.60
N ALA J 113 -18.08 43.37 32.17
CA ALA J 113 -16.89 43.74 31.41
C ALA J 113 -17.29 44.27 30.05
N LEU J 114 -16.63 45.35 29.62
CA LEU J 114 -16.92 45.97 28.34
C LEU J 114 -16.51 45.09 27.17
N HIS J 115 -15.65 44.09 27.39
CA HIS J 115 -15.19 43.24 26.30
C HIS J 115 -16.34 42.42 25.72
N GLU J 116 -17.34 42.06 26.54
CA GLU J 116 -18.46 41.27 26.04
C GLU J 116 -19.24 42.01 24.97
N VAL J 117 -19.34 43.33 25.09
CA VAL J 117 -20.01 44.12 24.05
C VAL J 117 -19.05 44.56 22.96
N VAL J 118 -17.77 44.75 23.30
CA VAL J 118 -16.78 45.17 22.31
C VAL J 118 -16.52 44.06 21.29
N ASP J 119 -16.59 42.79 21.72
CA ASP J 119 -16.32 41.68 20.82
C ASP J 119 -17.34 41.63 19.69
N LEU J 120 -18.61 41.91 19.99
CA LEU J 120 -19.63 41.92 18.95
C LEU J 120 -19.35 42.99 17.91
N PHE J 121 -18.91 44.17 18.34
CA PHE J 121 -18.58 45.23 17.41
C PHE J 121 -17.32 44.91 16.60
N ARG J 122 -16.36 44.20 17.21
CA ARG J 122 -15.09 43.94 16.53
C ARG J 122 -15.20 42.77 15.56
N ALA J 123 -15.53 41.58 16.08
CA ALA J 123 -15.49 40.37 15.26
C ALA J 123 -16.47 40.44 14.10
N TYR J 124 -17.69 40.92 14.35
CA TYR J 124 -18.71 40.98 13.33
C TYR J 124 -18.65 42.25 12.48
N ASP J 125 -17.78 43.20 12.83
CA ASP J 125 -17.66 44.48 12.11
C ASP J 125 -19.02 45.17 12.01
N ALA J 126 -19.76 45.16 13.11
CA ALA J 126 -21.10 45.70 13.13
C ALA J 126 -21.08 47.23 13.13
N SER J 127 -22.26 47.82 12.96
CA SER J 127 -22.42 49.26 13.01
C SER J 127 -22.93 49.76 14.35
N LEU J 128 -23.46 48.88 15.20
CA LEU J 128 -24.00 49.29 16.49
C LEU J 128 -23.90 48.12 17.46
N ALA J 129 -23.39 48.39 18.66
CA ALA J 129 -23.34 47.42 19.74
C ALA J 129 -24.19 47.94 20.89
N MET J 130 -25.07 47.09 21.42
CA MET J 130 -26.07 47.52 22.39
C MET J 130 -26.11 46.52 23.54
N LEU J 131 -26.50 47.03 24.72
CA LEU J 131 -26.48 46.24 25.95
C LEU J 131 -27.82 46.37 26.66
N MET J 132 -28.39 45.23 27.04
CA MET J 132 -29.65 45.18 27.79
C MET J 132 -29.49 44.24 28.97
N ARG J 133 -30.37 44.42 29.96
CA ARG J 133 -30.47 43.51 31.09
C ARG J 133 -31.93 43.25 31.40
N LYS J 134 -32.21 42.06 31.91
CA LYS J 134 -33.57 41.70 32.28
C LYS J 134 -34.06 42.51 33.46
N GLY J 135 -35.34 42.83 33.46
CA GLY J 135 -35.95 43.60 34.53
C GLY J 135 -36.15 42.80 35.81
N PHE J 157 -40.89 46.70 22.69
CA PHE J 157 -40.62 45.31 22.31
C PHE J 157 -39.44 45.24 21.35
N ILE J 158 -38.57 44.25 21.57
CA ILE J 158 -37.41 44.02 20.72
C ILE J 158 -37.41 42.57 20.27
N GLY J 159 -36.75 42.31 19.14
CA GLY J 159 -36.69 40.98 18.59
C GLY J 159 -35.28 40.52 18.27
N VAL J 160 -34.94 39.31 18.67
CA VAL J 160 -33.63 38.73 18.43
C VAL J 160 -33.79 37.37 17.78
N ASP J 161 -32.73 36.92 17.11
CA ASP J 161 -32.75 35.65 16.40
C ASP J 161 -32.53 34.50 17.38
N SER J 162 -32.28 33.31 16.86
CA SER J 162 -32.08 32.14 17.71
C SER J 162 -30.85 32.30 18.60
N THR J 163 -29.76 32.85 18.05
CA THR J 163 -28.56 33.08 18.84
C THR J 163 -28.76 34.13 19.91
N GLY J 164 -29.73 35.02 19.74
CA GLY J 164 -30.00 36.03 20.75
C GLY J 164 -28.98 37.14 20.82
N LYS J 165 -28.21 37.37 19.76
CA LYS J 165 -27.20 38.41 19.75
C LYS J 165 -27.35 39.40 18.60
N ARG J 166 -28.33 39.21 17.71
CA ARG J 166 -28.57 40.12 16.60
C ARG J 166 -29.95 40.76 16.75
N LEU J 167 -30.00 42.07 16.52
CA LEU J 167 -31.24 42.82 16.63
C LEU J 167 -31.96 42.81 15.29
N LEU J 168 -33.18 42.28 15.28
CA LEU J 168 -33.99 42.17 14.07
C LEU J 168 -35.14 43.16 14.05
N PHE J 169 -35.93 43.21 15.12
CA PHE J 169 -37.10 44.09 15.18
C PHE J 169 -37.09 44.83 16.51
N MET J 170 -37.59 46.07 16.48
CA MET J 170 -37.71 46.88 17.69
C MET J 170 -38.82 47.89 17.49
N ALA J 171 -39.72 47.99 18.48
CA ALA J 171 -40.81 48.94 18.43
C ALA J 171 -41.38 49.10 19.83
N ASN J 172 -41.55 50.34 20.27
CA ASN J 172 -42.10 50.61 21.58
C ASN J 172 -43.64 50.55 21.55
N GLU J 173 -44.24 50.50 22.74
CA GLU J 173 -45.69 50.43 22.83
C GLU J 173 -46.36 51.70 22.33
N ALA J 174 -45.68 52.84 22.47
CA ALA J 174 -46.29 54.11 22.06
C ALA J 174 -46.38 54.22 20.54
N ASP J 175 -45.34 53.78 19.82
CA ASP J 175 -45.32 53.93 18.37
C ASP J 175 -46.41 53.11 17.70
N LEU J 176 -46.60 51.86 18.13
CA LEU J 176 -47.61 51.00 17.54
C LEU J 176 -48.95 51.26 18.22
N ASP J 177 -50.03 51.29 17.43
CA ASP J 177 -51.35 51.55 17.99
C ASP J 177 -51.95 50.26 18.57
N GLU J 178 -52.23 49.28 17.71
CA GLU J 178 -52.78 48.01 18.15
C GLU J 178 -51.87 46.84 17.75
N GLU J 179 -51.56 46.70 16.47
CA GLU J 179 -51.01 45.47 15.93
C GLU J 179 -49.51 45.61 15.70
N LEU J 180 -48.75 44.62 16.17
CA LEU J 180 -47.33 44.52 15.88
C LEU J 180 -47.16 43.78 14.56
N VAL J 181 -46.67 44.48 13.54
CA VAL J 181 -46.59 43.96 12.18
C VAL J 181 -45.14 43.72 11.83
N ILE J 182 -44.84 42.52 11.34
CA ILE J 182 -43.50 42.13 10.93
C ILE J 182 -43.52 41.79 9.44
N LYS J 183 -42.56 42.33 8.70
CA LYS J 183 -42.48 42.05 7.27
C LYS J 183 -42.17 40.58 7.03
N GLY J 184 -42.65 40.07 5.89
CA GLY J 184 -42.39 38.69 5.54
C GLY J 184 -40.96 38.40 5.17
N SER J 185 -40.21 39.41 4.74
CA SER J 185 -38.80 39.20 4.39
C SER J 185 -37.99 38.79 5.61
N ILE J 186 -38.22 39.45 6.75
CA ILE J 186 -37.47 39.12 7.96
C ILE J 186 -37.74 37.69 8.39
N LEU J 187 -39.01 37.28 8.34
CA LEU J 187 -39.34 35.90 8.67
C LEU J 187 -38.75 34.92 7.68
N GLN J 188 -38.67 35.30 6.39
CA GLN J 188 -38.06 34.44 5.40
C GLN J 188 -36.57 34.23 5.66
N LYS J 189 -35.86 35.32 5.96
CA LYS J 189 -34.43 35.19 6.27
C LYS J 189 -34.23 34.57 7.66
N HIS J 190 -34.98 35.03 8.65
CA HIS J 190 -34.89 34.52 10.01
C HIS J 190 -36.20 33.87 10.40
N PRO J 191 -36.30 32.54 10.38
CA PRO J 191 -37.58 31.90 10.71
C PRO J 191 -38.01 32.11 12.15
N ARG J 192 -37.13 31.83 13.11
CA ARG J 192 -37.45 31.95 14.52
C ARG J 192 -36.99 33.30 15.05
N ILE J 193 -37.90 34.02 15.71
CA ILE J 193 -37.60 35.32 16.30
C ILE J 193 -38.03 35.29 17.76
N ARG J 194 -37.12 35.66 18.65
CA ARG J 194 -37.37 35.72 20.08
C ARG J 194 -37.68 37.15 20.48
N PHE J 195 -38.77 37.33 21.24
CA PHE J 195 -39.23 38.65 21.65
C PHE J 195 -39.06 38.81 23.15
N HIS J 196 -38.55 39.95 23.58
CA HIS J 196 -38.36 40.28 24.98
C HIS J 196 -39.10 41.57 25.30
N THR J 197 -39.80 41.59 26.44
CA THR J 197 -40.59 42.75 26.85
C THR J 197 -40.13 43.38 28.16
N GLY J 198 -39.30 42.69 28.95
CA GLY J 198 -38.89 43.21 30.24
C GLY J 198 -37.41 43.58 30.31
N LEU J 199 -36.89 44.20 29.25
CA LEU J 199 -35.49 44.58 29.20
C LEU J 199 -35.34 46.09 29.43
N VAL J 200 -34.20 46.47 30.01
CA VAL J 200 -33.88 47.86 30.25
C VAL J 200 -32.68 48.24 29.38
N ASP J 201 -32.56 49.53 29.10
CA ASP J 201 -31.54 50.06 28.21
C ASP J 201 -30.48 50.80 29.04
N ALA J 202 -29.22 50.48 28.77
CA ALA J 202 -28.09 51.10 29.46
C ALA J 202 -27.53 52.31 28.73
N HIS J 203 -28.08 52.65 27.57
CA HIS J 203 -27.60 53.78 26.75
C HIS J 203 -26.11 53.63 26.43
N LEU J 204 -25.70 52.40 26.12
CA LEU J 204 -24.32 52.08 25.77
C LEU J 204 -24.31 51.64 24.31
N TYR J 205 -23.86 52.53 23.42
CA TYR J 205 -23.86 52.28 21.99
C TYR J 205 -22.47 52.50 21.42
N CYS J 206 -22.06 51.62 20.53
CA CYS J 206 -20.78 51.72 19.83
C CYS J 206 -21.08 52.13 18.38
N LEU J 207 -21.16 53.44 18.15
CA LEU J 207 -21.48 53.95 16.83
C LEU J 207 -20.24 53.92 15.93
N LYS J 208 -20.50 53.98 14.62
CA LYS J 208 -19.45 54.02 13.62
C LYS J 208 -19.21 55.47 13.19
N LYS J 209 -18.34 55.64 12.19
CA LYS J 209 -18.03 57.00 11.73
C LYS J 209 -19.04 57.48 10.70
N TYR J 210 -19.42 56.62 9.75
CA TYR J 210 -20.39 57.05 8.73
C TYR J 210 -21.76 57.29 9.34
N ILE J 211 -22.09 56.61 10.44
CA ILE J 211 -23.35 56.89 11.12
C ILE J 211 -23.38 58.32 11.64
N VAL J 212 -22.28 58.76 12.26
CA VAL J 212 -22.20 60.13 12.73
C VAL J 212 -22.18 61.11 11.56
N ASP J 213 -21.51 60.73 10.46
CA ASP J 213 -21.50 61.59 9.28
C ASP J 213 -22.90 61.79 8.73
N PHE J 214 -23.69 60.72 8.67
CA PHE J 214 -25.08 60.83 8.21
C PHE J 214 -25.92 61.64 9.20
N LEU J 215 -25.71 61.44 10.50
CA LEU J 215 -26.47 62.20 11.49
C LEU J 215 -26.13 63.68 11.46
N MET J 216 -24.92 64.03 11.03
CA MET J 216 -24.52 65.43 11.00
C MET J 216 -25.35 66.24 10.01
N GLU J 217 -25.64 65.67 8.83
CA GLU J 217 -26.24 66.46 7.76
C GLU J 217 -27.73 66.71 7.98
N ASN J 218 -28.37 65.94 8.87
CA ASN J 218 -29.79 66.11 9.14
C ASN J 218 -30.01 66.35 10.63
N GLY J 219 -30.79 67.37 10.95
CA GLY J 219 -31.15 67.69 12.31
C GLY J 219 -32.50 67.18 12.76
N SER J 220 -33.15 66.34 11.96
CA SER J 220 -34.46 65.83 12.34
C SER J 220 -34.37 64.93 13.57
N ILE J 221 -33.35 64.10 13.65
CA ILE J 221 -33.16 63.21 14.79
C ILE J 221 -32.53 64.01 15.92
N THR J 222 -33.20 64.04 17.07
CA THR J 222 -32.72 64.74 18.26
C THR J 222 -32.30 63.79 19.36
N SER J 223 -33.10 62.77 19.66
CA SER J 223 -32.76 61.77 20.68
C SER J 223 -32.26 60.51 19.98
N ILE J 224 -31.07 60.07 20.37
CA ILE J 224 -30.47 58.88 19.75
C ILE J 224 -31.29 57.65 20.08
N ARG J 225 -31.63 57.46 21.37
CA ARG J 225 -32.30 56.25 21.80
C ARG J 225 -33.67 56.09 21.15
N SER J 226 -34.33 57.20 20.81
CA SER J 226 -35.70 57.15 20.30
C SER J 226 -35.79 57.18 18.79
N GLU J 227 -34.76 57.63 18.09
CA GLU J 227 -34.87 57.79 16.64
C GLU J 227 -33.75 57.10 15.86
N LEU J 228 -32.56 57.02 16.44
CA LEU J 228 -31.42 56.50 15.69
C LEU J 228 -31.43 54.97 15.62
N ILE J 229 -31.50 54.31 16.78
CA ILE J 229 -31.47 52.85 16.79
C ILE J 229 -32.63 52.22 16.02
N PRO J 230 -33.89 52.67 16.20
CA PRO J 230 -34.96 52.12 15.35
C PRO J 230 -34.73 52.36 13.87
N TYR J 231 -34.13 53.50 13.49
CA TYR J 231 -33.85 53.75 12.08
C TYR J 231 -32.86 52.72 11.53
N LEU J 232 -31.81 52.43 12.29
CA LEU J 232 -30.85 51.41 11.85
C LEU J 232 -31.48 50.03 11.83
N VAL J 233 -32.35 49.73 12.79
CA VAL J 233 -33.00 48.43 12.83
C VAL J 233 -33.90 48.23 11.61
N ARG J 234 -34.68 49.26 11.26
CA ARG J 234 -35.58 49.15 10.11
C ARG J 234 -34.85 49.29 8.78
N LYS J 235 -33.66 49.91 8.76
CA LYS J 235 -32.95 50.09 7.51
C LYS J 235 -32.27 48.81 7.02
N GLN J 236 -31.84 47.94 7.94
CA GLN J 236 -31.11 46.75 7.54
C GLN J 236 -31.98 45.73 6.82
N PHE J 237 -33.29 45.89 6.84
CA PHE J 237 -34.19 44.97 6.14
C PHE J 237 -35.02 45.72 5.10
N GLN J 297 -24.17 47.57 3.63
CA GLN J 297 -24.77 46.65 4.59
C GLN J 297 -24.76 47.25 5.99
N VAL J 298 -25.88 47.12 6.70
CA VAL J 298 -26.03 47.62 8.06
C VAL J 298 -26.37 46.44 8.96
N ARG J 299 -25.62 46.32 10.06
CA ARG J 299 -25.82 45.24 11.01
C ARG J 299 -25.89 45.82 12.42
N CYS J 300 -26.84 45.32 13.21
CA CYS J 300 -27.02 45.74 14.59
C CYS J 300 -27.02 44.51 15.48
N TYR J 301 -26.22 44.56 16.55
CA TYR J 301 -26.09 43.45 17.48
C TYR J 301 -26.37 43.92 18.90
N VAL J 302 -26.86 43.02 19.73
CA VAL J 302 -27.21 43.30 21.11
C VAL J 302 -26.58 42.24 22.01
N HIS J 303 -26.39 42.61 23.27
CA HIS J 303 -25.84 41.70 24.28
C HIS J 303 -26.72 41.73 25.52
N ILE J 304 -26.99 40.54 26.07
CA ILE J 304 -27.80 40.38 27.27
C ILE J 304 -26.94 39.74 28.35
N MET J 305 -26.88 40.38 29.50
CA MET J 305 -26.05 39.88 30.62
C MET J 305 -26.82 38.91 31.50
N LYS J 306 -28.05 39.26 31.90
CA LYS J 306 -29.00 38.41 32.59
C LYS J 306 -28.59 38.08 34.02
N GLU J 307 -27.42 38.50 34.48
CA GLU J 307 -26.97 38.15 35.83
C GLU J 307 -26.29 39.29 36.57
N GLY J 308 -26.22 40.48 36.01
CA GLY J 308 -25.56 41.62 36.62
C GLY J 308 -26.53 42.62 37.23
N LEU J 309 -26.13 43.89 37.21
CA LEU J 309 -26.95 44.97 37.75
C LEU J 309 -27.52 45.85 36.66
N CYS J 310 -26.66 46.48 35.86
CA CYS J 310 -27.07 47.36 34.76
C CYS J 310 -28.14 48.36 35.20
N SER J 311 -27.82 49.09 36.27
CA SER J 311 -28.76 50.00 36.90
C SER J 311 -28.57 51.40 36.34
N ARG J 312 -29.64 51.97 35.80
CA ARG J 312 -29.65 53.35 35.29
C ARG J 312 -30.50 54.19 36.23
N VAL J 313 -29.87 55.13 36.92
CA VAL J 313 -30.54 55.92 37.94
C VAL J 313 -31.31 57.05 37.25
N SER J 314 -32.64 56.94 37.22
CA SER J 314 -33.48 57.97 36.64
C SER J 314 -34.72 58.30 37.47
N THR J 315 -34.93 57.62 38.60
CA THR J 315 -36.10 57.86 39.43
C THR J 315 -35.70 57.66 40.89
N LEU J 316 -36.61 58.07 41.79
CA LEU J 316 -36.34 57.95 43.23
C LEU J 316 -36.20 56.48 43.63
N GLY J 317 -37.06 55.61 43.10
CA GLY J 317 -36.92 54.20 43.38
C GLY J 317 -35.62 53.62 42.88
N LEU J 318 -35.24 53.98 41.66
CA LEU J 318 -33.95 53.55 41.13
C LEU J 318 -32.79 54.17 41.92
N TYR J 319 -32.98 55.41 42.39
CA TYR J 319 -31.96 56.05 43.22
C TYR J 319 -31.72 55.24 44.49
N MET J 320 -32.80 54.85 45.18
CA MET J 320 -32.64 54.11 46.43
C MET J 320 -32.15 52.69 46.17
N GLU J 321 -32.58 52.07 45.07
CA GLU J 321 -32.06 50.75 44.73
C GLU J 321 -30.56 50.80 44.45
N ALA J 322 -30.11 51.84 43.74
CA ALA J 322 -28.69 52.02 43.51
C ALA J 322 -27.95 52.24 44.83
N ASN J 323 -28.55 53.02 45.75
CA ASN J 323 -27.93 53.20 47.05
C ASN J 323 -27.76 51.87 47.78
N ARG J 324 -28.79 51.02 47.73
CA ARG J 324 -28.66 49.70 48.35
C ARG J 324 -27.60 48.86 47.66
N GLN J 325 -27.47 49.00 46.34
CA GLN J 325 -26.63 48.11 45.56
C GLN J 325 -25.16 48.55 45.48
N VAL J 326 -24.85 49.78 45.88
CA VAL J 326 -23.45 50.23 45.84
C VAL J 326 -22.52 49.40 46.71
N PRO J 327 -22.79 49.20 48.02
CA PRO J 327 -21.70 48.75 48.92
C PRO J 327 -21.02 47.45 48.50
N LYS J 328 -21.75 46.46 48.04
CA LYS J 328 -21.12 45.19 47.66
C LYS J 328 -20.32 45.33 46.37
N LEU J 329 -20.73 46.21 45.47
CA LEU J 329 -19.90 46.50 44.30
C LEU J 329 -18.63 47.25 44.71
N LEU J 330 -18.76 48.21 45.63
CA LEU J 330 -17.61 49.01 46.06
C LEU J 330 -16.62 48.20 46.86
N SER J 331 -17.08 47.15 47.55
CA SER J 331 -16.16 46.30 48.30
C SER J 331 -15.13 45.66 47.40
N ALA J 332 -15.51 45.30 46.18
CA ALA J 332 -14.57 44.73 45.22
C ALA J 332 -13.93 45.79 44.33
N LEU J 333 -14.64 46.86 44.01
CA LEU J 333 -14.07 47.91 43.17
C LEU J 333 -12.90 48.60 43.86
N CYS J 334 -13.03 48.88 45.16
CA CYS J 334 -11.97 49.56 45.90
C CYS J 334 -11.40 48.65 46.98
#